data_8TUW
#
_entry.id   8TUW
#
loop_
_entity.id
_entity.type
_entity.pdbx_description
1 polymer 'Maturation protein A'
2 polymer 'Type IV major pilin protein PilA'
#
loop_
_entity_poly.entity_id
_entity_poly.type
_entity_poly.pdbx_seq_one_letter_code
_entity_poly.pdbx_strand_id
1 'polypeptide(L)'
;LEEHYYSRKTCGSGGGLSVQRTGYPQTDPPVFKAVNSFERAPLIVGDHVHSLPYWSRKITLECTPYPFTLRWEGGVHKDG
IPDKVPHPSCDPGSELVSYTHSREVDCERFIGPVPSSFTDPKVTSAQWKFLEDMADMKALADLNKSLVNLPMLYKERRET
LKMVGNRLGGLVRVAHAAQDRDLKRYFKARRKDRRKVAEEVANGHLELIFGWLPLIGELEGAIEYAELPDLDFIRCHGLH
TLVLQSTPWDNSVDVRSYPNWERAAGTRITGSVRTRGVVESRASVRTALRFNLETSLAGDARRLGFEPISTTYDMIPLSF
VVGWFSNFDKYVRTLAPLIGVTFETGSQNRRTTCELVGCTRFYPRTVSPPSGWFARWKDFPDGSLSEVSGLRRTDIRSVL
STLPDPDVRFHADVGLFEISAGISLLAQRYLKPLQRLLKRKSFFYGRT
;
M1
2 'polypeptide(L)'
;FTLIELMIVVAIIGILAAIAIPQYQNYVARSEGASALATINPLKTTVEESLSRGIAGSKIKIGTTASTATETYVGVEPDA
NKLGVIAVAIEDSGAGDITFTFQTGTSSPKNATKVITLNRTADGVWACKSTQDPMFTPKGCDN
;
a2,b2,c2,d2,e2,f2,g2,h2,i2,j2,k2,l2,m2,n2,o2,p2
#
# COMPACT_ATOMS: atom_id res chain seq x y z
N LEU A 1 20.33 -10.25 37.12
CA LEU A 1 21.42 -9.89 38.03
C LEU A 1 22.47 -10.99 38.07
N GLU A 2 23.74 -10.58 38.18
CA GLU A 2 24.84 -11.54 38.23
C GLU A 2 26.05 -10.81 38.82
N GLU A 3 26.34 -11.08 40.09
CA GLU A 3 27.46 -10.46 40.76
C GLU A 3 28.77 -11.18 40.41
N HIS A 4 29.87 -10.44 40.52
CA HIS A 4 31.19 -10.99 40.23
C HIS A 4 32.23 -10.22 41.03
N TYR A 5 33.31 -10.90 41.36
CA TYR A 5 34.41 -10.31 42.14
C TYR A 5 35.56 -10.01 41.18
N TYR A 6 35.79 -8.71 40.94
CA TYR A 6 36.86 -8.27 40.05
C TYR A 6 38.15 -8.06 40.83
N SER A 7 38.59 -9.12 41.50
CA SER A 7 39.79 -9.08 42.31
C SER A 7 41.02 -8.76 41.47
N ARG A 8 41.38 -7.48 41.38
CA ARG A 8 42.53 -7.04 40.61
C ARG A 8 43.72 -6.87 41.52
N LYS A 9 44.92 -7.11 40.98
CA LYS A 9 46.17 -6.98 41.73
C LYS A 9 47.02 -5.88 41.13
N THR A 10 47.86 -5.28 41.97
CA THR A 10 48.74 -4.20 41.54
C THR A 10 49.97 -4.80 40.86
N CYS A 11 50.93 -3.94 40.51
CA CYS A 11 52.15 -4.39 39.85
C CYS A 11 53.07 -5.07 40.86
N GLY A 12 54.35 -5.23 40.49
CA GLY A 12 55.30 -5.88 41.36
C GLY A 12 55.73 -4.99 42.52
N SER A 13 54.77 -4.62 43.37
CA SER A 13 55.06 -3.78 44.52
C SER A 13 53.97 -3.99 45.57
N GLY A 14 54.39 -4.05 46.83
CA GLY A 14 53.45 -4.25 47.93
C GLY A 14 52.72 -5.58 47.85
N GLY A 15 51.66 -5.64 47.04
CA GLY A 15 50.89 -6.85 46.90
C GLY A 15 49.69 -6.92 47.82
N GLY A 16 48.66 -6.15 47.50
CA GLY A 16 47.44 -6.09 48.29
C GLY A 16 46.30 -6.77 47.56
N LEU A 17 45.43 -7.43 48.32
CA LEU A 17 44.28 -8.12 47.76
C LEU A 17 43.09 -7.17 47.63
N SER A 18 42.07 -7.62 46.92
CA SER A 18 40.87 -6.83 46.72
C SER A 18 39.76 -7.73 46.19
N VAL A 19 38.52 -7.32 46.41
CA VAL A 19 37.34 -8.07 45.98
C VAL A 19 36.64 -7.35 44.82
N GLN A 20 36.16 -6.13 45.04
CA GLN A 20 35.48 -5.36 44.02
C GLN A 20 34.26 -6.12 43.50
N ARG A 21 33.12 -5.97 44.16
CA ARG A 21 31.89 -6.63 43.78
C ARG A 21 31.06 -5.71 42.90
N THR A 22 30.51 -6.28 41.83
CA THR A 22 29.68 -5.52 40.91
C THR A 22 28.75 -6.48 40.18
N GLY A 23 27.52 -6.01 39.93
CA GLY A 23 26.53 -6.83 39.25
C GLY A 23 26.03 -6.21 37.97
N TYR A 24 25.44 -7.03 37.10
CA TYR A 24 24.91 -6.57 35.82
C TYR A 24 23.57 -7.23 35.54
N PRO A 25 22.48 -6.47 35.43
CA PRO A 25 21.19 -7.08 35.11
C PRO A 25 21.25 -7.88 33.82
N GLN A 26 20.91 -9.17 33.91
CA GLN A 26 20.92 -10.07 32.77
C GLN A 26 19.48 -10.34 32.34
N THR A 27 19.23 -10.19 31.04
CA THR A 27 17.90 -10.42 30.49
C THR A 27 17.64 -11.91 30.36
N ASP A 28 16.46 -12.26 29.87
CA ASP A 28 16.05 -13.64 29.68
C ASP A 28 14.75 -13.66 28.89
N PRO A 29 14.47 -14.76 28.19
CA PRO A 29 13.22 -14.85 27.41
C PRO A 29 12.00 -14.77 28.32
N PRO A 30 10.82 -14.60 27.76
CA PRO A 30 9.61 -14.48 28.59
C PRO A 30 9.29 -15.80 29.28
N VAL A 31 8.36 -15.72 30.22
CA VAL A 31 7.93 -16.88 31.00
C VAL A 31 6.80 -17.59 30.25
N PHE A 32 6.47 -18.80 30.68
CA PHE A 32 5.43 -19.57 30.04
C PHE A 32 4.10 -18.80 30.06
N LYS A 33 3.14 -19.28 29.28
CA LYS A 33 1.82 -18.68 29.17
C LYS A 33 0.81 -19.68 29.71
N ALA A 34 0.55 -19.61 31.02
CA ALA A 34 -0.40 -20.51 31.65
C ALA A 34 -1.81 -20.24 31.14
N VAL A 35 -2.47 -21.29 30.67
CA VAL A 35 -3.83 -21.21 30.14
C VAL A 35 -4.73 -22.10 30.99
N ASN A 36 -5.82 -21.53 31.48
CA ASN A 36 -6.80 -22.26 32.32
C ASN A 36 -8.19 -21.78 31.92
N SER A 37 -8.83 -22.51 31.02
CA SER A 37 -10.16 -22.19 30.53
C SER A 37 -11.09 -23.39 30.73
N PHE A 38 -12.39 -23.13 30.59
CA PHE A 38 -13.39 -24.17 30.76
C PHE A 38 -14.73 -23.64 30.29
N GLU A 39 -15.48 -24.47 29.57
CA GLU A 39 -16.79 -24.09 29.04
C GLU A 39 -17.75 -25.24 29.23
N ARG A 40 -19.02 -24.90 29.45
CA ARG A 40 -20.06 -25.90 29.65
C ARG A 40 -21.41 -25.27 29.31
N ALA A 41 -22.44 -26.12 29.29
CA ALA A 41 -23.78 -25.65 29.00
C ALA A 41 -24.41 -25.02 30.24
N PRO A 42 -25.38 -24.11 30.07
CA PRO A 42 -25.99 -23.46 31.23
C PRO A 42 -26.88 -24.42 32.01
N LEU A 43 -28.12 -24.60 31.56
CA LEU A 43 -29.06 -25.49 32.24
C LEU A 43 -30.30 -25.71 31.39
N ILE A 44 -30.64 -26.98 31.12
CA ILE A 44 -31.79 -27.34 30.31
C ILE A 44 -32.49 -28.50 31.00
N VAL A 45 -33.68 -28.24 31.56
CA VAL A 45 -34.48 -29.27 32.21
C VAL A 45 -33.77 -29.74 33.47
N GLY A 46 -34.45 -29.65 34.61
CA GLY A 46 -33.89 -30.05 35.89
C GLY A 46 -34.34 -31.40 36.40
N ASP A 47 -35.03 -32.19 35.58
CA ASP A 47 -35.49 -33.50 36.03
C ASP A 47 -34.31 -34.43 36.29
N HIS A 48 -34.48 -35.34 37.24
CA HIS A 48 -33.44 -36.29 37.61
C HIS A 48 -33.55 -37.63 36.89
N VAL A 49 -34.76 -38.00 36.44
CA VAL A 49 -34.93 -39.27 35.76
C VAL A 49 -34.54 -39.16 34.30
N HIS A 50 -35.24 -38.32 33.54
CA HIS A 50 -34.94 -38.15 32.13
C HIS A 50 -33.64 -37.37 31.95
N SER A 51 -32.70 -37.97 31.22
CA SER A 51 -31.40 -37.34 30.97
C SER A 51 -31.46 -36.56 29.66
N LEU A 52 -30.93 -35.35 29.68
CA LEU A 52 -30.90 -34.44 28.54
C LEU A 52 -29.48 -34.32 28.00
N PRO A 53 -29.32 -33.78 26.79
CA PRO A 53 -27.98 -33.61 26.23
C PRO A 53 -27.10 -32.73 27.11
N TYR A 54 -25.81 -32.74 26.80
CA TYR A 54 -24.84 -31.95 27.54
C TYR A 54 -23.53 -31.94 26.76
N TRP A 55 -22.76 -30.86 26.92
CA TRP A 55 -21.49 -30.71 26.23
C TRP A 55 -20.60 -29.79 27.05
N SER A 56 -19.30 -30.08 27.04
CA SER A 56 -18.33 -29.29 27.77
C SER A 56 -16.93 -29.62 27.24
N ARG A 57 -15.97 -28.80 27.64
CA ARG A 57 -14.58 -28.99 27.22
C ARG A 57 -13.67 -28.41 28.30
N LYS A 58 -12.41 -28.82 28.24
CA LYS A 58 -11.42 -28.38 29.22
C LYS A 58 -10.04 -28.40 28.58
N ILE A 59 -9.13 -27.60 29.14
CA ILE A 59 -7.76 -27.51 28.65
C ILE A 59 -6.92 -26.76 29.67
N THR A 60 -5.75 -27.31 30.01
CA THR A 60 -4.88 -26.70 31.00
C THR A 60 -3.43 -26.93 30.58
N LEU A 61 -2.56 -26.00 30.98
CA LEU A 61 -1.13 -26.09 30.70
C LEU A 61 -0.36 -25.49 31.86
N GLU A 62 0.60 -26.23 32.38
CA GLU A 62 1.39 -25.77 33.52
C GLU A 62 2.70 -26.54 33.56
N CYS A 63 3.71 -25.93 34.17
CA CYS A 63 5.02 -26.53 34.32
C CYS A 63 5.51 -26.33 35.75
N THR A 64 6.38 -27.25 36.21
CA THR A 64 6.89 -27.18 37.56
C THR A 64 8.19 -26.36 37.60
N PRO A 65 8.47 -25.69 38.72
CA PRO A 65 9.69 -24.89 38.82
C PRO A 65 10.87 -25.72 39.32
N TYR A 66 12.07 -25.23 38.99
CA TYR A 66 13.30 -25.86 39.40
C TYR A 66 14.49 -24.95 39.09
N PRO A 67 14.69 -23.88 39.87
CA PRO A 67 15.80 -22.97 39.59
C PRO A 67 17.14 -23.61 39.92
N PHE A 68 18.20 -22.95 39.44
CA PHE A 68 19.57 -23.42 39.66
C PHE A 68 20.51 -22.25 39.41
N THR A 69 21.78 -22.46 39.71
CA THR A 69 22.80 -21.44 39.57
C THR A 69 24.09 -22.07 39.04
N LEU A 70 24.82 -21.29 38.23
CA LEU A 70 26.09 -21.71 37.67
C LEU A 70 27.14 -20.65 37.95
N ARG A 71 28.40 -21.10 38.04
CA ARG A 71 29.51 -20.21 38.33
C ARG A 71 30.71 -20.61 37.48
N TRP A 72 31.63 -19.67 37.32
CA TRP A 72 32.86 -19.89 36.56
C TRP A 72 33.81 -18.74 36.83
N GLU A 73 35.09 -19.05 37.00
CA GLU A 73 36.12 -18.08 37.28
C GLU A 73 37.23 -18.18 36.25
N GLY A 74 38.21 -17.29 36.35
CA GLY A 74 39.33 -17.29 35.43
C GLY A 74 40.14 -16.03 35.59
N GLY A 75 41.30 -16.03 34.93
CA GLY A 75 42.19 -14.89 34.99
C GLY A 75 43.15 -14.91 33.82
N VAL A 76 44.05 -13.93 33.82
CA VAL A 76 45.05 -13.80 32.77
C VAL A 76 46.20 -14.77 33.05
N HIS A 77 46.65 -15.46 32.01
CA HIS A 77 47.74 -16.41 32.15
C HIS A 77 49.09 -15.69 32.19
N LYS A 78 49.97 -16.16 33.06
CA LYS A 78 51.30 -15.59 33.22
C LYS A 78 52.35 -16.69 33.09
N ASP A 79 53.57 -16.28 32.76
CA ASP A 79 54.69 -17.20 32.59
C ASP A 79 55.47 -17.27 33.90
N GLY A 80 55.48 -18.45 34.50
CA GLY A 80 56.20 -18.65 35.75
C GLY A 80 55.38 -18.32 36.97
N ILE A 81 54.08 -18.58 36.90
CA ILE A 81 53.17 -18.32 38.01
C ILE A 81 52.29 -19.55 38.22
N PRO A 82 52.74 -20.54 39.00
CA PRO A 82 51.92 -21.73 39.23
C PRO A 82 50.77 -21.52 40.20
N ASP A 83 50.61 -20.32 40.75
CA ASP A 83 49.54 -20.03 41.70
C ASP A 83 48.30 -19.63 40.90
N LYS A 84 47.49 -20.63 40.55
CA LYS A 84 46.26 -20.40 39.79
C LYS A 84 45.12 -20.12 40.78
N VAL A 85 45.16 -18.91 41.34
CA VAL A 85 44.17 -18.48 42.31
C VAL A 85 43.68 -17.08 41.93
N PRO A 86 42.39 -16.76 42.12
CA PRO A 86 41.92 -15.41 41.79
C PRO A 86 42.70 -14.32 42.51
N HIS A 87 43.28 -14.66 43.66
CA HIS A 87 44.08 -13.72 44.44
C HIS A 87 45.56 -14.13 44.38
N PRO A 88 46.26 -13.82 43.27
CA PRO A 88 47.67 -14.19 43.17
C PRO A 88 48.50 -13.66 44.33
N SER A 89 49.02 -14.56 45.15
CA SER A 89 49.84 -14.17 46.29
C SER A 89 51.28 -13.84 45.91
N CYS A 90 51.69 -14.13 44.67
CA CYS A 90 53.04 -13.85 44.23
C CYS A 90 53.18 -12.36 43.94
N ASP A 91 54.30 -11.99 43.30
CA ASP A 91 54.56 -10.60 42.97
C ASP A 91 55.58 -10.51 41.84
N PRO A 92 55.23 -10.96 40.63
CA PRO A 92 56.19 -10.91 39.52
C PRO A 92 56.47 -9.49 39.06
N GLY A 93 55.48 -8.85 38.45
CA GLY A 93 55.65 -7.50 37.95
C GLY A 93 54.59 -7.10 36.94
N SER A 94 53.34 -7.44 37.22
CA SER A 94 52.22 -7.13 36.34
C SER A 94 50.94 -7.13 37.17
N GLU A 95 49.80 -7.04 36.49
CA GLU A 95 48.50 -7.02 37.14
C GLU A 95 47.63 -8.13 36.57
N LEU A 96 46.79 -8.70 37.43
CA LEU A 96 45.88 -9.78 37.06
C LEU A 96 44.47 -9.35 37.47
N VAL A 97 43.65 -8.98 36.48
CA VAL A 97 42.30 -8.50 36.78
C VAL A 97 41.47 -9.63 37.38
N SER A 98 41.56 -10.83 36.82
CA SER A 98 40.81 -11.97 37.31
C SER A 98 39.31 -11.73 37.19
N TYR A 99 38.49 -12.74 37.50
CA TYR A 99 37.05 -12.60 37.42
C TYR A 99 36.42 -13.89 37.94
N THR A 100 35.40 -13.75 38.79
CA THR A 100 34.68 -14.89 39.36
C THR A 100 33.19 -14.55 39.30
N HIS A 101 32.54 -14.94 38.22
CA HIS A 101 31.12 -14.65 38.02
C HIS A 101 30.25 -15.75 38.62
N SER A 102 28.94 -15.51 38.63
CA SER A 102 27.99 -16.48 39.16
C SER A 102 26.62 -16.15 38.55
N ARG A 103 26.25 -16.87 37.51
CA ARG A 103 25.00 -16.65 36.80
C ARG A 103 23.91 -17.57 37.33
N GLU A 104 22.68 -17.08 37.31
CA GLU A 104 21.51 -17.82 37.76
C GLU A 104 20.51 -17.89 36.61
N VAL A 105 20.19 -19.09 36.17
CA VAL A 105 19.28 -19.33 35.06
C VAL A 105 17.99 -19.92 35.61
N ASP A 106 16.87 -19.52 35.02
CA ASP A 106 15.55 -20.02 35.40
C ASP A 106 15.06 -21.01 34.38
N CYS A 107 14.51 -22.13 34.85
CA CYS A 107 14.02 -23.18 33.95
C CYS A 107 12.66 -22.85 33.34
N GLU A 108 11.98 -21.81 33.84
CA GLU A 108 10.67 -21.42 33.33
C GLU A 108 10.76 -20.44 32.17
N ARG A 109 11.91 -20.35 31.51
CA ARG A 109 12.08 -19.42 30.39
C ARG A 109 12.91 -19.98 29.24
N PHE A 110 13.92 -20.81 29.50
CA PHE A 110 14.77 -21.35 28.43
C PHE A 110 14.18 -22.67 27.91
N ILE A 111 12.97 -22.57 27.39
CA ILE A 111 12.26 -23.71 26.82
C ILE A 111 11.59 -23.26 25.52
N GLY A 112 11.64 -24.12 24.51
CA GLY A 112 11.05 -23.82 23.22
C GLY A 112 9.56 -23.60 23.31
N PRO A 113 8.95 -23.17 22.20
CA PRO A 113 7.51 -22.92 22.18
C PRO A 113 6.73 -24.23 22.10
N VAL A 114 5.41 -24.10 22.08
CA VAL A 114 4.53 -25.27 22.01
C VAL A 114 4.39 -25.69 20.54
N PRO A 115 4.49 -26.97 20.21
CA PRO A 115 4.35 -27.38 18.82
C PRO A 115 2.95 -27.14 18.28
N SER A 116 2.84 -27.18 16.96
CA SER A 116 1.58 -26.96 16.28
C SER A 116 0.67 -28.18 16.28
N SER A 117 1.11 -29.30 16.87
CA SER A 117 0.33 -30.52 16.93
C SER A 117 -0.59 -30.57 18.15
N PHE A 118 -0.82 -29.44 18.80
CA PHE A 118 -1.69 -29.37 19.98
C PHE A 118 -3.11 -28.92 19.63
N THR A 119 -3.51 -29.03 18.37
CA THR A 119 -4.84 -28.63 17.95
C THR A 119 -5.84 -29.75 18.25
N ASP A 120 -7.11 -29.47 17.95
CA ASP A 120 -8.16 -30.45 18.19
C ASP A 120 -8.00 -31.64 17.25
N PRO A 121 -8.52 -32.81 17.64
CA PRO A 121 -8.40 -33.99 16.80
C PRO A 121 -9.41 -33.97 15.66
N LYS A 122 -9.29 -34.96 14.77
CA LYS A 122 -10.19 -35.09 13.63
C LYS A 122 -10.56 -36.56 13.50
N VAL A 123 -11.83 -36.88 13.69
CA VAL A 123 -12.34 -38.23 13.61
C VAL A 123 -13.38 -38.30 12.50
N THR A 124 -13.41 -39.42 11.78
CA THR A 124 -14.35 -39.61 10.69
C THR A 124 -15.66 -40.20 11.21
N SER A 125 -16.65 -40.30 10.32
CA SER A 125 -17.94 -40.84 10.72
C SER A 125 -17.89 -42.35 10.90
N ALA A 126 -17.07 -43.03 10.08
CA ALA A 126 -16.96 -44.50 10.21
C ALA A 126 -16.39 -44.88 11.57
N GLN A 127 -15.35 -44.17 12.02
CA GLN A 127 -14.77 -44.48 13.33
C GLN A 127 -15.76 -44.21 14.45
N TRP A 128 -16.52 -43.12 14.34
CA TRP A 128 -17.54 -42.83 15.35
C TRP A 128 -18.60 -43.93 15.40
N LYS A 129 -19.06 -44.37 14.22
CA LYS A 129 -20.06 -45.43 14.19
C LYS A 129 -19.52 -46.72 14.77
N PHE A 130 -18.26 -47.05 14.44
CA PHE A 130 -17.66 -48.27 14.98
C PHE A 130 -17.55 -48.20 16.49
N LEU A 131 -17.11 -47.05 17.03
CA LEU A 131 -17.01 -46.89 18.47
C LEU A 131 -18.37 -46.99 19.14
N GLU A 132 -19.39 -46.38 18.54
CA GLU A 132 -20.73 -46.46 19.09
C GLU A 132 -21.23 -47.90 19.10
N ASP A 133 -21.00 -48.63 18.01
CA ASP A 133 -21.43 -50.03 17.96
C ASP A 133 -20.70 -50.87 19.01
N MET A 134 -19.39 -50.63 19.17
CA MET A 134 -18.64 -51.38 20.18
C MET A 134 -19.15 -51.07 21.59
N ALA A 135 -19.44 -49.79 21.86
CA ALA A 135 -19.96 -49.42 23.17
C ALA A 135 -21.33 -50.06 23.42
N ASP A 136 -22.19 -50.06 22.40
CA ASP A 136 -23.50 -50.69 22.55
C ASP A 136 -23.37 -52.19 22.80
N MET A 137 -22.47 -52.85 22.07
CA MET A 137 -22.26 -54.28 22.28
C MET A 137 -21.75 -54.56 23.68
N LYS A 138 -20.80 -53.74 24.15
CA LYS A 138 -20.27 -53.94 25.51
C LYS A 138 -21.36 -53.72 26.55
N ALA A 139 -22.19 -52.70 26.37
CA ALA A 139 -23.26 -52.45 27.32
C ALA A 139 -24.28 -53.58 27.33
N LEU A 140 -24.59 -54.13 26.14
CA LEU A 140 -25.54 -55.23 26.08
C LEU A 140 -24.96 -56.51 26.67
N ALA A 141 -23.65 -56.72 26.53
CA ALA A 141 -23.03 -57.92 27.09
C ALA A 141 -22.88 -57.81 28.60
N ASP A 142 -22.61 -56.60 29.12
CA ASP A 142 -22.46 -56.44 30.56
C ASP A 142 -23.79 -56.61 31.28
N LEU A 143 -24.91 -56.30 30.63
CA LEU A 143 -26.21 -56.44 31.28
C LEU A 143 -26.52 -57.90 31.58
N ASN A 144 -26.04 -58.82 30.74
CA ASN A 144 -26.30 -60.24 30.98
C ASN A 144 -25.63 -60.74 32.25
N LYS A 145 -24.49 -60.14 32.62
CA LYS A 145 -23.80 -60.58 33.83
C LYS A 145 -24.50 -60.07 35.08
N SER A 146 -25.23 -58.96 34.98
CA SER A 146 -25.92 -58.43 36.15
C SER A 146 -27.07 -59.34 36.59
N LEU A 147 -27.66 -60.08 35.65
CA LEU A 147 -28.76 -60.98 35.97
C LEU A 147 -28.29 -62.30 36.60
N VAL A 148 -26.99 -62.49 36.76
CA VAL A 148 -26.50 -63.73 37.35
C VAL A 148 -26.92 -63.82 38.81
N ASN A 149 -27.14 -62.70 39.48
CA ASN A 149 -27.55 -62.66 40.87
C ASN A 149 -29.07 -62.78 41.03
N LEU A 150 -29.69 -63.70 40.28
CA LEU A 150 -31.13 -63.87 40.33
C LEU A 150 -31.57 -64.66 41.56
N PRO A 151 -31.03 -65.86 41.81
CA PRO A 151 -31.53 -66.64 42.95
C PRO A 151 -31.34 -65.95 44.29
N MET A 152 -30.33 -65.09 44.41
CA MET A 152 -30.11 -64.39 45.68
C MET A 152 -31.18 -63.34 45.94
N LEU A 153 -31.92 -62.92 44.91
CA LEU A 153 -32.96 -61.91 45.09
C LEU A 153 -34.21 -62.50 45.75
N TYR A 154 -34.48 -63.78 45.52
CA TYR A 154 -35.64 -64.46 46.08
C TYR A 154 -35.35 -65.06 47.46
N LYS A 155 -34.31 -64.58 48.15
CA LYS A 155 -33.97 -65.13 49.45
C LYS A 155 -35.04 -64.78 50.49
N GLU A 156 -35.30 -63.48 50.66
CA GLU A 156 -36.29 -63.06 51.66
C GLU A 156 -37.67 -63.58 51.31
N ARG A 157 -38.00 -63.64 50.02
CA ARG A 157 -39.32 -64.13 49.61
C ARG A 157 -39.48 -65.59 49.99
N ARG A 158 -38.55 -66.45 49.58
CA ARG A 158 -38.63 -67.86 49.94
C ARG A 158 -38.61 -68.04 51.45
N GLU A 159 -37.84 -67.21 52.15
CA GLU A 159 -37.80 -67.28 53.61
C GLU A 159 -39.19 -67.04 54.20
N THR A 160 -39.74 -65.85 53.96
CA THR A 160 -41.06 -65.51 54.51
C THR A 160 -42.15 -66.43 53.97
N LEU A 161 -41.88 -67.17 52.89
CA LEU A 161 -42.90 -68.07 52.35
C LEU A 161 -42.87 -69.42 53.07
N LYS A 162 -41.70 -70.04 53.18
CA LYS A 162 -41.58 -71.39 53.70
C LYS A 162 -41.03 -71.45 55.12
N MET A 163 -39.93 -70.75 55.40
CA MET A 163 -39.29 -70.84 56.70
C MET A 163 -40.28 -70.50 57.81
N VAL A 164 -40.96 -69.36 57.69
CA VAL A 164 -41.95 -68.97 58.69
C VAL A 164 -43.18 -69.86 58.66
N GLY A 165 -43.42 -70.56 57.55
CA GLY A 165 -44.55 -71.44 57.42
C GLY A 165 -44.41 -72.79 58.09
N ASN A 166 -43.29 -73.04 58.77
CA ASN A 166 -43.11 -74.31 59.45
C ASN A 166 -44.16 -74.52 60.54
N ARG A 167 -44.69 -73.42 61.10
CA ARG A 167 -45.71 -73.55 62.13
C ARG A 167 -46.97 -74.22 61.58
N LEU A 168 -47.26 -74.01 60.29
CA LEU A 168 -48.42 -74.66 59.69
C LEU A 168 -48.30 -76.18 59.76
N GLY A 169 -47.15 -76.71 59.31
CA GLY A 169 -46.93 -78.14 59.40
C GLY A 169 -46.76 -78.64 60.81
N GLY A 170 -46.30 -77.77 61.71
CA GLY A 170 -46.15 -78.17 63.11
C GLY A 170 -47.43 -78.54 63.79
N LEU A 171 -48.57 -78.03 63.31
CA LEU A 171 -49.85 -78.37 63.92
C LEU A 171 -50.14 -79.86 63.79
N VAL A 172 -49.70 -80.49 62.70
CA VAL A 172 -49.92 -81.92 62.51
C VAL A 172 -49.15 -82.72 63.55
N ARG A 173 -47.98 -82.24 63.95
CA ARG A 173 -47.18 -82.96 64.94
C ARG A 173 -47.93 -83.08 66.26
N VAL A 174 -48.35 -81.95 66.83
CA VAL A 174 -49.06 -81.99 68.10
C VAL A 174 -50.36 -82.77 67.97
N ALA A 175 -51.03 -82.66 66.82
CA ALA A 175 -52.27 -83.41 66.62
C ALA A 175 -52.01 -84.90 66.70
N HIS A 176 -51.05 -85.40 65.91
CA HIS A 176 -50.74 -86.83 65.93
C HIS A 176 -50.22 -87.28 67.29
N ALA A 177 -49.58 -86.38 68.03
CA ALA A 177 -49.04 -86.76 69.33
C ALA A 177 -50.12 -86.84 70.39
N ALA A 178 -51.15 -86.00 70.30
CA ALA A 178 -52.19 -85.91 71.32
C ALA A 178 -53.44 -86.71 70.94
N GLN A 179 -54.11 -86.30 69.86
CA GLN A 179 -55.40 -86.90 69.50
C GLN A 179 -55.22 -88.04 68.50
N ASP A 180 -54.40 -89.03 68.86
CA ASP A 180 -54.17 -90.18 68.01
C ASP A 180 -53.47 -91.28 68.79
N ARG A 181 -52.34 -90.95 69.42
CA ARG A 181 -51.60 -91.94 70.19
C ARG A 181 -52.23 -92.20 71.56
N ASP A 182 -52.91 -91.21 72.12
CA ASP A 182 -53.55 -91.34 73.43
C ASP A 182 -54.97 -91.87 73.33
N LEU A 183 -55.40 -92.33 72.15
CA LEU A 183 -56.74 -92.86 71.95
C LEU A 183 -56.82 -94.36 72.20
N LYS A 184 -55.75 -94.97 72.70
CA LYS A 184 -55.77 -96.41 72.95
C LYS A 184 -56.79 -96.79 74.02
N ARG A 185 -57.11 -95.85 74.92
CA ARG A 185 -58.08 -96.14 75.97
C ARG A 185 -59.46 -96.41 75.40
N TYR A 186 -59.78 -95.81 74.25
CA TYR A 186 -61.10 -96.03 73.66
C TYR A 186 -61.22 -97.43 73.10
N PHE A 187 -60.14 -97.98 72.54
CA PHE A 187 -60.20 -99.33 71.99
C PHE A 187 -60.40 -100.38 73.07
N LYS A 188 -59.76 -100.18 74.22
CA LYS A 188 -59.86 -101.10 75.35
C LYS A 188 -61.02 -100.79 76.27
N ALA A 189 -61.95 -99.94 75.83
CA ALA A 189 -63.10 -99.55 76.65
C ALA A 189 -64.32 -100.36 76.23
N ARG A 190 -65.21 -100.61 77.20
CA ARG A 190 -66.43 -101.36 76.94
C ARG A 190 -67.46 -100.49 76.23
N ARG A 191 -68.40 -101.15 75.57
CA ARG A 191 -69.44 -100.43 74.85
C ARG A 191 -70.23 -99.51 75.77
N LYS A 192 -70.34 -99.87 77.06
CA LYS A 192 -71.06 -99.03 78.00
C LYS A 192 -70.40 -97.65 78.15
N ASP A 193 -69.08 -97.59 77.97
CA ASP A 193 -68.35 -96.33 78.09
C ASP A 193 -68.12 -95.63 76.75
N ARG A 194 -68.27 -96.35 75.64
CA ARG A 194 -68.06 -95.73 74.33
C ARG A 194 -69.12 -94.67 74.04
N ARG A 195 -70.32 -94.82 74.60
CA ARG A 195 -71.37 -93.83 74.38
C ARG A 195 -70.94 -92.45 74.85
N LYS A 196 -70.07 -92.37 75.86
CA LYS A 196 -69.57 -91.10 76.35
C LYS A 196 -68.17 -90.78 75.87
N VAL A 197 -67.35 -91.80 75.62
CA VAL A 197 -65.97 -91.55 75.17
C VAL A 197 -65.97 -90.88 73.80
N ALA A 198 -66.82 -91.35 72.90
CA ALA A 198 -66.90 -90.75 71.57
C ALA A 198 -67.34 -89.30 71.65
N GLU A 199 -68.35 -89.01 72.49
CA GLU A 199 -68.81 -87.63 72.64
C GLU A 199 -67.72 -86.75 73.24
N GLU A 200 -67.00 -87.25 74.23
CA GLU A 200 -65.93 -86.46 74.84
C GLU A 200 -64.82 -86.20 73.84
N VAL A 201 -64.50 -87.18 73.00
CA VAL A 201 -63.47 -86.98 71.98
C VAL A 201 -63.93 -85.96 70.96
N ALA A 202 -65.18 -86.05 70.52
CA ALA A 202 -65.70 -85.11 69.53
C ALA A 202 -65.70 -83.68 70.09
N ASN A 203 -66.14 -83.52 71.34
CA ASN A 203 -66.15 -82.19 71.95
C ASN A 203 -64.74 -81.64 72.10
N GLY A 204 -63.80 -82.49 72.51
CA GLY A 204 -62.42 -82.04 72.65
C GLY A 204 -61.79 -81.68 71.32
N HIS A 205 -62.16 -82.38 70.25
CA HIS A 205 -61.61 -82.07 68.93
C HIS A 205 -62.24 -80.81 68.34
N LEU A 206 -63.53 -80.60 68.58
CA LEU A 206 -64.19 -79.41 68.05
C LEU A 206 -63.61 -78.14 68.68
N GLU A 207 -63.34 -78.17 69.98
CA GLU A 207 -62.74 -77.01 70.63
C GLU A 207 -61.36 -76.72 70.07
N LEU A 208 -60.54 -77.75 69.86
CA LEU A 208 -59.22 -77.54 69.30
C LEU A 208 -59.31 -76.99 67.88
N ILE A 209 -60.25 -77.50 67.08
CA ILE A 209 -60.41 -77.01 65.72
C ILE A 209 -60.81 -75.53 65.74
N PHE A 210 -61.76 -75.17 66.61
CA PHE A 210 -62.19 -73.78 66.70
C PHE A 210 -61.06 -72.88 67.19
N GLY A 211 -60.20 -73.38 68.08
CA GLY A 211 -59.11 -72.58 68.59
C GLY A 211 -57.98 -72.40 67.59
N TRP A 212 -57.76 -73.41 66.74
CA TRP A 212 -56.70 -73.34 65.73
C TRP A 212 -57.19 -72.76 64.41
N LEU A 213 -58.49 -72.56 64.23
CA LEU A 213 -58.99 -72.00 62.98
C LEU A 213 -58.44 -70.61 62.70
N PRO A 214 -58.37 -69.68 63.66
CA PRO A 214 -57.82 -68.35 63.34
C PRO A 214 -56.39 -68.41 62.81
N LEU A 215 -55.61 -69.40 63.23
CA LEU A 215 -54.24 -69.51 62.74
C LEU A 215 -54.22 -69.76 61.23
N ILE A 216 -55.15 -70.57 60.73
CA ILE A 216 -55.21 -70.84 59.29
C ILE A 216 -55.52 -69.57 58.53
N GLY A 217 -56.47 -68.77 59.03
CA GLY A 217 -56.79 -67.52 58.38
C GLY A 217 -55.64 -66.54 58.41
N GLU A 218 -54.94 -66.46 59.54
CA GLU A 218 -53.77 -65.59 59.64
C GLU A 218 -52.69 -66.00 58.65
N LEU A 219 -52.44 -67.31 58.54
CA LEU A 219 -51.44 -67.80 57.59
C LEU A 219 -51.86 -67.49 56.16
N GLU A 220 -53.13 -67.69 55.83
CA GLU A 220 -53.60 -67.40 54.48
C GLU A 220 -53.47 -65.92 54.16
N GLY A 221 -53.74 -65.06 55.15
CA GLY A 221 -53.60 -63.62 54.92
C GLY A 221 -52.15 -63.20 54.78
N ALA A 222 -51.25 -63.84 55.54
CA ALA A 222 -49.84 -63.49 55.46
C ALA A 222 -49.20 -64.02 54.18
N ILE A 223 -49.72 -65.12 53.64
CA ILE A 223 -49.16 -65.66 52.40
C ILE A 223 -49.31 -64.67 51.25
N GLU A 224 -50.36 -63.84 51.29
CA GLU A 224 -50.57 -62.87 50.23
C GLU A 224 -49.50 -61.79 50.23
N TYR A 225 -48.76 -61.62 51.33
CA TYR A 225 -47.71 -60.60 51.38
C TYR A 225 -46.57 -60.90 50.41
N ALA A 226 -46.36 -62.17 50.06
CA ALA A 226 -45.28 -62.56 49.15
C ALA A 226 -45.68 -62.44 47.68
N GLU A 227 -46.88 -61.94 47.38
CA GLU A 227 -47.36 -61.78 46.02
C GLU A 227 -47.52 -60.32 45.62
N LEU A 228 -46.71 -59.44 46.21
CA LEU A 228 -46.78 -58.01 45.92
C LEU A 228 -45.77 -57.68 44.83
N PRO A 229 -46.20 -57.18 43.67
CA PRO A 229 -45.22 -56.85 42.62
C PRO A 229 -44.44 -55.58 42.92
N ASP A 230 -43.30 -55.73 43.58
CA ASP A 230 -42.45 -54.59 43.94
C ASP A 230 -40.99 -55.00 43.84
N LEU A 231 -40.16 -54.11 43.31
CA LEU A 231 -38.74 -54.38 43.15
C LEU A 231 -38.06 -53.09 42.71
N ASP A 232 -36.73 -53.09 42.78
CA ASP A 232 -35.93 -51.93 42.40
C ASP A 232 -35.56 -52.07 40.92
N PHE A 233 -34.47 -51.42 40.52
CA PHE A 233 -33.99 -51.46 39.13
C PHE A 233 -32.50 -51.79 39.12
N ILE A 234 -31.99 -52.06 37.92
CA ILE A 234 -30.60 -52.40 37.72
C ILE A 234 -30.06 -51.56 36.55
N ARG A 235 -28.81 -51.12 36.68
CA ARG A 235 -28.16 -50.32 35.65
C ARG A 235 -26.83 -50.96 35.26
N CYS A 236 -26.38 -50.63 34.06
CA CYS A 236 -25.12 -51.13 33.52
C CYS A 236 -24.37 -50.00 32.85
N HIS A 237 -23.14 -50.27 32.42
CA HIS A 237 -22.31 -49.27 31.77
C HIS A 237 -21.33 -49.98 30.83
N GLY A 238 -20.73 -49.18 29.95
CA GLY A 238 -19.76 -49.71 29.00
C GLY A 238 -19.00 -48.61 28.30
N LEU A 239 -17.71 -48.85 28.04
CA LEU A 239 -16.86 -47.88 27.39
C LEU A 239 -15.80 -48.60 26.58
N HIS A 240 -15.15 -47.86 25.69
CA HIS A 240 -14.10 -48.41 24.85
C HIS A 240 -13.23 -47.27 24.34
N THR A 241 -11.96 -47.58 24.09
CA THR A 241 -10.99 -46.61 23.60
C THR A 241 -10.39 -47.09 22.29
N LEU A 242 -9.74 -46.17 21.58
CA LEU A 242 -9.12 -46.48 20.31
C LEU A 242 -8.12 -45.39 19.98
N VAL A 243 -6.84 -45.75 19.87
CA VAL A 243 -5.80 -44.78 19.56
C VAL A 243 -5.99 -44.27 18.14
N LEU A 244 -5.76 -42.97 17.96
CA LEU A 244 -5.91 -42.35 16.64
C LEU A 244 -4.55 -42.21 15.96
N GLN A 245 -3.78 -41.21 16.36
CA GLN A 245 -2.46 -40.98 15.78
C GLN A 245 -1.52 -40.48 16.87
N SER A 246 -0.25 -40.38 16.50
CA SER A 246 0.78 -39.91 17.44
C SER A 246 1.98 -39.43 16.64
N THR A 247 2.78 -38.56 17.26
CA THR A 247 3.96 -37.99 16.63
C THR A 247 4.93 -37.57 17.72
N PRO A 248 6.23 -37.72 17.51
CA PRO A 248 7.21 -37.32 18.52
C PRO A 248 7.37 -35.80 18.55
N TRP A 249 8.23 -35.34 19.46
CA TRP A 249 8.50 -33.92 19.62
C TRP A 249 9.94 -33.74 20.07
N ASP A 250 10.64 -32.80 19.43
CA ASP A 250 12.03 -32.52 19.76
C ASP A 250 12.36 -31.09 19.36
N ASN A 251 13.14 -30.42 20.19
CA ASN A 251 13.54 -29.04 19.92
C ASN A 251 14.79 -28.73 20.72
N SER A 252 15.52 -27.72 20.26
CA SER A 252 16.75 -27.28 20.89
C SER A 252 16.78 -25.76 20.97
N VAL A 253 17.32 -25.24 22.07
CA VAL A 253 17.40 -23.80 22.31
C VAL A 253 18.79 -23.49 22.87
N ASP A 254 19.33 -22.35 22.47
CA ASP A 254 20.64 -21.92 22.93
C ASP A 254 20.51 -21.02 24.17
N VAL A 255 21.62 -20.87 24.87
CA VAL A 255 21.69 -20.06 26.08
C VAL A 255 22.84 -19.08 25.94
N ARG A 256 22.58 -17.81 26.25
CA ARG A 256 23.59 -16.77 26.16
C ARG A 256 23.30 -15.70 27.19
N SER A 257 24.31 -15.32 27.96
CA SER A 257 24.17 -14.30 28.99
C SER A 257 24.66 -12.95 28.46
N TYR A 258 24.78 -11.98 29.35
CA TYR A 258 25.26 -10.67 28.95
C TYR A 258 26.68 -10.77 28.41
N PRO A 259 27.17 -9.73 27.71
CA PRO A 259 28.49 -9.82 27.05
C PRO A 259 29.59 -10.28 28.00
N ASN A 260 30.16 -11.45 27.71
CA ASN A 260 31.26 -12.00 28.50
C ASN A 260 32.12 -12.86 27.58
N TRP A 261 33.15 -13.47 28.17
CA TRP A 261 34.05 -14.35 27.44
C TRP A 261 34.83 -13.60 26.38
N GLU A 262 36.15 -13.74 26.39
CA GLU A 262 37.05 -13.10 25.44
C GLU A 262 37.00 -11.58 25.51
N ARG A 263 36.40 -11.01 26.55
CA ARG A 263 36.30 -9.57 26.71
C ARG A 263 35.65 -8.93 25.49
N ALA A 264 34.73 -9.64 24.84
CA ALA A 264 34.06 -9.13 23.64
C ALA A 264 32.85 -8.29 24.07
N ALA A 265 32.07 -7.85 23.09
CA ALA A 265 30.89 -7.03 23.34
C ALA A 265 29.87 -7.29 22.22
N GLY A 266 29.44 -8.54 22.10
CA GLY A 266 28.48 -8.91 21.09
C GLY A 266 27.56 -10.04 21.51
N THR A 267 27.57 -10.38 22.80
CA THR A 267 26.73 -11.44 23.32
C THR A 267 27.05 -12.76 22.65
N ARG A 268 27.92 -13.55 23.26
CA ARG A 268 28.32 -14.85 22.72
C ARG A 268 27.52 -15.96 23.38
N ILE A 269 27.51 -17.12 22.73
CA ILE A 269 26.79 -18.29 23.22
C ILE A 269 27.57 -18.93 24.36
N THR A 270 26.85 -19.44 25.34
CA THR A 270 27.46 -20.10 26.50
C THR A 270 26.95 -21.51 26.74
N GLY A 271 25.71 -21.82 26.40
CA GLY A 271 25.18 -23.15 26.61
C GLY A 271 24.03 -23.45 25.67
N SER A 272 23.30 -24.51 25.99
CA SER A 272 22.17 -24.94 25.18
C SER A 272 21.29 -25.84 26.03
N VAL A 273 20.01 -25.92 25.65
CA VAL A 273 19.02 -26.72 26.36
C VAL A 273 18.18 -27.45 25.32
N ARG A 274 18.16 -28.77 25.38
CA ARG A 274 17.38 -29.59 24.46
C ARG A 274 16.08 -30.03 25.13
N THR A 275 15.01 -30.07 24.33
CA THR A 275 13.70 -30.46 24.81
C THR A 275 13.16 -31.56 23.92
N ARG A 276 12.61 -32.61 24.54
CA ARG A 276 12.04 -33.75 23.81
C ARG A 276 10.63 -34.02 24.35
N GLY A 277 9.99 -35.00 23.75
CA GLY A 277 8.65 -35.37 24.15
C GLY A 277 7.94 -36.16 23.07
N VAL A 278 6.67 -36.46 23.32
CA VAL A 278 5.85 -37.21 22.38
C VAL A 278 4.38 -36.88 22.63
N VAL A 279 3.64 -36.65 21.55
CA VAL A 279 2.23 -36.33 21.64
C VAL A 279 1.42 -37.62 21.46
N GLU A 280 0.28 -37.68 22.13
CA GLU A 280 -0.59 -38.84 22.07
C GLU A 280 -2.05 -38.40 22.05
N SER A 281 -2.86 -39.08 21.26
CA SER A 281 -4.28 -38.78 21.15
C SER A 281 -5.09 -40.05 21.41
N ARG A 282 -6.26 -39.87 22.01
CA ARG A 282 -7.13 -40.99 22.35
C ARG A 282 -8.57 -40.49 22.45
N ALA A 283 -9.50 -41.39 22.15
CA ALA A 283 -10.92 -41.10 22.21
C ALA A 283 -11.63 -42.16 23.04
N SER A 284 -12.79 -41.80 23.59
CA SER A 284 -13.57 -42.70 24.41
C SER A 284 -15.04 -42.38 24.25
N VAL A 285 -15.87 -43.42 24.27
CA VAL A 285 -17.32 -43.29 24.13
C VAL A 285 -17.97 -44.12 25.24
N ARG A 286 -18.70 -43.45 26.12
CA ARG A 286 -19.39 -44.10 27.22
C ARG A 286 -20.87 -44.28 26.90
N THR A 287 -21.44 -45.38 27.39
CA THR A 287 -22.85 -45.69 27.16
C THR A 287 -23.40 -46.37 28.40
N ALA A 288 -24.49 -45.82 28.93
CA ALA A 288 -25.15 -46.35 30.12
C ALA A 288 -26.63 -46.49 29.83
N LEU A 289 -27.15 -47.71 29.96
CA LEU A 289 -28.56 -48.01 29.72
C LEU A 289 -29.21 -48.45 31.03
N ARG A 290 -30.37 -47.90 31.32
CA ARG A 290 -31.12 -48.23 32.53
C ARG A 290 -32.22 -49.23 32.22
N PHE A 291 -32.47 -50.12 33.18
CA PHE A 291 -33.49 -51.15 33.03
C PHE A 291 -34.15 -51.39 34.38
N ASN A 292 -35.47 -51.49 34.38
CA ASN A 292 -36.24 -51.72 35.59
C ASN A 292 -36.64 -53.19 35.68
N LEU A 293 -36.43 -53.78 36.85
CA LEU A 293 -36.76 -55.18 37.07
C LEU A 293 -38.16 -55.31 37.65
N GLU A 294 -38.81 -56.44 37.36
CA GLU A 294 -40.16 -56.72 37.84
C GLU A 294 -40.27 -58.21 38.11
N THR A 295 -40.38 -58.57 39.39
CA THR A 295 -40.48 -59.96 39.82
C THR A 295 -41.90 -60.24 40.30
N SER A 296 -42.22 -61.53 40.39
CA SER A 296 -43.54 -61.97 40.84
C SER A 296 -43.46 -63.47 41.11
N LEU A 297 -44.51 -63.99 41.76
CA LEU A 297 -44.59 -65.40 42.10
C LEU A 297 -46.05 -65.82 42.01
N ALA A 298 -46.48 -66.22 40.81
CA ALA A 298 -47.84 -66.64 40.59
C ALA A 298 -48.00 -68.13 40.90
N GLY A 299 -49.22 -68.50 41.27
CA GLY A 299 -49.51 -69.87 41.59
C GLY A 299 -50.99 -70.15 41.51
N ASP A 300 -51.39 -71.28 42.12
CA ASP A 300 -52.78 -71.68 42.11
C ASP A 300 -53.61 -70.71 42.96
N ALA A 301 -54.80 -70.35 42.45
CA ALA A 301 -55.70 -69.45 43.14
C ALA A 301 -56.52 -70.23 44.18
N ARG A 302 -55.83 -70.65 45.23
CA ARG A 302 -56.46 -71.42 46.30
C ARG A 302 -55.79 -71.11 47.64
N ARG A 303 -54.52 -71.50 47.77
CA ARG A 303 -53.75 -71.32 49.00
C ARG A 303 -54.62 -71.41 50.25
N LEU A 304 -54.95 -72.63 50.67
CA LEU A 304 -55.80 -72.85 51.83
C LEU A 304 -57.15 -72.15 51.66
N GLY A 305 -58.15 -72.89 51.22
CA GLY A 305 -59.46 -72.31 51.01
C GLY A 305 -60.06 -71.70 52.26
N PHE A 306 -59.68 -72.22 53.43
CA PHE A 306 -60.19 -71.71 54.70
C PHE A 306 -61.71 -71.83 54.74
N GLU A 307 -62.42 -70.71 54.69
CA GLU A 307 -63.88 -70.74 54.67
C GLU A 307 -64.41 -71.47 55.91
N PRO A 308 -64.63 -70.76 57.03
CA PRO A 308 -65.14 -71.45 58.23
C PRO A 308 -66.56 -71.94 58.05
N ILE A 309 -66.75 -73.26 58.07
CA ILE A 309 -68.07 -73.87 57.91
C ILE A 309 -68.20 -75.00 58.92
N SER A 310 -69.40 -75.14 59.47
CA SER A 310 -69.67 -76.18 60.47
C SER A 310 -71.05 -76.77 60.18
N THR A 311 -71.17 -78.08 60.37
CA THR A 311 -72.43 -78.79 60.14
C THR A 311 -72.59 -79.82 61.26
N THR A 312 -73.52 -80.76 61.05
CA THR A 312 -73.80 -81.80 62.02
C THR A 312 -73.95 -83.14 61.30
N TYR A 313 -73.45 -84.20 61.92
CA TYR A 313 -73.52 -85.56 61.39
C TYR A 313 -72.75 -85.72 60.08
N ASP A 314 -71.96 -84.72 59.69
CA ASP A 314 -71.20 -84.82 58.45
C ASP A 314 -69.85 -84.10 58.52
N MET A 315 -69.38 -83.73 59.70
CA MET A 315 -68.12 -83.04 59.88
C MET A 315 -67.21 -83.89 60.76
N ILE A 316 -66.18 -84.47 60.16
CA ILE A 316 -65.22 -85.29 60.89
C ILE A 316 -64.22 -84.36 61.58
N PRO A 317 -63.89 -84.59 62.86
CA PRO A 317 -62.94 -83.69 63.53
C PRO A 317 -61.58 -83.66 62.83
N LEU A 318 -60.92 -84.82 62.76
CA LEU A 318 -59.62 -84.93 62.12
C LEU A 318 -59.83 -85.09 60.61
N SER A 319 -59.84 -83.97 59.89
CA SER A 319 -60.04 -83.99 58.45
C SER A 319 -59.46 -82.74 57.80
N PHE A 320 -59.73 -81.58 58.40
CA PHE A 320 -59.22 -80.32 57.86
C PHE A 320 -57.73 -80.15 58.11
N VAL A 321 -57.16 -80.87 59.09
CA VAL A 321 -55.73 -80.74 59.38
C VAL A 321 -54.91 -81.19 58.19
N VAL A 322 -55.14 -82.42 57.72
CA VAL A 322 -54.39 -82.93 56.58
C VAL A 322 -54.76 -82.17 55.30
N GLY A 323 -55.98 -81.62 55.26
CA GLY A 323 -56.38 -80.87 54.07
C GLY A 323 -55.53 -79.64 53.84
N TRP A 324 -55.29 -78.88 54.90
CA TRP A 324 -54.45 -77.68 54.78
C TRP A 324 -53.03 -78.05 54.39
N PHE A 325 -52.50 -79.13 54.95
CA PHE A 325 -51.16 -79.57 54.60
C PHE A 325 -51.08 -79.97 53.13
N SER A 326 -52.07 -80.71 52.64
CA SER A 326 -52.08 -81.09 51.24
C SER A 326 -52.21 -79.88 50.33
N ASN A 327 -53.03 -78.91 50.72
CA ASN A 327 -53.17 -77.69 49.92
C ASN A 327 -51.86 -76.92 49.87
N PHE A 328 -51.17 -76.81 51.01
CA PHE A 328 -49.89 -76.11 51.03
C PHE A 328 -48.84 -76.84 50.20
N ASP A 329 -48.86 -78.17 50.23
CA ASP A 329 -47.91 -78.94 49.45
C ASP A 329 -48.17 -78.80 47.96
N LYS A 330 -49.45 -78.77 47.57
CA LYS A 330 -49.78 -78.64 46.15
C LYS A 330 -49.55 -77.22 45.66
N TYR A 331 -49.64 -76.22 46.55
CA TYR A 331 -49.43 -74.84 46.13
C TYR A 331 -48.01 -74.61 45.67
N VAL A 332 -47.04 -75.28 46.30
CA VAL A 332 -45.64 -75.11 45.93
C VAL A 332 -45.38 -75.72 44.55
N ARG A 333 -46.11 -76.77 44.19
CA ARG A 333 -45.92 -77.39 42.88
C ARG A 333 -46.40 -76.48 41.75
N THR A 334 -47.47 -75.74 41.99
CA THR A 334 -48.01 -74.84 40.97
C THR A 334 -47.24 -73.53 40.88
N LEU A 335 -46.41 -73.21 41.87
CA LEU A 335 -45.66 -71.97 41.84
C LEU A 335 -44.71 -71.96 40.64
N ALA A 336 -44.70 -70.84 39.93
CA ALA A 336 -43.87 -70.68 38.73
C ALA A 336 -43.44 -69.22 38.65
N PRO A 337 -42.21 -68.90 39.05
CA PRO A 337 -41.74 -67.51 38.97
C PRO A 337 -41.83 -66.98 37.54
N LEU A 338 -42.04 -65.66 37.44
CA LEU A 338 -42.15 -65.00 36.14
C LEU A 338 -41.61 -63.59 36.30
N ILE A 339 -40.39 -63.36 35.83
CA ILE A 339 -39.74 -62.06 35.93
C ILE A 339 -40.02 -61.27 34.66
N GLY A 340 -39.60 -60.00 34.64
CA GLY A 340 -39.81 -59.16 33.48
C GLY A 340 -38.94 -57.92 33.51
N VAL A 341 -38.46 -57.51 32.34
CA VAL A 341 -37.60 -56.33 32.21
C VAL A 341 -38.01 -55.55 30.98
N THR A 342 -37.88 -54.23 31.06
CA THR A 342 -38.23 -53.34 29.96
C THR A 342 -37.24 -52.18 29.92
N PHE A 343 -37.08 -51.60 28.74
CA PHE A 343 -36.16 -50.48 28.58
C PHE A 343 -36.76 -49.21 29.17
N GLU A 344 -35.97 -48.48 29.93
CA GLU A 344 -36.40 -47.24 30.56
C GLU A 344 -35.81 -46.03 29.85
N THR A 345 -34.49 -45.85 29.90
CA THR A 345 -33.85 -44.71 29.24
C THR A 345 -32.37 -45.01 29.07
N GLY A 346 -31.73 -44.24 28.21
CA GLY A 346 -30.31 -44.41 27.95
C GLY A 346 -29.65 -43.13 27.46
N SER A 347 -28.38 -43.22 27.08
CA SER A 347 -27.65 -42.05 26.60
C SER A 347 -26.33 -42.54 26.00
N GLN A 348 -25.73 -41.67 25.19
CA GLN A 348 -24.46 -41.97 24.54
C GLN A 348 -23.58 -40.72 24.62
N ASN A 349 -22.45 -40.84 25.32
CA ASN A 349 -21.53 -39.73 25.54
C ASN A 349 -20.24 -39.99 24.77
N ARG A 350 -19.75 -38.95 24.09
CA ARG A 350 -18.51 -39.02 23.33
C ARG A 350 -17.43 -38.22 24.04
N ARG A 351 -16.18 -38.53 23.71
CA ARG A 351 -15.04 -37.85 24.32
C ARG A 351 -13.82 -38.02 23.42
N THR A 352 -12.98 -36.98 23.41
CA THR A 352 -11.75 -36.98 22.62
C THR A 352 -10.65 -36.35 23.45
N THR A 353 -9.64 -37.15 23.81
CA THR A 353 -8.53 -36.69 24.64
C THR A 353 -7.27 -36.55 23.79
N CYS A 354 -6.42 -35.59 24.19
CA CYS A 354 -5.15 -35.35 23.50
C CYS A 354 -4.12 -34.99 24.56
N GLU A 355 -3.35 -35.98 24.99
CA GLU A 355 -2.35 -35.79 26.03
C GLU A 355 -1.00 -35.43 25.42
N LEU A 356 -0.21 -34.69 26.19
CA LEU A 356 1.13 -34.28 25.77
C LEU A 356 2.07 -34.35 26.96
N VAL A 357 3.31 -34.77 26.70
CA VAL A 357 4.33 -34.89 27.74
C VAL A 357 5.69 -34.68 27.12
N GLY A 358 6.61 -34.13 27.92
CA GLY A 358 7.96 -33.86 27.44
C GLY A 358 8.91 -33.71 28.60
N CYS A 359 10.19 -33.79 28.29
CA CYS A 359 11.27 -33.65 29.27
C CYS A 359 12.27 -32.60 28.78
N THR A 360 13.28 -32.34 29.59
CA THR A 360 14.30 -31.37 29.27
C THR A 360 15.60 -31.75 29.97
N ARG A 361 16.71 -31.46 29.31
CA ARG A 361 18.04 -31.75 29.84
C ARG A 361 18.94 -30.55 29.57
N PHE A 362 20.11 -30.56 30.21
CA PHE A 362 21.10 -29.50 30.10
C PHE A 362 22.38 -30.06 29.49
N TYR A 363 22.78 -29.50 28.35
CA TYR A 363 23.98 -29.92 27.63
C TYR A 363 24.87 -28.71 27.43
N PRO A 364 25.68 -28.34 28.42
CA PRO A 364 26.54 -27.17 28.29
C PRO A 364 27.71 -27.44 27.35
N ARG A 365 28.36 -26.35 26.94
CA ARG A 365 29.50 -26.45 26.05
C ARG A 365 30.68 -27.10 26.75
N THR A 366 31.70 -27.42 25.97
CA THR A 366 32.90 -28.05 26.52
C THR A 366 33.61 -27.13 27.51
N VAL A 367 34.10 -26.00 27.01
CA VAL A 367 34.82 -25.03 27.85
C VAL A 367 34.82 -23.68 27.15
N SER A 368 35.28 -22.65 27.86
CA SER A 368 35.34 -21.30 27.30
C SER A 368 36.80 -20.91 27.04
N PRO A 369 37.38 -21.34 25.92
CA PRO A 369 38.77 -21.01 25.64
C PRO A 369 38.92 -19.54 25.29
N PRO A 370 39.68 -18.77 26.09
CA PRO A 370 39.86 -17.35 25.78
C PRO A 370 40.90 -17.12 24.70
N SER A 371 41.25 -15.86 24.44
CA SER A 371 42.25 -15.55 23.42
C SER A 371 43.61 -16.09 23.80
N GLY A 372 44.12 -15.67 24.96
CA GLY A 372 45.41 -16.13 25.42
C GLY A 372 45.52 -16.17 26.94
N TRP A 373 44.37 -16.29 27.61
CA TRP A 373 44.30 -16.34 29.06
C TRP A 373 43.92 -17.76 29.49
N PHE A 374 43.50 -17.90 30.74
CA PHE A 374 43.07 -19.18 31.28
C PHE A 374 41.79 -19.00 32.07
N ALA A 375 40.89 -19.99 31.96
CA ALA A 375 39.62 -19.95 32.65
C ALA A 375 39.27 -21.35 33.13
N ARG A 376 38.18 -21.45 33.89
CA ARG A 376 37.73 -22.73 34.43
C ARG A 376 36.30 -22.56 34.94
N TRP A 377 35.57 -23.66 34.93
CA TRP A 377 34.20 -23.70 35.41
C TRP A 377 34.15 -24.14 36.87
N LYS A 378 33.03 -23.83 37.52
CA LYS A 378 32.83 -24.15 38.93
C LYS A 378 31.38 -24.57 39.12
N ASP A 379 31.16 -25.86 39.37
CA ASP A 379 29.83 -26.38 39.63
C ASP A 379 28.93 -26.27 38.40
N PHE A 380 27.93 -27.13 38.31
CA PHE A 380 26.99 -27.13 37.20
C PHE A 380 25.85 -28.10 37.54
N PRO A 381 24.71 -27.99 36.85
CA PRO A 381 23.55 -28.82 37.20
C PRO A 381 23.87 -30.31 37.23
N ASP A 382 24.33 -30.86 36.11
CA ASP A 382 24.64 -32.28 36.00
C ASP A 382 23.40 -33.15 36.21
N GLY A 383 22.26 -32.69 35.72
CA GLY A 383 21.04 -33.44 35.87
C GLY A 383 19.92 -32.87 35.02
N SER A 384 18.70 -33.24 35.39
CA SER A 384 17.52 -32.78 34.66
C SER A 384 17.25 -31.32 34.99
N LEU A 385 16.07 -30.85 34.58
CA LEU A 385 15.67 -29.47 34.81
C LEU A 385 14.20 -29.40 35.23
N SER A 386 13.30 -29.58 34.26
CA SER A 386 11.87 -29.52 34.53
C SER A 386 11.18 -30.53 33.62
N GLU A 387 9.85 -30.48 33.59
CA GLU A 387 9.06 -31.40 32.77
C GLU A 387 7.79 -30.69 32.34
N VAL A 388 7.54 -30.68 31.02
CA VAL A 388 6.36 -30.05 30.46
C VAL A 388 5.33 -31.12 30.14
N SER A 389 4.05 -30.76 30.26
CA SER A 389 2.96 -31.68 30.00
C SER A 389 1.71 -30.89 29.69
N GLY A 390 0.79 -31.53 28.95
CA GLY A 390 -0.46 -30.91 28.57
C GLY A 390 -1.58 -31.93 28.53
N LEU A 391 -2.79 -31.43 28.29
CA LEU A 391 -3.97 -32.28 28.22
C LEU A 391 -5.12 -31.49 27.64
N ARG A 392 -5.95 -32.17 26.85
CA ARG A 392 -7.12 -31.55 26.24
C ARG A 392 -8.29 -32.52 26.34
N ARG A 393 -9.50 -31.97 26.51
CA ARG A 393 -10.71 -32.78 26.65
C ARG A 393 -11.86 -32.05 25.99
N THR A 394 -12.65 -32.79 25.20
CA THR A 394 -13.82 -32.22 24.53
C THR A 394 -14.85 -33.34 24.38
N ASP A 395 -15.86 -33.32 25.23
CA ASP A 395 -16.92 -34.32 25.24
C ASP A 395 -18.25 -33.69 24.89
N ILE A 396 -19.10 -34.45 24.22
CA ILE A 396 -20.43 -34.02 23.80
C ILE A 396 -21.40 -35.13 24.15
N ARG A 397 -22.21 -34.92 25.18
CA ARG A 397 -23.19 -35.91 25.59
C ARG A 397 -24.42 -35.85 24.70
N SER A 398 -25.13 -36.98 24.63
CA SER A 398 -26.33 -37.09 23.81
C SER A 398 -27.36 -37.92 24.57
N VAL A 399 -28.59 -37.92 24.04
CA VAL A 399 -29.69 -38.65 24.64
C VAL A 399 -30.06 -39.81 23.73
N LEU A 400 -30.51 -40.91 24.34
CA LEU A 400 -30.90 -42.11 23.61
C LEU A 400 -32.25 -42.58 24.12
N SER A 401 -33.07 -43.10 23.20
CA SER A 401 -34.39 -43.60 23.54
C SER A 401 -34.81 -44.60 22.46
N THR A 402 -36.09 -44.97 22.47
CA THR A 402 -36.66 -45.94 21.53
C THR A 402 -35.67 -47.06 21.23
N LEU A 403 -35.19 -47.69 22.30
CA LEU A 403 -34.24 -48.79 22.14
C LEU A 403 -34.92 -49.95 21.40
N PRO A 404 -34.25 -50.57 20.43
CA PRO A 404 -34.87 -51.69 19.71
C PRO A 404 -35.08 -52.90 20.61
N ASP A 405 -35.61 -53.99 20.03
CA ASP A 405 -35.87 -55.21 20.78
C ASP A 405 -34.58 -55.73 21.40
N PRO A 406 -34.45 -55.72 22.75
CA PRO A 406 -33.22 -56.21 23.37
C PRO A 406 -33.09 -57.72 23.29
N ASP A 407 -32.00 -58.26 23.81
CA ASP A 407 -31.72 -59.68 23.81
C ASP A 407 -31.37 -60.15 25.22
N VAL A 408 -32.19 -59.77 26.19
CA VAL A 408 -31.94 -60.17 27.57
C VAL A 408 -32.09 -61.67 27.71
N ARG A 409 -31.17 -62.29 28.46
CA ARG A 409 -31.16 -63.73 28.68
C ARG A 409 -31.17 -63.99 30.18
N PHE A 410 -32.07 -64.87 30.61
CA PHE A 410 -32.22 -65.24 32.01
C PHE A 410 -32.15 -66.75 32.15
N HIS A 411 -31.38 -67.21 33.14
CA HIS A 411 -31.23 -68.64 33.37
C HIS A 411 -32.46 -69.25 34.03
N ALA A 412 -33.19 -68.47 34.82
CA ALA A 412 -34.38 -68.95 35.50
C ALA A 412 -34.05 -70.13 36.41
N ASP A 413 -35.08 -70.78 36.96
CA ASP A 413 -34.91 -71.92 37.86
C ASP A 413 -34.03 -71.54 39.05
N VAL A 414 -34.60 -70.68 39.90
CA VAL A 414 -33.91 -70.21 41.09
C VAL A 414 -33.88 -71.33 42.12
N GLY A 415 -33.41 -71.02 43.33
CA GLY A 415 -33.33 -72.00 44.38
C GLY A 415 -34.67 -72.31 45.01
N LEU A 416 -35.61 -72.83 44.22
CA LEU A 416 -36.94 -73.17 44.70
C LEU A 416 -37.09 -74.64 45.05
N PHE A 417 -36.27 -75.52 44.47
CA PHE A 417 -36.36 -76.95 44.77
C PHE A 417 -35.80 -77.27 46.15
N GLU A 418 -35.04 -76.37 46.76
CA GLU A 418 -34.47 -76.64 48.08
C GLU A 418 -35.57 -76.73 49.12
N ILE A 419 -36.51 -75.77 49.12
CA ILE A 419 -37.59 -75.78 50.09
C ILE A 419 -38.51 -76.97 49.89
N SER A 420 -38.52 -77.55 48.69
CA SER A 420 -39.40 -78.70 48.43
C SER A 420 -39.00 -79.91 49.27
N ALA A 421 -37.71 -80.04 49.59
CA ALA A 421 -37.25 -81.17 50.39
C ALA A 421 -37.70 -81.07 51.84
N GLY A 422 -38.05 -79.87 52.31
CA GLY A 422 -38.47 -79.70 53.68
C GLY A 422 -39.87 -80.21 53.94
N ILE A 423 -40.81 -79.87 53.04
CA ILE A 423 -42.19 -80.33 53.21
C ILE A 423 -42.29 -81.83 52.98
N SER A 424 -41.52 -82.35 52.02
CA SER A 424 -41.57 -83.79 51.75
C SER A 424 -40.98 -84.60 52.90
N LEU A 425 -39.99 -84.04 53.61
CA LEU A 425 -39.38 -84.77 54.72
C LEU A 425 -40.24 -84.72 55.96
N LEU A 426 -40.94 -83.61 56.20
CA LEU A 426 -41.79 -83.50 57.38
C LEU A 426 -43.08 -84.29 57.24
N ALA A 427 -43.55 -84.49 56.01
CA ALA A 427 -44.79 -85.24 55.80
C ALA A 427 -44.59 -86.72 56.09
N GLN A 428 -43.49 -87.30 55.60
CA GLN A 428 -43.24 -88.71 55.82
C GLN A 428 -43.02 -89.04 57.29
N ARG A 429 -42.76 -88.03 58.12
CA ARG A 429 -42.49 -88.26 59.54
C ARG A 429 -43.75 -88.08 60.40
N TYR A 430 -44.72 -87.29 59.95
CA TYR A 430 -45.92 -87.04 60.74
C TYR A 430 -47.21 -87.04 59.93
N LEU A 431 -47.16 -87.05 58.59
CA LEU A 431 -48.39 -87.04 57.80
C LEU A 431 -48.83 -88.46 57.46
N LYS A 432 -47.89 -89.29 56.98
CA LYS A 432 -48.22 -90.67 56.61
C LYS A 432 -48.66 -91.46 57.83
N PRO A 433 -47.96 -91.35 58.97
CA PRO A 433 -48.44 -92.06 60.17
C PRO A 433 -49.83 -91.63 60.61
N LEU A 434 -50.12 -90.32 60.58
CA LEU A 434 -51.44 -89.86 60.96
C LEU A 434 -52.50 -90.37 59.99
N GLN A 435 -52.22 -90.35 58.69
CA GLN A 435 -53.18 -90.85 57.71
C GLN A 435 -53.41 -92.34 57.89
N ARG A 436 -52.37 -93.08 58.27
CA ARG A 436 -52.52 -94.52 58.47
C ARG A 436 -53.32 -94.80 59.73
N LEU A 437 -53.09 -94.03 60.80
CA LEU A 437 -53.81 -94.24 62.04
C LEU A 437 -55.27 -93.81 61.92
N LEU A 438 -55.56 -92.83 61.07
CA LEU A 438 -56.93 -92.37 60.89
C LEU A 438 -57.76 -93.33 60.04
N LYS A 439 -57.12 -94.20 59.27
CA LYS A 439 -57.87 -95.13 58.44
C LYS A 439 -58.70 -96.10 59.28
N ARG A 440 -58.23 -96.43 60.48
CA ARG A 440 -58.92 -97.36 61.36
C ARG A 440 -59.72 -96.59 62.41
N LYS A 441 -60.78 -97.23 62.90
CA LYS A 441 -61.66 -96.66 63.93
C LYS A 441 -61.92 -95.18 63.68
N SER A 442 -62.49 -94.86 62.52
CA SER A 442 -62.81 -93.47 62.19
C SER A 442 -63.96 -93.00 63.07
N PHE A 443 -63.72 -91.94 63.84
CA PHE A 443 -64.74 -91.41 64.74
C PHE A 443 -65.77 -90.63 63.95
N PHE A 444 -66.74 -90.06 64.67
CA PHE A 444 -67.81 -89.28 64.07
C PHE A 444 -68.20 -88.17 65.05
N TYR A 445 -69.13 -87.32 64.61
CA TYR A 445 -69.61 -86.20 65.41
C TYR A 445 -71.11 -86.11 65.29
N GLY A 446 -71.79 -85.92 66.43
CA GLY A 446 -73.23 -85.81 66.45
C GLY A 446 -73.70 -84.45 66.93
N ARG A 447 -74.92 -84.39 67.48
CA ARG A 447 -75.46 -83.12 67.96
C ARG A 447 -74.91 -82.75 69.33
N THR A 448 -74.67 -83.73 70.19
CA THR A 448 -74.15 -83.46 71.52
C THR A 448 -72.73 -82.91 71.45
N PHE B 1 131.71 19.99 34.89
CA PHE B 1 130.62 19.25 35.59
C PHE B 1 131.02 18.94 37.03
N THR B 2 130.04 18.92 37.92
CA THR B 2 130.25 18.63 39.34
C THR B 2 129.26 17.56 39.78
N LEU B 3 129.35 17.19 41.06
CA LEU B 3 128.46 16.17 41.60
C LEU B 3 127.11 16.75 42.02
N ILE B 4 127.07 18.04 42.36
CA ILE B 4 125.82 18.65 42.79
C ILE B 4 124.78 18.60 41.68
N GLU B 5 125.17 19.05 40.48
CA GLU B 5 124.23 19.06 39.36
C GLU B 5 123.77 17.65 39.01
N LEU B 6 124.71 16.70 38.98
CA LEU B 6 124.34 15.33 38.62
C LEU B 6 123.39 14.73 39.66
N MET B 7 123.66 14.95 40.95
CA MET B 7 122.79 14.42 41.98
C MET B 7 121.41 15.07 41.92
N ILE B 8 121.36 16.38 41.66
CA ILE B 8 120.07 17.05 41.56
C ILE B 8 119.29 16.51 40.37
N VAL B 9 119.97 16.26 39.26
CA VAL B 9 119.30 15.69 38.08
C VAL B 9 118.77 14.30 38.39
N VAL B 10 119.58 13.48 39.08
CA VAL B 10 119.15 12.13 39.42
C VAL B 10 117.94 12.17 40.35
N ALA B 11 117.94 13.11 41.29
CA ALA B 11 116.81 13.23 42.22
C ALA B 11 115.55 13.69 41.50
N ILE B 12 115.69 14.66 40.58
CA ILE B 12 114.52 15.13 39.84
C ILE B 12 113.98 14.04 38.94
N ILE B 13 114.87 13.20 38.39
CA ILE B 13 114.40 12.08 37.56
C ILE B 13 113.53 11.14 38.38
N GLY B 14 114.01 10.77 39.57
CA GLY B 14 113.20 9.91 40.44
C GLY B 14 111.92 10.56 40.87
N ILE B 15 111.94 11.87 41.11
CA ILE B 15 110.73 12.59 41.48
C ILE B 15 109.71 12.52 40.35
N LEU B 16 110.13 12.84 39.13
CA LEU B 16 109.23 12.75 37.99
C LEU B 16 108.74 11.33 37.75
N ALA B 17 109.57 10.33 38.06
CA ALA B 17 109.18 8.94 37.91
C ALA B 17 108.29 8.50 39.06
N ALA B 18 107.19 9.22 39.29
CA ALA B 18 106.27 8.89 40.37
C ALA B 18 104.82 9.28 40.04
N ILE B 19 104.54 9.70 38.81
CA ILE B 19 103.18 10.10 38.45
C ILE B 19 102.29 8.87 38.39
N ALA B 20 101.14 8.95 39.05
CA ALA B 20 100.21 7.83 39.07
C ALA B 20 99.45 7.76 37.74
N ILE B 21 98.84 6.60 37.50
CA ILE B 21 98.07 6.35 36.29
C ILE B 21 96.77 5.66 36.69
N PRO B 22 95.61 6.25 36.45
CA PRO B 22 94.35 5.60 36.83
C PRO B 22 93.91 4.58 35.77
N GLN B 23 92.76 3.97 36.00
CA GLN B 23 92.23 2.97 35.09
C GLN B 23 91.72 3.64 33.81
N TYR B 24 91.73 2.85 32.72
CA TYR B 24 91.29 3.35 31.43
C TYR B 24 90.67 2.26 30.57
N GLN B 25 90.13 1.21 31.19
CA GLN B 25 89.49 0.11 30.48
C GLN B 25 87.98 0.27 30.39
N ASN B 26 87.34 0.71 31.47
CA ASN B 26 85.90 0.89 31.46
C ASN B 26 85.47 1.89 30.38
N TYR B 27 86.31 2.89 30.10
CA TYR B 27 85.97 3.87 29.07
C TYR B 27 85.77 3.19 27.72
N VAL B 28 86.74 2.38 27.30
CA VAL B 28 86.63 1.69 26.01
C VAL B 28 85.53 0.63 26.07
N ALA B 29 85.40 -0.06 27.20
CA ALA B 29 84.35 -1.07 27.33
C ALA B 29 82.96 -0.46 27.15
N ARG B 30 82.77 0.77 27.62
CA ARG B 30 81.48 1.44 27.46
C ARG B 30 81.34 2.06 26.07
N SER B 31 82.42 2.58 25.51
CA SER B 31 82.36 3.16 24.17
C SER B 31 82.01 2.11 23.13
N GLU B 32 82.51 0.88 23.30
CA GLU B 32 82.19 -0.19 22.36
C GLU B 32 80.69 -0.49 22.37
N GLY B 33 80.10 -0.57 23.56
CA GLY B 33 78.67 -0.83 23.65
C GLY B 33 77.84 0.34 23.17
N ALA B 34 78.32 1.57 23.41
CA ALA B 34 77.59 2.74 22.94
C ALA B 34 77.56 2.81 21.42
N SER B 35 78.55 2.20 20.76
CA SER B 35 78.59 2.18 19.30
C SER B 35 77.85 0.99 18.72
N ALA B 36 77.91 -0.17 19.40
CA ALA B 36 77.23 -1.36 18.89
C ALA B 36 75.73 -1.11 18.74
N LEU B 37 75.09 -0.62 19.80
CA LEU B 37 73.66 -0.36 19.74
C LEU B 37 73.34 0.74 18.74
N ALA B 38 74.13 1.82 18.74
CA ALA B 38 73.91 2.90 17.80
C ALA B 38 73.99 2.43 16.36
N THR B 39 74.78 1.38 16.10
CA THR B 39 74.92 0.85 14.75
C THR B 39 73.82 -0.15 14.40
N ILE B 40 73.39 -0.96 15.37
CA ILE B 40 72.45 -2.05 15.07
C ILE B 40 71.01 -1.72 15.47
N ASN B 41 70.72 -0.48 15.88
CA ASN B 41 69.36 -0.09 16.21
C ASN B 41 68.55 0.25 14.96
N PRO B 42 69.09 1.04 14.02
CA PRO B 42 68.27 1.53 12.91
C PRO B 42 67.64 0.44 12.06
N LEU B 43 68.11 -0.82 12.17
CA LEU B 43 67.53 -1.88 11.36
C LEU B 43 66.07 -2.14 11.70
N LYS B 44 65.62 -1.73 12.89
CA LYS B 44 64.22 -1.91 13.26
C LYS B 44 63.29 -1.16 12.31
N THR B 45 63.72 0.01 11.82
CA THR B 45 62.89 0.75 10.88
C THR B 45 62.65 -0.06 9.61
N THR B 46 63.71 -0.60 9.02
CA THR B 46 63.57 -1.40 7.82
C THR B 46 62.76 -2.66 8.10
N VAL B 47 62.96 -3.28 9.26
CA VAL B 47 62.21 -4.48 9.60
C VAL B 47 60.71 -4.17 9.65
N GLU B 48 60.35 -3.10 10.34
CA GLU B 48 58.94 -2.73 10.46
C GLU B 48 58.36 -2.36 9.09
N GLU B 49 59.14 -1.65 8.27
CA GLU B 49 58.64 -1.29 6.94
C GLU B 49 58.38 -2.54 6.11
N SER B 50 59.30 -3.49 6.13
CA SER B 50 59.13 -4.70 5.35
C SER B 50 57.97 -5.55 5.87
N LEU B 51 57.75 -5.54 7.19
CA LEU B 51 56.68 -6.35 7.75
C LEU B 51 55.31 -5.70 7.56
N SER B 52 55.26 -4.37 7.44
CA SER B 52 53.99 -3.67 7.27
C SER B 52 53.62 -3.44 5.82
N ARG B 53 54.60 -3.44 4.90
CA ARG B 53 54.29 -3.20 3.50
C ARG B 53 53.44 -4.33 2.92
N GLY B 54 53.98 -5.55 2.93
CA GLY B 54 53.24 -6.69 2.40
C GLY B 54 54.08 -7.95 2.33
N ILE B 55 55.37 -7.80 2.04
CA ILE B 55 56.26 -8.97 1.95
C ILE B 55 56.36 -9.64 3.31
N ALA B 56 56.51 -10.96 3.29
CA ALA B 56 56.63 -11.73 4.51
C ALA B 56 58.07 -11.71 5.01
N GLY B 57 58.31 -12.36 6.14
CA GLY B 57 59.64 -12.43 6.72
C GLY B 57 60.54 -13.40 5.97
N SER B 58 61.60 -13.86 6.64
CA SER B 58 62.54 -14.79 6.05
C SER B 58 63.35 -14.14 4.93
N LYS B 59 62.68 -13.65 3.89
CA LYS B 59 63.37 -13.02 2.79
C LYS B 59 64.19 -11.81 3.21
N ILE B 60 63.87 -11.21 4.36
CA ILE B 60 64.63 -10.07 4.85
C ILE B 60 66.03 -10.54 5.23
N LYS B 61 67.05 -10.03 4.53
CA LYS B 61 68.43 -10.41 4.78
C LYS B 61 69.32 -9.19 4.88
N ILE B 62 70.63 -9.39 4.93
CA ILE B 62 71.61 -8.32 5.03
C ILE B 62 72.60 -8.46 3.88
N GLY B 63 73.40 -7.41 3.69
CA GLY B 63 74.40 -7.38 2.64
C GLY B 63 74.19 -6.20 1.70
N THR B 64 74.64 -6.37 0.45
CA THR B 64 74.50 -5.34 -0.58
C THR B 64 74.29 -6.06 -1.92
N THR B 65 73.06 -6.52 -2.13
CA THR B 65 72.67 -7.24 -3.34
C THR B 65 71.45 -6.58 -3.98
N ALA B 66 71.42 -5.25 -3.98
CA ALA B 66 70.32 -4.50 -4.57
C ALA B 66 69.00 -4.87 -3.91
N SER B 67 67.88 -4.45 -4.51
CA SER B 67 66.57 -4.75 -3.96
C SER B 67 65.59 -4.90 -5.12
N THR B 68 64.41 -5.40 -4.80
CA THR B 68 63.36 -5.61 -5.79
C THR B 68 62.00 -5.48 -5.10
N ALA B 69 60.95 -5.88 -5.80
CA ALA B 69 59.59 -5.80 -5.28
C ALA B 69 59.15 -7.09 -4.60
N THR B 70 60.07 -7.77 -3.90
CA THR B 70 59.74 -9.01 -3.21
C THR B 70 60.66 -9.22 -2.02
N GLU B 71 61.96 -9.03 -2.22
CA GLU B 71 62.96 -9.21 -1.17
C GLU B 71 63.55 -7.87 -0.77
N THR B 72 63.97 -7.78 0.49
CA THR B 72 64.57 -6.57 1.04
C THR B 72 65.98 -6.88 1.51
N TYR B 73 66.90 -5.94 1.22
CA TYR B 73 68.31 -6.09 1.59
C TYR B 73 68.79 -4.75 2.14
N VAL B 74 68.88 -4.64 3.47
CA VAL B 74 69.36 -3.41 4.07
C VAL B 74 70.82 -3.19 3.68
N GLY B 75 71.16 -1.95 3.37
CA GLY B 75 72.48 -1.63 2.84
C GLY B 75 73.59 -1.62 3.89
N VAL B 76 73.86 -2.78 4.48
CA VAL B 76 74.98 -2.94 5.42
C VAL B 76 75.46 -4.37 5.35
N GLU B 77 76.78 -4.54 5.32
CA GLU B 77 77.37 -5.87 5.26
C GLU B 77 77.28 -6.54 6.63
N PRO B 78 77.31 -7.88 6.66
CA PRO B 78 77.27 -8.57 7.96
C PRO B 78 78.46 -8.28 8.84
N ASP B 79 79.56 -7.76 8.28
CA ASP B 79 80.75 -7.42 9.04
C ASP B 79 81.17 -5.99 8.75
N ALA B 80 80.19 -5.10 8.54
CA ALA B 80 80.51 -3.70 8.29
C ALA B 80 81.30 -3.10 9.44
N ASN B 81 80.82 -3.27 10.66
CA ASN B 81 81.53 -2.80 11.85
C ASN B 81 82.56 -3.85 12.26
N LYS B 82 83.83 -3.45 12.28
CA LYS B 82 84.91 -4.38 12.61
C LYS B 82 84.88 -4.84 14.06
N LEU B 83 84.01 -4.28 14.89
CA LEU B 83 83.95 -4.67 16.30
C LEU B 83 83.23 -6.01 16.49
N GLY B 84 82.29 -6.33 15.62
CA GLY B 84 81.56 -7.57 15.73
C GLY B 84 80.84 -7.94 14.45
N VAL B 85 79.89 -8.86 14.58
CA VAL B 85 79.12 -9.38 13.46
C VAL B 85 77.64 -9.20 13.76
N ILE B 86 76.86 -8.92 12.72
CA ILE B 86 75.42 -8.74 12.84
C ILE B 86 74.72 -9.93 12.22
N ALA B 87 73.56 -10.28 12.77
CA ALA B 87 72.78 -11.41 12.26
C ALA B 87 71.31 -11.13 12.43
N VAL B 88 70.54 -11.29 11.36
CA VAL B 88 69.10 -11.09 11.36
C VAL B 88 68.43 -12.35 10.83
N ALA B 89 67.26 -12.68 11.38
CA ALA B 89 66.52 -13.86 10.94
C ALA B 89 65.06 -13.69 11.40
N ILE B 90 64.27 -13.05 10.55
CA ILE B 90 62.86 -12.82 10.83
C ILE B 90 62.06 -14.04 10.38
N GLU B 91 61.26 -14.59 11.29
CA GLU B 91 60.45 -15.76 10.97
C GLU B 91 59.26 -15.36 10.10
N ASP B 92 58.60 -16.38 9.55
CA ASP B 92 57.45 -16.14 8.69
C ASP B 92 56.29 -15.53 9.48
N SER B 93 56.22 -15.78 10.78
CA SER B 93 55.15 -15.25 11.62
C SER B 93 55.44 -13.84 12.13
N GLY B 94 56.45 -13.16 11.58
CA GLY B 94 56.80 -11.82 11.98
C GLY B 94 57.78 -11.75 13.13
N ALA B 95 57.71 -12.70 14.07
CA ALA B 95 58.62 -12.69 15.20
C ALA B 95 60.05 -12.95 14.74
N GLY B 96 60.99 -12.24 15.34
CA GLY B 96 62.38 -12.40 14.98
C GLY B 96 63.29 -11.74 15.99
N ASP B 97 64.59 -11.75 15.67
CA ASP B 97 65.59 -11.19 16.55
C ASP B 97 66.81 -10.76 15.74
N ILE B 98 67.25 -9.53 15.97
CA ILE B 98 68.47 -9.00 15.37
C ILE B 98 69.54 -8.98 16.45
N THR B 99 70.64 -9.68 16.21
CA THR B 99 71.68 -9.86 17.22
C THR B 99 73.03 -9.34 16.72
N PHE B 100 73.84 -8.89 17.66
CA PHE B 100 75.20 -8.42 17.39
C PHE B 100 76.14 -9.17 18.33
N THR B 101 77.05 -9.93 17.75
CA THR B 101 77.99 -10.76 18.49
C THR B 101 79.39 -10.13 18.37
N PHE B 102 79.99 -9.81 19.51
CA PHE B 102 81.32 -9.22 19.52
C PHE B 102 82.37 -10.26 19.14
N GLN B 103 83.33 -9.84 18.33
CA GLN B 103 84.41 -10.71 17.89
C GLN B 103 85.58 -10.63 18.86
N THR B 104 86.34 -11.72 18.94
CA THR B 104 87.49 -11.78 19.84
C THR B 104 88.73 -11.14 19.25
N GLY B 105 88.83 -11.06 17.92
CA GLY B 105 89.98 -10.50 17.26
C GLY B 105 89.91 -9.01 17.01
N THR B 106 88.94 -8.31 17.60
CA THR B 106 88.82 -6.88 17.40
C THR B 106 88.30 -6.19 18.67
N SER B 107 87.24 -6.76 19.26
CA SER B 107 86.66 -6.17 20.45
C SER B 107 87.62 -6.27 21.64
N SER B 108 87.26 -5.60 22.72
CA SER B 108 88.08 -5.60 23.92
C SER B 108 87.93 -6.92 24.67
N PRO B 109 88.87 -7.22 25.59
CA PRO B 109 88.76 -8.48 26.34
C PRO B 109 87.48 -8.61 27.13
N LYS B 110 87.03 -7.54 27.78
CA LYS B 110 85.81 -7.61 28.59
C LYS B 110 84.59 -7.86 27.71
N ASN B 111 84.48 -7.12 26.59
CA ASN B 111 83.37 -7.25 25.66
C ASN B 111 83.63 -8.33 24.60
N ALA B 112 84.36 -9.38 24.94
CA ALA B 112 84.66 -10.45 24.01
C ALA B 112 83.64 -11.57 24.15
N THR B 113 83.15 -12.07 23.01
CA THR B 113 82.19 -13.16 22.95
C THR B 113 80.85 -12.78 23.56
N LYS B 114 80.60 -11.48 23.77
CA LYS B 114 79.32 -11.01 24.28
C LYS B 114 78.36 -10.77 23.12
N VAL B 115 77.07 -10.84 23.44
CA VAL B 115 76.02 -10.77 22.42
C VAL B 115 74.93 -9.83 22.92
N ILE B 116 74.53 -8.89 22.06
CA ILE B 116 73.37 -8.04 22.29
C ILE B 116 72.29 -8.49 21.32
N THR B 117 71.03 -8.30 21.71
CA THR B 117 69.92 -8.77 20.88
C THR B 117 68.73 -7.86 21.03
N LEU B 118 67.99 -7.68 19.94
CA LEU B 118 66.71 -6.98 19.92
C LEU B 118 65.67 -7.92 19.33
N ASN B 119 64.69 -8.29 20.13
CA ASN B 119 63.66 -9.27 19.76
C ASN B 119 62.33 -8.57 19.50
N ARG B 120 61.55 -9.17 18.60
CA ARG B 120 60.22 -8.67 18.25
C ARG B 120 59.20 -9.76 18.54
N THR B 121 58.29 -9.48 19.48
CA THR B 121 57.29 -10.46 19.84
C THR B 121 56.34 -10.70 18.68
N ALA B 122 55.48 -11.72 18.84
CA ALA B 122 54.54 -12.06 17.78
C ALA B 122 53.48 -10.97 17.62
N ASP B 123 52.96 -10.44 18.73
CA ASP B 123 51.95 -9.39 18.65
C ASP B 123 52.51 -8.11 18.04
N GLY B 124 53.77 -7.79 18.34
CA GLY B 124 54.41 -6.60 17.79
C GLY B 124 54.99 -5.69 18.85
N VAL B 125 55.82 -6.23 19.72
CA VAL B 125 56.48 -5.48 20.78
C VAL B 125 57.98 -5.71 20.67
N TRP B 126 58.75 -4.63 20.76
CA TRP B 126 60.20 -4.68 20.62
C TRP B 126 60.83 -4.65 22.01
N ALA B 127 61.65 -5.66 22.30
CA ALA B 127 62.41 -5.73 23.54
C ALA B 127 63.89 -5.88 23.18
N CYS B 128 64.76 -5.68 24.17
CA CYS B 128 66.19 -5.79 23.95
C CYS B 128 66.86 -6.36 25.18
N LYS B 129 67.95 -7.09 24.95
CA LYS B 129 68.71 -7.71 26.04
C LYS B 129 70.17 -7.78 25.64
N SER B 130 71.01 -8.08 26.63
CA SER B 130 72.45 -8.20 26.41
C SER B 130 73.03 -9.12 27.47
N THR B 131 74.29 -9.50 27.26
CA THR B 131 75.00 -10.39 28.16
C THR B 131 76.22 -9.74 28.79
N GLN B 132 76.43 -8.44 28.57
CA GLN B 132 77.57 -7.75 29.14
C GLN B 132 77.34 -7.46 30.62
N ASP B 133 78.37 -6.91 31.26
CA ASP B 133 78.29 -6.59 32.67
C ASP B 133 77.25 -5.47 32.89
N PRO B 134 76.78 -5.31 34.13
CA PRO B 134 75.77 -4.26 34.38
C PRO B 134 76.30 -2.87 34.10
N MET B 135 77.55 -2.57 34.50
CA MET B 135 78.08 -1.23 34.32
C MET B 135 78.40 -0.93 32.86
N PHE B 136 78.57 -1.94 32.02
CA PHE B 136 78.88 -1.74 30.61
C PHE B 136 77.64 -1.79 29.72
N THR B 137 76.51 -2.27 30.22
CA THR B 137 75.30 -2.31 29.42
C THR B 137 74.77 -0.89 29.20
N PRO B 138 74.36 -0.54 27.98
CA PRO B 138 73.83 0.80 27.73
C PRO B 138 72.59 1.08 28.57
N LYS B 139 72.19 2.35 28.57
CA LYS B 139 71.03 2.80 29.34
C LYS B 139 69.73 2.66 28.55
N GLY B 140 69.53 1.48 27.95
CA GLY B 140 68.33 1.22 27.19
C GLY B 140 67.95 -0.25 27.14
N CYS B 141 68.65 -1.08 27.90
CA CYS B 141 68.39 -2.51 27.91
C CYS B 141 68.70 -3.07 29.29
N ASP B 142 68.37 -4.33 29.49
CA ASP B 142 68.59 -5.04 30.75
C ASP B 142 69.79 -5.98 30.59
N ASN B 143 69.87 -6.99 31.45
CA ASN B 143 70.96 -7.95 31.40
C ASN B 143 70.49 -9.32 31.86
N PHE C 1 122.68 12.53 29.75
CA PHE C 1 121.60 13.49 30.16
C PHE C 1 122.22 14.73 30.81
N THR C 2 121.56 15.88 30.62
CA THR C 2 122.00 17.15 31.18
C THR C 2 120.83 17.81 31.89
N LEU C 3 121.09 18.99 32.47
CA LEU C 3 120.05 19.72 33.18
C LEU C 3 119.19 20.54 32.24
N ILE C 4 119.72 20.94 31.08
CA ILE C 4 118.96 21.76 30.15
C ILE C 4 117.73 21.00 29.66
N GLU C 5 117.93 19.76 29.19
CA GLU C 5 116.82 18.97 28.69
C GLU C 5 115.79 18.70 29.77
N LEU C 6 116.24 18.34 30.97
CA LEU C 6 115.31 18.05 32.06
C LEU C 6 114.51 19.28 32.45
N MET C 7 115.16 20.44 32.52
CA MET C 7 114.45 21.67 32.87
C MET C 7 113.45 22.05 31.78
N ILE C 8 113.83 21.88 30.51
CA ILE C 8 112.92 22.19 29.42
C ILE C 8 111.71 21.27 29.46
N VAL C 9 111.94 19.99 29.77
CA VAL C 9 110.82 19.04 29.87
C VAL C 9 109.90 19.43 31.02
N VAL C 10 110.50 19.80 32.17
CA VAL C 10 109.69 20.19 33.31
C VAL C 10 108.87 21.43 32.99
N ALA C 11 109.46 22.38 32.27
CA ALA C 11 108.73 23.59 31.91
C ALA C 11 107.61 23.30 30.93
N ILE C 12 107.86 22.44 29.94
CA ILE C 12 106.82 22.10 28.98
C ILE C 12 105.70 21.34 29.67
N ILE C 13 106.02 20.51 30.68
CA ILE C 13 104.98 19.81 31.41
C ILE C 13 104.06 20.80 32.11
N GLY C 14 104.63 21.78 32.80
CA GLY C 14 103.81 22.79 33.45
C GLY C 14 103.02 23.62 32.45
N ILE C 15 103.61 23.90 31.29
CA ILE C 15 102.90 24.65 30.26
C ILE C 15 101.68 23.87 29.79
N LEU C 16 101.86 22.59 29.46
CA LEU C 16 100.73 21.76 29.05
C LEU C 16 99.70 21.62 30.16
N ALA C 17 100.13 21.62 31.42
CA ALA C 17 99.22 21.52 32.54
C ALA C 17 98.56 22.87 32.81
N ALA C 18 97.91 23.44 31.80
CA ALA C 18 97.24 24.72 31.95
C ALA C 18 96.02 24.86 31.04
N ILE C 19 95.61 23.79 30.35
CA ILE C 19 94.47 23.86 29.46
C ILE C 19 93.20 24.01 30.28
N ALA C 20 92.37 24.98 29.91
CA ALA C 20 91.12 25.22 30.60
C ALA C 20 90.07 24.17 30.19
N ILE C 21 89.03 24.07 31.02
CA ILE C 21 87.94 23.13 30.80
C ILE C 21 86.63 23.87 31.04
N PRO C 22 85.75 23.99 30.06
CA PRO C 22 84.49 24.70 30.27
C PRO C 22 83.44 23.77 30.90
N GLN C 23 82.25 24.31 31.08
CA GLN C 23 81.16 23.54 31.67
C GLN C 23 80.64 22.50 30.70
N TYR C 24 80.07 21.42 31.26
CA TYR C 24 79.54 20.33 30.44
C TYR C 24 78.36 19.64 31.10
N GLN C 25 77.63 20.35 31.97
CA GLN C 25 76.47 19.80 32.65
C GLN C 25 75.16 20.17 31.97
N ASN C 26 75.03 21.42 31.51
CA ASN C 26 73.81 21.83 30.82
C ASN C 26 73.54 20.98 29.59
N TYR C 27 74.59 20.52 28.91
CA TYR C 27 74.40 19.67 27.73
C TYR C 27 73.62 18.42 28.09
N VAL C 28 74.07 17.68 29.11
CA VAL C 28 73.38 16.46 29.50
C VAL C 28 72.01 16.79 30.09
N ALA C 29 71.93 17.88 30.86
CA ALA C 29 70.64 18.25 31.46
C ALA C 29 69.60 18.52 30.38
N ARG C 30 70.01 19.09 29.25
CA ARG C 30 69.08 19.35 28.16
C ARG C 30 68.83 18.10 27.32
N SER C 31 69.85 17.25 27.13
CA SER C 31 69.68 16.03 26.36
C SER C 31 68.70 15.08 27.06
N GLU C 32 68.72 15.05 28.39
CA GLU C 32 67.79 14.19 29.12
C GLU C 32 66.35 14.63 28.87
N GLY C 33 66.09 15.93 28.93
CA GLY C 33 64.74 16.42 28.69
C GLY C 33 64.32 16.27 27.24
N ALA C 34 65.28 16.41 26.30
CA ALA C 34 64.96 16.24 24.89
C ALA C 34 64.57 14.80 24.58
N SER C 35 65.05 13.86 25.38
CA SER C 35 64.70 12.45 25.19
C SER C 35 63.44 12.06 25.95
N ALA C 36 63.23 12.63 27.14
CA ALA C 36 62.05 12.28 27.93
C ALA C 36 60.78 12.59 27.15
N LEU C 37 60.66 13.82 26.64
CA LEU C 37 59.47 14.20 25.88
C LEU C 37 59.35 13.39 24.60
N ALA C 38 60.46 13.21 23.89
CA ALA C 38 60.43 12.43 22.66
C ALA C 38 59.96 11.01 22.91
N THR C 39 60.20 10.48 24.11
CA THR C 39 59.78 9.11 24.43
C THR C 39 58.33 9.06 24.92
N ILE C 40 57.89 10.08 25.67
CA ILE C 40 56.57 10.02 26.30
C ILE C 40 55.51 10.84 25.56
N ASN C 41 55.83 11.37 24.38
CA ASN C 41 54.84 12.10 23.59
C ASN C 41 53.94 11.17 22.79
N PRO C 42 54.48 10.15 22.10
CA PRO C 42 53.65 9.35 21.19
C PRO C 42 52.46 8.68 21.86
N LEU C 43 52.43 8.58 23.19
CA LEU C 43 51.30 7.93 23.85
C LEU C 43 49.99 8.67 23.63
N LYS C 44 50.06 9.96 23.27
CA LYS C 44 48.83 10.71 23.02
C LYS C 44 48.05 10.12 21.85
N THR C 45 48.74 9.59 20.85
CA THR C 45 48.06 8.96 19.72
C THR C 45 47.20 7.79 20.18
N THR C 46 47.80 6.88 20.97
CA THR C 46 47.06 5.73 21.47
C THR C 46 45.93 6.18 22.39
N VAL C 47 46.18 7.20 23.22
CA VAL C 47 45.13 7.69 24.12
C VAL C 47 43.94 8.19 23.32
N GLU C 48 44.19 9.02 22.30
CA GLU C 48 43.11 9.56 21.48
C GLU C 48 42.39 8.44 20.73
N GLU C 49 43.14 7.47 20.22
CA GLU C 49 42.50 6.36 19.51
C GLU C 49 41.57 5.58 20.44
N SER C 50 42.05 5.28 21.65
CA SER C 50 41.22 4.52 22.59
C SER C 50 40.01 5.33 23.04
N LEU C 51 40.15 6.65 23.17
CA LEU C 51 39.04 7.46 23.62
C LEU C 51 38.02 7.72 22.52
N SER C 52 38.45 7.69 21.25
CA SER C 52 37.54 7.93 20.13
C SER C 52 36.93 6.66 19.56
N ARG C 53 37.56 5.50 19.77
CA ARG C 53 37.02 4.26 19.22
C ARG C 53 35.69 3.91 19.88
N GLY C 54 35.70 3.69 21.19
CA GLY C 54 34.49 3.35 21.90
C GLY C 54 34.74 2.99 23.36
N ILE C 55 35.86 2.33 23.62
CA ILE C 55 36.18 1.92 24.99
C ILE C 55 36.36 3.16 25.86
N ALA C 56 35.99 3.03 27.14
CA ALA C 56 36.12 4.13 28.08
C ALA C 56 37.54 4.18 28.64
N GLY C 57 37.79 5.16 29.50
CA GLY C 57 39.09 5.31 30.12
C GLY C 57 39.34 4.29 31.22
N SER C 58 40.28 4.59 32.11
CA SER C 58 40.61 3.70 33.21
C SER C 58 41.30 2.43 32.72
N LYS C 59 40.61 1.67 31.87
CA LYS C 59 41.19 0.43 31.35
C LYS C 59 42.49 0.65 30.59
N ILE C 60 42.73 1.88 30.11
CA ILE C 60 43.96 2.17 29.39
C ILE C 60 45.13 2.10 30.37
N LYS C 61 46.03 1.16 30.16
CA LYS C 61 47.18 0.98 31.03
C LYS C 61 48.47 0.86 30.23
N ILE C 62 49.57 0.51 30.88
CA ILE C 62 50.87 0.37 30.24
C ILE C 62 51.41 -1.02 30.55
N GLY C 63 52.46 -1.40 29.83
CA GLY C 63 53.09 -2.69 29.99
C GLY C 63 53.11 -3.46 28.68
N THR C 64 53.13 -4.80 28.80
CA THR C 64 53.14 -5.69 27.64
C THR C 64 52.34 -6.93 28.02
N THR C 65 51.02 -6.79 27.99
CA THR C 65 50.09 -7.87 28.32
C THR C 65 49.09 -8.10 27.19
N ALA C 66 49.58 -8.02 25.95
CA ALA C 66 48.73 -8.22 24.78
C ALA C 66 47.58 -7.22 24.76
N SER C 67 46.59 -7.44 23.90
CA SER C 67 45.45 -6.55 23.78
C SER C 67 44.23 -7.38 23.41
N THR C 68 43.06 -6.75 23.51
CA THR C 68 41.80 -7.39 23.18
C THR C 68 40.83 -6.33 22.69
N ALA C 69 39.56 -6.71 22.58
CA ALA C 69 38.50 -5.81 22.12
C ALA C 69 37.80 -5.09 23.26
N THR C 70 38.53 -4.73 24.32
CA THR C 70 37.95 -4.03 25.45
C THR C 70 39.00 -3.17 26.15
N GLU C 71 40.17 -3.73 26.40
CA GLU C 71 41.25 -3.04 27.09
C GLU C 71 42.39 -2.76 26.11
N THR C 72 43.12 -1.68 26.37
CA THR C 72 44.25 -1.27 25.55
C THR C 72 45.52 -1.26 26.39
N TYR C 73 46.61 -1.75 25.82
CA TYR C 73 47.90 -1.82 26.50
C TYR C 73 48.98 -1.38 25.51
N VAL C 74 49.43 -0.14 25.65
CA VAL C 74 50.50 0.36 24.78
C VAL C 74 51.77 -0.44 25.03
N GLY C 75 52.47 -0.77 23.95
CA GLY C 75 53.63 -1.64 24.04
C GLY C 75 54.88 -0.98 24.58
N VAL C 76 54.83 -0.55 25.84
CA VAL C 76 56.01 0.01 26.51
C VAL C 76 55.88 -0.26 28.00
N GLU C 77 56.98 -0.69 28.60
CA GLU C 77 56.98 -0.99 30.03
C GLU C 77 57.00 0.32 30.83
N PRO C 78 56.53 0.27 32.09
CA PRO C 78 56.55 1.49 32.91
C PRO C 78 57.95 1.99 33.21
N ASP C 79 58.98 1.17 33.01
CA ASP C 79 60.36 1.55 33.23
C ASP C 79 61.21 1.23 32.01
N ALA C 80 60.62 1.35 30.83
CA ALA C 80 61.37 1.08 29.60
C ALA C 80 62.60 1.98 29.50
N ASN C 81 62.42 3.28 29.68
CA ASN C 81 63.53 4.23 29.67
C ASN C 81 64.15 4.26 31.06
N LYS C 82 65.44 3.94 31.15
CA LYS C 82 66.12 3.88 32.44
C LYS C 82 66.30 5.26 33.07
N LEU C 83 65.95 6.34 32.38
CA LEU C 83 66.10 7.67 32.94
C LEU C 83 65.01 8.00 33.95
N GLY C 84 63.82 7.43 33.79
CA GLY C 84 62.73 7.70 34.69
C GLY C 84 61.63 6.67 34.59
N VAL C 85 60.47 7.02 35.13
CA VAL C 85 59.30 6.15 35.15
C VAL C 85 58.13 6.89 34.52
N ILE C 86 57.27 6.13 33.83
CA ILE C 86 56.10 6.69 33.17
C ILE C 86 54.85 6.24 33.93
N ALA C 87 53.84 7.09 33.94
CA ALA C 87 52.59 6.77 34.63
C ALA C 87 51.42 7.40 33.88
N VAL C 88 50.41 6.58 33.60
CA VAL C 88 49.20 7.03 32.90
C VAL C 88 47.99 6.66 33.76
N ALA C 89 46.97 7.50 33.73
CA ALA C 89 45.75 7.24 34.50
C ALA C 89 44.63 8.12 33.90
N ILE C 90 43.96 7.58 32.90
CA ILE C 90 42.86 8.27 32.24
C ILE C 90 41.58 8.01 33.02
N GLU C 91 40.88 9.09 33.38
CA GLU C 91 39.65 8.97 34.13
C GLU C 91 38.51 8.52 33.22
N ASP C 92 37.39 8.13 33.84
CA ASP C 92 36.24 7.67 33.07
C ASP C 92 35.65 8.78 32.23
N SER C 93 35.81 10.04 32.64
CA SER C 93 35.29 11.18 31.90
C SER C 93 36.21 11.64 30.79
N GLY C 94 37.22 10.86 30.42
CA GLY C 94 38.15 11.20 29.38
C GLY C 94 39.34 12.01 29.83
N ALA C 95 39.15 12.88 30.83
CA ALA C 95 40.25 13.69 31.32
C ALA C 95 41.31 12.83 31.99
N GLY C 96 42.58 13.16 31.75
CA GLY C 96 43.66 12.39 32.33
C GLY C 96 44.97 13.12 32.20
N ASP C 97 46.03 12.44 32.61
CA ASP C 97 47.37 13.02 32.57
C ASP C 97 48.41 11.89 32.48
N ILE C 98 49.33 12.03 31.54
CA ILE C 98 50.46 11.13 31.38
C ILE C 98 51.70 11.86 31.90
N THR C 99 52.35 11.27 32.90
CA THR C 99 53.46 11.91 33.58
C THR C 99 54.72 11.06 33.48
N PHE C 100 55.87 11.74 33.50
CA PHE C 100 57.18 11.11 33.51
C PHE C 100 57.97 11.69 34.67
N THR C 101 58.34 10.83 35.61
CA THR C 101 59.06 11.23 36.82
C THR C 101 60.51 10.73 36.71
N PHE C 102 61.45 11.66 36.81
CA PHE C 102 62.86 11.29 36.72
C PHE C 102 63.31 10.58 37.99
N GLN C 103 64.11 9.53 37.80
CA GLN C 103 64.63 8.76 38.92
C GLN C 103 65.95 9.35 39.41
N THR C 104 66.23 9.15 40.69
CA THR C 104 67.45 9.66 41.29
C THR C 104 68.66 8.76 41.05
N GLY C 105 68.43 7.48 40.80
CA GLY C 105 69.50 6.53 40.59
C GLY C 105 69.94 6.38 39.15
N THR C 106 69.50 7.27 38.26
CA THR C 106 69.88 7.19 36.85
C THR C 106 70.00 8.58 36.24
N SER C 107 69.00 9.43 36.48
CA SER C 107 69.01 10.77 35.91
C SER C 107 70.13 11.60 36.52
N SER C 108 70.33 12.78 35.95
CA SER C 108 71.37 13.69 36.43
C SER C 108 70.94 14.39 37.71
N PRO C 109 71.88 14.97 38.45
CA PRO C 109 71.50 15.65 39.70
C PRO C 109 70.50 16.78 39.49
N LYS C 110 70.69 17.59 38.45
CA LYS C 110 69.78 18.71 38.21
C LYS C 110 68.38 18.21 37.87
N ASN C 111 68.28 17.22 36.98
CA ASN C 111 67.00 16.65 36.57
C ASN C 111 66.54 15.52 37.49
N ALA C 112 66.88 15.58 38.77
CA ALA C 112 66.51 14.55 39.72
C ALA C 112 65.22 14.93 40.42
N THR C 113 64.31 13.95 40.53
CA THR C 113 63.02 14.13 41.20
C THR C 113 62.12 15.13 40.46
N LYS C 114 62.46 15.46 39.22
CA LYS C 114 61.62 16.35 38.41
C LYS C 114 60.57 15.54 37.67
N VAL C 115 59.47 16.21 37.33
CA VAL C 115 58.30 15.56 36.74
C VAL C 115 57.81 16.40 35.57
N ILE C 116 57.61 15.75 34.43
CA ILE C 116 56.94 16.34 33.28
C ILE C 116 55.56 15.71 33.16
N THR C 117 54.61 16.46 32.61
CA THR C 117 53.24 15.98 32.53
C THR C 117 52.56 16.53 31.29
N LEU C 118 51.69 15.70 30.70
CA LEU C 118 50.82 16.09 29.60
C LEU C 118 49.39 15.79 30.02
N ASN C 119 48.58 16.83 30.13
CA ASN C 119 47.21 16.72 30.62
C ASN C 119 46.23 16.90 29.47
N ARG C 120 45.07 16.26 29.60
CA ARG C 120 43.99 16.33 28.63
C ARG C 120 42.74 16.86 29.32
N THR C 121 42.28 18.03 28.89
CA THR C 121 41.11 18.63 29.49
C THR C 121 39.86 17.78 29.22
N ALA C 122 38.76 18.14 29.88
CA ALA C 122 37.52 17.40 29.70
C ALA C 122 36.95 17.61 28.30
N ASP C 123 36.98 18.84 27.80
CA ASP C 123 36.47 19.11 26.46
C ASP C 123 37.29 18.43 25.39
N GLY C 124 38.61 18.36 25.57
CA GLY C 124 39.48 17.70 24.61
C GLY C 124 40.61 18.58 24.13
N VAL C 125 41.37 19.14 25.06
CA VAL C 125 42.51 20.00 24.76
C VAL C 125 43.74 19.44 25.49
N TRP C 126 44.85 19.35 24.76
CA TRP C 126 46.09 18.79 25.29
C TRP C 126 47.01 19.94 25.71
N ALA C 127 47.43 19.93 26.98
CA ALA C 127 48.40 20.86 27.50
C ALA C 127 49.56 20.09 28.11
N CYS C 128 50.66 20.79 28.38
CA CYS C 128 51.85 20.15 28.94
C CYS C 128 52.54 21.10 29.89
N LYS C 129 53.17 20.53 30.91
CA LYS C 129 53.88 21.31 31.91
C LYS C 129 55.05 20.49 32.44
N SER C 130 55.94 21.18 33.16
CA SER C 130 57.12 20.54 33.73
C SER C 130 57.55 21.33 34.96
N THR C 131 58.48 20.74 35.72
CA THR C 131 59.00 21.36 36.93
C THR C 131 60.50 21.63 36.85
N GLN C 132 61.12 21.42 35.70
CA GLN C 132 62.54 21.65 35.54
C GLN C 132 62.83 23.15 35.42
N ASP C 133 64.12 23.48 35.37
CA ASP C 133 64.52 24.88 35.26
C ASP C 133 64.08 25.45 33.90
N PRO C 134 64.03 26.77 33.78
CA PRO C 134 63.60 27.35 32.50
C PRO C 134 64.53 27.00 31.34
N MET C 135 65.84 27.03 31.57
CA MET C 135 66.79 26.77 30.49
C MET C 135 66.83 25.29 30.10
N PHE C 136 66.37 24.39 30.97
CA PHE C 136 66.36 22.96 30.67
C PHE C 136 65.02 22.47 30.15
N THR C 137 63.96 23.27 30.26
CA THR C 137 62.66 22.85 29.76
C THR C 137 62.67 22.87 28.23
N PRO C 138 62.12 21.84 27.58
CA PRO C 138 62.11 21.83 26.11
C PRO C 138 61.32 23.00 25.55
N LYS C 139 61.45 23.19 24.23
CA LYS C 139 60.78 24.28 23.53
C LYS C 139 59.37 23.90 23.09
N GLY C 140 58.60 23.34 24.01
CA GLY C 140 57.23 22.96 23.71
C GLY C 140 56.33 22.95 24.93
N CYS C 141 56.83 23.43 26.07
CA CYS C 141 56.06 23.44 27.30
C CYS C 141 56.47 24.64 28.13
N ASP C 142 55.75 24.87 29.22
CA ASP C 142 55.99 25.96 30.13
C ASP C 142 56.67 25.42 31.40
N ASN C 143 56.57 26.17 32.50
CA ASN C 143 57.16 25.74 33.76
C ASN C 143 56.33 26.26 34.94
N PHE D 1 110.52 10.05 32.67
CA PHE D 1 110.04 10.80 31.48
C PHE D 1 111.21 11.31 30.65
N THR D 2 111.02 11.37 29.32
CA THR D 2 112.04 11.83 28.39
C THR D 2 111.42 12.88 27.48
N LEU D 3 112.25 13.40 26.57
CA LEU D 3 111.78 14.43 25.64
C LEU D 3 111.08 13.82 24.43
N ILE D 4 111.42 12.58 24.07
CA ILE D 4 110.80 11.94 22.90
C ILE D 4 109.31 11.81 23.11
N GLU D 5 108.90 11.24 24.25
CA GLU D 5 107.48 11.04 24.52
C GLU D 5 106.73 12.37 24.57
N LEU D 6 107.31 13.37 25.24
CA LEU D 6 106.64 14.67 25.35
C LEU D 6 106.49 15.32 23.98
N MET D 7 107.53 15.25 23.15
CA MET D 7 107.46 15.86 21.82
C MET D 7 106.44 15.12 20.95
N ILE D 8 106.39 13.79 21.05
CA ILE D 8 105.42 13.04 20.27
C ILE D 8 104.00 13.39 20.71
N VAL D 9 103.79 13.55 22.03
CA VAL D 9 102.48 13.93 22.52
C VAL D 9 102.10 15.32 22.02
N VAL D 10 103.05 16.25 22.06
CA VAL D 10 102.77 17.61 21.59
C VAL D 10 102.43 17.59 20.10
N ALA D 11 103.14 16.77 19.32
CA ALA D 11 102.86 16.71 17.89
C ALA D 11 101.49 16.08 17.62
N ILE D 12 101.14 15.02 18.36
CA ILE D 12 99.85 14.39 18.17
C ILE D 12 98.73 15.34 18.57
N ILE D 13 98.96 16.18 19.59
CA ILE D 13 97.96 17.15 19.99
C ILE D 13 97.69 18.13 18.86
N GLY D 14 98.75 18.67 18.26
CA GLY D 14 98.57 19.57 17.13
C GLY D 14 97.93 18.90 15.94
N ILE D 15 98.26 17.62 15.72
CA ILE D 15 97.65 16.88 14.62
C ILE D 15 96.15 16.76 14.83
N LEU D 16 95.74 16.33 16.03
CA LEU D 16 94.32 16.23 16.34
C LEU D 16 93.63 17.58 16.29
N ALA D 17 94.34 18.66 16.62
CA ALA D 17 93.78 19.99 16.56
C ALA D 17 93.76 20.51 15.13
N ALA D 18 93.14 19.75 14.22
CA ALA D 18 93.07 20.14 12.82
C ALA D 18 91.81 19.64 12.13
N ILE D 19 90.86 19.06 12.88
CA ILE D 19 89.65 18.54 12.27
C ILE D 19 88.78 19.71 11.80
N ALA D 20 88.32 19.64 10.57
CA ALA D 20 87.47 20.68 10.01
C ALA D 20 86.05 20.56 10.55
N ILE D 21 85.28 21.64 10.41
CA ILE D 21 83.90 21.69 10.86
C ILE D 21 83.09 22.35 9.76
N PRO D 22 82.10 21.67 9.17
CA PRO D 22 81.28 22.28 8.12
C PRO D 22 80.17 23.13 8.71
N GLN D 23 79.36 23.70 7.81
CA GLN D 23 78.25 24.55 8.23
C GLN D 23 77.15 23.71 8.87
N TYR D 24 76.36 24.36 9.75
CA TYR D 24 75.28 23.68 10.43
C TYR D 24 74.13 24.64 10.76
N GLN D 25 73.98 25.71 9.99
CA GLN D 25 72.90 26.68 10.19
C GLN D 25 71.71 26.43 9.28
N ASN D 26 71.95 26.06 8.02
CA ASN D 26 70.85 25.80 7.10
C ASN D 26 69.97 24.66 7.61
N TYR D 27 70.56 23.68 8.30
CA TYR D 27 69.78 22.58 8.84
C TYR D 27 68.69 23.09 9.77
N VAL D 28 69.07 23.89 10.76
CA VAL D 28 68.09 24.42 11.71
C VAL D 28 67.15 25.40 11.02
N ALA D 29 67.68 26.22 10.10
CA ALA D 29 66.83 27.17 9.40
C ALA D 29 65.73 26.46 8.62
N ARG D 30 66.02 25.28 8.07
CA ARG D 30 65.02 24.53 7.34
C ARG D 30 64.11 23.74 8.28
N SER D 31 64.65 23.22 9.39
CA SER D 31 63.84 22.49 10.34
C SER D 31 62.78 23.39 10.97
N GLU D 32 63.14 24.66 11.22
CA GLU D 32 62.17 25.59 11.79
C GLU D 32 60.98 25.79 10.84
N GLY D 33 61.27 25.98 9.55
CA GLY D 33 60.19 26.16 8.59
C GLY D 33 59.39 24.89 8.37
N ALA D 34 60.05 23.73 8.44
CA ALA D 34 59.34 22.48 8.26
C ALA D 34 58.37 22.22 9.41
N SER D 35 58.64 22.80 10.58
CA SER D 35 57.77 22.66 11.73
C SER D 35 56.68 23.73 11.76
N ALA D 36 57.01 24.95 11.34
CA ALA D 36 56.02 26.04 11.36
C ALA D 36 54.82 25.69 10.51
N LEU D 37 55.04 25.28 9.26
CA LEU D 37 53.94 24.93 8.38
C LEU D 37 53.20 23.70 8.89
N ALA D 38 53.94 22.68 9.33
CA ALA D 38 53.30 21.49 9.87
C ALA D 38 52.40 21.80 11.05
N THR D 39 52.72 22.85 11.81
CA THR D 39 51.92 23.22 12.96
C THR D 39 50.74 24.11 12.59
N ILE D 40 50.91 25.00 11.60
CA ILE D 40 49.87 25.98 11.28
C ILE D 40 49.07 25.63 10.05
N ASN D 41 49.24 24.42 9.49
CA ASN D 41 48.44 24.00 8.35
C ASN D 41 47.08 23.45 8.77
N PRO D 42 47.01 22.60 9.79
CA PRO D 42 45.73 21.93 10.10
C PRO D 42 44.58 22.89 10.40
N LEU D 43 44.86 24.15 10.69
CA LEU D 43 43.78 25.10 11.00
C LEU D 43 42.84 25.30 9.82
N LYS D 44 43.28 25.00 8.60
CA LYS D 44 42.42 25.15 7.44
C LYS D 44 41.20 24.23 7.53
N THR D 45 41.36 23.04 8.12
CA THR D 45 40.23 22.15 8.28
C THR D 45 39.15 22.79 9.13
N THR D 46 39.54 23.31 10.30
CA THR D 46 38.56 23.96 11.17
C THR D 46 37.96 25.19 10.51
N VAL D 47 38.78 25.96 9.78
CA VAL D 47 38.27 27.15 9.10
C VAL D 47 37.19 26.75 8.09
N GLU D 48 37.47 25.74 7.26
CA GLU D 48 36.51 25.30 6.26
C GLU D 48 35.25 24.75 6.92
N GLU D 49 35.41 23.98 8.01
CA GLU D 49 34.25 23.45 8.71
C GLU D 49 33.37 24.57 9.24
N SER D 50 33.98 25.58 9.86
CA SER D 50 33.20 26.68 10.42
C SER D 50 32.54 27.50 9.32
N LEU D 51 33.20 27.64 8.17
CA LEU D 51 32.63 28.44 7.09
C LEU D 51 31.54 27.69 6.33
N SER D 52 31.59 26.36 6.32
CA SER D 52 30.59 25.57 5.60
C SER D 52 29.42 25.14 6.48
N ARG D 53 29.60 25.10 7.80
CA ARG D 53 28.50 24.68 8.68
C ARG D 53 27.35 25.68 8.64
N GLY D 54 27.62 26.92 9.04
CA GLY D 54 26.59 27.94 9.03
C GLY D 54 27.04 29.24 9.68
N ILE D 55 27.86 29.13 10.73
CA ILE D 55 28.34 30.33 11.42
C ILE D 55 29.19 31.17 10.48
N ALA D 56 29.13 32.48 10.66
CA ALA D 56 29.90 33.40 9.83
C ALA D 56 31.33 33.52 10.37
N GLY D 57 32.14 34.32 9.68
CA GLY D 57 33.51 34.53 10.09
C GLY D 57 33.62 35.46 11.28
N SER D 58 34.81 36.05 11.47
CA SER D 58 35.05 36.97 12.57
C SER D 58 35.05 36.25 13.91
N LYS D 59 33.93 35.59 14.25
CA LYS D 59 33.84 34.88 15.52
C LYS D 59 34.89 33.78 15.65
N ILE D 60 35.44 33.30 14.53
CA ILE D 60 36.47 32.27 14.59
C ILE D 60 37.73 32.86 15.20
N LYS D 61 38.12 32.34 16.37
CA LYS D 61 39.30 32.84 17.07
C LYS D 61 40.20 31.69 17.50
N ILE D 62 41.21 31.98 18.31
CA ILE D 62 42.15 30.98 18.80
C ILE D 62 42.18 31.05 20.33
N GLY D 63 42.80 30.04 20.93
CA GLY D 63 42.91 29.94 22.37
C GLY D 63 42.29 28.66 22.89
N THR D 64 41.84 28.70 24.15
CA THR D 64 41.22 27.55 24.81
C THR D 64 40.12 28.10 25.73
N THR D 65 38.99 28.45 25.13
CA THR D 65 37.85 29.00 25.86
C THR D 65 36.59 28.20 25.54
N ALA D 66 36.73 26.88 25.45
CA ALA D 66 35.59 26.00 25.16
C ALA D 66 34.95 26.37 23.83
N SER D 67 33.77 25.81 23.56
CA SER D 67 33.06 26.09 22.32
C SER D 67 31.56 26.04 22.60
N THR D 68 30.79 26.51 21.62
CA THR D 68 29.34 26.53 21.72
C THR D 68 28.75 26.41 20.33
N ALA D 69 27.45 26.65 20.21
CA ALA D 69 26.74 26.56 18.93
C ALA D 69 26.68 27.88 18.20
N THR D 70 27.74 28.69 18.29
CA THR D 70 27.77 29.99 17.61
C THR D 70 29.20 30.39 17.29
N GLU D 71 30.10 30.26 18.26
CA GLU D 71 31.50 30.62 18.10
C GLU D 71 32.37 29.37 18.10
N THR D 72 33.50 29.45 17.39
CA THR D 72 34.45 28.36 17.29
C THR D 72 35.80 28.79 17.85
N TYR D 73 36.43 27.90 18.60
CA TYR D 73 37.73 28.18 19.22
C TYR D 73 38.60 26.94 19.04
N VAL D 74 39.51 26.99 18.07
CA VAL D 74 40.42 25.87 17.85
C VAL D 74 41.32 25.70 19.07
N GLY D 75 41.54 24.45 19.47
CA GLY D 75 42.26 24.16 20.69
C GLY D 75 43.77 24.33 20.60
N VAL D 76 44.20 25.57 20.37
CA VAL D 76 45.63 25.90 20.36
C VAL D 76 45.80 27.34 20.80
N GLU D 77 46.77 27.58 21.68
CA GLU D 77 47.02 28.93 22.16
C GLU D 77 47.74 29.75 21.09
N PRO D 78 47.62 31.08 21.16
CA PRO D 78 48.31 31.92 20.16
C PRO D 78 49.82 31.81 20.23
N ASP D 79 50.37 31.29 21.33
CA ASP D 79 51.81 31.11 21.49
C ASP D 79 52.12 29.69 21.91
N ALA D 80 51.35 28.73 21.40
CA ALA D 80 51.60 27.32 21.73
C ALA D 80 53.01 26.91 21.32
N ASN D 81 53.39 27.19 20.08
CA ASN D 81 54.73 26.91 19.59
C ASN D 81 55.65 28.06 19.98
N LYS D 82 56.69 27.75 20.76
CA LYS D 82 57.61 28.76 21.24
C LYS D 82 58.45 29.39 20.12
N LEU D 83 58.37 28.87 18.90
CA LEU D 83 59.15 29.43 17.80
C LEU D 83 58.56 30.73 17.27
N GLY D 84 57.26 30.90 17.36
CA GLY D 84 56.62 32.10 16.86
C GLY D 84 55.22 32.26 17.41
N VAL D 85 54.46 33.14 16.76
CA VAL D 85 53.09 33.47 17.16
C VAL D 85 52.17 33.25 15.97
N ILE D 86 50.95 32.79 16.26
CA ILE D 86 49.94 32.54 15.24
C ILE D 86 48.87 33.61 15.34
N ALA D 87 48.28 33.95 14.19
CA ALA D 87 47.23 34.96 14.15
C ALA D 87 46.23 34.62 13.05
N VAL D 88 44.95 34.60 13.40
CA VAL D 88 43.87 34.32 12.47
C VAL D 88 42.87 35.47 12.52
N ALA D 89 42.27 35.78 11.37
CA ALA D 89 41.29 36.86 11.30
C ALA D 89 40.47 36.65 10.02
N ILE D 90 39.42 35.87 10.12
CA ILE D 90 38.53 35.59 9.00
C ILE D 90 37.49 36.69 8.90
N GLU D 91 37.37 37.30 7.72
CA GLU D 91 36.41 38.37 7.51
C GLU D 91 35.01 37.81 7.39
N ASP D 92 34.03 38.71 7.45
CA ASP D 92 32.63 38.30 7.36
C ASP D 92 32.31 37.71 5.98
N SER D 93 33.03 38.11 4.95
CA SER D 93 32.82 37.62 3.60
C SER D 93 33.52 36.30 3.32
N GLY D 94 34.03 35.62 4.35
CA GLY D 94 34.72 34.37 4.20
C GLY D 94 36.20 34.50 3.93
N ALA D 95 36.62 35.53 3.22
CA ALA D 95 38.04 35.71 2.93
C ALA D 95 38.82 36.00 4.20
N GLY D 96 40.00 35.43 4.31
CA GLY D 96 40.83 35.63 5.48
C GLY D 96 42.23 35.15 5.25
N ASP D 97 43.03 35.20 6.31
CA ASP D 97 44.43 34.80 6.25
C ASP D 97 44.90 34.37 7.62
N ILE D 98 45.54 33.20 7.67
CA ILE D 98 46.16 32.67 8.88
C ILE D 98 47.66 32.84 8.73
N THR D 99 48.28 33.58 9.66
CA THR D 99 49.69 33.93 9.55
C THR D 99 50.46 33.44 10.77
N PHE D 100 51.73 33.15 10.54
CA PHE D 100 52.67 32.74 11.58
C PHE D 100 53.88 33.65 11.50
N THR D 101 54.13 34.40 12.57
CA THR D 101 55.24 35.35 12.64
C THR D 101 56.29 34.81 13.58
N PHE D 102 57.52 34.67 13.08
CA PHE D 102 58.60 34.15 13.89
C PHE D 102 59.05 35.20 14.90
N GLN D 103 59.33 34.74 16.12
CA GLN D 103 59.78 35.62 17.19
C GLN D 103 61.30 35.73 17.18
N THR D 104 61.80 36.87 17.66
CA THR D 104 63.24 37.10 17.70
C THR D 104 63.90 36.48 18.92
N GLY D 105 63.16 36.26 20.00
CA GLY D 105 63.69 35.69 21.22
C GLY D 105 63.67 34.18 21.28
N THR D 106 63.37 33.49 20.18
CA THR D 106 63.33 32.04 20.17
C THR D 106 63.80 31.48 18.83
N SER D 107 63.30 32.04 17.73
CA SER D 107 63.67 31.56 16.41
C SER D 107 65.14 31.86 16.12
N SER D 108 65.63 31.31 15.02
CA SER D 108 67.01 31.49 14.62
C SER D 108 67.21 32.88 14.02
N PRO D 109 68.47 33.34 13.93
CA PRO D 109 68.71 34.67 13.35
C PRO D 109 68.20 34.82 11.93
N LYS D 110 68.40 33.80 11.08
CA LYS D 110 67.95 33.89 9.70
C LYS D 110 66.44 33.95 9.61
N ASN D 111 65.75 33.09 10.36
CA ASN D 111 64.29 33.05 10.37
C ASN D 111 63.68 34.00 11.40
N ALA D 112 64.34 35.13 11.66
CA ALA D 112 63.85 36.10 12.62
C ALA D 112 63.02 37.17 11.93
N THR D 113 61.88 37.50 12.52
CA THR D 113 60.97 38.51 12.00
C THR D 113 60.36 38.12 10.65
N LYS D 114 60.46 36.85 10.28
CA LYS D 114 59.85 36.37 9.05
C LYS D 114 58.42 35.92 9.31
N VAL D 115 57.61 35.96 8.25
CA VAL D 115 56.18 35.70 8.34
C VAL D 115 55.76 34.77 7.23
N ILE D 116 55.04 33.70 7.59
CA ILE D 116 54.39 32.83 6.63
C ILE D 116 52.89 33.09 6.71
N THR D 117 52.19 32.88 5.60
CA THR D 117 50.77 33.19 5.55
C THR D 117 50.05 32.22 4.62
N LEU D 118 48.82 31.87 5.00
CA LEU D 118 47.91 31.09 4.16
C LEU D 118 46.64 31.90 4.00
N ASN D 119 46.33 32.29 2.77
CA ASN D 119 45.20 33.15 2.45
C ASN D 119 44.09 32.36 1.77
N ARG D 120 42.86 32.79 1.99
CA ARG D 120 41.67 32.17 1.39
C ARG D 120 40.94 33.22 0.57
N THR D 121 40.87 33.01 -0.74
CA THR D 121 40.21 33.95 -1.61
C THR D 121 38.70 34.01 -1.30
N ALA D 122 38.03 34.98 -1.92
CA ALA D 122 36.60 35.14 -1.70
C ALA D 122 35.82 33.97 -2.30
N ASP D 123 36.19 33.54 -3.51
CA ASP D 123 35.49 32.44 -4.14
C ASP D 123 35.69 31.13 -3.38
N GLY D 124 36.88 30.93 -2.83
CA GLY D 124 37.16 29.72 -2.06
C GLY D 124 38.38 28.97 -2.55
N VAL D 125 39.51 29.67 -2.66
CA VAL D 125 40.77 29.08 -3.10
C VAL D 125 41.83 29.39 -2.04
N TRP D 126 42.60 28.38 -1.68
CA TRP D 126 43.63 28.49 -0.65
C TRP D 126 44.99 28.67 -1.31
N ALA D 127 45.67 29.76 -0.97
CA ALA D 127 47.03 30.01 -1.43
C ALA D 127 47.92 30.22 -0.20
N CYS D 128 49.23 30.19 -0.43
CA CYS D 128 50.18 30.34 0.67
C CYS D 128 51.41 31.10 0.17
N LYS D 129 52.02 31.87 1.08
CA LYS D 129 53.20 32.65 0.76
C LYS D 129 54.07 32.76 2.00
N SER D 130 55.30 33.23 1.79
CA SER D 130 56.25 33.40 2.88
C SER D 130 57.25 34.48 2.49
N THR D 131 58.04 34.91 3.47
CA THR D 131 59.04 35.94 3.27
C THR D 131 60.47 35.44 3.54
N GLN D 132 60.64 34.14 3.77
CA GLN D 132 61.96 33.59 4.03
C GLN D 132 62.75 33.46 2.73
N ASP D 133 64.01 33.05 2.86
CA ASP D 133 64.87 32.89 1.70
C ASP D 133 64.35 31.75 0.82
N PRO D 134 64.78 31.71 -0.45
CA PRO D 134 64.29 30.63 -1.33
C PRO D 134 64.69 29.24 -0.85
N MET D 135 65.93 29.08 -0.38
CA MET D 135 66.39 27.76 0.03
C MET D 135 65.76 27.30 1.34
N PHE D 136 65.24 28.23 2.14
CA PHE D 136 64.61 27.88 3.42
C PHE D 136 63.10 27.76 3.32
N THR D 137 62.49 28.22 2.23
CA THR D 137 61.05 28.09 2.09
C THR D 137 60.67 26.62 1.85
N PRO D 138 59.63 26.12 2.50
CA PRO D 138 59.23 24.72 2.28
C PRO D 138 58.84 24.46 0.84
N LYS D 139 58.68 23.18 0.52
CA LYS D 139 58.34 22.76 -0.84
C LYS D 139 56.82 22.73 -1.04
N GLY D 140 56.16 23.82 -0.66
CA GLY D 140 54.72 23.91 -0.83
C GLY D 140 54.22 25.34 -0.95
N CYS D 141 55.13 26.30 -1.05
CA CYS D 141 54.77 27.70 -1.15
C CYS D 141 55.81 28.42 -1.99
N ASP D 142 55.52 29.69 -2.28
CA ASP D 142 56.39 30.54 -3.07
C ASP D 142 57.10 31.53 -2.14
N ASN D 143 57.58 32.63 -2.70
CA ASN D 143 58.27 33.66 -1.92
C ASN D 143 58.03 35.04 -2.50
N PHE E 1 99.56 16.28 31.11
CA PHE E 1 99.11 15.31 30.07
C PHE E 1 100.13 14.19 29.89
N THR E 2 99.65 13.00 29.56
CA THR E 2 100.48 11.83 29.35
C THR E 2 100.10 11.17 28.03
N LEU E 3 100.82 10.09 27.70
CA LEU E 3 100.54 9.38 26.44
C LEU E 3 99.39 8.42 26.59
N ILE E 4 99.12 7.92 27.80
CA ILE E 4 98.04 6.95 27.98
C ILE E 4 96.70 7.58 27.61
N GLU E 5 96.42 8.77 28.17
CA GLU E 5 95.14 9.43 27.89
C GLU E 5 95.00 9.75 26.41
N LEU E 6 96.07 10.27 25.80
CA LEU E 6 95.99 10.62 24.38
C LEU E 6 95.76 9.40 23.51
N MET E 7 96.45 8.30 23.81
CA MET E 7 96.27 7.08 23.02
C MET E 7 94.86 6.51 23.22
N ILE E 8 94.35 6.56 24.45
CA ILE E 8 92.99 6.07 24.69
C ILE E 8 91.97 6.92 23.93
N VAL E 9 92.19 8.23 23.90
CA VAL E 9 91.28 9.12 23.17
C VAL E 9 91.34 8.81 21.68
N VAL E 10 92.56 8.61 21.15
CA VAL E 10 92.71 8.30 19.74
C VAL E 10 92.02 6.99 19.40
N ALA E 11 92.14 6.00 20.29
CA ALA E 11 91.50 4.71 20.04
C ALA E 11 89.98 4.82 20.10
N ILE E 12 89.45 5.58 21.06
CA ILE E 12 88.01 5.75 21.16
C ILE E 12 87.48 6.51 19.96
N ILE E 13 88.26 7.45 19.43
CA ILE E 13 87.84 8.18 18.22
C ILE E 13 87.68 7.22 17.06
N GLY E 14 88.68 6.36 16.84
CA GLY E 14 88.58 5.37 15.77
C GLY E 14 87.44 4.39 16.00
N ILE E 15 87.20 4.03 17.26
CA ILE E 15 86.09 3.12 17.56
C ILE E 15 84.77 3.76 17.17
N LEU E 16 84.55 5.01 17.61
CA LEU E 16 83.32 5.71 17.26
C LEU E 16 83.20 5.92 15.76
N ALA E 17 84.33 6.09 15.07
CA ALA E 17 84.31 6.25 13.62
C ALA E 17 84.14 4.91 12.92
N ALA E 18 83.07 4.19 13.26
CA ALA E 18 82.80 2.89 12.66
C ALA E 18 81.31 2.58 12.59
N ILE E 19 80.44 3.54 12.90
CA ILE E 19 79.01 3.30 12.86
C ILE E 19 78.56 3.16 11.42
N ALA E 20 77.80 2.11 11.14
CA ALA E 20 77.30 1.88 9.79
C ALA E 20 76.12 2.80 9.48
N ILE E 21 75.83 2.94 8.19
CA ILE E 21 74.73 3.78 7.72
C ILE E 21 73.96 3.00 6.66
N PRO E 22 72.68 2.69 6.86
CA PRO E 22 71.92 1.95 5.85
C PRO E 22 71.41 2.88 4.76
N GLN E 23 70.66 2.29 3.82
CA GLN E 23 70.11 3.06 2.71
C GLN E 23 68.97 3.95 3.19
N TYR E 24 68.75 5.04 2.45
CA TYR E 24 67.70 5.99 2.80
C TYR E 24 67.12 6.68 1.57
N GLN E 25 67.20 6.05 0.40
CA GLN E 25 66.66 6.59 -0.84
C GLN E 25 65.27 6.07 -1.16
N ASN E 26 65.03 4.76 -0.94
CA ASN E 26 63.71 4.21 -1.21
C ASN E 26 62.63 4.89 -0.39
N TYR E 27 62.96 5.34 0.82
CA TYR E 27 61.98 6.03 1.65
C TYR E 27 61.45 7.27 0.95
N VAL E 28 62.35 8.13 0.47
CA VAL E 28 61.91 9.36 -0.21
C VAL E 28 61.27 9.02 -1.55
N ALA E 29 61.82 8.02 -2.25
CA ALA E 29 61.25 7.63 -3.54
C ALA E 29 59.79 7.18 -3.39
N ARG E 30 59.48 6.51 -2.28
CA ARG E 30 58.10 6.09 -2.04
C ARG E 30 57.24 7.21 -1.50
N SER E 31 57.81 8.09 -0.66
CA SER E 31 57.05 9.20 -0.12
C SER E 31 56.62 10.15 -1.23
N GLU E 32 57.46 10.35 -2.23
CA GLU E 32 57.10 11.22 -3.35
C GLU E 32 55.89 10.67 -4.10
N GLY E 33 55.88 9.37 -4.36
CA GLY E 33 54.75 8.77 -5.06
C GLY E 33 53.49 8.74 -4.20
N ALA E 34 53.67 8.54 -2.89
CA ALA E 34 52.52 8.54 -2.00
C ALA E 34 51.85 9.90 -1.92
N SER E 35 52.61 10.97 -2.19
CA SER E 35 52.06 12.32 -2.19
C SER E 35 51.51 12.72 -3.56
N ALA E 36 52.17 12.27 -4.64
CA ALA E 36 51.71 12.63 -5.98
C ALA E 36 50.27 12.16 -6.21
N LEU E 37 50.01 10.87 -5.93
CA LEU E 37 48.66 10.34 -6.14
C LEU E 37 47.67 10.99 -5.18
N ALA E 38 48.06 11.15 -3.92
CA ALA E 38 47.17 11.79 -2.96
C ALA E 38 46.79 13.20 -3.38
N THR E 39 47.67 13.88 -4.12
CA THR E 39 47.39 15.24 -4.58
C THR E 39 46.57 15.26 -5.87
N ILE E 40 46.83 14.31 -6.79
CA ILE E 40 46.19 14.36 -8.10
C ILE E 40 45.02 13.39 -8.24
N ASN E 41 44.58 12.76 -7.15
CA ASN E 41 43.41 11.88 -7.21
C ASN E 41 42.10 12.66 -7.12
N PRO E 42 41.98 13.63 -6.19
CA PRO E 42 40.67 14.27 -5.98
C PRO E 42 40.09 14.93 -7.22
N LEU E 43 40.89 15.18 -8.26
CA LEU E 43 40.36 15.84 -9.46
C LEU E 43 39.30 14.99 -10.16
N LYS E 44 39.27 13.68 -9.90
CA LYS E 44 38.27 12.83 -10.52
C LYS E 44 36.86 13.23 -10.08
N THR E 45 36.70 13.70 -8.84
CA THR E 45 35.39 14.14 -8.38
C THR E 45 34.88 15.31 -9.22
N THR E 46 35.73 16.33 -9.40
CA THR E 46 35.34 17.48 -10.21
C THR E 46 35.10 17.07 -11.65
N VAL E 47 35.93 16.17 -12.19
CA VAL E 47 35.74 15.73 -13.56
C VAL E 47 34.39 15.06 -13.73
N GLU E 48 34.04 14.14 -12.82
CA GLU E 48 32.76 13.45 -12.91
C GLU E 48 31.61 14.43 -12.74
N GLU E 49 31.74 15.37 -11.81
CA GLU E 49 30.68 16.36 -11.62
C GLU E 49 30.45 17.18 -12.88
N SER E 50 31.53 17.64 -13.50
CA SER E 50 31.40 18.45 -14.72
C SER E 50 30.85 17.64 -15.88
N LEU E 51 31.19 16.35 -15.94
CA LEU E 51 30.71 15.52 -17.05
C LEU E 51 29.27 15.07 -16.85
N SER E 52 28.80 15.00 -15.60
CA SER E 52 27.44 14.57 -15.33
C SER E 52 26.45 15.72 -15.22
N ARG E 53 26.93 16.94 -14.91
CA ARG E 53 26.02 18.08 -14.77
C ARG E 53 25.37 18.41 -16.11
N GLY E 54 26.18 18.78 -17.10
CA GLY E 54 25.65 19.13 -18.41
C GLY E 54 26.71 19.67 -19.35
N ILE E 55 27.67 20.41 -18.81
CA ILE E 55 28.71 21.00 -19.64
C ILE E 55 29.56 19.89 -20.25
N ALA E 56 30.04 20.13 -21.47
CA ALA E 56 30.86 19.16 -22.17
C ALA E 56 32.32 19.26 -21.70
N GLY E 57 33.17 18.40 -22.26
CA GLY E 57 34.57 18.39 -21.91
C GLY E 57 35.33 19.54 -22.55
N SER E 58 36.66 19.40 -22.65
CA SER E 58 37.49 20.43 -23.24
C SER E 58 37.57 21.67 -22.38
N LYS E 59 36.40 22.29 -22.12
CA LYS E 59 36.38 23.51 -21.30
C LYS E 59 36.93 23.28 -19.89
N ILE E 60 36.96 22.03 -19.43
CA ILE E 60 37.50 21.73 -18.10
C ILE E 60 38.99 21.97 -18.11
N LYS E 61 39.45 22.94 -17.32
CA LYS E 61 40.86 23.29 -17.26
C LYS E 61 41.33 23.39 -15.82
N ILE E 62 42.55 23.87 -15.62
CA ILE E 62 43.13 24.03 -14.29
C ILE E 62 43.57 25.48 -14.11
N GLY E 63 43.89 25.82 -12.87
CA GLY E 63 44.33 27.16 -12.53
C GLY E 63 43.43 27.78 -11.47
N THR E 64 43.36 29.12 -11.48
CA THR E 64 42.53 29.87 -10.54
C THR E 64 42.00 31.10 -11.28
N THR E 65 40.99 30.88 -12.10
CA THR E 65 40.35 31.93 -12.90
C THR E 65 38.85 31.97 -12.65
N ALA E 66 38.45 31.78 -11.38
CA ALA E 66 37.03 31.80 -11.01
C ALA E 66 36.26 30.73 -11.78
N SER E 67 34.93 30.79 -11.72
CA SER E 67 34.09 29.83 -12.41
C SER E 67 32.81 30.53 -12.85
N THR E 68 32.05 29.84 -13.71
CA THR E 68 30.80 30.37 -14.22
C THR E 68 29.88 29.20 -14.52
N ALA E 69 28.78 29.49 -15.22
CA ALA E 69 27.78 28.47 -15.58
C ALA E 69 28.05 27.85 -16.94
N THR E 70 29.32 27.65 -17.29
CA THR E 70 29.66 27.06 -18.59
C THR E 70 31.00 26.35 -18.50
N GLU E 71 32.00 27.01 -17.92
CA GLU E 71 33.34 26.47 -17.79
C GLU E 71 33.65 26.15 -16.33
N THR E 72 34.49 25.15 -16.12
CA THR E 72 34.89 24.72 -14.79
C THR E 72 36.41 24.88 -14.64
N TYR E 73 36.83 25.37 -13.48
CA TYR E 73 38.24 25.59 -13.18
C TYR E 73 38.51 25.12 -11.75
N VAL E 74 39.08 23.92 -11.63
CA VAL E 74 39.41 23.39 -10.31
C VAL E 74 40.46 24.29 -9.66
N GLY E 75 40.29 24.55 -8.36
CA GLY E 75 41.12 25.49 -7.65
C GLY E 75 42.51 24.97 -7.31
N VAL E 76 43.32 24.68 -8.33
CA VAL E 76 44.70 24.27 -8.12
C VAL E 76 45.51 24.71 -9.34
N GLU E 77 46.69 25.26 -9.09
CA GLU E 77 47.54 25.72 -10.17
C GLU E 77 48.22 24.53 -10.85
N PRO E 78 48.63 24.68 -12.11
CA PRO E 78 49.32 23.56 -12.79
C PRO E 78 50.64 23.18 -12.16
N ASP E 79 51.21 24.04 -11.31
CA ASP E 79 52.46 23.77 -10.62
C ASP E 79 52.31 24.02 -9.12
N ALA E 80 51.13 23.71 -8.58
CA ALA E 80 50.90 23.88 -7.15
C ALA E 80 51.89 23.06 -6.34
N ASN E 81 52.01 21.78 -6.66
CA ASN E 81 52.98 20.91 -6.00
C ASN E 81 54.34 21.07 -6.67
N LYS E 82 55.34 21.49 -5.91
CA LYS E 82 56.67 21.72 -6.46
C LYS E 82 57.37 20.44 -6.90
N LEU E 83 56.79 19.27 -6.64
CA LEU E 83 57.42 18.02 -7.05
C LEU E 83 57.25 17.74 -8.54
N GLY E 84 56.17 18.21 -9.14
CA GLY E 84 55.93 17.99 -10.54
C GLY E 84 54.89 18.93 -11.10
N VAL E 85 54.38 18.56 -12.28
CA VAL E 85 53.39 19.36 -12.99
C VAL E 85 52.18 18.49 -13.30
N ILE E 86 51.00 19.10 -13.26
CA ILE E 86 49.75 18.41 -13.53
C ILE E 86 49.21 18.87 -14.88
N ALA E 87 48.53 17.95 -15.58
CA ALA E 87 47.97 18.27 -16.89
C ALA E 87 46.68 17.50 -17.08
N VAL E 88 45.62 18.21 -17.47
CA VAL E 88 44.31 17.63 -17.73
C VAL E 88 43.87 18.01 -19.13
N ALA E 89 43.16 17.11 -19.81
CA ALA E 89 42.68 17.37 -21.16
C ALA E 89 41.55 16.38 -21.44
N ILE E 90 40.33 16.76 -21.08
CA ILE E 90 39.15 15.93 -21.30
C ILE E 90 38.62 16.19 -22.69
N GLU E 91 38.45 15.12 -23.47
CA GLU E 91 37.95 15.26 -24.83
C GLU E 91 36.45 15.53 -24.83
N ASP E 92 35.93 15.92 -26.00
CA ASP E 92 34.51 16.22 -26.12
C ASP E 92 33.66 14.98 -25.90
N SER E 93 34.20 13.79 -26.17
CA SER E 93 33.46 12.54 -25.99
C SER E 93 33.53 12.01 -24.57
N GLY E 94 33.99 12.82 -23.61
CA GLY E 94 34.07 12.41 -22.23
C GLY E 94 35.38 11.73 -21.86
N ALA E 95 35.97 10.97 -22.79
CA ALA E 95 37.21 10.29 -22.51
C ALA E 95 38.35 11.28 -22.31
N GLY E 96 39.21 11.01 -21.35
CA GLY E 96 40.32 11.90 -21.06
C GLY E 96 41.33 11.25 -20.15
N ASP E 97 42.33 12.03 -19.77
CA ASP E 97 43.40 11.54 -18.92
C ASP E 97 44.01 12.70 -18.14
N ILE E 98 44.14 12.51 -16.83
CA ILE E 98 44.82 13.46 -15.95
C ILE E 98 46.18 12.88 -15.59
N THR E 99 47.24 13.61 -15.92
CA THR E 99 48.59 13.11 -15.77
C THR E 99 49.41 14.03 -14.87
N PHE E 100 50.37 13.43 -14.18
CA PHE E 100 51.32 14.13 -13.32
C PHE E 100 52.72 13.73 -13.75
N THR E 101 53.50 14.72 -14.19
CA THR E 101 54.85 14.51 -14.68
C THR E 101 55.84 15.07 -13.66
N PHE E 102 56.74 14.22 -13.17
CA PHE E 102 57.72 14.66 -12.19
C PHE E 102 58.78 15.53 -12.85
N GLN E 103 59.16 16.60 -12.15
CA GLN E 103 60.17 17.53 -12.65
C GLN E 103 61.56 17.08 -12.22
N THR E 104 62.56 17.44 -13.02
CA THR E 104 63.93 17.06 -12.72
C THR E 104 64.60 18.01 -11.73
N GLY E 105 64.12 19.24 -11.62
CA GLY E 105 64.69 20.23 -10.73
C GLY E 105 64.12 20.23 -9.33
N THR E 106 63.32 19.23 -8.97
CA THR E 106 62.72 19.17 -7.64
C THR E 106 62.59 17.73 -7.16
N SER E 107 62.07 16.85 -8.02
CA SER E 107 61.89 15.46 -7.65
C SER E 107 63.24 14.77 -7.45
N SER E 108 63.18 13.54 -6.93
CA SER E 108 64.38 12.77 -6.68
C SER E 108 64.93 12.20 -7.99
N PRO E 109 66.20 11.76 -7.98
CA PRO E 109 66.76 11.20 -9.22
C PRO E 109 66.00 10.00 -9.75
N LYS E 110 65.58 9.08 -8.86
CA LYS E 110 64.87 7.90 -9.31
C LYS E 110 63.51 8.26 -9.92
N ASN E 111 62.77 9.14 -9.25
CA ASN E 111 61.46 9.57 -9.72
C ASN E 111 61.55 10.78 -10.66
N ALA E 112 62.62 10.88 -11.43
CA ALA E 112 62.80 11.99 -12.35
C ALA E 112 62.29 11.61 -13.74
N THR E 113 61.55 12.54 -14.35
CA THR E 113 60.99 12.36 -15.68
C THR E 113 59.96 11.24 -15.74
N LYS E 114 59.48 10.78 -14.59
CA LYS E 114 58.43 9.76 -14.54
C LYS E 114 57.06 10.41 -14.60
N VAL E 115 56.08 9.64 -15.07
CA VAL E 115 54.74 10.15 -15.33
C VAL E 115 53.72 9.15 -14.76
N ILE E 116 52.77 9.67 -13.99
CA ILE E 116 51.61 8.90 -13.54
C ILE E 116 50.40 9.42 -14.30
N THR E 117 49.41 8.56 -14.51
CA THR E 117 48.25 8.95 -15.31
C THR E 117 47.01 8.23 -14.80
N LEU E 118 45.88 8.93 -14.86
CA LEU E 118 44.57 8.35 -14.59
C LEU E 118 43.69 8.62 -15.81
N ASN E 119 43.26 7.55 -16.46
CA ASN E 119 42.50 7.62 -17.70
C ASN E 119 41.04 7.26 -17.45
N ARG E 120 40.15 7.85 -18.25
CA ARG E 120 38.72 7.60 -18.19
C ARG E 120 38.26 7.07 -19.54
N THR E 121 37.78 5.84 -19.56
CA THR E 121 37.31 5.24 -20.81
C THR E 121 36.08 5.97 -21.33
N ALA E 122 35.70 5.63 -22.56
CA ALA E 122 34.53 6.26 -23.18
C ALA E 122 33.25 5.86 -22.46
N ASP E 123 33.10 4.58 -22.12
CA ASP E 123 31.90 4.13 -21.44
C ASP E 123 31.78 4.75 -20.05
N GLY E 124 32.91 4.91 -19.36
CA GLY E 124 32.89 5.51 -18.03
C GLY E 124 33.57 4.65 -16.98
N VAL E 125 34.81 4.24 -17.25
CA VAL E 125 35.60 3.43 -16.33
C VAL E 125 36.92 4.14 -16.09
N TRP E 126 37.32 4.21 -14.82
CA TRP E 126 38.54 4.89 -14.41
C TRP E 126 39.65 3.88 -14.20
N ALA E 127 40.76 4.06 -14.92
CA ALA E 127 41.95 3.23 -14.74
C ALA E 127 43.13 4.15 -14.44
N CYS E 128 44.23 3.55 -13.97
CA CYS E 128 45.42 4.32 -13.63
C CYS E 128 46.66 3.52 -13.97
N LYS E 129 47.72 4.25 -14.33
CA LYS E 129 48.99 3.64 -14.69
C LYS E 129 50.13 4.57 -14.30
N SER E 130 51.34 4.03 -14.33
CA SER E 130 52.53 4.80 -14.00
C SER E 130 53.73 4.19 -14.70
N THR E 131 54.85 4.91 -14.67
CA THR E 131 56.08 4.47 -15.31
C THR E 131 57.22 4.28 -14.30
N GLN E 132 56.94 4.40 -13.01
CA GLN E 132 57.98 4.23 -11.99
C GLN E 132 58.29 2.75 -11.79
N ASP E 133 59.30 2.49 -10.96
CA ASP E 133 59.70 1.13 -10.68
C ASP E 133 58.59 0.38 -9.94
N PRO E 134 58.62 -0.95 -9.94
CA PRO E 134 57.56 -1.70 -9.26
C PRO E 134 57.51 -1.43 -7.76
N MET E 135 58.67 -1.35 -7.10
CA MET E 135 58.69 -1.15 -5.66
C MET E 135 58.28 0.26 -5.26
N PHE E 136 58.38 1.23 -6.18
CA PHE E 136 58.01 2.61 -5.88
C PHE E 136 56.60 2.95 -6.31
N THR E 137 55.95 2.12 -7.11
CA THR E 137 54.58 2.39 -7.52
C THR E 137 53.63 2.20 -6.34
N PRO E 138 52.67 3.11 -6.14
CA PRO E 138 51.75 2.95 -5.01
C PRO E 138 50.92 1.69 -5.14
N LYS E 139 50.22 1.36 -4.05
CA LYS E 139 49.40 0.15 -3.99
C LYS E 139 48.00 0.40 -4.52
N GLY E 140 47.91 1.01 -5.70
CA GLY E 140 46.62 1.27 -6.32
C GLY E 140 46.68 1.37 -7.83
N CYS E 141 47.84 1.05 -8.41
CA CYS E 141 48.02 1.13 -9.85
C CYS E 141 49.01 0.05 -10.29
N ASP E 142 49.15 -0.09 -11.60
CA ASP E 142 50.06 -1.06 -12.20
C ASP E 142 51.29 -0.33 -12.73
N ASN E 143 52.01 -0.96 -13.66
CA ASN E 143 53.20 -0.36 -14.24
C ASN E 143 53.36 -0.79 -15.70
N PHE F 1 91.71 18.29 21.31
CA PHE F 1 90.68 17.38 21.88
C PHE F 1 91.12 16.86 23.24
N THR F 2 90.15 16.63 24.13
CA THR F 2 90.41 16.12 25.48
C THR F 2 89.48 14.94 25.74
N LEU F 3 89.61 14.36 26.94
CA LEU F 3 88.79 13.21 27.31
C LEU F 3 87.43 13.63 27.82
N ILE F 4 87.31 14.85 28.37
CA ILE F 4 86.03 15.30 28.91
C ILE F 4 84.98 15.37 27.81
N GLU F 5 85.33 16.03 26.70
CA GLU F 5 84.37 16.18 25.60
C GLU F 5 83.99 14.82 25.02
N LEU F 6 84.97 13.94 24.82
CA LEU F 6 84.68 12.63 24.25
C LEU F 6 83.79 11.81 25.17
N MET F 7 84.06 11.84 26.48
CA MET F 7 83.24 11.09 27.41
C MET F 7 81.83 11.65 27.48
N ILE F 8 81.69 12.98 27.43
CA ILE F 8 80.37 13.59 27.46
C ILE F 8 79.59 13.21 26.20
N VAL F 9 80.28 13.18 25.05
CA VAL F 9 79.62 12.79 23.81
C VAL F 9 79.18 11.33 23.88
N VAL F 10 80.05 10.46 24.41
CA VAL F 10 79.70 9.04 24.53
C VAL F 10 78.51 8.86 25.45
N ALA F 11 78.46 9.63 26.55
CA ALA F 11 77.34 9.53 27.47
C ALA F 11 76.05 10.02 26.85
N ILE F 12 76.11 11.13 26.12
CA ILE F 12 74.91 11.66 25.47
C ILE F 12 74.43 10.70 24.39
N ILE F 13 75.35 10.01 23.71
CA ILE F 13 74.94 9.03 22.71
C ILE F 13 74.14 7.91 23.37
N GLY F 14 74.64 7.37 24.47
CA GLY F 14 73.91 6.33 25.18
C GLY F 14 72.58 6.83 25.72
N ILE F 15 72.55 8.08 26.18
CA ILE F 15 71.31 8.66 26.67
C ILE F 15 70.26 8.71 25.56
N LEU F 16 70.65 9.25 24.40
CA LEU F 16 69.74 9.30 23.26
C LEU F 16 69.34 7.91 22.80
N ALA F 17 70.22 6.93 22.93
CA ALA F 17 69.90 5.56 22.55
C ALA F 17 69.07 4.88 23.62
N ALA F 18 67.93 5.49 23.96
CA ALA F 18 67.04 4.94 24.98
C ALA F 18 65.58 5.28 24.73
N ILE F 19 65.25 5.89 23.59
CA ILE F 19 63.87 6.25 23.31
C ILE F 19 63.05 4.99 23.05
N ALA F 20 61.91 4.89 23.72
CA ALA F 20 61.04 3.75 23.55
C ALA F 20 60.26 3.85 22.24
N ILE F 21 59.72 2.71 21.81
CA ILE F 21 58.95 2.62 20.58
C ILE F 21 57.69 1.79 20.87
N PRO F 22 56.50 2.34 20.72
CA PRO F 22 55.27 1.57 20.99
C PRO F 22 54.89 0.72 19.79
N GLN F 23 53.77 0.02 19.93
CA GLN F 23 53.28 -0.84 18.86
C GLN F 23 52.74 -0.02 17.70
N TYR F 24 52.77 -0.61 16.50
CA TYR F 24 52.28 0.08 15.31
C TYR F 24 51.71 -0.89 14.28
N GLN F 25 51.24 -2.06 14.73
CA GLN F 25 50.66 -3.06 13.84
C GLN F 25 49.14 -2.99 13.79
N ASN F 26 48.49 -2.76 14.93
CA ASN F 26 47.03 -2.66 14.95
C ASN F 26 46.54 -1.53 14.06
N TYR F 27 47.31 -0.45 13.96
CA TYR F 27 46.91 0.66 13.10
C TYR F 27 46.72 0.20 11.66
N VAL F 28 47.74 -0.47 11.10
CA VAL F 28 47.64 -0.93 9.72
C VAL F 28 46.60 -2.04 9.60
N ALA F 29 46.53 -2.92 10.61
CA ALA F 29 45.54 -4.00 10.57
C ALA F 29 44.13 -3.46 10.50
N ARG F 30 43.86 -2.34 11.17
CA ARG F 30 42.54 -1.73 11.13
C ARG F 30 42.34 -0.89 9.87
N SER F 31 43.40 -0.22 9.39
CA SER F 31 43.27 0.56 8.17
C SER F 31 42.97 -0.32 6.97
N GLU F 32 43.54 -1.52 6.94
CA GLU F 32 43.27 -2.43 5.83
C GLU F 32 41.79 -2.82 5.79
N GLY F 33 41.22 -3.14 6.95
CA GLY F 33 39.82 -3.49 7.00
C GLY F 33 38.91 -2.30 6.74
N ALA F 34 39.31 -1.11 7.17
CA ALA F 34 38.51 0.08 6.92
C ALA F 34 38.45 0.40 5.43
N SER F 35 39.47 -0.02 4.66
CA SER F 35 39.49 0.19 3.22
C SER F 35 38.81 -0.93 2.46
N ALA F 36 38.95 -2.17 2.93
CA ALA F 36 38.33 -3.30 2.23
C ALA F 36 36.83 -3.12 2.14
N LEU F 37 36.17 -2.84 3.27
CA LEU F 37 34.71 -2.67 3.26
C LEU F 37 34.32 -1.44 2.45
N ALA F 38 35.05 -0.34 2.64
CA ALA F 38 34.75 0.88 1.89
C ALA F 38 34.84 0.65 0.38
N THR F 39 35.69 -0.29 -0.05
CA THR F 39 35.84 -0.58 -1.47
C THR F 39 34.79 -1.57 -1.98
N ILE F 40 34.42 -2.55 -1.15
CA ILE F 40 33.54 -3.63 -1.61
C ILE F 40 32.10 -3.47 -1.16
N ASN F 41 31.74 -2.33 -0.55
CA ASN F 41 30.36 -2.08 -0.17
C ASN F 41 29.51 -1.57 -1.32
N PRO F 42 29.99 -0.61 -2.12
CA PRO F 42 29.13 0.01 -3.13
C PRO F 42 28.55 -0.97 -4.15
N LEU F 43 29.09 -2.19 -4.25
CA LEU F 43 28.57 -3.14 -5.22
C LEU F 43 27.13 -3.53 -4.93
N LYS F 44 26.67 -3.36 -3.68
CA LYS F 44 25.29 -3.69 -3.35
C LYS F 44 24.31 -2.85 -4.14
N THR F 45 24.66 -1.59 -4.44
CA THR F 45 23.78 -0.74 -5.24
C THR F 45 23.56 -1.34 -6.62
N THR F 46 24.65 -1.72 -7.30
CA THR F 46 24.52 -2.31 -8.63
C THR F 46 23.79 -3.65 -8.56
N VAL F 47 24.06 -4.43 -7.51
CA VAL F 47 23.38 -5.72 -7.37
C VAL F 47 21.87 -5.51 -7.27
N GLU F 48 21.45 -4.59 -6.39
CA GLU F 48 20.03 -4.33 -6.22
C GLU F 48 19.40 -3.78 -7.50
N GLU F 49 20.12 -2.89 -8.20
CA GLU F 49 19.61 -2.35 -9.44
C GLU F 49 19.39 -3.45 -10.47
N SER F 50 20.37 -4.34 -10.61
CA SER F 50 20.26 -5.41 -11.59
C SER F 50 19.16 -6.39 -11.21
N LEU F 51 18.96 -6.63 -9.91
CA LEU F 51 17.94 -7.58 -9.48
C LEU F 51 16.53 -6.99 -9.55
N SER F 52 16.40 -5.67 -9.45
CA SER F 52 15.10 -5.03 -9.48
C SER F 52 14.69 -4.57 -10.88
N ARG F 53 15.65 -4.37 -11.79
CA ARG F 53 15.31 -3.92 -13.13
C ARG F 53 14.51 -4.98 -13.88
N GLY F 54 15.12 -6.15 -14.09
CA GLY F 54 14.46 -7.23 -14.80
C GLY F 54 15.36 -8.41 -15.07
N ILE F 55 16.63 -8.14 -15.34
CA ILE F 55 17.58 -9.20 -15.65
C ILE F 55 17.74 -10.10 -14.42
N ALA F 56 17.97 -11.38 -14.66
CA ALA F 56 18.15 -12.34 -13.58
C ALA F 56 19.60 -12.32 -13.09
N GLY F 57 19.89 -13.13 -12.09
CA GLY F 57 21.23 -13.22 -11.54
C GLY F 57 22.17 -13.99 -12.43
N SER F 58 23.27 -14.48 -11.86
CA SER F 58 24.26 -15.25 -12.61
C SER F 58 25.01 -14.38 -13.59
N LYS F 59 24.29 -13.76 -14.53
CA LYS F 59 24.93 -12.92 -15.54
C LYS F 59 25.69 -11.74 -14.91
N ILE F 60 25.36 -11.37 -13.68
CA ILE F 60 26.05 -10.28 -13.01
C ILE F 60 27.48 -10.72 -12.71
N LYS F 61 28.45 -10.05 -13.32
CA LYS F 61 29.86 -10.39 -13.14
C LYS F 61 30.68 -9.14 -12.84
N ILE F 62 32.00 -9.27 -12.85
CA ILE F 62 32.92 -8.17 -12.57
C ILE F 62 33.90 -8.07 -13.73
N GLY F 63 34.63 -6.95 -13.76
CA GLY F 63 35.61 -6.69 -14.78
C GLY F 63 35.31 -5.39 -15.51
N THR F 64 35.76 -5.32 -16.78
CA THR F 64 35.55 -4.13 -17.61
C THR F 64 35.36 -4.63 -19.05
N THR F 65 34.16 -5.12 -19.33
CA THR F 65 33.79 -5.65 -20.64
C THR F 65 32.53 -4.97 -21.16
N ALA F 66 32.42 -3.65 -20.94
CA ALA F 66 31.27 -2.89 -21.38
C ALA F 66 29.98 -3.44 -20.80
N SER F 67 28.83 -2.99 -21.30
CA SER F 67 27.55 -3.45 -20.81
C SER F 67 26.56 -3.47 -21.97
N THR F 68 25.41 -4.09 -21.74
CA THR F 68 24.36 -4.19 -22.75
C THR F 68 23.02 -4.26 -22.04
N ALA F 69 21.97 -4.60 -22.78
CA ALA F 69 20.61 -4.69 -22.25
C ALA F 69 20.27 -6.11 -21.80
N THR F 70 21.23 -6.83 -21.22
CA THR F 70 20.98 -8.18 -20.75
C THR F 70 21.94 -8.53 -19.61
N GLU F 71 23.22 -8.24 -19.78
CA GLU F 71 24.24 -8.53 -18.79
C GLU F 71 24.76 -7.24 -18.18
N THR F 72 25.19 -7.34 -16.92
CA THR F 72 25.73 -6.21 -16.17
C THR F 72 27.16 -6.50 -15.77
N TYR F 73 28.02 -5.48 -15.90
CA TYR F 73 29.44 -5.61 -15.56
C TYR F 73 29.85 -4.35 -14.81
N VAL F 74 29.95 -4.45 -13.48
CA VAL F 74 30.38 -3.32 -12.68
C VAL F 74 31.81 -2.96 -13.04
N GLY F 75 32.08 -1.65 -13.13
CA GLY F 75 33.36 -1.18 -13.61
C GLY F 75 34.48 -1.28 -12.59
N VAL F 76 34.84 -2.50 -12.20
CA VAL F 76 35.97 -2.74 -11.30
C VAL F 76 36.54 -4.11 -11.62
N GLU F 77 37.86 -4.20 -11.68
CA GLU F 77 38.53 -5.45 -11.96
C GLU F 77 38.50 -6.35 -10.73
N PRO F 78 38.61 -7.67 -10.92
CA PRO F 78 38.62 -8.58 -9.76
C PRO F 78 39.82 -8.37 -8.84
N ASP F 79 40.86 -7.69 -9.31
CA ASP F 79 42.05 -7.41 -8.50
C ASP F 79 42.38 -5.93 -8.56
N ALA F 80 41.36 -5.08 -8.61
CA ALA F 80 41.59 -3.64 -8.63
C ALA F 80 42.36 -3.19 -7.39
N ASN F 81 41.90 -3.59 -6.21
CA ASN F 81 42.60 -3.29 -4.97
C ASN F 81 43.70 -4.33 -4.75
N LYS F 82 44.94 -3.87 -4.67
CA LYS F 82 46.08 -4.77 -4.50
C LYS F 82 46.10 -5.46 -3.14
N LEU F 83 45.20 -5.10 -2.22
CA LEU F 83 45.19 -5.73 -0.91
C LEU F 83 44.55 -7.12 -0.95
N GLY F 84 43.62 -7.35 -1.85
CA GLY F 84 42.96 -8.64 -1.94
C GLY F 84 42.26 -8.82 -3.26
N VAL F 85 41.36 -9.81 -3.29
CA VAL F 85 40.60 -10.17 -4.48
C VAL F 85 39.12 -10.14 -4.14
N ILE F 86 38.30 -9.74 -5.12
CA ILE F 86 36.86 -9.66 -4.95
C ILE F 86 36.22 -10.78 -5.77
N ALA F 87 35.09 -11.28 -5.27
CA ALA F 87 34.38 -12.36 -5.96
C ALA F 87 32.88 -12.20 -5.73
N VAL F 88 32.11 -12.22 -6.83
CA VAL F 88 30.66 -12.11 -6.78
C VAL F 88 30.06 -13.30 -7.51
N ALA F 89 28.92 -13.78 -7.02
CA ALA F 89 28.24 -14.92 -7.65
C ALA F 89 26.79 -14.92 -7.16
N ILE F 90 25.94 -14.19 -7.89
CA ILE F 90 24.52 -14.09 -7.57
C ILE F 90 23.80 -15.26 -8.21
N GLU F 91 23.04 -16.01 -7.40
CA GLU F 91 22.30 -17.15 -7.90
C GLU F 91 21.08 -16.69 -8.69
N ASP F 92 20.46 -17.64 -9.40
CA ASP F 92 19.29 -17.32 -10.20
C ASP F 92 18.10 -16.92 -9.31
N SER F 93 18.07 -17.39 -8.08
CA SER F 93 16.98 -17.07 -7.15
C SER F 93 17.20 -15.75 -6.42
N GLY F 94 18.16 -14.94 -6.85
CA GLY F 94 18.44 -13.67 -6.24
C GLY F 94 19.43 -13.73 -5.09
N ALA F 95 19.43 -14.82 -4.32
CA ALA F 95 20.36 -14.95 -3.21
C ALA F 95 21.80 -15.05 -3.72
N GLY F 96 22.70 -14.39 -3.01
CA GLY F 96 24.09 -14.41 -3.39
C GLY F 96 24.98 -13.86 -2.29
N ASP F 97 26.26 -13.75 -2.61
CA ASP F 97 27.25 -13.28 -1.65
C ASP F 97 28.42 -12.65 -2.40
N ILE F 98 28.81 -11.46 -1.97
CA ILE F 98 29.98 -10.76 -2.48
C ILE F 98 31.07 -10.85 -1.41
N THR F 99 32.21 -11.44 -1.77
CA THR F 99 33.26 -11.72 -0.80
C THR F 99 34.56 -11.04 -1.23
N PHE F 100 35.37 -10.71 -0.23
CA PHE F 100 36.69 -10.12 -0.41
C PHE F 100 37.68 -10.96 0.38
N THR F 101 38.64 -11.57 -0.34
CA THR F 101 39.64 -12.44 0.27
C THR F 101 40.98 -11.73 0.25
N PHE F 102 41.59 -11.56 1.42
CA PHE F 102 42.88 -10.90 1.51
C PHE F 102 43.98 -11.79 0.97
N GLN F 103 44.91 -11.18 0.22
CA GLN F 103 46.03 -11.90 -0.36
C GLN F 103 47.20 -11.92 0.61
N THR F 104 48.02 -12.96 0.50
CA THR F 104 49.19 -13.11 1.37
C THR F 104 50.38 -12.31 0.88
N GLY F 105 50.46 -12.00 -0.40
CA GLY F 105 51.56 -11.27 -0.97
C GLY F 105 51.41 -9.76 -0.96
N THR F 106 50.40 -9.23 -0.26
CA THR F 106 50.20 -7.79 -0.22
C THR F 106 49.65 -7.37 1.15
N SER F 107 48.64 -8.08 1.65
CA SER F 107 48.05 -7.73 2.92
C SER F 107 49.03 -7.98 4.06
N SER F 108 48.63 -7.52 5.25
CA SER F 108 49.47 -7.67 6.43
C SER F 108 49.43 -9.10 6.95
N PRO F 109 50.39 -9.49 7.80
CA PRO F 109 50.37 -10.86 8.33
C PRO F 109 49.10 -11.21 9.09
N LYS F 110 48.61 -10.28 9.91
CA LYS F 110 47.41 -10.56 10.70
C LYS F 110 46.19 -10.73 9.79
N ASN F 111 46.02 -9.82 8.82
CA ASN F 111 44.91 -9.87 7.89
C ASN F 111 45.20 -10.73 6.67
N ALA F 112 46.00 -11.79 6.83
CA ALA F 112 46.35 -12.66 5.72
C ALA F 112 45.40 -13.85 5.68
N THR F 113 44.93 -14.18 4.47
CA THR F 113 44.02 -15.30 4.24
C THR F 113 42.67 -15.11 4.91
N LYS F 114 42.36 -13.88 5.34
CA LYS F 114 41.07 -13.58 5.92
C LYS F 114 40.07 -13.20 4.82
N VAL F 115 38.78 -13.41 5.12
CA VAL F 115 37.72 -13.23 4.15
C VAL F 115 36.59 -12.45 4.79
N ILE F 116 36.12 -11.40 4.11
CA ILE F 116 34.92 -10.68 4.48
C ILE F 116 33.84 -11.02 3.46
N THR F 117 32.58 -10.98 3.87
CA THR F 117 31.50 -11.38 2.99
C THR F 117 30.25 -10.57 3.31
N LEU F 118 29.49 -10.25 2.25
CA LEU F 118 28.18 -9.64 2.36
C LEU F 118 27.18 -10.53 1.62
N ASN F 119 26.22 -11.08 2.36
CA ASN F 119 25.27 -12.04 1.84
C ASN F 119 23.89 -11.39 1.70
N ARG F 120 23.13 -11.87 0.72
CA ARG F 120 21.77 -11.40 0.46
C ARG F 120 20.82 -12.59 0.58
N THR F 121 19.92 -12.52 1.55
CA THR F 121 18.97 -13.60 1.76
C THR F 121 18.01 -13.71 0.56
N ALA F 122 17.22 -14.79 0.55
CA ALA F 122 16.27 -15.01 -0.53
C ALA F 122 15.16 -13.96 -0.51
N ASP F 123 14.63 -13.66 0.68
CA ASP F 123 13.57 -12.67 0.78
C ASP F 123 14.04 -11.28 0.39
N GLY F 124 15.28 -10.93 0.74
CA GLY F 124 15.83 -9.64 0.39
C GLY F 124 16.37 -8.88 1.58
N VAL F 125 17.25 -9.52 2.34
CA VAL F 125 17.88 -8.90 3.51
C VAL F 125 19.39 -9.03 3.35
N TRP F 126 20.10 -7.93 3.62
CA TRP F 126 21.55 -7.87 3.47
C TRP F 126 22.21 -8.05 4.84
N ALA F 127 23.08 -9.04 4.96
CA ALA F 127 23.87 -9.26 6.16
C ALA F 127 25.34 -9.27 5.78
N CYS F 128 26.21 -9.19 6.78
CA CYS F 128 27.64 -9.16 6.52
C CYS F 128 28.36 -9.90 7.65
N LYS F 129 29.50 -10.51 7.30
CA LYS F 129 30.30 -11.26 8.25
C LYS F 129 31.76 -11.17 7.85
N SER F 130 32.63 -11.58 8.77
CA SER F 130 34.06 -11.57 8.52
C SER F 130 34.71 -12.63 9.41
N THR F 131 36.00 -12.89 9.13
CA THR F 131 36.77 -13.88 9.88
C THR F 131 37.97 -13.26 10.60
N GLN F 132 38.09 -11.94 10.59
CA GLN F 132 39.20 -11.28 11.27
C GLN F 132 38.97 -11.25 12.77
N ASP F 133 39.98 -10.77 13.49
CA ASP F 133 39.89 -10.68 14.93
C ASP F 133 38.81 -9.69 15.35
N PRO F 134 38.33 -9.77 16.59
CA PRO F 134 37.27 -8.83 17.03
C PRO F 134 37.71 -7.38 16.98
N MET F 135 38.94 -7.08 17.42
CA MET F 135 39.40 -5.70 17.46
C MET F 135 39.68 -5.13 16.08
N PHE F 136 39.89 -5.98 15.07
CA PHE F 136 40.17 -5.54 13.72
C PHE F 136 38.93 -5.51 12.83
N THR F 137 37.84 -6.12 13.26
CA THR F 137 36.62 -6.11 12.46
C THR F 137 36.00 -4.71 12.49
N PRO F 138 35.55 -4.19 11.34
CA PRO F 138 34.95 -2.86 11.33
C PRO F 138 33.71 -2.79 12.21
N LYS F 139 33.23 -1.57 12.41
CA LYS F 139 32.05 -1.33 13.26
C LYS F 139 30.76 -1.41 12.46
N GLY F 140 30.62 -2.48 11.68
CA GLY F 140 29.42 -2.68 10.90
C GLY F 140 29.12 -4.13 10.61
N CYS F 141 29.88 -5.05 11.22
CA CYS F 141 29.71 -6.48 10.98
C CYS F 141 30.07 -7.23 12.25
N ASP F 142 29.82 -8.53 12.22
CA ASP F 142 30.09 -9.41 13.35
C ASP F 142 31.35 -10.24 13.03
N ASN F 143 31.50 -11.37 13.71
CA ASN F 143 32.64 -12.26 13.49
C ASN F 143 32.25 -13.71 13.71
N PHE G 1 83.01 11.26 15.28
CA PHE G 1 81.90 12.06 15.84
C PHE G 1 82.43 13.21 16.68
N THR G 2 81.71 14.33 16.68
CA THR G 2 82.08 15.52 17.44
C THR G 2 80.89 15.99 18.26
N LEU G 3 81.09 17.06 19.02
CA LEU G 3 80.01 17.60 19.85
C LEU G 3 79.08 18.52 19.05
N ILE G 4 79.59 19.13 17.98
CA ILE G 4 78.77 20.05 17.19
C ILE G 4 77.58 19.30 16.59
N GLU G 5 77.85 18.17 15.92
CA GLU G 5 76.78 17.42 15.29
C GLU G 5 75.78 16.91 16.32
N LEU G 6 76.26 16.39 17.44
CA LEU G 6 75.36 15.87 18.47
C LEU G 6 74.49 16.97 19.06
N MET G 7 75.08 18.13 19.32
CA MET G 7 74.29 19.24 19.87
C MET G 7 73.27 19.74 18.85
N ILE G 8 73.65 19.81 17.58
CA ILE G 8 72.70 20.24 16.55
C ILE G 8 71.55 19.25 16.44
N VAL G 9 71.86 17.96 16.53
CA VAL G 9 70.80 16.94 16.47
C VAL G 9 69.88 17.06 17.68
N VAL G 10 70.45 17.28 18.87
CA VAL G 10 69.64 17.43 20.06
C VAL G 10 68.74 18.66 19.95
N ALA G 11 69.27 19.75 19.40
CA ALA G 11 68.47 20.96 19.24
C ALA G 11 67.35 20.76 18.23
N ILE G 12 67.65 20.10 17.12
CA ILE G 12 66.62 19.86 16.11
C ILE G 12 65.54 18.92 16.66
N ILE G 13 65.93 17.97 17.52
CA ILE G 13 64.94 17.10 18.13
C ILE G 13 63.96 17.91 18.98
N GLY G 14 64.49 18.78 19.83
CA GLY G 14 63.62 19.62 20.64
C GLY G 14 62.77 20.56 19.79
N ILE G 15 63.33 21.06 18.68
CA ILE G 15 62.57 21.93 17.79
C ILE G 15 61.38 21.17 17.21
N LEU G 16 61.64 19.97 16.68
CA LEU G 16 60.56 19.15 16.12
C LEU G 16 59.55 18.77 17.20
N ALA G 17 60.00 18.59 18.44
CA ALA G 17 59.10 18.26 19.53
C ALA G 17 58.36 19.49 20.03
N ALA G 18 57.68 20.18 19.11
CA ALA G 18 56.93 21.39 19.48
C ALA G 18 55.70 21.60 18.60
N ILE G 19 55.35 20.63 17.75
CA ILE G 19 54.20 20.78 16.88
C ILE G 19 52.92 20.72 17.71
N ALA G 20 52.04 21.69 17.51
CA ALA G 20 50.78 21.73 18.24
C ALA G 20 49.79 20.71 17.67
N ILE G 21 48.77 20.40 18.46
CA ILE G 21 47.74 19.45 18.09
C ILE G 21 46.38 20.06 18.45
N PRO G 22 45.49 20.30 17.51
CA PRO G 22 44.18 20.88 17.83
C PRO G 22 43.21 19.80 18.30
N GLN G 23 41.98 20.23 18.57
CA GLN G 23 40.95 19.31 19.03
C GLN G 23 40.48 18.41 17.90
N TYR G 24 39.98 17.23 18.26
CA TYR G 24 39.50 16.26 17.28
C TYR G 24 38.36 15.40 17.82
N GLN G 25 37.62 15.91 18.80
CA GLN G 25 36.50 15.19 19.38
C GLN G 25 35.15 15.59 18.77
N ASN G 26 34.96 16.88 18.51
CA ASN G 26 33.71 17.33 17.91
C ASN G 26 33.47 16.68 16.56
N TYR G 27 34.54 16.41 15.81
CA TYR G 27 34.38 15.76 14.51
C TYR G 27 33.68 14.41 14.65
N VAL G 28 34.19 13.55 15.54
CA VAL G 28 33.57 12.24 15.73
C VAL G 28 32.19 12.38 16.36
N ALA G 29 32.05 13.32 17.30
CA ALA G 29 30.75 13.52 17.95
C ALA G 29 29.69 13.89 16.93
N ARG G 30 30.05 14.67 15.91
CA ARG G 30 29.09 15.04 14.87
C ARG G 30 28.91 13.94 13.85
N SER G 31 29.98 13.20 13.52
CA SER G 31 29.86 12.11 12.56
C SER G 31 28.95 11.00 13.09
N GLU G 32 28.99 10.75 14.40
CA GLU G 32 28.12 9.74 14.97
C GLU G 32 26.66 10.12 14.80
N GLY G 33 26.32 11.37 15.08
CA GLY G 33 24.95 11.82 14.91
C GLY G 33 24.52 11.89 13.46
N ALA G 34 25.45 12.23 12.57
CA ALA G 34 25.13 12.28 11.15
C ALA G 34 24.82 10.89 10.61
N SER G 35 25.37 9.85 11.23
CA SER G 35 25.10 8.48 10.83
C SER G 35 23.87 7.90 11.51
N ALA G 36 23.64 8.25 12.77
CA ALA G 36 22.49 7.71 13.49
C ALA G 36 21.19 8.07 12.78
N LEU G 37 21.00 9.35 12.46
CA LEU G 37 19.78 9.78 11.79
C LEU G 37 19.69 9.19 10.39
N ALA G 38 20.81 9.20 9.66
CA ALA G 38 20.80 8.63 8.32
C ALA G 38 20.42 7.15 8.33
N THR G 39 20.71 6.45 9.42
CA THR G 39 20.37 5.03 9.53
C THR G 39 18.93 4.82 10.00
N ILE G 40 18.43 5.67 10.90
CA ILE G 40 17.13 5.43 11.52
C ILE G 40 16.02 6.29 10.92
N ASN G 41 16.29 7.02 9.84
CA ASN G 41 15.25 7.82 9.19
C ASN G 41 14.40 6.98 8.24
N PRO G 42 15.00 6.12 7.40
CA PRO G 42 14.20 5.44 6.37
C PRO G 42 13.06 4.60 6.92
N LEU G 43 13.05 4.28 8.22
CA LEU G 43 11.97 3.45 8.76
C LEU G 43 10.62 4.15 8.67
N LYS G 44 10.59 5.48 8.53
CA LYS G 44 9.33 6.19 8.40
C LYS G 44 8.57 5.76 7.16
N THR G 45 9.28 5.43 6.08
CA THR G 45 8.62 4.97 4.86
C THR G 45 7.85 3.68 5.13
N THR G 46 8.51 2.70 5.75
CA THR G 46 7.83 1.44 6.05
C THR G 46 6.69 1.66 7.05
N VAL G 47 6.88 2.54 8.02
CA VAL G 47 5.82 2.81 8.99
C VAL G 47 4.60 3.37 8.28
N GLU G 48 4.80 4.37 7.42
CA GLU G 48 3.68 4.96 6.71
C GLU G 48 3.00 3.95 5.79
N GLU G 49 3.80 3.12 5.11
CA GLU G 49 3.23 2.10 4.23
C GLU G 49 2.36 1.14 5.01
N SER G 50 2.86 0.67 6.16
CA SER G 50 2.09 -0.28 6.96
C SER G 50 0.84 0.36 7.54
N LEU G 51 0.91 1.65 7.88
CA LEU G 51 -0.25 2.31 8.46
C LEU G 51 -1.29 2.69 7.42
N SER G 52 -0.88 2.88 6.17
CA SER G 52 -1.81 3.26 5.11
C SER G 52 -2.35 2.06 4.34
N ARG G 53 -1.65 0.93 4.34
CA ARG G 53 -2.12 -0.23 3.60
C ARG G 53 -3.42 -0.77 4.19
N GLY G 54 -3.39 -1.20 5.45
CA GLY G 54 -4.57 -1.73 6.10
C GLY G 54 -4.28 -2.31 7.47
N ILE G 55 -3.12 -2.93 7.62
CA ILE G 55 -2.76 -3.54 8.90
C ILE G 55 -2.64 -2.46 9.97
N ALA G 56 -3.00 -2.82 11.20
CA ALA G 56 -2.93 -1.88 12.32
C ALA G 56 -1.50 -1.85 12.88
N GLY G 57 -1.31 -1.00 13.89
CA GLY G 57 0.00 -0.88 14.52
C GLY G 57 0.32 -2.04 15.43
N SER G 58 1.26 -1.84 16.36
CA SER G 58 1.65 -2.88 17.30
C SER G 58 2.40 -4.00 16.61
N LYS G 59 1.75 -4.66 15.64
CA LYS G 59 2.38 -5.77 14.93
C LYS G 59 3.66 -5.34 14.22
N ILE G 60 3.83 -4.05 13.94
CA ILE G 60 5.04 -3.57 13.28
C ILE G 60 6.21 -3.72 14.23
N LYS G 61 7.17 -4.56 13.86
CA LYS G 61 8.34 -4.81 14.70
C LYS G 61 9.61 -4.71 13.88
N ILE G 62 10.75 -5.10 14.48
CA ILE G 62 12.04 -5.07 13.82
C ILE G 62 12.67 -6.45 13.89
N GLY G 63 13.73 -6.64 13.11
CA GLY G 63 14.44 -7.90 13.06
C GLY G 63 14.49 -8.44 11.64
N THR G 64 14.59 -9.78 11.54
CA THR G 64 14.64 -10.46 10.24
C THR G 64 13.92 -11.80 10.41
N THR G 65 12.59 -11.74 10.41
CA THR G 65 11.73 -12.90 10.57
C THR G 65 10.73 -13.00 9.41
N ALA G 66 11.20 -12.69 8.20
CA ALA G 66 10.35 -12.75 7.01
C ALA G 66 9.15 -11.82 7.16
N SER G 67 8.17 -11.96 6.27
CA SER G 67 6.97 -11.14 6.30
C SER G 67 5.79 -11.96 5.80
N THR G 68 4.60 -11.42 6.01
CA THR G 68 3.37 -12.08 5.57
C THR G 68 2.33 -11.01 5.27
N ALA G 69 1.08 -11.43 5.10
CA ALA G 69 -0.02 -10.53 4.79
C ALA G 69 -0.76 -10.06 6.04
N THR G 70 -0.03 -9.83 7.14
CA THR G 70 -0.65 -9.37 8.37
C THR G 70 0.35 -8.58 9.21
N GLU G 71 1.57 -9.11 9.36
CA GLU G 71 2.61 -8.47 10.14
C GLU G 71 3.73 -7.97 9.23
N THR G 72 4.39 -6.91 9.66
CA THR G 72 5.48 -6.30 8.92
C THR G 72 6.76 -6.35 9.76
N TYR G 73 7.88 -6.68 9.11
CA TYR G 73 9.17 -6.78 9.77
C TYR G 73 10.21 -6.12 8.86
N VAL G 74 10.60 -4.89 9.20
CA VAL G 74 11.62 -4.20 8.42
C VAL G 74 12.94 -4.95 8.54
N GLY G 75 13.64 -5.05 7.42
CA GLY G 75 14.85 -5.86 7.36
C GLY G 75 16.06 -5.22 8.00
N VAL G 76 16.01 -5.01 9.31
CA VAL G 76 17.15 -4.49 10.07
C VAL G 76 17.06 -5.02 11.50
N GLU G 77 18.19 -5.47 12.03
CA GLU G 77 18.23 -6.00 13.38
C GLU G 77 18.17 -4.85 14.39
N PRO G 78 17.73 -5.13 15.62
CA PRO G 78 17.69 -4.07 16.63
C PRO G 78 19.05 -3.53 17.00
N ASP G 79 20.12 -4.25 16.67
CA ASP G 79 21.49 -3.83 16.96
C ASP G 79 22.34 -3.91 15.70
N ALA G 80 21.73 -3.61 14.54
CA ALA G 80 22.48 -3.64 13.29
C ALA G 80 23.66 -2.66 13.34
N ASN G 81 23.39 -1.42 13.73
CA ASN G 81 24.46 -0.42 13.88
C ASN G 81 25.08 -0.58 15.26
N LYS G 82 26.39 -0.84 15.29
CA LYS G 82 27.10 -1.06 16.55
C LYS G 82 27.20 0.20 17.40
N LEU G 83 26.77 1.36 16.89
CA LEU G 83 26.86 2.58 17.67
C LEU G 83 25.76 2.67 18.72
N GLY G 84 24.60 2.07 18.47
CA GLY G 84 23.51 2.12 19.41
C GLY G 84 22.47 1.06 19.12
N VAL G 85 21.30 1.25 19.73
CA VAL G 85 20.18 0.32 19.61
C VAL G 85 18.96 1.08 19.11
N ILE G 86 18.14 0.41 18.30
CA ILE G 86 16.92 0.98 17.74
C ILE G 86 15.73 0.34 18.43
N ALA G 87 14.65 1.12 18.57
CA ALA G 87 13.44 0.63 19.20
C ALA G 87 12.22 1.29 18.56
N VAL G 88 11.26 0.47 18.15
CA VAL G 88 10.02 0.95 17.55
C VAL G 88 8.85 0.37 18.32
N ALA G 89 7.77 1.15 18.44
CA ALA G 89 6.58 0.70 19.16
C ALA G 89 5.41 1.59 18.71
N ILE G 90 4.75 1.18 17.63
CA ILE G 90 3.61 1.91 17.09
C ILE G 90 2.35 1.45 17.82
N GLU G 91 1.60 2.41 18.36
CA GLU G 91 0.38 2.10 19.08
C GLU G 91 -0.74 1.73 18.10
N ASP G 92 -1.82 1.18 18.66
CA ASP G 92 -2.95 0.79 17.82
C ASP G 92 -3.62 1.99 17.18
N SER G 93 -3.52 3.16 17.80
CA SER G 93 -4.12 4.38 17.26
C SER G 93 -3.24 5.08 16.23
N GLY G 94 -2.18 4.42 15.75
CA GLY G 94 -1.29 4.98 14.77
C GLY G 94 -0.15 5.78 15.35
N ALA G 95 -0.37 6.46 16.47
CA ALA G 95 0.68 7.25 17.09
C ALA G 95 1.79 6.34 17.60
N GLY G 96 3.03 6.79 17.43
CA GLY G 96 4.17 6.00 17.87
C GLY G 96 5.43 6.82 17.85
N ASP G 97 6.54 6.14 18.15
CA ASP G 97 7.85 6.79 18.21
C ASP G 97 8.93 5.77 17.93
N ILE G 98 9.85 6.12 17.02
CA ILE G 98 11.03 5.32 16.72
C ILE G 98 12.23 6.01 17.34
N THR G 99 12.92 5.31 18.24
CA THR G 99 14.00 5.90 19.01
C THR G 99 15.30 5.15 18.78
N PHE G 100 16.41 5.89 18.90
CA PHE G 100 17.75 5.34 18.81
C PHE G 100 18.52 5.77 20.05
N THR G 101 18.95 4.79 20.83
CA THR G 101 19.67 5.02 22.09
C THR G 101 21.13 4.64 21.90
N PHE G 102 22.02 5.59 22.15
CA PHE G 102 23.45 5.34 22.00
C PHE G 102 23.95 4.45 23.12
N GLN G 103 24.81 3.49 22.78
CA GLN G 103 25.38 2.58 23.74
C GLN G 103 26.67 3.16 24.32
N THR G 104 26.98 2.76 25.56
CA THR G 104 28.17 3.25 26.23
C THR G 104 29.42 2.48 25.85
N GLY G 105 29.27 1.23 25.40
CA GLY G 105 30.39 0.40 25.02
C GLY G 105 30.83 0.52 23.58
N THR G 106 30.32 1.50 22.84
CA THR G 106 30.69 1.69 21.44
C THR G 106 30.72 3.17 21.07
N SER G 107 29.68 3.90 21.45
CA SER G 107 29.60 5.31 21.10
C SER G 107 30.68 6.10 21.85
N SER G 108 30.81 7.38 21.49
CA SER G 108 31.80 8.25 22.09
C SER G 108 31.34 8.69 23.48
N PRO G 109 32.26 9.21 24.30
CA PRO G 109 31.85 9.65 25.65
C PRO G 109 30.79 10.73 25.64
N LYS G 110 30.92 11.71 24.73
CA LYS G 110 29.94 12.80 24.69
C LYS G 110 28.56 12.29 24.27
N ASN G 111 28.52 11.45 23.23
CA ASN G 111 27.27 10.88 22.73
C ASN G 111 26.89 9.59 23.45
N ALA G 112 27.25 9.45 24.72
CA ALA G 112 26.94 8.26 25.49
C ALA G 112 25.62 8.44 26.25
N THR G 113 24.77 7.41 26.20
CA THR G 113 23.48 7.41 26.88
C THR G 113 22.53 8.45 26.32
N LYS G 114 22.82 9.00 25.15
CA LYS G 114 21.94 9.96 24.50
C LYS G 114 20.92 9.21 23.64
N VAL G 115 19.77 9.87 23.42
CA VAL G 115 18.64 9.26 22.73
C VAL G 115 18.10 10.25 21.71
N ILE G 116 17.92 9.78 20.48
CA ILE G 116 17.21 10.53 19.44
C ILE G 116 15.87 9.84 19.23
N THR G 117 14.87 10.61 18.80
CA THR G 117 13.53 10.07 18.66
C THR G 117 12.81 10.77 17.51
N LEU G 118 11.99 10.01 16.79
CA LEU G 118 11.07 10.52 15.79
C LEU G 118 9.67 10.06 16.14
N ASN G 119 8.79 11.03 16.43
CA ASN G 119 7.45 10.76 16.89
C ASN G 119 6.43 11.07 15.79
N ARG G 120 5.32 10.33 15.82
CA ARG G 120 4.24 10.50 14.86
C ARG G 120 2.96 10.84 15.64
N THR G 121 2.43 12.03 15.41
CA THR G 121 1.22 12.47 16.11
C THR G 121 0.04 11.60 15.69
N ALA G 122 -1.08 11.77 16.40
CA ALA G 122 -2.28 11.00 16.11
C ALA G 122 -2.87 11.40 14.76
N ASP G 123 -2.92 12.70 14.46
CA ASP G 123 -3.47 13.16 13.20
C ASP G 123 -2.61 12.70 12.03
N GLY G 124 -1.29 12.69 12.19
CA GLY G 124 -0.39 12.25 11.14
C GLY G 124 0.67 13.27 10.81
N VAL G 125 1.42 13.71 11.82
CA VAL G 125 2.51 14.67 11.66
C VAL G 125 3.75 14.07 12.28
N TRP G 126 4.87 14.17 11.55
CA TRP G 126 6.15 13.61 11.98
C TRP G 126 7.01 14.71 12.58
N ALA G 127 7.43 14.51 13.83
CA ALA G 127 8.36 15.43 14.50
C ALA G 127 9.56 14.62 14.97
N CYS G 128 10.62 15.34 15.35
CA CYS G 128 11.85 14.68 15.80
C CYS G 128 12.49 15.51 16.89
N LYS G 129 13.17 14.81 17.81
CA LYS G 129 13.85 15.45 18.93
C LYS G 129 15.08 14.64 19.30
N SER G 130 15.93 15.25 20.13
CA SER G 130 17.14 14.59 20.59
C SER G 130 17.55 15.19 21.93
N THR G 131 18.52 14.54 22.58
CA THR G 131 19.01 14.98 23.87
C THR G 131 20.49 15.34 23.84
N GLN G 132 21.11 15.37 22.66
CA GLN G 132 22.51 15.71 22.55
C GLN G 132 22.71 17.22 22.67
N ASP G 133 23.97 17.64 22.69
CA ASP G 133 24.29 19.04 22.79
C ASP G 133 23.81 19.80 21.56
N PRO G 134 23.68 21.13 21.66
CA PRO G 134 23.21 21.89 20.49
C PRO G 134 24.14 21.79 19.29
N MET G 135 25.45 21.86 19.52
CA MET G 135 26.40 21.82 18.41
C MET G 135 26.51 20.45 17.78
N PHE G 136 26.13 19.39 18.48
CA PHE G 136 26.19 18.03 17.96
C PHE G 136 24.88 17.55 17.36
N THR G 137 23.78 18.26 17.61
CA THR G 137 22.50 17.85 17.04
C THR G 137 22.49 18.12 15.54
N PRO G 138 21.99 17.19 14.72
CA PRO G 138 21.97 17.41 13.27
C PRO G 138 21.11 18.61 12.92
N LYS G 139 21.20 19.01 11.65
CA LYS G 139 20.48 20.18 11.14
C LYS G 139 19.08 19.79 10.65
N GLY G 140 18.35 19.04 11.47
CA GLY G 140 17.01 18.62 11.11
C GLY G 140 16.12 18.36 12.30
N CYS G 141 16.61 18.68 13.50
CA CYS G 141 15.84 18.45 14.72
C CYS G 141 16.20 19.52 15.74
N ASP G 142 15.47 19.51 16.84
CA ASP G 142 15.68 20.45 17.93
C ASP G 142 16.38 19.75 19.09
N ASN G 143 16.26 20.30 20.30
CA ASN G 143 16.88 19.71 21.48
C ASN G 143 16.04 19.97 22.72
N PHE H 1 71.06 7.74 17.74
CA PHE H 1 70.52 8.64 16.68
C PHE H 1 71.65 9.35 15.94
N THR H 2 71.44 9.62 14.65
CA THR H 2 72.42 10.28 13.81
C THR H 2 71.73 11.44 13.07
N LEU H 3 72.51 12.16 12.27
CA LEU H 3 71.97 13.28 11.51
C LEU H 3 71.30 12.84 10.23
N ILE H 4 71.70 11.70 9.67
CA ILE H 4 71.12 11.23 8.41
C ILE H 4 69.63 10.96 8.60
N GLU H 5 69.26 10.20 9.63
CA GLU H 5 67.86 9.87 9.86
C GLU H 5 67.04 11.13 10.13
N LEU H 6 67.57 12.04 10.96
CA LEU H 6 66.83 13.25 11.29
C LEU H 6 66.62 14.11 10.04
N MET H 7 67.65 14.25 9.22
CA MET H 7 67.52 15.06 8.01
C MET H 7 66.54 14.41 7.03
N ILE H 8 66.57 13.09 6.91
CA ILE H 8 65.63 12.41 6.01
C ILE H 8 64.21 12.60 6.51
N VAL H 9 64.01 12.53 7.83
CA VAL H 9 62.68 12.73 8.39
C VAL H 9 62.22 14.16 8.13
N VAL H 10 63.10 15.13 8.32
CA VAL H 10 62.73 16.54 8.07
C VAL H 10 62.38 16.74 6.61
N ALA H 11 63.12 16.10 5.70
CA ALA H 11 62.84 16.26 4.28
C ALA H 11 61.51 15.61 3.91
N ILE H 12 61.23 14.42 4.46
CA ILE H 12 59.96 13.75 4.17
C ILE H 12 58.80 14.54 4.73
N ILE H 13 59.00 15.21 5.88
CA ILE H 13 57.94 16.05 6.45
C ILE H 13 57.59 17.18 5.49
N GLY H 14 58.62 17.88 4.98
CA GLY H 14 58.37 18.94 4.02
C GLY H 14 57.75 18.43 2.73
N ILE H 15 58.16 17.24 2.30
CA ILE H 15 57.58 16.65 1.09
C ILE H 15 56.09 16.40 1.29
N LEU H 16 55.73 15.76 2.40
CA LEU H 16 54.32 15.52 2.69
C LEU H 16 53.54 16.82 2.86
N ALA H 17 54.19 17.86 3.38
CA ALA H 17 53.55 19.15 3.54
C ALA H 17 53.49 19.89 2.21
N ALA H 18 52.90 19.27 1.19
CA ALA H 18 52.79 19.88 -0.12
C ALA H 18 51.55 19.41 -0.89
N ILE H 19 50.65 18.66 -0.25
CA ILE H 19 49.46 18.18 -0.93
C ILE H 19 48.52 19.35 -1.19
N ALA H 20 48.05 19.45 -2.43
CA ALA H 20 47.14 20.52 -2.79
C ALA H 20 45.73 20.22 -2.28
N ILE H 21 44.90 21.26 -2.24
CA ILE H 21 43.53 21.17 -1.78
C ILE H 21 42.65 21.94 -2.76
N PRO H 22 41.69 21.31 -3.44
CA PRO H 22 40.84 22.03 -4.39
C PRO H 22 39.68 22.71 -3.65
N GLN H 23 38.83 23.35 -4.44
CA GLN H 23 37.67 24.06 -3.88
C GLN H 23 36.63 23.06 -3.40
N TYR H 24 35.83 23.51 -2.41
CA TYR H 24 34.78 22.66 -1.84
C TYR H 24 33.58 23.47 -1.36
N GLN H 25 33.36 24.66 -1.95
CA GLN H 25 32.24 25.50 -1.58
C GLN H 25 31.04 25.32 -2.52
N ASN H 26 31.29 25.21 -3.83
CA ASN H 26 30.20 25.01 -4.77
C ASN H 26 29.40 23.76 -4.46
N TYR H 27 30.05 22.72 -3.94
CA TYR H 27 29.34 21.50 -3.59
C TYR H 27 28.24 21.77 -2.57
N VAL H 28 28.58 22.43 -1.47
CA VAL H 28 27.58 22.73 -0.44
C VAL H 28 26.58 23.76 -0.96
N ALA H 29 27.05 24.74 -1.73
CA ALA H 29 26.14 25.74 -2.27
C ALA H 29 25.07 25.11 -3.15
N ARG H 30 25.43 24.06 -3.89
CA ARG H 30 24.45 23.37 -4.73
C ARG H 30 23.62 22.38 -3.93
N SER H 31 24.20 21.73 -2.93
CA SER H 31 23.43 20.79 -2.11
C SER H 31 22.34 21.51 -1.33
N GLU H 32 22.61 22.74 -0.88
CA GLU H 32 21.59 23.50 -0.16
C GLU H 32 20.39 23.78 -1.05
N GLY H 33 20.64 24.20 -2.30
CA GLY H 33 19.55 24.47 -3.21
C GLY H 33 18.83 23.21 -3.64
N ALA H 34 19.56 22.11 -3.78
CA ALA H 34 18.93 20.84 -4.15
C ALA H 34 17.99 20.35 -3.05
N SER H 35 18.24 20.74 -1.80
CA SER H 35 17.38 20.36 -0.70
C SER H 35 16.23 21.34 -0.48
N ALA H 36 16.49 22.63 -0.69
CA ALA H 36 15.44 23.64 -0.50
C ALA H 36 14.24 23.36 -1.38
N LEU H 37 14.48 23.17 -2.68
CA LEU H 37 13.39 22.91 -3.62
C LEU H 37 12.73 21.57 -3.31
N ALA H 38 13.54 20.54 -3.04
CA ALA H 38 12.98 19.23 -2.72
C ALA H 38 12.07 19.29 -1.50
N THR H 39 12.34 20.22 -0.57
CA THR H 39 11.53 20.35 0.63
C THR H 39 10.29 21.21 0.40
N ILE H 40 10.40 22.26 -0.42
CA ILE H 40 9.31 23.21 -0.56
C ILE H 40 8.50 23.02 -1.84
N ASN H 41 8.75 21.94 -2.59
CA ASN H 41 7.96 21.66 -3.78
C ASN H 41 6.63 20.97 -3.45
N PRO H 42 6.63 19.96 -2.58
CA PRO H 42 5.40 19.17 -2.38
C PRO H 42 4.20 19.98 -1.93
N LEU H 43 4.40 21.21 -1.43
CA LEU H 43 3.27 22.01 -0.98
C LEU H 43 2.30 22.35 -2.11
N LYS H 44 2.76 22.29 -3.35
CA LYS H 44 1.87 22.57 -4.47
C LYS H 44 0.71 21.58 -4.54
N THR H 45 0.95 20.33 -4.15
CA THR H 45 -0.13 19.34 -4.14
C THR H 45 -1.24 19.76 -3.18
N THR H 46 -0.87 20.12 -1.95
CA THR H 46 -1.87 20.55 -0.98
C THR H 46 -2.55 21.84 -1.43
N VAL H 47 -1.79 22.76 -2.03
CA VAL H 47 -2.38 24.00 -2.50
C VAL H 47 -3.45 23.72 -3.56
N GLU H 48 -3.11 22.88 -4.54
CA GLU H 48 -4.07 22.55 -5.59
C GLU H 48 -5.27 21.82 -5.03
N GLU H 49 -5.05 20.90 -4.09
CA GLU H 49 -6.17 20.19 -3.48
C GLU H 49 -7.11 21.15 -2.78
N SER H 50 -6.56 22.08 -1.99
CA SER H 50 -7.39 23.02 -1.26
C SER H 50 -8.12 23.97 -2.20
N LEU H 51 -7.48 24.33 -3.32
CA LEU H 51 -8.12 25.27 -4.25
C LEU H 51 -9.16 24.59 -5.12
N SER H 52 -9.04 23.28 -5.34
CA SER H 52 -9.99 22.56 -6.18
C SER H 52 -11.12 21.93 -5.38
N ARG H 53 -10.93 21.67 -4.10
CA ARG H 53 -11.99 21.05 -3.30
C ARG H 53 -13.19 21.97 -3.16
N GLY H 54 -13.00 23.14 -2.57
CA GLY H 54 -14.09 24.08 -2.40
C GLY H 54 -13.70 25.28 -1.54
N ILE H 55 -12.86 25.06 -0.53
CA ILE H 55 -12.45 26.15 0.35
C ILE H 55 -11.67 27.18 -0.45
N ALA H 56 -11.80 28.45 -0.05
CA ALA H 56 -11.10 29.53 -0.72
C ALA H 56 -9.68 29.65 -0.17
N GLY H 57 -8.92 30.59 -0.72
CA GLY H 57 -7.56 30.83 -0.29
C GLY H 57 -7.48 31.55 1.05
N SER H 58 -6.34 32.16 1.32
CA SER H 58 -6.14 32.90 2.56
C SER H 58 -6.08 31.97 3.76
N LYS H 59 -7.15 31.20 3.99
CA LYS H 59 -7.18 30.29 5.13
C LYS H 59 -6.07 29.25 5.07
N ILE H 60 -5.50 28.99 3.90
CA ILE H 60 -4.42 28.03 3.78
C ILE H 60 -3.18 28.59 4.47
N LYS H 61 -2.74 27.91 5.53
CA LYS H 61 -1.59 28.36 6.30
C LYS H 61 -0.62 27.21 6.53
N ILE H 62 0.39 27.43 7.38
CA ILE H 62 1.39 26.42 7.69
C ILE H 62 1.43 26.24 9.21
N GLY H 63 2.11 25.18 9.64
CA GLY H 63 2.25 24.85 11.04
C GLY H 63 1.72 23.46 11.34
N THR H 64 1.28 23.28 12.60
CA THR H 64 0.74 22.00 13.06
C THR H 64 -0.37 22.31 14.06
N THR H 65 -1.53 22.69 13.53
CA THR H 65 -2.70 23.04 14.33
C THR H 65 -3.91 22.23 13.90
N ALA H 66 -3.69 20.94 13.59
CA ALA H 66 -4.77 20.06 13.16
C ALA H 66 -5.45 20.60 11.91
N SER H 67 -6.60 20.02 11.55
CA SER H 67 -7.35 20.45 10.38
C SER H 67 -8.83 20.28 10.65
N THR H 68 -9.64 20.85 9.77
CA THR H 68 -11.10 20.77 9.89
C THR H 68 -11.69 20.84 8.48
N ALA H 69 -13.01 21.02 8.41
CA ALA H 69 -13.73 21.10 7.14
C ALA H 69 -13.87 22.52 6.64
N THR H 70 -12.87 23.36 6.85
CA THR H 70 -12.92 24.74 6.40
C THR H 70 -11.52 25.29 6.14
N GLU H 71 -10.60 25.06 7.08
CA GLU H 71 -9.24 25.52 6.98
C GLU H 71 -8.29 24.34 6.77
N THR H 72 -7.18 24.61 6.08
CA THR H 72 -6.16 23.61 5.79
C THR H 72 -4.84 24.04 6.41
N TYR H 73 -4.14 23.07 7.01
CA TYR H 73 -2.85 23.32 7.66
C TYR H 73 -1.91 22.18 7.28
N VAL H 74 -1.01 22.45 6.32
CA VAL H 74 -0.04 21.44 5.92
C VAL H 74 0.87 21.12 7.09
N GLY H 75 1.18 19.84 7.27
CA GLY H 75 1.93 19.39 8.43
C GLY H 75 3.42 19.68 8.36
N VAL H 76 3.78 20.96 8.34
CA VAL H 76 5.19 21.37 8.38
C VAL H 76 5.27 22.73 9.06
N GLU H 77 6.24 22.89 9.96
CA GLU H 77 6.42 24.14 10.66
C GLU H 77 7.06 25.17 9.75
N PRO H 78 6.87 26.46 10.03
CA PRO H 78 7.49 27.50 9.19
C PRO H 78 9.01 27.48 9.23
N ASP H 79 9.61 26.81 10.22
CA ASP H 79 11.06 26.71 10.35
C ASP H 79 11.47 25.24 10.53
N ALA H 80 10.74 24.33 9.86
CA ALA H 80 11.08 22.92 9.96
C ALA H 80 12.50 22.67 9.47
N ASN H 81 12.85 23.17 8.30
CA ASN H 81 14.19 23.06 7.77
C ASN H 81 15.05 24.18 8.34
N LYS H 82 16.12 23.81 9.05
CA LYS H 82 16.98 24.80 9.70
C LYS H 82 17.77 25.64 8.70
N LEU H 83 17.71 25.33 7.41
CA LEU H 83 18.44 26.11 6.42
C LEU H 83 17.76 27.44 6.11
N GLY H 84 16.45 27.50 6.23
CA GLY H 84 15.73 28.73 5.94
C GLY H 84 14.33 28.71 6.50
N VAL H 85 13.51 29.64 6.02
CA VAL H 85 12.14 29.81 6.47
C VAL H 85 11.21 29.73 5.26
N ILE H 86 10.03 29.16 5.47
CA ILE H 86 9.02 29.02 4.42
C ILE H 86 7.89 29.99 4.70
N ALA H 87 7.26 30.47 3.63
CA ALA H 87 6.16 31.42 3.76
C ALA H 87 5.17 31.20 2.62
N VAL H 88 3.89 31.05 2.97
CA VAL H 88 2.82 30.86 2.00
C VAL H 88 1.75 31.91 2.25
N ALA H 89 1.13 32.38 1.16
CA ALA H 89 0.07 33.39 1.28
C ALA H 89 -0.74 33.36 -0.02
N ILE H 90 -1.75 32.50 -0.04
CA ILE H 90 -2.63 32.35 -1.20
C ILE H 90 -3.73 33.40 -1.11
N GLU H 91 -3.90 34.17 -2.17
CA GLU H 91 -4.92 35.20 -2.21
C GLU H 91 -6.30 34.58 -2.40
N ASP H 92 -7.34 35.41 -2.20
CA ASP H 92 -8.70 34.93 -2.35
C ASP H 92 -9.01 34.56 -3.79
N SER H 93 -8.31 35.17 -4.75
CA SER H 93 -8.53 34.90 -6.17
C SER H 93 -7.73 33.68 -6.66
N GLY H 94 -7.17 32.88 -5.76
CA GLY H 94 -6.42 31.71 -6.13
C GLY H 94 -4.94 31.97 -6.37
N ALA H 95 -4.60 33.14 -6.90
CA ALA H 95 -3.21 33.45 -7.16
C ALA H 95 -2.43 33.57 -5.86
N GLY H 96 -1.21 33.06 -5.86
CA GLY H 96 -0.38 33.12 -4.67
C GLY H 96 1.05 32.76 -4.98
N ASP H 97 1.86 32.69 -3.92
CA ASP H 97 3.27 32.40 -4.05
C ASP H 97 3.78 31.77 -2.77
N ILE H 98 4.50 30.65 -2.92
CA ILE H 98 5.16 29.97 -1.81
C ILE H 98 6.65 30.25 -1.94
N THR H 99 7.23 30.87 -0.91
CA THR H 99 8.61 31.32 -0.96
C THR H 99 9.43 30.69 0.16
N PHE H 100 10.73 30.51 -0.12
CA PHE H 100 11.69 29.99 0.84
C PHE H 100 12.85 30.98 0.91
N THR H 101 13.06 31.56 2.09
CA THR H 101 14.10 32.55 2.31
C THR H 101 15.21 31.93 3.15
N PHE H 102 16.43 31.93 2.62
CA PHE H 102 17.56 31.37 3.34
C PHE H 102 17.96 32.26 4.51
N GLN H 103 18.28 31.63 5.64
CA GLN H 103 18.69 32.34 6.84
C GLN H 103 20.20 32.54 6.83
N THR H 104 20.63 33.62 7.50
CA THR H 104 22.05 33.93 7.57
C THR H 104 22.76 33.16 8.67
N GLY H 105 22.05 32.70 9.70
CA GLY H 105 22.63 31.98 10.80
C GLY H 105 22.71 30.48 10.62
N THR H 106 22.44 29.98 9.42
CA THR H 106 22.48 28.54 9.17
C THR H 106 22.97 28.25 7.76
N SER H 107 22.42 28.95 6.77
CA SER H 107 22.80 28.71 5.38
C SER H 107 24.25 29.14 5.15
N SER H 108 24.75 28.81 3.96
CA SER H 108 26.11 29.14 3.59
C SER H 108 26.23 30.62 3.25
N PRO H 109 27.45 31.17 3.21
CA PRO H 109 27.60 32.58 2.87
C PRO H 109 27.07 32.94 1.49
N LYS H 110 27.32 32.09 0.49
CA LYS H 110 26.86 32.38 -0.86
C LYS H 110 25.33 32.36 -0.94
N ASN H 111 24.71 31.35 -0.34
CA ASN H 111 23.25 31.21 -0.33
C ASN H 111 22.61 31.95 0.84
N ALA H 112 23.19 33.06 1.28
CA ALA H 112 22.66 33.82 2.40
C ALA H 112 21.75 34.93 1.89
N THR H 113 20.60 35.09 2.54
CA THR H 113 19.62 36.12 2.19
C THR H 113 19.02 35.92 0.81
N LYS H 114 19.21 34.74 0.22
CA LYS H 114 18.61 34.43 -1.07
C LYS H 114 17.21 33.86 -0.89
N VAL H 115 16.39 34.02 -1.91
CA VAL H 115 14.97 33.67 -1.86
C VAL H 115 14.60 32.90 -3.12
N ILE H 116 13.94 31.75 -2.93
CA ILE H 116 13.33 31.00 -4.03
C ILE H 116 11.83 31.16 -3.90
N THR H 117 11.13 31.09 -5.04
CA THR H 117 9.69 31.31 -5.02
C THR H 117 9.02 30.47 -6.10
N LEU H 118 7.82 29.99 -5.78
CA LEU H 118 6.95 29.32 -6.74
C LEU H 118 5.62 30.05 -6.75
N ASN H 119 5.27 30.62 -7.90
CA ASN H 119 4.09 31.45 -8.07
C ASN H 119 3.03 30.70 -8.87
N ARG H 120 1.77 31.02 -8.58
CA ARG H 120 0.62 30.44 -9.27
C ARG H 120 -0.18 31.57 -9.90
N THR H 121 -0.27 31.56 -11.23
CA THR H 121 -1.00 32.60 -11.94
C THR H 121 -2.50 32.51 -11.62
N ALA H 122 -3.23 33.53 -12.07
CA ALA H 122 -4.67 33.55 -11.82
C ALA H 122 -5.38 32.47 -12.60
N ASP H 123 -5.00 32.27 -13.86
CA ASP H 123 -5.64 31.24 -14.67
C ASP H 123 -5.35 29.84 -14.14
N GLY H 124 -4.14 29.61 -13.63
CA GLY H 124 -3.79 28.32 -13.07
C GLY H 124 -2.53 27.74 -13.69
N VAL H 125 -1.45 28.51 -13.68
CA VAL H 125 -0.15 28.09 -14.21
C VAL H 125 0.89 28.28 -13.12
N TRP H 126 1.74 27.27 -12.94
CA TRP H 126 2.76 27.28 -11.90
C TRP H 126 4.11 27.65 -12.53
N ALA H 127 4.73 28.70 -12.01
CA ALA H 127 6.07 29.11 -12.42
C ALA H 127 6.96 29.16 -11.19
N CYS H 128 8.27 29.25 -11.42
CA CYS H 128 9.22 29.29 -10.32
C CYS H 128 10.39 30.19 -10.68
N LYS H 129 10.96 30.83 -9.66
CA LYS H 129 12.09 31.72 -9.84
C LYS H 129 12.96 31.68 -8.60
N SER H 130 14.16 32.26 -8.74
CA SER H 130 15.11 32.30 -7.64
C SER H 130 16.04 33.50 -7.85
N THR H 131 16.82 33.80 -6.80
CA THR H 131 17.76 34.91 -6.83
C THR H 131 19.20 34.46 -6.66
N GLN H 132 19.46 33.16 -6.64
CA GLN H 132 20.81 32.65 -6.49
C GLN H 132 21.59 32.78 -7.80
N ASP H 133 22.87 32.45 -7.73
CA ASP H 133 23.73 32.52 -8.90
C ASP H 133 23.27 31.52 -9.96
N PRO H 134 23.68 31.72 -11.22
CA PRO H 134 23.25 30.76 -12.27
C PRO H 134 23.74 29.35 -12.03
N MET H 135 24.98 29.18 -11.60
CA MET H 135 25.54 27.85 -11.41
C MET H 135 24.95 27.14 -10.19
N PHE H 136 24.38 27.88 -9.24
CA PHE H 136 23.80 27.29 -8.04
C PHE H 136 22.29 27.10 -8.15
N THR H 137 21.64 27.68 -9.15
CA THR H 137 20.21 27.50 -9.32
C THR H 137 19.92 26.08 -9.79
N PRO H 138 18.91 25.40 -9.22
CA PRO H 138 18.61 24.04 -9.66
C PRO H 138 18.21 24.00 -11.14
N LYS H 139 18.12 22.79 -11.67
CA LYS H 139 17.78 22.57 -13.08
C LYS H 139 16.28 22.48 -13.28
N GLY H 140 15.54 23.44 -12.72
CA GLY H 140 14.11 23.48 -12.87
C GLY H 140 13.52 24.87 -12.75
N CYS H 141 14.37 25.88 -12.70
CA CYS H 141 13.92 27.26 -12.55
C CYS H 141 14.91 28.18 -13.27
N ASP H 142 14.54 29.46 -13.35
CA ASP H 142 15.36 30.48 -13.98
C ASP H 142 16.01 31.34 -12.90
N ASN H 143 16.42 32.56 -13.27
CA ASN H 143 17.06 33.47 -12.32
C ASN H 143 16.72 34.92 -12.67
N PHE I 1 59.73 13.43 17.16
CA PHE I 1 59.33 12.62 15.98
C PHE I 1 60.41 11.62 15.61
N THR I 2 59.99 10.46 15.09
CA THR I 2 60.90 9.40 14.68
C THR I 2 60.54 8.96 13.27
N LEU I 3 61.31 7.99 12.75
CA LEU I 3 61.06 7.48 11.41
C LEU I 3 59.97 6.43 11.38
N ILE I 4 59.75 5.73 12.50
CA ILE I 4 58.73 4.68 12.53
C ILE I 4 57.35 5.28 12.28
N GLU I 5 57.01 6.33 13.01
CA GLU I 5 55.69 6.95 12.86
C GLU I 5 55.51 7.51 11.45
N LEU I 6 56.54 8.18 10.93
CA LEU I 6 56.42 8.77 9.59
C LEU I 6 56.24 7.69 8.53
N MET I 7 57.00 6.60 8.64
CA MET I 7 56.88 5.52 7.67
C MET I 7 55.52 4.85 7.76
N ILE I 8 55.01 4.66 8.98
CA ILE I 8 53.70 4.05 9.15
C ILE I 8 52.62 4.95 8.55
N VAL I 9 52.76 6.26 8.74
CA VAL I 9 51.79 7.20 8.17
C VAL I 9 51.85 7.15 6.65
N VAL I 10 53.07 7.12 6.08
CA VAL I 10 53.21 7.05 4.63
C VAL I 10 52.60 5.78 4.09
N ALA I 11 52.79 4.66 4.80
CA ALA I 11 52.23 3.39 4.34
C ALA I 11 50.70 3.41 4.42
N ILE I 12 50.15 3.95 5.50
CA ILE I 12 48.69 4.02 5.64
C ILE I 12 48.10 4.94 4.57
N ILE I 13 48.81 6.00 4.21
CA ILE I 13 48.34 6.89 3.15
C ILE I 13 48.21 6.13 1.84
N GLY I 14 49.27 5.38 1.48
CA GLY I 14 49.20 4.59 0.26
C GLY I 14 48.13 3.51 0.32
N ILE I 15 47.93 2.93 1.50
CA ILE I 15 46.89 1.91 1.66
C ILE I 15 45.52 2.53 1.39
N LEU I 16 45.23 3.66 2.03
CA LEU I 16 43.96 4.34 1.81
C LEU I 16 43.80 4.79 0.35
N ALA I 17 44.92 5.13 -0.31
CA ALA I 17 44.87 5.55 -1.71
C ALA I 17 44.76 4.33 -2.61
N ALA I 18 43.74 3.50 -2.39
CA ALA I 18 43.54 2.31 -3.20
C ALA I 18 42.07 1.92 -3.32
N ILE I 19 41.15 2.76 -2.84
CA ILE I 19 39.73 2.43 -2.92
C ILE I 19 39.27 2.52 -4.36
N ALA I 20 38.58 1.49 -4.82
CA ALA I 20 38.07 1.45 -6.19
C ALA I 20 36.84 2.33 -6.32
N ILE I 21 36.51 2.67 -7.57
CA ILE I 21 35.37 3.50 -7.90
C ILE I 21 34.63 2.86 -9.06
N PRO I 22 33.38 2.46 -8.91
CA PRO I 22 32.65 1.85 -10.02
C PRO I 22 32.06 2.91 -10.94
N GLN I 23 31.34 2.44 -11.97
CA GLN I 23 30.73 3.34 -12.93
C GLN I 23 29.54 4.07 -12.31
N TYR I 24 29.25 5.27 -12.85
CA TYR I 24 28.14 6.07 -12.34
C TYR I 24 27.51 6.92 -13.44
N GLN I 25 27.61 6.49 -14.69
CA GLN I 25 27.02 7.21 -15.83
C GLN I 25 25.66 6.65 -16.23
N ASN I 26 25.51 5.32 -16.23
CA ASN I 26 24.21 4.73 -16.58
C ASN I 26 23.11 5.21 -15.65
N TYR I 27 23.43 5.46 -14.38
CA TYR I 27 22.42 5.95 -13.45
C TYR I 27 21.80 7.26 -13.93
N VAL I 28 22.64 8.25 -14.26
CA VAL I 28 22.13 9.53 -14.72
C VAL I 28 21.49 9.38 -16.09
N ALA I 29 22.09 8.55 -16.97
CA ALA I 29 21.52 8.34 -18.28
C ALA I 29 20.10 7.79 -18.22
N ARG I 30 19.83 6.93 -17.23
CA ARG I 30 18.49 6.38 -17.06
C ARG I 30 17.57 7.34 -16.33
N SER I 31 18.10 8.10 -15.37
CA SER I 31 17.28 9.06 -14.65
C SER I 31 16.77 10.15 -15.57
N GLU I 32 17.60 10.57 -16.54
CA GLU I 32 17.17 11.59 -17.49
C GLU I 32 15.98 11.10 -18.31
N GLY I 33 16.05 9.86 -18.80
CA GLY I 33 14.94 9.32 -19.57
C GLY I 33 13.71 9.08 -18.73
N ALA I 34 13.91 8.67 -17.47
CA ALA I 34 12.77 8.45 -16.58
C ALA I 34 12.03 9.74 -16.28
N SER I 35 12.71 10.88 -16.37
CA SER I 35 12.09 12.18 -16.14
C SER I 35 11.50 12.75 -17.42
N ALA I 36 12.16 12.55 -18.57
CA ALA I 36 11.66 13.08 -19.82
C ALA I 36 10.26 12.57 -20.12
N LEU I 37 10.07 11.25 -20.07
CA LEU I 37 8.76 10.67 -20.35
C LEU I 37 7.74 11.09 -19.30
N ALA I 38 8.14 11.07 -18.03
CA ALA I 38 7.23 11.47 -16.97
C ALA I 38 6.76 12.91 -17.15
N THR I 39 7.58 13.76 -17.77
CA THR I 39 7.21 15.15 -17.99
C THR I 39 6.38 15.33 -19.25
N ILE I 40 6.67 14.57 -20.31
CA ILE I 40 6.02 14.80 -21.60
C ILE I 40 4.91 13.80 -21.90
N ASN I 41 4.52 12.97 -20.93
CA ASN I 41 3.41 12.05 -21.12
C ASN I 41 2.06 12.71 -20.90
N PRO I 42 1.89 13.50 -19.83
CA PRO I 42 0.55 14.02 -19.50
C PRO I 42 -0.09 14.84 -20.61
N LEU I 43 0.68 15.31 -21.60
CA LEU I 43 0.10 16.12 -22.67
C LEU I 43 -0.93 15.35 -23.49
N LYS I 44 -0.87 14.01 -23.47
CA LYS I 44 -1.84 13.21 -24.22
C LYS I 44 -3.26 13.45 -23.71
N THR I 45 -3.42 13.69 -22.41
CA THR I 45 -4.75 13.97 -21.88
C THR I 45 -5.33 15.23 -22.51
N THR I 46 -4.55 16.32 -22.52
CA THR I 46 -5.03 17.55 -23.12
C THR I 46 -5.26 17.39 -24.61
N VAL I 47 -4.39 16.64 -25.29
CA VAL I 47 -4.56 16.41 -26.72
C VAL I 47 -5.89 15.71 -26.99
N GLU I 48 -6.16 14.63 -26.25
CA GLU I 48 -7.39 13.89 -26.44
C GLU I 48 -8.61 14.75 -26.10
N GLU I 49 -8.53 15.53 -25.04
CA GLU I 49 -9.64 16.40 -24.68
C GLU I 49 -9.93 17.41 -25.78
N SER I 50 -8.88 18.04 -26.32
CA SER I 50 -9.08 19.02 -27.38
C SER I 50 -9.60 18.38 -28.66
N LEU I 51 -9.18 17.15 -28.94
CA LEU I 51 -9.62 16.49 -30.17
C LEU I 51 -11.04 15.93 -30.03
N SER I 52 -11.48 15.62 -28.82
CA SER I 52 -12.82 15.06 -28.62
C SER I 52 -13.86 16.12 -28.31
N ARG I 53 -13.46 17.29 -27.81
CA ARG I 53 -14.43 18.33 -27.48
C ARG I 53 -15.12 18.85 -28.73
N GLY I 54 -14.35 19.42 -29.66
CA GLY I 54 -14.91 19.95 -30.89
C GLY I 54 -13.92 20.71 -31.73
N ILE I 55 -12.99 21.41 -31.07
CA ILE I 55 -11.99 22.19 -31.79
C ILE I 55 -11.09 21.24 -32.59
N ALA I 56 -10.64 21.72 -33.75
CA ALA I 56 -9.76 20.93 -34.61
C ALA I 56 -8.32 21.04 -34.13
N GLY I 57 -7.42 20.34 -34.83
CA GLY I 57 -6.02 20.37 -34.50
C GLY I 57 -5.34 21.64 -34.94
N SER I 58 -4.01 21.61 -35.06
CA SER I 58 -3.24 22.77 -35.49
C SER I 58 -3.23 23.85 -34.42
N LYS I 59 -4.42 24.35 -34.05
CA LYS I 59 -4.51 25.40 -33.04
C LYS I 59 -3.92 24.97 -31.70
N ILE I 60 -3.81 23.67 -31.45
CA ILE I 60 -3.25 23.19 -30.20
C ILE I 60 -1.77 23.52 -30.18
N LYS I 61 -1.35 24.37 -29.24
CA LYS I 61 0.04 24.79 -29.13
C LYS I 61 0.52 24.67 -27.68
N ILE I 62 1.71 25.20 -27.40
CA ILE I 62 2.31 25.16 -26.08
C ILE I 62 2.66 26.58 -25.66
N GLY I 63 2.97 26.74 -24.37
CA GLY I 63 3.33 28.03 -23.81
C GLY I 63 2.41 28.41 -22.66
N THR I 64 2.26 29.73 -22.45
CA THR I 64 1.41 30.26 -21.39
C THR I 64 0.80 31.56 -21.91
N THR I 65 -0.22 31.42 -22.76
CA THR I 65 -0.93 32.53 -23.36
C THR I 65 -2.42 32.44 -23.10
N ALA I 66 -2.80 32.02 -21.90
CA ALA I 66 -4.20 31.89 -21.52
C ALA I 66 -4.92 30.92 -22.45
N SER I 67 -6.25 30.89 -22.38
CA SER I 67 -7.05 30.01 -23.21
C SER I 67 -8.37 30.68 -23.53
N THR I 68 -9.10 30.11 -24.48
CA THR I 68 -10.39 30.63 -24.89
C THR I 68 -11.25 29.47 -25.38
N ALA I 69 -12.37 29.80 -26.02
CA ALA I 69 -13.30 28.81 -26.53
C ALA I 69 -13.03 28.44 -27.98
N THR I 70 -11.75 28.39 -28.37
CA THR I 70 -11.39 28.03 -29.74
C THR I 70 -10.00 27.40 -29.79
N GLU I 71 -9.04 28.02 -29.11
CA GLU I 71 -7.67 27.54 -29.08
C GLU I 71 -7.33 27.01 -27.69
N THR I 72 -6.41 26.05 -27.65
CA THR I 72 -5.96 25.42 -26.42
C THR I 72 -4.47 25.65 -26.24
N TYR I 73 -4.06 25.96 -25.02
CA TYR I 73 -2.65 26.22 -24.70
C TYR I 73 -2.34 25.52 -23.38
N VAL I 74 -1.70 24.36 -23.45
CA VAL I 74 -1.31 23.65 -22.24
C VAL I 74 -0.32 24.48 -21.45
N GLY I 75 -0.49 24.51 -20.13
CA GLY I 75 0.30 25.37 -19.28
C GLY I 75 1.72 24.88 -19.03
N VAL I 76 2.53 24.81 -20.08
CA VAL I 76 3.94 24.46 -19.96
C VAL I 76 4.69 25.15 -21.09
N GLU I 77 5.85 25.73 -20.76
CA GLU I 77 6.66 26.41 -21.75
C GLU I 77 7.39 25.39 -22.61
N PRO I 78 7.79 25.77 -23.84
CA PRO I 78 8.52 24.83 -24.70
C PRO I 78 9.87 24.43 -24.14
N ASP I 79 10.40 25.17 -23.16
CA ASP I 79 11.68 24.87 -22.53
C ASP I 79 11.53 24.85 -21.02
N ALA I 80 10.38 24.38 -20.53
CA ALA I 80 10.16 24.32 -19.09
C ALA I 80 11.21 23.42 -18.43
N ASN I 81 11.41 22.22 -18.96
CA ASN I 81 12.44 21.31 -18.46
C ASN I 81 13.77 21.66 -19.11
N LYS I 82 14.76 22.01 -18.28
CA LYS I 82 16.07 22.42 -18.79
C LYS I 82 16.83 21.27 -19.44
N LEU I 83 16.32 20.04 -19.38
CA LEU I 83 17.03 18.92 -20.00
C LEU I 83 16.85 18.88 -21.52
N GLY I 84 15.73 19.38 -22.02
CA GLY I 84 15.49 19.38 -23.44
C GLY I 84 14.38 20.33 -23.83
N VAL I 85 13.88 20.13 -25.05
CA VAL I 85 12.84 20.99 -25.62
C VAL I 85 11.68 20.10 -26.06
N ILE I 86 10.47 20.62 -25.92
CA ILE I 86 9.25 19.92 -26.29
C ILE I 86 8.68 20.56 -27.55
N ALA I 87 8.04 19.73 -28.38
CA ALA I 87 7.44 20.23 -29.62
C ALA I 87 6.19 19.43 -29.94
N VAL I 88 5.09 20.12 -30.19
CA VAL I 88 3.81 19.51 -30.54
C VAL I 88 3.33 20.10 -31.86
N ALA I 89 2.67 19.28 -32.67
CA ALA I 89 2.14 19.73 -33.95
C ALA I 89 1.08 18.73 -34.41
N ILE I 90 -0.16 18.97 -33.97
CA ILE I 90 -1.29 18.12 -34.32
C ILE I 90 -1.85 18.58 -35.66
N GLU I 91 -1.97 17.65 -36.60
CA GLU I 91 -2.49 17.97 -37.92
C GLU I 91 -4.01 18.15 -37.86
N ASP I 92 -4.56 18.69 -38.95
CA ASP I 92 -6.00 18.92 -39.00
C ASP I 92 -6.78 17.61 -38.99
N SER I 93 -6.17 16.53 -39.46
CA SER I 93 -6.83 15.22 -39.50
C SER I 93 -6.72 14.46 -38.18
N GLY I 94 -6.29 15.12 -37.11
CA GLY I 94 -6.16 14.50 -35.81
C GLY I 94 -4.80 13.84 -35.57
N ALA I 95 -4.19 13.29 -36.61
CA ALA I 95 -2.89 12.65 -36.45
C ALA I 95 -1.83 13.67 -36.09
N GLY I 96 -0.94 13.28 -35.19
CA GLY I 96 0.12 14.18 -34.77
C GLY I 96 1.19 13.45 -33.99
N ASP I 97 2.15 14.22 -33.48
CA ASP I 97 3.25 13.66 -32.73
C ASP I 97 3.80 14.71 -31.77
N ILE I 98 3.97 14.31 -30.51
CA ILE I 98 4.59 15.14 -29.48
C ILE I 98 5.99 14.60 -29.24
N THR I 99 7.00 15.44 -29.45
CA THR I 99 8.38 15.01 -29.39
C THR I 99 9.15 15.80 -28.34
N PHE I 100 10.17 15.16 -27.77
CA PHE I 100 11.07 15.76 -26.81
C PHE I 100 12.50 15.54 -27.30
N THR I 101 13.21 16.62 -27.58
CA THR I 101 14.56 16.58 -28.10
C THR I 101 15.53 17.02 -27.01
N PHE I 102 16.48 16.16 -26.67
CA PHE I 102 17.46 16.48 -25.63
C PHE I 102 18.44 17.52 -26.14
N GLN I 103 18.77 18.49 -25.28
CA GLN I 103 19.72 19.53 -25.61
C GLN I 103 21.14 19.11 -25.27
N THR I 104 22.10 19.66 -26.00
CA THR I 104 23.50 19.33 -25.78
C THR I 104 24.13 20.14 -24.65
N GLY I 105 23.57 21.30 -24.33
CA GLY I 105 24.10 22.15 -23.28
C GLY I 105 23.55 21.88 -21.90
N THR I 106 22.81 20.79 -21.72
CA THR I 106 22.24 20.48 -20.40
C THR I 106 22.21 18.97 -20.18
N SER I 107 21.73 18.22 -21.17
CA SER I 107 21.63 16.77 -21.04
C SER I 107 23.01 16.15 -20.96
N SER I 108 23.04 14.86 -20.66
CA SER I 108 24.28 14.11 -20.54
C SER I 108 24.86 13.81 -21.93
N PRO I 109 26.14 13.45 -22.00
CA PRO I 109 26.73 13.15 -23.32
C PRO I 109 26.03 12.01 -24.04
N LYS I 110 25.68 10.94 -23.32
CA LYS I 110 25.03 9.79 -23.96
C LYS I 110 23.65 10.17 -24.49
N ASN I 111 22.87 10.87 -23.67
CA ASN I 111 21.53 11.31 -24.06
C ASN I 111 21.53 12.65 -24.78
N ALA I 112 22.58 12.95 -25.53
CA ALA I 112 22.68 14.21 -26.25
C ALA I 112 22.17 14.04 -27.69
N THR I 113 21.37 15.00 -28.13
CA THR I 113 20.80 15.01 -29.48
C THR I 113 19.84 13.85 -29.71
N LYS I 114 19.40 13.18 -28.65
CA LYS I 114 18.43 12.11 -28.77
C LYS I 114 17.01 12.68 -28.71
N VAL I 115 16.07 11.93 -29.30
CA VAL I 115 14.70 12.39 -29.46
C VAL I 115 13.76 11.26 -29.08
N ILE I 116 12.79 11.57 -28.22
CA ILE I 116 11.68 10.67 -27.91
C ILE I 116 10.43 11.24 -28.56
N THR I 117 9.49 10.36 -28.91
CA THR I 117 8.31 10.81 -29.62
C THR I 117 7.12 9.94 -29.24
N LEU I 118 5.94 10.57 -29.18
CA LEU I 118 4.66 9.88 -29.00
C LEU I 118 3.76 10.29 -30.15
N ASN I 119 3.38 9.31 -30.97
CA ASN I 119 2.60 9.55 -32.18
C ASN I 119 1.17 9.05 -31.99
N ARG I 120 0.24 9.72 -32.68
CA ARG I 120 -1.17 9.38 -32.66
C ARG I 120 -1.62 9.06 -34.08
N THR I 121 -2.03 7.82 -34.30
CA THR I 121 -2.47 7.40 -35.63
C THR I 121 -3.75 8.13 -36.02
N ALA I 122 -4.13 7.97 -37.28
CA ALA I 122 -5.35 8.63 -37.77
C ALA I 122 -6.59 8.04 -37.13
N ASP I 123 -6.65 6.72 -37.01
CA ASP I 123 -7.82 6.09 -36.41
C ASP I 123 -7.96 6.44 -34.93
N GLY I 124 -6.83 6.57 -34.23
CA GLY I 124 -6.86 6.94 -32.82
C GLY I 124 -6.12 5.95 -31.93
N VAL I 125 -4.86 5.67 -32.27
CA VAL I 125 -4.02 4.77 -31.50
C VAL I 125 -2.74 5.51 -31.14
N TRP I 126 -2.31 5.39 -29.89
CA TRP I 126 -1.13 6.07 -29.38
C TRP I 126 0.03 5.10 -29.35
N ALA I 127 1.13 5.46 -30.02
CA ALA I 127 2.36 4.71 -30.00
C ALA I 127 3.49 5.62 -29.55
N CYS I 128 4.63 5.02 -29.20
CA CYS I 128 5.76 5.80 -28.73
C CYS I 128 7.06 5.15 -29.21
N LYS I 129 8.07 5.99 -29.44
CA LYS I 129 9.36 5.52 -29.91
C LYS I 129 10.45 6.45 -29.38
N SER I 130 11.69 6.00 -29.50
CA SER I 130 12.84 6.76 -29.04
C SER I 130 14.06 6.35 -29.85
N THR I 131 15.14 7.13 -29.69
CA THR I 131 16.39 6.87 -30.40
C THR I 131 17.55 6.60 -29.45
N GLN I 132 17.28 6.48 -28.15
CA GLN I 132 18.33 6.21 -27.19
C GLN I 132 18.74 4.73 -27.24
N ASP I 133 19.78 4.41 -26.46
CA ASP I 133 20.26 3.04 -26.42
C ASP I 133 19.20 2.12 -25.81
N PRO I 134 19.32 0.81 -26.04
CA PRO I 134 18.32 -0.11 -25.47
C PRO I 134 18.26 -0.10 -23.96
N MET I 135 19.43 -0.05 -23.30
CA MET I 135 19.46 -0.10 -21.84
C MET I 135 18.99 1.20 -21.21
N PHE I 136 19.00 2.31 -21.95
CA PHE I 136 18.56 3.59 -21.43
C PHE I 136 17.12 3.92 -21.79
N THR I 137 16.51 3.19 -22.71
CA THR I 137 15.12 3.45 -23.07
C THR I 137 14.21 3.01 -21.94
N PRO I 138 13.20 3.81 -21.57
CA PRO I 138 12.29 3.41 -20.49
C PRO I 138 11.55 2.12 -20.82
N LYS I 139 10.88 1.59 -19.81
CA LYS I 139 10.13 0.33 -19.94
C LYS I 139 8.71 0.58 -20.42
N GLY I 140 8.57 1.37 -21.48
CA GLY I 140 7.26 1.65 -22.04
C GLY I 140 7.30 2.00 -23.51
N CYS I 141 8.46 1.85 -24.14
CA CYS I 141 8.62 2.19 -25.55
C CYS I 141 9.66 1.26 -26.17
N ASP I 142 9.80 1.35 -27.48
CA ASP I 142 10.75 0.56 -28.24
C ASP I 142 11.94 1.44 -28.64
N ASN I 143 12.66 1.01 -29.67
CA ASN I 143 13.81 1.77 -30.15
C ASN I 143 13.97 1.61 -31.66
N PHE J 1 51.68 16.51 7.83
CA PHE J 1 50.72 15.45 8.25
C PHE J 1 51.21 14.74 9.50
N THR J 2 50.27 14.31 10.33
CA THR J 2 50.56 13.61 11.58
C THR J 2 49.71 12.34 11.65
N LEU J 3 49.89 11.58 12.73
CA LEU J 3 49.15 10.34 12.91
C LEU J 3 47.77 10.60 13.49
N ILE J 4 47.59 11.69 14.23
CA ILE J 4 46.29 11.96 14.85
C ILE J 4 45.23 12.16 13.77
N GLU J 5 45.51 13.01 12.79
CA GLU J 5 44.54 13.28 11.74
C GLU J 5 44.23 12.02 10.95
N LEU J 6 45.26 11.25 10.59
CA LEU J 6 45.04 10.04 9.82
C LEU J 6 44.20 9.02 10.58
N MET J 7 44.49 8.85 11.87
CA MET J 7 43.73 7.91 12.67
C MET J 7 42.28 8.37 12.84
N ILE J 8 42.07 9.67 13.03
CA ILE J 8 40.71 10.18 13.15
C ILE J 8 39.95 9.98 11.85
N VAL J 9 40.62 10.18 10.71
CA VAL J 9 39.96 9.96 9.42
C VAL J 9 39.61 8.49 9.25
N VAL J 10 40.54 7.59 9.63
CA VAL J 10 40.28 6.16 9.50
C VAL J 10 39.11 5.77 10.40
N ALA J 11 39.03 6.33 11.60
CA ALA J 11 37.94 6.00 12.50
C ALA J 11 36.60 6.52 11.97
N ILE J 12 36.59 7.74 11.44
CA ILE J 12 35.36 8.30 10.89
C ILE J 12 34.91 7.50 9.67
N ILE J 13 35.86 6.98 8.89
CA ILE J 13 35.50 6.16 7.73
C ILE J 13 34.77 4.91 8.20
N GLY J 14 35.33 4.23 9.20
CA GLY J 14 34.66 3.04 9.72
C GLY J 14 33.32 3.36 10.35
N ILE J 15 33.22 4.52 11.00
CA ILE J 15 31.94 4.93 11.59
C ILE J 15 30.89 5.10 10.50
N LEU J 16 31.23 5.84 9.44
CA LEU J 16 30.30 6.04 8.34
C LEU J 16 29.97 4.72 7.65
N ALA J 17 30.91 3.78 7.62
CA ALA J 17 30.67 2.48 7.01
C ALA J 17 29.88 1.59 7.96
N ALA J 18 28.72 2.06 8.41
CA ALA J 18 27.89 1.29 9.32
C ALA J 18 26.40 1.59 9.13
N ILE J 19 26.01 2.35 8.11
CA ILE J 19 24.61 2.69 7.90
C ILE J 19 23.87 1.43 7.44
N ALA J 20 22.74 1.16 8.08
CA ALA J 20 21.93 0.00 7.73
C ALA J 20 21.13 0.28 6.46
N ILE J 21 20.66 -0.80 5.85
CA ILE J 21 19.87 -0.74 4.62
C ILE J 21 18.68 -1.67 4.78
N PRO J 22 17.44 -1.18 4.73
CA PRO J 22 16.28 -2.05 4.87
C PRO J 22 15.92 -2.72 3.54
N GLN J 23 14.85 -3.50 3.57
CA GLN J 23 14.41 -4.20 2.37
C GLN J 23 13.78 -3.22 1.37
N TYR J 24 13.84 -3.60 0.08
CA TYR J 24 13.29 -2.76 -0.97
C TYR J 24 12.77 -3.58 -2.14
N GLN J 25 12.38 -4.82 -1.90
CA GLN J 25 11.83 -5.70 -2.94
C GLN J 25 10.32 -5.71 -2.97
N ASN J 26 9.67 -5.71 -1.80
CA ASN J 26 8.21 -5.71 -1.75
C ASN J 26 7.65 -4.48 -2.44
N TYR J 27 8.35 -3.34 -2.38
CA TYR J 27 7.87 -2.14 -3.03
C TYR J 27 7.69 -2.36 -4.52
N VAL J 28 8.74 -2.86 -5.19
CA VAL J 28 8.65 -3.10 -6.63
C VAL J 28 7.67 -4.23 -6.93
N ALA J 29 7.67 -5.27 -6.09
CA ALA J 29 6.74 -6.38 -6.30
C ALA J 29 5.30 -5.92 -6.27
N ARG J 30 4.98 -4.94 -5.42
CA ARG J 30 3.62 -4.41 -5.36
C ARG J 30 3.36 -3.40 -6.46
N SER J 31 4.36 -2.60 -6.83
CA SER J 31 4.17 -1.62 -7.89
C SER J 31 3.91 -2.32 -9.22
N GLU J 32 4.54 -3.46 -9.46
CA GLU J 32 4.31 -4.20 -10.70
C GLU J 32 2.86 -4.65 -10.80
N GLY J 33 2.33 -5.20 -9.70
CA GLY J 33 0.95 -5.63 -9.70
C GLY J 33 -0.04 -4.48 -9.77
N ALA J 34 0.31 -3.35 -9.15
CA ALA J 34 -0.56 -2.18 -9.20
C ALA J 34 -0.66 -1.62 -10.60
N SER J 35 0.37 -1.85 -11.43
CA SER J 35 0.35 -1.39 -12.82
C SER J 35 -0.27 -2.41 -13.75
N ALA J 36 -0.06 -3.70 -13.50
CA ALA J 36 -0.61 -4.73 -14.37
C ALA J 36 -2.13 -4.64 -14.44
N LEU J 37 -2.79 -4.59 -13.27
CA LEU J 37 -4.25 -4.50 -13.24
C LEU J 37 -4.72 -3.18 -13.83
N ALA J 38 -4.05 -2.08 -13.47
CA ALA J 38 -4.44 -0.79 -14.00
C ALA J 38 -4.35 -0.75 -15.52
N THR J 39 -3.46 -1.54 -16.11
CA THR J 39 -3.31 -1.59 -17.56
C THR J 39 -4.31 -2.54 -18.22
N ILE J 40 -4.60 -3.67 -17.57
CA ILE J 40 -5.42 -4.70 -18.20
C ILE J 40 -6.88 -4.70 -17.72
N ASN J 41 -7.28 -3.70 -16.93
CA ASN J 41 -8.67 -3.61 -16.50
C ASN J 41 -9.57 -2.97 -17.56
N PRO J 42 -9.15 -1.87 -18.19
CA PRO J 42 -10.07 -1.14 -19.08
C PRO J 42 -10.59 -1.96 -20.23
N LEU J 43 -9.99 -3.11 -20.55
CA LEU J 43 -10.47 -3.92 -21.67
C LEU J 43 -11.88 -4.44 -21.43
N LYS J 44 -12.33 -4.50 -20.18
CA LYS J 44 -13.68 -4.97 -19.89
C LYS J 44 -14.73 -4.07 -20.53
N THR J 45 -14.45 -2.76 -20.61
CA THR J 45 -15.39 -1.84 -21.26
C THR J 45 -15.59 -2.21 -22.72
N THR J 46 -14.49 -2.40 -23.46
CA THR J 46 -14.60 -2.78 -24.86
C THR J 46 -15.25 -4.15 -25.01
N VAL J 47 -14.93 -5.08 -24.12
CA VAL J 47 -15.53 -6.41 -24.19
C VAL J 47 -17.05 -6.31 -24.04
N GLU J 48 -17.51 -5.58 -23.03
CA GLU J 48 -18.94 -5.44 -22.81
C GLU J 48 -19.61 -4.72 -23.97
N GLU J 49 -18.96 -3.68 -24.51
CA GLU J 49 -19.53 -2.98 -25.65
C GLU J 49 -19.69 -3.90 -26.84
N SER J 50 -18.65 -4.69 -27.14
CA SER J 50 -18.72 -5.60 -28.29
C SER J 50 -19.76 -6.69 -28.07
N LEU J 51 -19.93 -7.14 -26.82
CA LEU J 51 -20.88 -8.21 -26.55
C LEU J 51 -22.32 -7.70 -26.52
N SER J 52 -22.53 -6.42 -26.20
CA SER J 52 -23.87 -5.86 -26.12
C SER J 52 -24.32 -5.22 -27.43
N ARG J 53 -23.39 -4.80 -28.29
CA ARG J 53 -23.76 -4.15 -29.54
C ARG J 53 -24.50 -5.13 -30.46
N GLY J 54 -23.84 -6.21 -30.85
CA GLY J 54 -24.46 -7.19 -31.72
C GLY J 54 -23.49 -8.25 -32.20
N ILE J 55 -22.23 -7.86 -32.43
CA ILE J 55 -21.23 -8.81 -32.90
C ILE J 55 -21.00 -9.88 -31.84
N ALA J 56 -20.70 -11.10 -32.29
CA ALA J 56 -20.45 -12.21 -31.39
C ALA J 56 -19.00 -12.18 -30.92
N GLY J 57 -18.65 -13.14 -30.05
CA GLY J 57 -17.30 -13.23 -29.54
C GLY J 57 -16.32 -13.79 -30.55
N SER J 58 -15.19 -14.30 -30.07
CA SER J 58 -14.17 -14.88 -30.94
C SER J 58 -13.48 -13.80 -31.77
N LYS J 59 -14.25 -13.08 -32.59
CA LYS J 59 -13.67 -12.04 -33.44
C LYS J 59 -12.98 -10.96 -32.64
N ILE J 60 -13.32 -10.81 -31.35
CA ILE J 60 -12.67 -9.80 -30.52
C ILE J 60 -11.22 -10.20 -30.30
N LYS J 61 -10.29 -9.38 -30.80
CA LYS J 61 -8.87 -9.67 -30.68
C LYS J 61 -8.12 -8.44 -30.19
N ILE J 62 -6.79 -8.50 -30.20
CA ILE J 62 -5.94 -7.40 -29.76
C ILE J 62 -4.98 -7.04 -30.89
N GLY J 63 -4.31 -5.89 -30.73
CA GLY J 63 -3.36 -5.40 -31.71
C GLY J 63 -3.75 -4.02 -32.21
N THR J 64 -3.32 -3.72 -33.44
CA THR J 64 -3.61 -2.43 -34.07
C THR J 64 -3.80 -2.69 -35.57
N THR J 65 -4.97 -3.20 -35.93
CA THR J 65 -5.32 -3.52 -37.30
C THR J 65 -6.63 -2.84 -37.70
N ALA J 66 -6.80 -1.59 -37.25
CA ALA J 66 -8.01 -0.83 -37.57
C ALA J 66 -9.25 -1.55 -37.06
N SER J 67 -10.43 -1.09 -37.49
CA SER J 67 -11.69 -1.70 -37.08
C SER J 67 -12.69 -1.58 -38.22
N THR J 68 -13.79 -2.30 -38.10
CA THR J 68 -14.85 -2.30 -39.09
C THR J 68 -16.18 -2.56 -38.40
N ALA J 69 -17.21 -2.83 -39.20
CA ALA J 69 -18.55 -3.09 -38.68
C ALA J 69 -18.81 -4.58 -38.46
N THR J 70 -17.80 -5.33 -38.02
CA THR J 70 -17.96 -6.75 -37.78
C THR J 70 -16.98 -7.24 -36.73
N GLU J 71 -15.71 -6.83 -36.85
CA GLU J 71 -14.66 -7.23 -35.93
C GLU J 71 -14.21 -6.03 -35.10
N THR J 72 -13.76 -6.31 -33.88
CA THR J 72 -13.29 -5.29 -32.95
C THR J 72 -11.82 -5.56 -32.62
N TYR J 73 -11.03 -4.49 -32.57
CA TYR J 73 -9.60 -4.58 -32.27
C TYR J 73 -9.25 -3.44 -31.32
N VAL J 74 -9.13 -3.76 -30.03
CA VAL J 74 -8.76 -2.75 -29.05
C VAL J 74 -7.34 -2.25 -29.35
N GLY J 75 -7.16 -0.94 -29.24
CA GLY J 75 -5.91 -0.31 -29.61
C GLY J 75 -4.77 -0.51 -28.63
N VAL J 76 -4.35 -1.76 -28.46
CA VAL J 76 -3.19 -2.07 -27.62
C VAL J 76 -2.54 -3.34 -28.16
N GLU J 77 -1.21 -3.34 -28.24
CA GLU J 77 -0.49 -4.49 -28.73
C GLU J 77 -0.44 -5.58 -27.66
N PRO J 78 -0.26 -6.84 -28.06
CA PRO J 78 -0.19 -7.92 -27.07
C PRO J 78 1.01 -7.80 -26.14
N ASP J 79 2.01 -6.99 -26.49
CA ASP J 79 3.19 -6.78 -25.66
C ASP J 79 3.44 -5.29 -25.47
N ALA J 80 2.36 -4.51 -25.36
CA ALA J 80 2.51 -3.07 -25.15
C ALA J 80 3.27 -2.80 -23.87
N ASN J 81 2.85 -3.42 -22.76
CA ASN J 81 3.55 -3.28 -21.49
C ASN J 81 4.71 -4.28 -21.45
N LYS J 82 5.93 -3.76 -21.29
CA LYS J 82 7.11 -4.61 -21.29
C LYS J 82 7.19 -5.51 -20.07
N LEU J 83 6.29 -5.36 -19.10
CA LEU J 83 6.34 -6.20 -17.91
C LEU J 83 5.78 -7.60 -18.16
N GLY J 84 4.85 -7.74 -19.10
CA GLY J 84 4.27 -9.02 -19.39
C GLY J 84 3.55 -9.03 -20.72
N VAL J 85 2.72 -10.05 -20.91
CA VAL J 85 1.96 -10.25 -22.14
C VAL J 85 0.48 -10.37 -21.80
N ILE J 86 -0.37 -9.85 -22.69
CA ILE J 86 -1.81 -9.89 -22.51
C ILE J 86 -2.39 -10.89 -23.50
N ALA J 87 -3.49 -11.54 -23.10
CA ALA J 87 -4.15 -12.52 -23.94
C ALA J 87 -5.65 -12.49 -23.69
N VAL J 88 -6.42 -12.39 -24.76
CA VAL J 88 -7.88 -12.37 -24.69
C VAL J 88 -8.42 -13.46 -25.61
N ALA J 89 -9.53 -14.09 -25.20
CA ALA J 89 -10.14 -15.13 -26.01
C ALA J 89 -11.59 -15.30 -25.53
N ILE J 90 -12.48 -14.51 -26.12
CA ILE J 90 -13.90 -14.55 -25.78
C ILE J 90 -14.57 -15.64 -26.60
N GLU J 91 -15.28 -16.55 -25.93
CA GLU J 91 -15.96 -17.64 -26.61
C GLU J 91 -17.21 -17.13 -27.30
N ASP J 92 -17.78 -17.98 -28.16
CA ASP J 92 -18.98 -17.61 -28.89
C ASP J 92 -20.17 -17.42 -27.95
N SER J 93 -20.17 -18.10 -26.81
CA SER J 93 -21.25 -18.01 -25.84
C SER J 93 -21.10 -16.81 -24.90
N GLY J 94 -20.21 -15.88 -25.19
CA GLY J 94 -19.99 -14.71 -24.37
C GLY J 94 -18.97 -14.90 -23.25
N ALA J 95 -18.90 -16.11 -22.69
CA ALA J 95 -17.95 -16.37 -21.61
C ALA J 95 -16.53 -16.29 -22.12
N GLY J 96 -15.64 -15.71 -21.32
CA GLY J 96 -14.27 -15.57 -21.72
C GLY J 96 -13.39 -15.18 -20.54
N ASP J 97 -12.12 -14.94 -20.85
CA ASP J 97 -11.15 -14.58 -19.82
C ASP J 97 -10.03 -13.76 -20.45
N ILE J 98 -9.71 -12.63 -19.84
CA ILE J 98 -8.58 -11.79 -20.23
C ILE J 98 -7.48 -11.99 -19.19
N THR J 99 -6.32 -12.45 -19.65
CA THR J 99 -5.23 -12.82 -18.75
C THR J 99 -3.98 -12.00 -19.06
N PHE J 100 -3.18 -11.79 -18.02
CA PHE J 100 -1.89 -11.12 -18.11
C PHE J 100 -0.84 -12.01 -17.48
N THR J 101 0.13 -12.43 -18.28
CA THR J 101 1.19 -13.33 -17.84
C THR J 101 2.50 -12.54 -17.75
N PHE J 102 3.11 -12.54 -16.57
CA PHE J 102 4.35 -11.83 -16.37
C PHE J 102 5.50 -12.55 -17.06
N GLN J 103 6.37 -11.78 -17.69
CA GLN J 103 7.53 -12.32 -18.39
C GLN J 103 8.72 -12.43 -17.44
N THR J 104 9.60 -13.39 -17.73
CA THR J 104 10.77 -13.60 -16.90
C THR J 104 11.92 -12.67 -17.25
N GLY J 105 11.96 -12.15 -18.46
CA GLY J 105 13.01 -11.27 -18.91
C GLY J 105 12.77 -9.79 -18.65
N THR J 106 11.74 -9.45 -17.87
CA THR J 106 11.46 -8.05 -17.58
C THR J 106 10.91 -7.89 -16.16
N SER J 107 9.95 -8.74 -15.79
CA SER J 107 9.34 -8.64 -14.47
C SER J 107 10.36 -9.01 -13.39
N SER J 108 9.96 -8.79 -12.13
CA SER J 108 10.82 -9.08 -11.00
C SER J 108 10.86 -10.57 -10.73
N PRO J 109 11.86 -11.04 -9.96
CA PRO J 109 11.93 -12.49 -9.67
C PRO J 109 10.69 -13.02 -8.97
N LYS J 110 10.16 -12.28 -8.00
CA LYS J 110 8.98 -12.76 -7.27
C LYS J 110 7.77 -12.84 -8.19
N ASN J 111 7.54 -11.80 -8.99
CA ASN J 111 6.41 -11.75 -9.91
C ASN J 111 6.74 -12.38 -11.26
N ALA J 112 7.59 -13.40 -11.29
CA ALA J 112 7.98 -14.06 -12.52
C ALA J 112 7.10 -15.28 -12.76
N THR J 113 6.64 -15.43 -14.00
CA THR J 113 5.80 -16.55 -14.41
C THR J 113 4.44 -16.54 -13.71
N LYS J 114 4.06 -15.43 -13.09
CA LYS J 114 2.76 -15.31 -12.46
C LYS J 114 1.73 -14.81 -13.47
N VAL J 115 0.47 -15.13 -13.20
CA VAL J 115 -0.63 -14.87 -14.13
C VAL J 115 -1.80 -14.27 -13.36
N ILE J 116 -2.32 -13.15 -13.85
CA ILE J 116 -3.57 -12.57 -13.37
C ILE J 116 -4.63 -12.81 -14.43
N THR J 117 -5.89 -12.90 -14.01
CA THR J 117 -6.95 -13.21 -14.94
C THR J 117 -8.25 -12.54 -14.49
N LEU J 118 -9.03 -12.11 -15.48
CA LEU J 118 -10.38 -11.60 -15.26
C LEU J 118 -11.33 -12.41 -16.14
N ASN J 119 -12.24 -13.13 -15.50
CA ASN J 119 -13.16 -14.04 -16.17
C ASN J 119 -14.56 -13.47 -16.19
N ARG J 120 -15.32 -13.82 -17.23
CA ARG J 120 -16.70 -13.40 -17.41
C ARG J 120 -17.58 -14.64 -17.49
N THR J 121 -18.48 -14.79 -16.51
CA THR J 121 -19.36 -15.95 -16.49
C THR J 121 -20.32 -15.91 -17.67
N ALA J 122 -21.04 -17.01 -17.86
CA ALA J 122 -21.99 -17.10 -18.97
C ALA J 122 -23.17 -16.15 -18.76
N ASP J 123 -23.69 -16.08 -17.54
CA ASP J 123 -24.81 -15.19 -17.27
C ASP J 123 -24.42 -13.72 -17.43
N GLY J 124 -23.20 -13.37 -17.03
CA GLY J 124 -22.73 -12.00 -17.16
C GLY J 124 -22.22 -11.42 -15.87
N VAL J 125 -21.29 -12.13 -15.22
CA VAL J 125 -20.68 -11.68 -13.97
C VAL J 125 -19.17 -11.68 -14.15
N TRP J 126 -18.52 -10.61 -13.71
CA TRP J 126 -17.08 -10.44 -13.85
C TRP J 126 -16.40 -10.80 -12.53
N ALA J 127 -15.47 -11.74 -12.59
CA ALA J 127 -14.65 -12.12 -11.44
C ALA J 127 -13.19 -11.98 -11.83
N CYS J 128 -12.31 -12.01 -10.82
CA CYS J 128 -10.89 -11.85 -11.07
C CYS J 128 -10.11 -12.72 -10.09
N LYS J 129 -8.95 -13.20 -10.54
CA LYS J 129 -8.09 -14.05 -9.72
C LYS J 129 -6.65 -13.81 -10.12
N SER J 130 -5.74 -14.32 -9.28
CA SER J 130 -4.31 -14.18 -9.53
C SER J 130 -3.58 -15.32 -8.84
N THR J 131 -2.29 -15.46 -9.16
CA THR J 131 -1.46 -16.51 -8.59
C THR J 131 -0.28 -15.96 -7.78
N GLN J 132 -0.24 -14.64 -7.56
CA GLN J 132 0.84 -14.05 -6.80
C GLN J 132 0.63 -14.28 -5.31
N ASP J 133 1.62 -13.86 -4.52
CA ASP J 133 1.54 -14.02 -3.08
C ASP J 133 0.41 -13.18 -2.50
N PRO J 134 -0.04 -13.48 -1.29
CA PRO J 134 -1.14 -12.70 -0.71
C PRO J 134 -0.79 -11.23 -0.50
N MET J 135 0.42 -10.94 -0.03
CA MET J 135 0.80 -9.57 0.24
C MET J 135 1.03 -8.76 -1.04
N PHE J 136 1.28 -9.42 -2.16
CA PHE J 136 1.51 -8.73 -3.43
C PHE J 136 0.26 -8.64 -4.29
N THR J 137 -0.80 -9.38 -3.97
CA THR J 137 -2.02 -9.30 -4.75
C THR J 137 -2.72 -7.97 -4.49
N PRO J 138 -3.21 -7.29 -5.53
CA PRO J 138 -3.90 -6.01 -5.31
C PRO J 138 -5.13 -6.17 -4.44
N LYS J 139 -5.67 -5.03 -4.02
CA LYS J 139 -6.84 -5.00 -3.14
C LYS J 139 -8.14 -5.03 -3.94
N GLY J 140 -8.23 -5.96 -4.89
CA GLY J 140 -9.43 -6.09 -5.70
C GLY J 140 -9.64 -7.50 -6.23
N CYS J 141 -8.82 -8.45 -5.78
CA CYS J 141 -8.91 -9.83 -6.25
C CYS J 141 -8.49 -10.76 -5.12
N ASP J 142 -8.67 -12.05 -5.35
CA ASP J 142 -8.32 -13.09 -4.40
C ASP J 142 -7.04 -13.78 -4.86
N ASN J 143 -6.81 -15.00 -4.38
CA ASN J 143 -5.62 -15.76 -4.74
C ASN J 143 -5.93 -17.26 -4.77
N PHE K 1 43.28 10.07 0.78
CA PHE K 1 42.13 10.71 1.48
C PHE K 1 42.62 11.73 2.51
N THR K 2 41.83 12.78 2.70
CA THR K 2 42.14 13.85 3.63
C THR K 2 40.92 14.11 4.52
N LEU K 3 41.07 15.06 5.45
CA LEU K 3 39.98 15.38 6.36
C LEU K 3 38.99 16.36 5.74
N ILE K 4 39.44 17.17 4.77
CA ILE K 4 38.55 18.15 4.15
C ILE K 4 37.40 17.44 3.44
N GLU K 5 37.73 16.47 2.59
CA GLU K 5 36.70 15.75 1.84
C GLU K 5 35.74 15.02 2.78
N LEU K 6 36.28 14.35 3.80
CA LEU K 6 35.42 13.61 4.73
C LEU K 6 34.49 14.54 5.49
N MET K 7 35.01 15.70 5.94
CA MET K 7 34.18 16.64 6.67
C MET K 7 33.12 17.24 5.77
N ILE K 8 33.46 17.54 4.51
CA ILE K 8 32.48 18.08 3.57
C ILE K 8 31.39 17.05 3.31
N VAL K 9 31.77 15.77 3.18
CA VAL K 9 30.78 14.72 2.96
C VAL K 9 29.87 14.60 4.16
N VAL K 10 30.45 14.64 5.37
CA VAL K 10 29.63 14.53 6.58
C VAL K 10 28.67 15.71 6.68
N ALA K 11 29.12 16.91 6.31
CA ALA K 11 28.25 18.08 6.37
C ALA K 11 27.14 17.99 5.34
N ILE K 12 27.46 17.53 4.12
CA ILE K 12 26.43 17.40 3.10
C ILE K 12 25.42 16.32 3.49
N ILE K 13 25.87 15.27 4.17
CA ILE K 13 24.93 14.24 4.64
C ILE K 13 23.93 14.84 5.61
N GLY K 14 24.42 15.61 6.59
CA GLY K 14 23.51 16.24 7.53
C GLY K 14 22.60 17.26 6.85
N ILE K 15 23.11 17.95 5.85
CA ILE K 15 22.28 18.92 5.12
C ILE K 15 21.14 18.19 4.42
N LEU K 16 21.45 17.12 3.69
CA LEU K 16 20.42 16.34 3.01
C LEU K 16 19.45 15.72 4.01
N ALA K 17 19.93 15.36 5.20
CA ALA K 17 19.07 14.80 6.24
C ALA K 17 18.26 15.89 6.92
N ALA K 18 17.51 16.69 6.14
CA ALA K 18 16.71 17.77 6.70
C ALA K 18 15.46 18.04 5.88
N ILE K 19 15.15 17.20 4.88
CA ILE K 19 13.98 17.43 4.05
C ILE K 19 12.72 17.16 4.87
N ALA K 20 11.78 18.09 4.83
CA ALA K 20 10.54 17.93 5.56
C ALA K 20 9.60 16.96 4.84
N ILE K 21 8.61 16.46 5.57
CA ILE K 21 7.63 15.53 5.04
C ILE K 21 6.25 15.98 5.51
N PRO K 22 5.33 16.33 4.61
CA PRO K 22 3.99 16.76 5.04
C PRO K 22 3.09 15.56 5.33
N GLN K 23 1.84 15.86 5.67
CA GLN K 23 0.88 14.82 5.98
C GLN K 23 0.44 14.10 4.71
N TYR K 24 0.02 12.83 4.88
CA TYR K 24 -0.41 12.03 3.74
C TYR K 24 -1.48 11.02 4.14
N GLN K 25 -2.25 11.30 5.19
CA GLN K 25 -3.32 10.44 5.65
C GLN K 25 -4.69 10.85 5.13
N ASN K 26 -4.97 12.15 5.08
CA ASN K 26 -6.26 12.62 4.57
C ASN K 26 -6.47 12.19 3.13
N TYR K 27 -5.40 12.10 2.34
CA TYR K 27 -5.53 11.68 0.96
C TYR K 27 -6.15 10.29 0.87
N VAL K 28 -5.58 9.31 1.60
CA VAL K 28 -6.11 7.96 1.56
C VAL K 28 -7.49 7.91 2.23
N ALA K 29 -7.67 8.67 3.32
CA ALA K 29 -8.97 8.68 3.98
C ALA K 29 -10.08 9.15 3.05
N ARG K 30 -9.78 10.10 2.17
CA ARG K 30 -10.76 10.59 1.22
C ARG K 30 -10.89 9.66 0.02
N SER K 31 -9.79 9.06 -0.43
CA SER K 31 -9.86 8.13 -1.56
C SER K 31 -10.69 6.91 -1.22
N GLU K 32 -10.62 6.44 0.03
CA GLU K 32 -11.42 5.29 0.43
C GLU K 32 -12.91 5.61 0.33
N GLY K 33 -13.31 6.78 0.82
CA GLY K 33 -14.71 7.16 0.74
C GLY K 33 -15.16 7.44 -0.68
N ALA K 34 -14.26 7.99 -1.51
CA ALA K 34 -14.61 8.25 -2.90
C ALA K 34 -14.84 6.95 -3.67
N SER K 35 -14.23 5.85 -3.22
CA SER K 35 -14.41 4.56 -3.86
C SER K 35 -15.60 3.79 -3.28
N ALA K 36 -15.83 3.92 -1.98
CA ALA K 36 -16.94 3.20 -1.34
C ALA K 36 -18.27 3.59 -1.98
N LEU K 37 -18.54 4.90 -2.08
CA LEU K 37 -19.79 5.35 -2.67
C LEU K 37 -19.86 5.00 -4.15
N ALA K 38 -18.76 5.20 -4.87
CA ALA K 38 -18.75 4.85 -6.29
C ALA K 38 -19.04 3.38 -6.52
N THR K 39 -18.70 2.51 -5.56
CA THR K 39 -18.95 1.09 -5.70
C THR K 39 -20.37 0.71 -5.25
N ILE K 40 -20.90 1.37 -4.22
CA ILE K 40 -22.18 0.95 -3.66
C ILE K 40 -23.34 1.84 -4.09
N ASN K 41 -23.13 2.75 -5.03
CA ASN K 41 -24.22 3.58 -5.54
C ASN K 41 -25.04 2.85 -6.62
N PRO K 42 -24.40 2.19 -7.58
CA PRO K 42 -25.18 1.64 -8.71
C PRO K 42 -26.25 0.65 -8.31
N LEU K 43 -26.23 0.12 -7.09
CA LEU K 43 -27.24 -0.84 -6.67
C LEU K 43 -28.65 -0.23 -6.65
N LYS K 44 -28.74 1.10 -6.57
CA LYS K 44 -30.05 1.74 -6.58
C LYS K 44 -30.80 1.48 -7.87
N THR K 45 -30.08 1.39 -9.00
CA THR K 45 -30.73 1.08 -10.26
C THR K 45 -31.43 -0.27 -10.21
N THR K 46 -30.70 -1.31 -9.76
CA THR K 46 -31.30 -2.63 -9.67
C THR K 46 -32.44 -2.65 -8.66
N VAL K 47 -32.28 -1.93 -7.55
CA VAL K 47 -33.34 -1.89 -6.53
C VAL K 47 -34.61 -1.29 -7.14
N GLU K 48 -34.48 -0.16 -7.82
CA GLU K 48 -35.65 0.48 -8.42
C GLU K 48 -36.27 -0.41 -9.50
N GLU K 49 -35.42 -1.07 -10.31
CA GLU K 49 -35.96 -1.95 -11.34
C GLU K 49 -36.76 -3.09 -10.73
N SER K 50 -36.22 -3.71 -9.68
CA SER K 50 -36.91 -4.83 -9.04
C SER K 50 -38.19 -4.36 -8.35
N LEU K 51 -38.19 -3.15 -7.80
CA LEU K 51 -39.38 -2.66 -7.11
C LEU K 51 -40.46 -2.18 -8.09
N SER K 52 -40.07 -1.76 -9.29
CA SER K 52 -41.03 -1.27 -10.26
C SER K 52 -41.53 -2.36 -11.22
N ARG K 53 -40.75 -3.42 -11.41
CA ARG K 53 -41.17 -4.47 -12.33
C ARG K 53 -42.42 -5.18 -11.83
N GLY K 54 -42.35 -5.81 -10.66
CA GLY K 54 -43.48 -6.50 -10.11
C GLY K 54 -43.15 -7.30 -8.85
N ILE K 55 -41.94 -7.86 -8.80
CA ILE K 55 -41.54 -8.65 -7.65
C ILE K 55 -41.46 -7.75 -6.42
N ALA K 56 -41.78 -8.33 -5.26
CA ALA K 56 -41.75 -7.59 -4.01
C ALA K 56 -40.33 -7.56 -3.45
N GLY K 57 -40.16 -6.89 -2.31
CA GLY K 57 -38.87 -6.79 -1.68
C GLY K 57 -38.47 -8.07 -0.97
N SER K 58 -37.52 -7.97 -0.03
CA SER K 58 -37.06 -9.12 0.74
C SER K 58 -36.25 -10.07 -0.14
N LYS K 59 -36.87 -10.59 -1.21
CA LYS K 59 -36.18 -11.52 -2.09
C LYS K 59 -34.94 -10.91 -2.73
N ILE K 60 -34.86 -9.58 -2.79
CA ILE K 60 -33.69 -8.92 -3.36
C ILE K 60 -32.49 -9.16 -2.45
N LYS K 61 -31.49 -9.87 -2.97
CA LYS K 61 -30.30 -10.18 -2.19
C LYS K 61 -29.04 -9.87 -2.98
N ILE K 62 -27.88 -10.29 -2.46
CA ILE K 62 -26.61 -10.06 -3.11
C ILE K 62 -25.90 -11.40 -3.26
N GLY K 63 -24.83 -11.39 -4.07
CA GLY K 63 -24.04 -12.58 -4.34
C GLY K 63 -23.99 -12.88 -5.83
N THR K 64 -23.81 -14.17 -6.15
CA THR K 64 -23.74 -14.62 -7.53
C THR K 64 -24.38 -16.01 -7.58
N THR K 65 -25.71 -16.04 -7.58
CA THR K 65 -26.50 -17.26 -7.62
C THR K 65 -27.49 -17.23 -8.76
N ALA K 66 -27.07 -16.69 -9.92
CA ALA K 66 -27.93 -16.60 -11.09
C ALA K 66 -29.18 -15.80 -10.78
N SER K 67 -30.16 -15.83 -11.68
CA SER K 67 -31.41 -15.11 -11.50
C SER K 67 -32.53 -15.90 -12.14
N THR K 68 -33.77 -15.48 -11.84
CA THR K 68 -34.96 -16.13 -12.37
C THR K 68 -36.06 -15.09 -12.49
N ALA K 69 -37.29 -15.56 -12.72
CA ALA K 69 -38.45 -14.68 -12.87
C ALA K 69 -39.19 -14.47 -11.56
N THR K 70 -38.46 -14.39 -10.44
CA THR K 70 -39.09 -14.18 -9.14
C THR K 70 -38.13 -13.47 -8.19
N GLU K 71 -36.88 -13.94 -8.13
CA GLU K 71 -35.86 -13.38 -7.26
C GLU K 71 -34.80 -12.67 -8.09
N THR K 72 -34.18 -11.65 -7.48
CA THR K 72 -33.14 -10.87 -8.12
C THR K 72 -31.86 -10.98 -7.31
N TYR K 73 -30.73 -11.13 -8.00
CA TYR K 73 -29.42 -11.26 -7.37
C TYR K 73 -28.44 -10.39 -8.16
N VAL K 74 -28.13 -9.21 -7.63
CA VAL K 74 -27.15 -8.34 -8.28
C VAL K 74 -25.79 -9.02 -8.29
N GLY K 75 -25.09 -8.89 -9.42
CA GLY K 75 -23.84 -9.60 -9.62
C GLY K 75 -22.66 -9.00 -8.88
N VAL K 76 -22.71 -9.01 -7.55
CA VAL K 76 -21.59 -8.57 -6.73
C VAL K 76 -21.63 -9.33 -5.41
N GLU K 77 -20.46 -9.80 -4.97
CA GLU K 77 -20.39 -10.53 -3.71
C GLU K 77 -20.49 -9.58 -2.54
N PRO K 78 -20.90 -10.08 -1.37
CA PRO K 78 -21.00 -9.20 -0.19
C PRO K 78 -19.65 -8.66 0.27
N ASP K 79 -18.55 -9.24 -0.19
CA ASP K 79 -17.20 -8.79 0.15
C ASP K 79 -16.37 -8.61 -1.10
N ALA K 80 -17.00 -8.16 -2.19
CA ALA K 80 -16.27 -7.93 -3.43
C ALA K 80 -15.16 -6.91 -3.22
N ASN K 81 -15.49 -5.77 -2.63
CA ASN K 81 -14.49 -4.76 -2.32
C ASN K 81 -13.83 -5.10 -0.99
N LYS K 82 -12.51 -5.28 -1.01
CA LYS K 82 -11.78 -5.66 0.20
C LYS K 82 -11.74 -4.56 1.25
N LEU K 83 -12.24 -3.36 0.93
CA LEU K 83 -12.22 -2.28 1.91
C LEU K 83 -13.31 -2.42 2.96
N GLY K 84 -14.43 -3.05 2.62
CA GLY K 84 -15.51 -3.22 3.56
C GLY K 84 -16.48 -4.28 3.10
N VAL K 85 -17.66 -4.26 3.73
CA VAL K 85 -18.72 -5.23 3.47
C VAL K 85 -19.99 -4.47 3.10
N ILE K 86 -20.78 -5.05 2.20
CA ILE K 86 -22.04 -4.47 1.75
C ILE K 86 -23.19 -5.28 2.32
N ALA K 87 -24.30 -4.60 2.59
CA ALA K 87 -25.47 -5.27 3.14
C ALA K 87 -26.73 -4.58 2.63
N VAL K 88 -27.66 -5.38 2.09
CA VAL K 88 -28.93 -4.88 1.58
C VAL K 88 -30.05 -5.65 2.25
N ALA K 89 -31.18 -4.97 2.50
CA ALA K 89 -32.33 -5.60 3.14
C ALA K 89 -33.55 -4.72 2.85
N ILE K 90 -34.20 -4.99 1.72
CA ILE K 90 -35.39 -4.25 1.32
C ILE K 90 -36.61 -4.90 1.96
N GLU K 91 -37.40 -4.09 2.65
CA GLU K 91 -38.60 -4.59 3.32
C GLU K 91 -39.70 -4.86 2.30
N ASP K 92 -40.74 -5.56 2.75
CA ASP K 92 -41.86 -5.88 1.88
C ASP K 92 -42.61 -4.62 1.43
N SER K 93 -42.57 -3.57 2.24
CA SER K 93 -43.25 -2.32 1.91
C SER K 93 -42.43 -1.41 1.01
N GLY K 94 -41.35 -1.91 0.42
CA GLY K 94 -40.50 -1.14 -0.46
C GLY K 94 -39.39 -0.38 0.25
N ALA K 95 -39.64 0.09 1.47
CA ALA K 95 -38.63 0.83 2.20
C ALA K 95 -37.45 -0.09 2.55
N GLY K 96 -36.25 0.46 2.45
CA GLY K 96 -35.07 -0.32 2.75
C GLY K 96 -33.84 0.56 2.86
N ASP K 97 -32.70 -0.09 3.05
CA ASP K 97 -31.44 0.63 3.20
C ASP K 97 -30.29 -0.27 2.75
N ILE K 98 -29.41 0.28 1.91
CA ILE K 98 -28.19 -0.39 1.48
C ILE K 98 -27.03 0.27 2.21
N THR K 99 -26.28 -0.52 2.97
CA THR K 99 -25.23 0.00 3.83
C THR K 99 -23.89 -0.63 3.47
N PHE K 100 -22.83 0.15 3.71
CA PHE K 100 -21.45 -0.29 3.52
C PHE K 100 -20.70 -0.03 4.82
N THR K 101 -20.19 -1.10 5.43
CA THR K 101 -19.48 -1.04 6.70
C THR K 101 -18.00 -1.29 6.45
N PHE K 102 -17.16 -0.34 6.84
CA PHE K 102 -15.73 -0.48 6.64
C PHE K 102 -15.16 -1.52 7.61
N GLN K 103 -14.24 -2.34 7.10
CA GLN K 103 -13.60 -3.37 7.90
C GLN K 103 -12.34 -2.82 8.57
N THR K 104 -12.00 -3.39 9.72
CA THR K 104 -10.82 -2.95 10.46
C THR K 104 -9.53 -3.57 9.95
N GLY K 105 -9.62 -4.73 9.29
CA GLY K 105 -8.46 -5.43 8.78
C GLY K 105 -8.05 -5.04 7.37
N THR K 106 -8.63 -3.98 6.81
CA THR K 106 -8.28 -3.54 5.47
C THR K 106 -8.34 -2.03 5.35
N SER K 107 -9.43 -1.43 5.84
CA SER K 107 -9.59 0.01 5.74
C SER K 107 -8.55 0.73 6.61
N SER K 108 -8.51 2.05 6.45
CA SER K 108 -7.56 2.87 7.19
C SER K 108 -8.02 3.05 8.63
N PRO K 109 -7.12 3.47 9.53
CA PRO K 109 -7.54 3.67 10.93
C PRO K 109 -8.67 4.67 11.10
N LYS K 110 -8.61 5.79 10.37
CA LYS K 110 -9.65 6.80 10.51
C LYS K 110 -10.99 6.29 10.02
N ASN K 111 -11.01 5.63 8.86
CA ASN K 111 -12.23 5.08 8.28
C ASN K 111 -12.52 3.67 8.77
N ALA K 112 -12.14 3.35 10.00
CA ALA K 112 -12.37 2.02 10.56
C ALA K 112 -13.68 2.00 11.34
N THR K 113 -14.46 0.94 11.13
CA THR K 113 -15.75 0.74 11.80
C THR K 113 -16.77 1.80 11.44
N LYS K 114 -16.52 2.56 10.37
CA LYS K 114 -17.47 3.55 9.89
C LYS K 114 -18.46 2.92 8.92
N VAL K 115 -19.63 3.52 8.82
CA VAL K 115 -20.75 2.97 8.04
C VAL K 115 -21.36 4.08 7.20
N ILE K 116 -21.52 3.80 5.90
CA ILE K 116 -22.29 4.67 5.00
C ILE K 116 -23.59 3.94 4.69
N THR K 117 -24.64 4.71 4.41
CA THR K 117 -25.94 4.12 4.17
C THR K 117 -26.72 4.96 3.17
N LEU K 118 -27.51 4.27 2.33
CA LEU K 118 -28.46 4.90 1.42
C LEU K 118 -29.83 4.30 1.70
N ASN K 119 -30.77 5.15 2.15
CA ASN K 119 -32.10 4.73 2.57
C ASN K 119 -33.12 5.15 1.54
N ARG K 120 -34.20 4.35 1.45
CA ARG K 120 -35.30 4.61 0.54
C ARG K 120 -36.58 4.74 1.36
N THR K 121 -37.19 5.92 1.34
CA THR K 121 -38.41 6.15 2.11
C THR K 121 -39.56 5.30 1.55
N ALA K 122 -40.66 5.28 2.28
CA ALA K 122 -41.81 4.50 1.86
C ALA K 122 -42.44 5.09 0.60
N ASP K 123 -42.58 6.41 0.54
CA ASP K 123 -43.18 7.04 -0.63
C ASP K 123 -42.30 6.84 -1.87
N GLY K 124 -40.98 6.87 -1.71
CA GLY K 124 -40.08 6.67 -2.83
C GLY K 124 -39.08 7.79 -2.99
N VAL K 125 -38.36 8.10 -1.92
CA VAL K 125 -37.33 9.14 -1.92
C VAL K 125 -36.02 8.53 -1.41
N TRP K 126 -34.94 8.81 -2.12
CA TRP K 126 -33.62 8.27 -1.79
C TRP K 126 -32.82 9.31 -1.02
N ALA K 127 -32.36 8.93 0.17
CA ALA K 127 -31.49 9.77 0.98
C ALA K 127 -30.22 8.98 1.31
N CYS K 128 -29.21 9.68 1.79
CA CYS K 128 -27.94 9.03 2.11
C CYS K 128 -27.34 9.71 3.34
N LYS K 129 -26.60 8.92 4.12
CA LYS K 129 -25.95 9.40 5.33
C LYS K 129 -24.67 8.61 5.56
N SER K 130 -23.84 9.12 6.47
CA SER K 130 -22.59 8.47 6.81
C SER K 130 -22.20 8.86 8.23
N THR K 131 -21.19 8.18 8.76
CA THR K 131 -20.70 8.43 10.11
C THR K 131 -19.24 8.88 10.13
N GLN K 132 -18.64 9.14 8.97
CA GLN K 132 -17.26 9.58 8.91
C GLN K 132 -17.16 11.05 9.28
N ASP K 133 -15.91 11.54 9.36
CA ASP K 133 -15.68 12.93 9.70
C ASP K 133 -16.22 13.85 8.61
N PRO K 134 -16.43 15.13 8.93
CA PRO K 134 -16.97 16.04 7.90
C PRO K 134 -16.04 16.20 6.70
N MET K 135 -14.74 16.30 6.93
CA MET K 135 -13.80 16.52 5.83
C MET K 135 -13.62 15.27 4.98
N PHE K 136 -13.93 14.10 5.50
CA PHE K 136 -13.79 12.85 4.76
C PHE K 136 -15.08 12.39 4.10
N THR K 137 -16.22 12.98 4.46
CA THR K 137 -17.48 12.60 3.84
C THR K 137 -17.52 13.11 2.40
N PRO K 138 -17.98 12.29 1.44
CA PRO K 138 -18.03 12.76 0.06
C PRO K 138 -18.97 13.95 -0.10
N LYS K 139 -18.91 14.55 -1.28
CA LYS K 139 -19.72 15.74 -1.59
C LYS K 139 -21.09 15.35 -2.14
N GLY K 140 -21.77 14.43 -1.45
CA GLY K 140 -23.09 14.01 -1.86
C GLY K 140 -23.94 13.50 -0.73
N CYS K 141 -23.46 13.64 0.50
CA CYS K 141 -24.19 13.15 1.67
C CYS K 141 -23.88 14.07 2.85
N ASP K 142 -24.60 13.84 3.95
CA ASP K 142 -24.44 14.59 5.18
C ASP K 142 -23.67 13.75 6.20
N ASN K 143 -23.81 14.09 7.48
CA ASN K 143 -23.14 13.36 8.54
C ASN K 143 -23.98 13.35 9.81
N PHE L 1 31.60 5.53 2.64
CA PHE L 1 31.00 6.56 1.76
C PHE L 1 32.08 7.45 1.13
N THR L 2 31.83 7.91 -0.08
CA THR L 2 32.75 8.77 -0.82
C THR L 2 31.99 9.98 -1.34
N LEU L 3 32.71 10.88 -2.02
CA LEU L 3 32.09 12.07 -2.57
C LEU L 3 31.43 11.81 -3.91
N ILE L 4 31.89 10.81 -4.65
CA ILE L 4 31.31 10.52 -5.97
C ILE L 4 29.85 10.14 -5.83
N GLU L 5 29.55 9.19 -4.93
CA GLU L 5 28.18 8.75 -4.76
C GLU L 5 27.29 9.88 -4.27
N LEU L 6 27.76 10.67 -3.30
CA LEU L 6 26.96 11.77 -2.78
C LEU L 6 26.68 12.81 -3.86
N MET L 7 27.69 13.15 -4.65
CA MET L 7 27.49 14.14 -5.71
C MET L 7 26.54 13.61 -6.78
N ILE L 8 26.65 12.32 -7.12
CA ILE L 8 25.74 11.75 -8.11
C ILE L 8 24.32 11.77 -7.58
N VAL L 9 24.14 11.46 -6.30
CA VAL L 9 22.81 11.50 -5.70
C VAL L 9 22.25 12.92 -5.72
N VAL L 10 23.09 13.90 -5.38
CA VAL L 10 22.63 15.29 -5.37
C VAL L 10 22.24 15.71 -6.78
N ALA L 11 23.01 15.29 -7.79
CA ALA L 11 22.69 15.65 -9.17
C ALA L 11 21.40 15.00 -9.63
N ILE L 12 21.20 13.72 -9.28
CA ILE L 12 19.98 13.03 -9.67
C ILE L 12 18.77 13.65 -8.98
N ILE L 13 18.94 14.12 -7.75
CA ILE L 13 17.85 14.78 -7.05
C ILE L 13 17.42 16.05 -7.80
N GLY L 14 18.40 16.87 -8.19
CA GLY L 14 18.08 18.06 -8.95
C GLY L 14 17.47 17.74 -10.30
N ILE L 15 17.94 16.67 -10.93
CA ILE L 15 17.38 16.25 -12.22
C ILE L 15 15.91 15.89 -12.06
N LEU L 16 15.61 15.04 -11.07
CA LEU L 16 14.22 14.66 -10.82
C LEU L 16 13.37 15.87 -10.43
N ALA L 17 13.96 16.86 -9.75
CA ALA L 17 13.23 18.06 -9.37
C ALA L 17 13.12 19.01 -10.55
N ALA L 18 12.56 18.53 -11.66
CA ALA L 18 12.39 19.35 -12.86
C ALA L 18 11.17 18.94 -13.68
N ILE L 19 10.33 18.04 -13.17
CA ILE L 19 9.16 17.60 -13.92
C ILE L 19 8.15 18.73 -13.98
N ALA L 20 7.65 19.02 -15.18
CA ALA L 20 6.67 20.08 -15.35
C ALA L 20 5.29 19.60 -14.90
N ILE L 21 4.40 20.58 -14.68
CA ILE L 21 3.04 20.32 -14.24
C ILE L 21 2.10 21.19 -15.06
N PRO L 22 1.18 20.62 -15.84
CA PRO L 22 0.27 21.44 -16.64
C PRO L 22 -0.91 21.91 -15.81
N GLN L 23 -1.81 22.63 -16.47
CA GLN L 23 -2.99 23.15 -15.80
C GLN L 23 -3.98 22.03 -15.48
N TYR L 24 -4.79 22.26 -14.43
CA TYR L 24 -5.77 21.27 -14.01
C TYR L 24 -7.01 21.91 -13.40
N GLN L 25 -7.31 23.15 -13.77
CA GLN L 25 -8.48 23.87 -13.27
C GLN L 25 -9.68 23.77 -14.21
N ASN L 26 -9.44 23.88 -15.53
CA ASN L 26 -10.53 23.80 -16.48
C ASN L 26 -11.25 22.46 -16.38
N TYR L 27 -10.53 21.39 -16.05
CA TYR L 27 -11.16 20.08 -15.91
C TYR L 27 -12.27 20.12 -14.86
N VAL L 28 -11.95 20.60 -13.66
CA VAL L 28 -12.94 20.66 -12.59
C VAL L 28 -14.02 21.69 -12.93
N ALA L 29 -13.62 22.82 -13.53
CA ALA L 29 -14.59 23.85 -13.89
C ALA L 29 -15.63 23.30 -14.85
N ARG L 30 -15.23 22.41 -15.76
CA ARG L 30 -16.17 21.82 -16.70
C ARG L 30 -16.94 20.66 -16.07
N SER L 31 -16.30 19.89 -15.20
CA SER L 31 -16.99 18.78 -14.55
C SER L 31 -18.12 19.30 -13.65
N GLU L 32 -17.91 20.45 -13.00
CA GLU L 32 -18.96 21.01 -12.16
C GLU L 32 -20.19 21.36 -12.98
N GLY L 33 -19.97 22.00 -14.14
CA GLY L 33 -21.11 22.35 -14.99
C GLY L 33 -21.76 21.14 -15.62
N ALA L 34 -20.96 20.12 -15.94
CA ALA L 34 -21.52 18.90 -16.53
C ALA L 34 -22.41 18.17 -15.52
N SER L 35 -22.17 18.36 -14.23
CA SER L 35 -22.99 17.75 -13.19
C SER L 35 -24.18 18.62 -12.81
N ALA L 36 -24.02 19.93 -12.81
CA ALA L 36 -25.12 20.82 -12.44
C ALA L 36 -26.31 20.63 -13.36
N LEU L 37 -26.07 20.68 -14.67
CA LEU L 37 -27.17 20.51 -15.62
C LEU L 37 -27.75 19.10 -15.55
N ALA L 38 -26.87 18.09 -15.46
CA ALA L 38 -27.35 16.71 -15.36
C ALA L 38 -28.23 16.51 -14.13
N THR L 39 -28.01 17.28 -13.08
CA THR L 39 -28.82 17.17 -11.86
C THR L 39 -30.11 17.97 -11.93
N ILE L 40 -30.07 19.15 -12.56
CA ILE L 40 -31.22 20.05 -12.55
C ILE L 40 -32.03 20.01 -13.84
N ASN L 41 -31.73 19.10 -14.76
CA ASN L 41 -32.52 18.98 -15.98
C ASN L 41 -33.79 18.16 -15.76
N PRO L 42 -33.72 17.01 -15.08
CA PRO L 42 -34.90 16.13 -15.01
C PRO L 42 -36.14 16.78 -14.41
N LEU L 43 -36.01 17.93 -13.72
CA LEU L 43 -37.18 18.56 -13.13
C LEU L 43 -38.18 19.02 -14.18
N LYS L 44 -37.74 19.21 -15.43
CA LYS L 44 -38.66 19.61 -16.48
C LYS L 44 -39.76 18.58 -16.70
N THR L 45 -39.44 17.29 -16.54
CA THR L 45 -40.46 16.25 -16.69
C THR L 45 -41.57 16.45 -15.67
N THR L 46 -41.21 16.61 -14.39
CA THR L 46 -42.22 16.81 -13.36
C THR L 46 -42.97 18.11 -13.58
N VAL L 47 -42.28 19.16 -14.03
CA VAL L 47 -42.96 20.43 -14.28
C VAL L 47 -44.02 20.27 -15.36
N GLU L 48 -43.64 19.62 -16.47
CA GLU L 48 -44.59 19.42 -17.57
C GLU L 48 -45.75 18.54 -17.13
N GLU L 49 -45.46 17.48 -16.36
CA GLU L 49 -46.53 16.61 -15.88
C GLU L 49 -47.52 17.38 -15.01
N SER L 50 -47.00 18.20 -14.08
CA SER L 50 -47.88 18.95 -13.20
C SER L 50 -48.68 20.00 -13.97
N LEU L 51 -48.07 20.58 -15.01
CA LEU L 51 -48.78 21.62 -15.77
C LEU L 51 -49.80 21.03 -16.74
N SER L 52 -49.60 19.79 -17.19
CA SER L 52 -50.52 19.16 -18.12
C SER L 52 -51.60 18.34 -17.44
N ARG L 53 -51.37 17.88 -16.21
CA ARG L 53 -52.37 17.08 -15.52
C ARG L 53 -53.63 17.88 -15.23
N GLY L 54 -53.50 18.95 -14.45
CA GLY L 54 -54.65 19.78 -14.11
C GLY L 54 -54.32 20.84 -13.07
N ILE L 55 -53.45 20.50 -12.12
CA ILE L 55 -53.10 21.45 -11.08
C ILE L 55 -52.38 22.65 -11.68
N ALA L 56 -52.59 23.81 -11.09
CA ALA L 56 -51.96 25.04 -11.56
C ALA L 56 -50.54 25.16 -11.01
N GLY L 57 -49.85 26.22 -11.40
CA GLY L 57 -48.50 26.46 -10.93
C GLY L 57 -48.44 26.95 -9.50
N SER L 58 -47.33 27.58 -9.12
CA SER L 58 -47.17 28.12 -7.78
C SER L 58 -47.03 27.00 -6.75
N LYS L 59 -48.05 26.14 -6.65
CA LYS L 59 -48.01 25.05 -5.69
C LYS L 59 -46.84 24.10 -5.92
N ILE L 60 -46.28 24.08 -7.12
CA ILE L 60 -45.13 23.22 -7.41
C ILE L 60 -43.94 23.74 -6.63
N LYS L 61 -43.43 22.91 -5.71
CA LYS L 61 -42.30 23.30 -4.88
C LYS L 61 -41.26 22.19 -4.84
N ILE L 62 -40.26 22.32 -3.98
CA ILE L 62 -39.19 21.34 -3.84
C ILE L 62 -39.12 20.92 -2.38
N GLY L 63 -38.37 19.84 -2.13
CA GLY L 63 -38.19 19.29 -0.80
C GLY L 63 -38.63 17.84 -0.74
N THR L 64 -39.04 17.42 0.46
CA THR L 64 -39.50 16.05 0.71
C THR L 64 -40.62 16.12 1.75
N THR L 65 -41.81 16.51 1.31
CA THR L 65 -42.98 16.65 2.16
C THR L 65 -44.15 15.85 1.60
N ALA L 66 -43.86 14.65 1.08
CA ALA L 66 -44.89 13.79 0.51
C ALA L 66 -45.62 14.49 -0.63
N SER L 67 -46.74 13.91 -1.07
CA SER L 67 -47.51 14.49 -2.16
C SER L 67 -48.99 14.17 -1.91
N THR L 68 -49.84 14.84 -2.68
CA THR L 68 -51.29 14.66 -2.59
C THR L 68 -51.90 14.92 -3.95
N ALA L 69 -53.23 15.03 -3.98
CA ALA L 69 -53.97 15.26 -5.22
C ALA L 69 -54.21 16.74 -5.48
N THR L 70 -53.25 17.60 -5.13
CA THR L 70 -53.39 19.03 -5.34
C THR L 70 -52.03 19.70 -5.51
N GLU L 71 -51.09 19.36 -4.63
CA GLU L 71 -49.75 19.93 -4.65
C GLU L 71 -48.74 18.86 -5.06
N THR L 72 -47.66 19.30 -5.69
CA THR L 72 -46.59 18.43 -6.15
C THR L 72 -45.28 18.83 -5.48
N TYR L 73 -44.52 17.82 -5.06
CA TYR L 73 -43.24 18.03 -4.38
C TYR L 73 -42.24 17.04 -4.95
N VAL L 74 -41.37 17.51 -5.86
CA VAL L 74 -40.35 16.64 -6.42
C VAL L 74 -39.40 16.20 -5.32
N GLY L 75 -39.01 14.92 -5.36
CA GLY L 75 -38.22 14.33 -4.30
C GLY L 75 -36.75 14.72 -4.32
N VAL L 76 -36.47 16.00 -4.12
CA VAL L 76 -35.08 16.48 -4.02
C VAL L 76 -35.08 17.71 -3.13
N GLU L 77 -34.11 17.78 -2.21
CA GLU L 77 -34.00 18.91 -1.32
C GLU L 77 -33.42 20.12 -2.05
N PRO L 78 -33.69 21.33 -1.56
CA PRO L 78 -33.14 22.52 -2.21
C PRO L 78 -31.62 22.58 -2.18
N ASP L 79 -30.98 21.80 -1.32
CA ASP L 79 -29.52 21.76 -1.21
C ASP L 79 -29.02 20.32 -1.29
N ALA L 80 -29.70 19.49 -2.09
CA ALA L 80 -29.28 18.10 -2.24
C ALA L 80 -27.85 18.03 -2.76
N ASN L 81 -27.56 18.74 -3.84
CA ASN L 81 -26.21 18.79 -4.38
C ASN L 81 -25.41 19.85 -3.63
N LYS L 82 -24.31 19.44 -3.00
CA LYS L 82 -23.50 20.35 -2.20
C LYS L 82 -22.78 21.39 -3.05
N LEU L 83 -22.84 21.31 -4.38
CA LEU L 83 -22.17 22.29 -5.22
C LEU L 83 -22.93 23.60 -5.30
N GLY L 84 -24.25 23.57 -5.17
CA GLY L 84 -25.03 24.78 -5.24
C GLY L 84 -26.43 24.58 -4.67
N VAL L 85 -27.30 25.52 -5.01
CA VAL L 85 -28.68 25.54 -4.53
C VAL L 85 -29.61 25.60 -5.72
N ILE L 86 -30.76 24.94 -5.61
CA ILE L 86 -31.77 24.91 -6.66
C ILE L 86 -32.96 25.75 -6.22
N ALA L 87 -33.62 26.36 -7.19
CA ALA L 87 -34.79 27.20 -6.90
C ALA L 87 -35.78 27.12 -8.06
N VAL L 88 -37.03 26.84 -7.73
CA VAL L 88 -38.11 26.74 -8.71
C VAL L 88 -39.23 27.68 -8.29
N ALA L 89 -39.90 28.27 -9.27
CA ALA L 89 -41.01 29.20 -9.00
C ALA L 89 -41.83 29.31 -10.28
N ILE L 90 -42.80 28.42 -10.44
CA ILE L 90 -43.68 28.42 -11.60
C ILE L 90 -44.85 29.36 -11.33
N GLU L 91 -45.07 30.29 -12.25
CA GLU L 91 -46.16 31.25 -12.10
C GLU L 91 -47.50 30.59 -12.40
N ASP L 92 -48.58 31.30 -12.05
CA ASP L 92 -49.92 30.77 -12.28
C ASP L 92 -50.22 30.63 -13.76
N SER L 93 -49.58 31.43 -14.61
CA SER L 93 -49.79 31.38 -16.05
C SER L 93 -48.94 30.33 -16.74
N GLY L 94 -48.32 29.42 -15.99
CA GLY L 94 -47.50 28.37 -16.54
C GLY L 94 -46.05 28.76 -16.75
N ALA L 95 -45.78 30.02 -17.07
CA ALA L 95 -44.41 30.46 -17.29
C ALA L 95 -43.62 30.41 -15.98
N GLY L 96 -42.37 29.98 -16.08
CA GLY L 96 -41.53 29.88 -14.90
C GLY L 96 -40.09 29.68 -15.27
N ASP L 97 -39.26 29.49 -14.24
CA ASP L 97 -37.84 29.30 -14.43
C ASP L 97 -37.26 28.49 -13.27
N ILE L 98 -36.49 27.47 -13.60
CA ILE L 98 -35.77 26.65 -12.63
C ILE L 98 -34.31 27.04 -12.71
N THR L 99 -33.74 27.51 -11.60
CA THR L 99 -32.39 28.04 -11.57
C THR L 99 -31.52 27.28 -10.59
N PHE L 100 -30.23 27.23 -10.89
CA PHE L 100 -29.21 26.63 -10.04
C PHE L 100 -28.12 27.66 -9.81
N THR L 101 -27.92 28.04 -8.55
CA THR L 101 -26.95 29.04 -8.17
C THR L 101 -25.79 28.36 -7.45
N PHE L 102 -24.58 28.53 -7.98
CA PHE L 102 -23.41 27.92 -7.37
C PHE L 102 -23.05 28.62 -6.07
N GLN L 103 -22.67 27.83 -5.07
CA GLN L 103 -22.29 28.36 -3.76
C GLN L 103 -20.80 28.65 -3.73
N THR L 104 -20.42 29.62 -2.90
CA THR L 104 -19.02 30.01 -2.79
C THR L 104 -18.24 29.11 -1.84
N GLY L 105 -18.91 28.46 -0.90
CA GLY L 105 -18.27 27.58 0.07
C GLY L 105 -18.12 26.14 -0.36
N THR L 106 -18.38 25.84 -1.63
CA THR L 106 -18.24 24.46 -2.12
C THR L 106 -17.76 24.44 -3.56
N SER L 107 -18.36 25.26 -4.41
CA SER L 107 -17.99 25.28 -5.82
C SER L 107 -16.57 25.84 -5.99
N SER L 108 -16.06 25.74 -7.22
CA SER L 108 -14.73 26.21 -7.53
C SER L 108 -14.72 27.74 -7.63
N PRO L 109 -13.52 28.34 -7.57
CA PRO L 109 -13.46 29.81 -7.67
C PRO L 109 -14.04 30.35 -8.97
N LYS L 110 -13.75 29.70 -10.10
CA LYS L 110 -14.25 30.19 -11.39
C LYS L 110 -15.77 30.09 -11.45
N ASN L 111 -16.33 28.95 -11.03
CA ASN L 111 -17.76 28.72 -11.03
C ASN L 111 -18.44 29.21 -9.76
N ALA L 112 -17.91 30.26 -9.14
CA ALA L 112 -18.47 30.80 -7.91
C ALA L 112 -19.45 31.93 -8.22
N THR L 113 -20.60 31.90 -7.55
CA THR L 113 -21.65 32.92 -7.71
C THR L 113 -22.25 32.91 -9.11
N LYS L 114 -22.02 31.86 -9.89
CA LYS L 114 -22.60 31.73 -11.21
C LYS L 114 -23.97 31.05 -11.12
N VAL L 115 -24.81 31.34 -12.10
CA VAL L 115 -26.20 30.89 -12.10
C VAL L 115 -26.55 30.33 -13.47
N ILE L 116 -27.12 29.13 -13.48
CA ILE L 116 -27.70 28.53 -14.68
C ILE L 116 -29.22 28.57 -14.52
N THR L 117 -29.93 28.65 -15.65
CA THR L 117 -31.38 28.79 -15.60
C THR L 117 -32.01 28.09 -16.79
N LEU L 118 -33.18 27.50 -16.56
CA LEU L 118 -34.02 26.94 -17.61
C LEU L 118 -35.40 27.57 -17.50
N ASN L 119 -35.79 28.31 -18.53
CA ASN L 119 -37.02 29.08 -18.55
C ASN L 119 -38.04 28.42 -19.46
N ARG L 120 -39.32 28.61 -19.11
CA ARG L 120 -40.44 28.08 -19.89
C ARG L 120 -41.32 29.25 -20.32
N THR L 121 -41.41 29.46 -21.63
CA THR L 121 -42.22 30.56 -22.15
C THR L 121 -43.70 30.33 -21.84
N ALA L 122 -44.50 31.35 -22.11
CA ALA L 122 -45.94 31.25 -21.85
C ALA L 122 -46.59 30.27 -22.81
N ASP L 123 -46.22 30.31 -24.09
CA ASP L 123 -46.82 29.38 -25.06
C ASP L 123 -46.43 27.94 -24.77
N GLY L 124 -45.20 27.71 -24.30
CA GLY L 124 -44.76 26.36 -23.97
C GLY L 124 -43.48 25.97 -24.68
N VAL L 125 -42.45 26.80 -24.55
CA VAL L 125 -41.14 26.54 -25.15
C VAL L 125 -40.10 26.62 -24.05
N TRP L 126 -39.19 25.63 -24.04
CA TRP L 126 -38.14 25.54 -23.03
C TRP L 126 -36.85 26.09 -23.59
N ALA L 127 -36.28 27.08 -22.90
CA ALA L 127 -34.97 27.63 -23.24
C ALA L 127 -34.07 27.53 -22.02
N CYS L 128 -32.77 27.73 -22.23
CA CYS L 128 -31.81 27.64 -21.15
C CYS L 128 -30.70 28.67 -21.36
N LYS L 129 -30.15 29.15 -20.25
CA LYS L 129 -29.08 30.14 -20.28
C LYS L 129 -28.18 29.95 -19.07
N SER L 130 -27.03 30.60 -19.11
CA SER L 130 -26.06 30.53 -18.03
C SER L 130 -25.21 31.79 -18.03
N THR L 131 -24.44 31.96 -16.96
CA THR L 131 -23.56 33.12 -16.80
C THR L 131 -22.10 32.73 -16.72
N GLN L 132 -21.75 31.47 -16.92
CA GLN L 132 -20.37 31.03 -16.85
C GLN L 132 -19.63 31.42 -18.13
N ASP L 133 -18.32 31.15 -18.12
CA ASP L 133 -17.49 31.48 -19.27
C ASP L 133 -17.91 30.64 -20.48
N PRO L 134 -17.52 31.06 -21.69
CA PRO L 134 -17.92 30.29 -22.87
C PRO L 134 -17.34 28.88 -22.89
N MET L 135 -16.08 28.72 -22.50
CA MET L 135 -15.44 27.41 -22.53
C MET L 135 -15.97 26.47 -21.44
N PHE L 136 -16.57 27.01 -20.38
CA PHE L 136 -17.09 26.20 -19.30
C PHE L 136 -18.60 25.92 -19.43
N THR L 137 -19.29 26.63 -20.32
CA THR L 137 -20.71 26.39 -20.50
C THR L 137 -20.93 25.05 -21.21
N PRO L 138 -21.88 24.23 -20.77
CA PRO L 138 -22.10 22.95 -21.43
C PRO L 138 -22.53 23.14 -22.88
N LYS L 139 -22.55 22.02 -23.61
CA LYS L 139 -22.89 22.01 -25.02
C LYS L 139 -24.40 21.88 -25.23
N GLY L 140 -25.17 22.69 -24.52
CA GLY L 140 -26.61 22.66 -24.66
C GLY L 140 -27.28 23.96 -24.30
N CYS L 141 -26.49 25.02 -24.08
CA CYS L 141 -27.02 26.32 -23.71
C CYS L 141 -26.10 27.40 -24.26
N ASP L 142 -26.54 28.64 -24.12
CA ASP L 142 -25.81 29.80 -24.58
C ASP L 142 -25.18 30.52 -23.38
N ASN L 143 -24.85 31.80 -23.54
CA ASN L 143 -24.26 32.58 -22.46
C ASN L 143 -24.69 34.04 -22.56
N PHE M 1 19.96 10.49 3.08
CA PHE M 1 19.59 9.87 1.78
C PHE M 1 20.73 9.01 1.25
N THR M 2 20.37 7.93 0.54
CA THR M 2 21.33 7.01 -0.04
C THR M 2 20.97 6.78 -1.51
N LEU M 3 21.79 5.96 -2.18
CA LEU M 3 21.55 5.68 -3.59
C LEU M 3 20.52 4.58 -3.79
N ILE M 4 20.36 3.68 -2.81
CA ILE M 4 19.41 2.59 -2.95
C ILE M 4 17.99 3.14 -3.09
N GLU M 5 17.60 4.04 -2.19
CA GLU M 5 16.25 4.59 -2.22
C GLU M 5 16.02 5.36 -3.52
N LEU M 6 16.99 6.18 -3.93
CA LEU M 6 16.82 6.97 -5.14
C LEU M 6 16.70 6.07 -6.37
N MET M 7 17.51 5.02 -6.45
CA MET M 7 17.45 4.12 -7.58
C MET M 7 16.13 3.36 -7.60
N ILE M 8 15.64 2.94 -6.42
CA ILE M 8 14.37 2.24 -6.36
C ILE M 8 13.24 3.15 -6.80
N VAL M 9 13.29 4.43 -6.39
CA VAL M 9 12.27 5.39 -6.79
C VAL M 9 12.31 5.59 -8.30
N VAL M 10 13.51 5.73 -8.86
CA VAL M 10 13.64 5.92 -10.30
C VAL M 10 13.10 4.71 -11.05
N ALA M 11 13.36 3.51 -10.54
CA ALA M 11 12.87 2.30 -11.20
C ALA M 11 11.35 2.21 -11.11
N ILE M 12 10.78 2.54 -9.95
CA ILE M 12 9.33 2.49 -9.82
C ILE M 12 8.67 3.54 -10.70
N ILE M 13 9.32 4.69 -10.89
CA ILE M 13 8.78 5.71 -11.77
C ILE M 13 8.68 5.17 -13.19
N GLY M 14 9.76 4.56 -13.69
CA GLY M 14 9.74 3.97 -15.02
C GLY M 14 8.72 2.85 -15.13
N ILE M 15 8.58 2.06 -14.06
CA ILE M 15 7.59 0.97 -14.08
C ILE M 15 6.19 1.55 -14.24
N LEU M 16 5.84 2.54 -13.41
CA LEU M 16 4.54 3.17 -13.51
C LEU M 16 4.34 3.85 -14.86
N ALA M 17 5.41 4.37 -15.46
CA ALA M 17 5.32 4.99 -16.78
C ALA M 17 5.27 3.94 -17.87
N ALA M 18 4.31 3.03 -17.78
CA ALA M 18 4.17 1.97 -18.79
C ALA M 18 2.72 1.53 -18.97
N ILE M 19 1.76 2.21 -18.35
CA ILE M 19 0.36 1.83 -18.47
C ILE M 19 -0.13 2.13 -19.88
N ALA M 20 -0.76 1.14 -20.50
CA ALA M 20 -1.28 1.30 -21.85
C ALA M 20 -2.57 2.12 -21.83
N ILE M 21 -2.93 2.64 -23.01
CA ILE M 21 -4.13 3.45 -23.17
C ILE M 21 -4.84 2.97 -24.44
N PRO M 22 -6.07 2.48 -24.35
CA PRO M 22 -6.78 2.01 -25.55
C PRO M 22 -7.44 3.18 -26.28
N GLN M 23 -8.14 2.85 -27.36
CA GLN M 23 -8.82 3.85 -28.15
C GLN M 23 -10.04 4.40 -27.42
N TYR M 24 -10.41 5.65 -27.75
CA TYR M 24 -11.55 6.29 -27.11
C TYR M 24 -12.25 7.27 -28.05
N GLN M 25 -12.14 7.06 -29.36
CA GLN M 25 -12.78 7.91 -30.34
C GLN M 25 -14.12 7.36 -30.83
N ASN M 26 -14.20 6.05 -31.04
CA ASN M 26 -15.45 5.45 -31.50
C ASN M 26 -16.58 5.70 -30.49
N TYR M 27 -16.25 5.75 -29.20
CA TYR M 27 -17.28 6.01 -28.20
C TYR M 27 -17.97 7.34 -28.45
N VAL M 28 -17.20 8.41 -28.61
CA VAL M 28 -17.79 9.73 -28.85
C VAL M 28 -18.43 9.78 -30.22
N ALA M 29 -17.81 9.13 -31.22
CA ALA M 29 -18.38 9.13 -32.56
C ALA M 29 -19.76 8.49 -32.57
N ARG M 30 -19.97 7.45 -31.75
CA ARG M 30 -21.27 6.81 -31.67
C ARG M 30 -22.24 7.58 -30.78
N SER M 31 -21.74 8.19 -29.70
CA SER M 31 -22.60 8.97 -28.83
C SER M 31 -23.18 10.17 -29.57
N GLU M 32 -22.40 10.78 -30.45
CA GLU M 32 -22.90 11.92 -31.21
C GLU M 32 -24.07 11.52 -32.10
N GLY M 33 -23.94 10.39 -32.79
CA GLY M 33 -25.02 9.91 -33.64
C GLY M 33 -26.22 9.45 -32.84
N ALA M 34 -25.99 8.86 -31.66
CA ALA M 34 -27.10 8.41 -30.83
C ALA M 34 -27.90 9.60 -30.32
N SER M 35 -27.29 10.77 -30.21
CA SER M 35 -27.99 11.98 -29.77
C SER M 35 -28.63 12.73 -30.93
N ALA M 36 -27.97 12.74 -32.09
CA ALA M 36 -28.51 13.46 -33.24
C ALA M 36 -29.89 12.92 -33.62
N LEU M 37 -30.01 11.60 -33.79
CA LEU M 37 -31.28 11.00 -34.15
C LEU M 37 -32.30 11.18 -33.05
N ALA M 38 -31.89 10.96 -31.80
CA ALA M 38 -32.81 11.13 -30.67
C ALA M 38 -33.36 12.56 -30.61
N THR M 39 -32.60 13.53 -31.09
CA THR M 39 -33.05 14.93 -31.07
C THR M 39 -33.91 15.27 -32.29
N ILE M 40 -33.58 14.71 -33.45
CA ILE M 40 -34.27 15.10 -34.68
C ILE M 40 -35.33 14.11 -35.14
N ASN M 41 -35.65 13.11 -34.32
CA ASN M 41 -36.71 12.16 -34.66
C ASN M 41 -38.10 12.71 -34.32
N PRO M 42 -38.29 13.29 -33.14
CA PRO M 42 -39.66 13.67 -32.73
C PRO M 42 -40.36 14.63 -33.68
N LEU M 43 -39.63 15.29 -34.58
CA LEU M 43 -40.28 16.23 -35.49
C LEU M 43 -41.26 15.55 -36.44
N LYS M 44 -41.12 14.24 -36.63
CA LYS M 44 -42.05 13.51 -37.49
C LYS M 44 -43.48 13.59 -36.95
N THR M 45 -43.64 13.58 -35.63
CA THR M 45 -44.98 13.70 -35.05
C THR M 45 -45.64 15.01 -35.46
N THR M 46 -44.93 16.13 -35.29
CA THR M 46 -45.48 17.42 -35.67
C THR M 46 -45.72 17.48 -37.17
N VAL M 47 -44.82 16.91 -37.97
CA VAL M 47 -45.00 16.92 -39.42
C VAL M 47 -46.28 16.19 -39.79
N GLU M 48 -46.48 14.99 -39.25
CA GLU M 48 -47.67 14.22 -39.56
C GLU M 48 -48.94 14.94 -39.08
N GLU M 49 -48.88 15.54 -37.89
CA GLU M 49 -50.03 16.28 -37.38
C GLU M 49 -50.40 17.43 -38.31
N SER M 50 -49.40 18.19 -38.74
CA SER M 50 -49.66 19.33 -39.61
C SER M 50 -50.17 18.87 -40.98
N LEU M 51 -49.68 17.73 -41.47
CA LEU M 51 -50.11 17.26 -42.78
C LEU M 51 -51.48 16.61 -42.75
N SER M 52 -51.89 16.07 -41.60
CA SER M 52 -53.19 15.42 -41.48
C SER M 52 -54.29 16.35 -40.99
N ARG M 53 -53.94 17.44 -40.31
CA ARG M 53 -54.96 18.35 -39.81
C ARG M 53 -55.70 19.03 -40.96
N GLY M 54 -54.99 19.79 -41.78
CA GLY M 54 -55.60 20.48 -42.89
C GLY M 54 -54.65 21.43 -43.60
N ILE M 55 -53.75 22.07 -42.84
CA ILE M 55 -52.81 23.01 -43.43
C ILE M 55 -51.88 22.27 -44.38
N ALA M 56 -51.46 22.95 -45.44
CA ALA M 56 -50.57 22.37 -46.42
C ALA M 56 -49.12 22.49 -45.95
N GLY M 57 -48.20 21.97 -46.75
CA GLY M 57 -46.78 22.02 -46.42
C GLY M 57 -46.19 23.39 -46.64
N SER M 58 -44.86 23.46 -46.78
CA SER M 58 -44.17 24.72 -47.00
C SER M 58 -44.21 25.60 -45.77
N LYS M 59 -45.42 25.96 -45.32
CA LYS M 59 -45.55 26.83 -44.15
C LYS M 59 -44.92 26.21 -42.90
N ILE M 60 -44.74 24.90 -42.87
CA ILE M 60 -44.13 24.25 -41.71
C ILE M 60 -42.66 24.66 -41.65
N LYS M 61 -42.29 25.36 -40.58
CA LYS M 61 -40.92 25.84 -40.41
C LYS M 61 -40.42 25.51 -39.00
N ILE M 62 -39.26 26.05 -38.65
CA ILE M 62 -38.64 25.83 -37.34
C ILE M 62 -38.36 27.18 -36.70
N GLY M 63 -38.04 27.14 -35.41
CA GLY M 63 -37.75 28.34 -34.64
C GLY M 63 -38.68 28.46 -33.44
N THR M 64 -38.89 29.71 -33.02
CA THR M 64 -39.76 30.01 -31.88
C THR M 64 -40.46 31.34 -32.17
N THR M 65 -41.48 31.28 -33.03
CA THR M 65 -42.26 32.45 -33.43
C THR M 65 -43.75 32.21 -33.18
N ALA M 66 -44.07 31.58 -32.06
CA ALA M 66 -45.47 31.31 -31.71
C ALA M 66 -46.14 30.46 -32.79
N SER M 67 -47.47 30.34 -32.71
CA SER M 67 -48.22 29.56 -33.68
C SER M 67 -49.58 30.21 -33.86
N THR M 68 -50.29 29.75 -34.90
CA THR M 68 -51.61 30.28 -35.21
C THR M 68 -52.41 29.15 -35.88
N ALA M 69 -53.56 29.52 -36.45
CA ALA M 69 -54.44 28.57 -37.13
C ALA M 69 -54.16 28.46 -38.62
N THR M 70 -52.89 28.55 -39.01
CA THR M 70 -52.53 28.46 -40.43
C THR M 70 -51.11 27.92 -40.58
N GLU M 71 -50.18 28.48 -39.81
CA GLU M 71 -48.77 28.09 -39.86
C GLU M 71 -48.38 27.35 -38.59
N THR M 72 -47.42 26.44 -38.72
CA THR M 72 -46.92 25.66 -37.61
C THR M 72 -45.43 25.94 -37.41
N TYR M 73 -45.03 26.07 -36.14
CA TYR M 73 -43.64 26.34 -35.79
C TYR M 73 -43.27 25.46 -34.61
N VAL M 74 -42.55 24.37 -34.87
CA VAL M 74 -42.12 23.49 -33.80
C VAL M 74 -41.15 24.24 -32.90
N GLY M 75 -41.31 24.03 -31.59
CA GLY M 75 -40.55 24.78 -30.61
C GLY M 75 -39.11 24.34 -30.45
N VAL M 76 -38.31 24.51 -31.50
CA VAL M 76 -36.88 24.22 -31.45
C VAL M 76 -36.18 25.14 -32.45
N GLU M 77 -35.06 25.72 -32.02
CA GLU M 77 -34.31 26.59 -32.90
C GLU M 77 -33.52 25.78 -33.92
N PRO M 78 -33.17 26.39 -35.06
CA PRO M 78 -32.39 25.65 -36.07
C PRO M 78 -31.01 25.24 -35.59
N ASP M 79 -30.51 25.84 -34.51
CA ASP M 79 -29.22 25.51 -33.94
C ASP M 79 -29.34 25.23 -32.45
N ALA M 80 -30.45 24.63 -32.04
CA ALA M 80 -30.65 24.30 -30.64
C ALA M 80 -29.54 23.38 -30.14
N ASN M 81 -29.28 22.30 -30.87
CA ASN M 81 -28.19 21.38 -30.52
C ASN M 81 -26.90 21.91 -31.11
N LYS M 82 -25.92 22.17 -30.24
CA LYS M 82 -24.64 22.73 -30.69
C LYS M 82 -23.82 21.77 -31.53
N LEU M 83 -24.26 20.51 -31.67
CA LEU M 83 -23.50 19.55 -32.46
C LEU M 83 -23.69 19.76 -33.96
N GLY M 84 -24.85 20.26 -34.37
CA GLY M 84 -25.11 20.49 -35.77
C GLY M 84 -26.27 21.42 -36.00
N VAL M 85 -26.78 21.41 -37.23
CA VAL M 85 -27.88 22.27 -37.65
C VAL M 85 -28.99 21.41 -38.21
N ILE M 86 -30.24 21.83 -37.98
CA ILE M 86 -31.42 21.11 -38.47
C ILE M 86 -32.03 21.92 -39.60
N ALA M 87 -32.64 21.22 -40.56
CA ALA M 87 -33.28 21.87 -41.69
C ALA M 87 -34.49 21.05 -42.13
N VAL M 88 -35.63 21.73 -42.26
CA VAL M 88 -36.87 21.10 -42.70
C VAL M 88 -37.40 21.87 -43.90
N ALA M 89 -38.03 21.16 -44.84
CA ALA M 89 -38.60 21.80 -46.03
C ALA M 89 -39.61 20.82 -46.63
N ILE M 90 -40.84 20.91 -46.16
CA ILE M 90 -41.93 20.06 -46.64
C ILE M 90 -42.54 20.71 -47.88
N GLU M 91 -42.63 19.94 -48.96
CA GLU M 91 -43.18 20.44 -50.21
C GLU M 91 -44.70 20.52 -50.11
N ASP M 92 -45.30 21.21 -51.10
CA ASP M 92 -46.75 21.36 -51.11
C ASP M 92 -47.46 20.02 -51.31
N SER M 93 -46.79 19.06 -51.95
CA SER M 93 -47.37 17.74 -52.21
C SER M 93 -47.19 16.79 -51.03
N GLY M 94 -46.80 17.28 -49.86
CA GLY M 94 -46.60 16.45 -48.69
C GLY M 94 -45.22 15.86 -48.57
N ALA M 95 -44.58 15.52 -49.70
CA ALA M 95 -43.26 14.93 -49.65
C ALA M 95 -42.24 15.95 -49.13
N GLY M 96 -41.31 15.46 -48.30
CA GLY M 96 -40.31 16.35 -47.75
C GLY M 96 -39.19 15.56 -47.10
N ASP M 97 -38.27 16.29 -46.48
CA ASP M 97 -37.12 15.67 -45.84
C ASP M 97 -36.62 16.58 -44.72
N ILE M 98 -36.42 15.99 -43.55
CA ILE M 98 -35.83 16.67 -42.39
C ILE M 98 -34.40 16.18 -42.25
N THR M 99 -33.44 17.10 -42.32
CA THR M 99 -32.03 16.75 -42.33
C THR M 99 -31.30 17.41 -41.17
N PHE M 100 -30.24 16.73 -40.72
CA PHE M 100 -29.36 17.22 -39.68
C PHE M 100 -27.93 17.16 -40.22
N THR M 101 -27.29 18.32 -40.30
CA THR M 101 -25.93 18.45 -40.83
C THR M 101 -24.99 18.76 -39.68
N PHE M 102 -23.97 17.92 -39.50
CA PHE M 102 -23.01 18.11 -38.42
C PHE M 102 -22.09 19.28 -38.76
N GLN M 103 -21.80 20.10 -37.75
CA GLN M 103 -20.93 21.25 -37.91
C GLN M 103 -19.49 20.85 -37.64
N THR M 104 -18.56 21.58 -38.27
CA THR M 104 -17.14 21.30 -38.12
C THR M 104 -16.55 21.94 -36.87
N GLY M 105 -17.16 23.01 -36.36
CA GLY M 105 -16.67 23.70 -35.19
C GLY M 105 -17.19 23.18 -33.87
N THR M 106 -17.86 22.02 -33.86
CA THR M 106 -18.39 21.46 -32.63
C THR M 106 -18.33 19.94 -32.65
N SER M 107 -18.78 19.34 -33.75
CA SER M 107 -18.80 17.88 -33.86
C SER M 107 -17.38 17.33 -33.90
N SER M 108 -17.28 16.02 -33.82
CA SER M 108 -15.99 15.34 -33.82
C SER M 108 -15.41 15.31 -35.25
N PRO M 109 -14.11 15.04 -35.38
CA PRO M 109 -13.53 15.00 -36.73
C PRO M 109 -14.17 13.95 -37.63
N LYS M 110 -14.44 12.76 -37.10
CA LYS M 110 -15.03 11.70 -37.92
C LYS M 110 -16.44 12.08 -38.37
N ASN M 111 -17.25 12.59 -37.45
CA ASN M 111 -18.63 13.00 -37.75
C ASN M 111 -18.71 14.44 -38.24
N ALA M 112 -17.69 14.92 -38.94
CA ALA M 112 -17.67 16.29 -39.44
C ALA M 112 -18.19 16.33 -40.88
N THR M 113 -19.06 17.30 -41.15
CA THR M 113 -19.63 17.50 -42.48
C THR M 113 -20.53 16.35 -42.90
N LYS M 114 -20.91 15.49 -41.96
CA LYS M 114 -21.83 14.39 -42.25
C LYS M 114 -23.27 14.86 -42.09
N VAL M 115 -24.17 14.17 -42.80
CA VAL M 115 -25.58 14.56 -42.87
C VAL M 115 -26.45 13.33 -42.67
N ILE M 116 -27.42 13.43 -41.78
CA ILE M 116 -28.46 12.43 -41.62
C ILE M 116 -29.75 13.03 -42.16
N THR M 117 -30.64 12.17 -42.65
CA THR M 117 -31.87 12.65 -43.27
C THR M 117 -33.00 11.66 -43.04
N LEU M 118 -34.21 12.20 -42.86
CA LEU M 118 -35.44 11.42 -42.80
C LEU M 118 -36.39 11.96 -43.86
N ASN M 119 -36.72 11.11 -44.84
CA ASN M 119 -37.53 11.50 -45.98
C ASN M 119 -38.93 10.90 -45.87
N ARG M 120 -39.90 11.62 -46.43
CA ARG M 120 -41.29 11.19 -46.46
C ARG M 120 -41.74 11.08 -47.91
N THR M 121 -42.08 9.87 -48.34
CA THR M 121 -42.51 9.66 -49.71
C THR M 121 -43.84 10.37 -49.97
N ALA M 122 -44.23 10.40 -51.25
CA ALA M 122 -45.48 11.06 -51.62
C ALA M 122 -46.68 10.29 -51.07
N ASP M 123 -46.67 8.97 -51.18
CA ASP M 123 -47.79 8.18 -50.68
C ASP M 123 -47.92 8.27 -49.17
N GLY M 124 -46.80 8.35 -48.45
CA GLY M 124 -46.83 8.47 -47.00
C GLY M 124 -46.02 7.40 -46.31
N VAL M 125 -44.75 7.25 -46.68
CA VAL M 125 -43.84 6.29 -46.08
C VAL M 125 -42.60 7.03 -45.62
N TRP M 126 -42.16 6.74 -44.40
CA TRP M 126 -41.01 7.39 -43.78
C TRP M 126 -39.79 6.50 -43.92
N ALA M 127 -38.74 7.04 -44.53
CA ALA M 127 -37.45 6.36 -44.64
C ALA M 127 -36.38 7.25 -44.04
N CYS M 128 -35.20 6.67 -43.81
CA CYS M 128 -34.10 7.43 -43.21
C CYS M 128 -32.79 6.94 -43.81
N LYS M 129 -31.83 7.86 -43.90
CA LYS M 129 -30.51 7.55 -44.44
C LYS M 129 -29.48 8.45 -43.77
N SER M 130 -28.21 8.10 -43.97
CA SER M 130 -27.10 8.85 -43.40
C SER M 130 -25.88 8.65 -44.26
N THR M 131 -24.84 9.44 -43.98
CA THR M 131 -23.58 9.40 -44.72
C THR M 131 -22.40 9.03 -43.85
N GLN M 132 -22.63 8.68 -42.58
CA GLN M 132 -21.56 8.31 -41.68
C GLN M 132 -21.07 6.90 -41.98
N ASP M 133 -20.01 6.50 -41.27
CA ASP M 133 -19.45 5.18 -41.45
C ASP M 133 -20.44 4.11 -41.00
N PRO M 134 -20.25 2.87 -41.45
CA PRO M 134 -21.19 1.81 -41.05
C PRO M 134 -21.22 1.56 -39.56
N MET M 135 -20.05 1.56 -38.90
CA MET M 135 -20.00 1.28 -37.47
C MET M 135 -20.54 2.43 -36.62
N PHE M 136 -20.59 3.65 -37.17
CA PHE M 136 -21.10 4.80 -36.44
C PHE M 136 -22.57 5.10 -36.74
N THR M 137 -23.14 4.48 -37.76
CA THR M 137 -24.55 4.72 -38.07
C THR M 137 -25.42 4.04 -37.02
N PRO M 138 -26.47 4.72 -36.53
CA PRO M 138 -27.34 4.09 -35.52
C PRO M 138 -28.00 2.83 -36.06
N LYS M 139 -28.63 2.09 -35.14
CA LYS M 139 -29.30 0.84 -35.48
C LYS M 139 -30.74 1.07 -35.91
N GLY M 140 -30.95 2.02 -36.82
CA GLY M 140 -32.28 2.32 -37.33
C GLY M 140 -32.28 2.90 -38.71
N CYS M 141 -31.12 2.93 -39.36
CA CYS M 141 -31.01 3.51 -40.70
C CYS M 141 -29.92 2.76 -41.47
N ASP M 142 -29.81 3.08 -42.74
CA ASP M 142 -28.83 2.48 -43.63
C ASP M 142 -27.69 3.47 -43.88
N ASN M 143 -26.96 3.28 -44.97
CA ASN M 143 -25.86 4.17 -45.33
C ASN M 143 -25.71 4.27 -46.85
N PHE N 1 11.61 14.53 -5.57
CA PHE N 1 10.71 13.37 -5.32
C PHE N 1 11.26 12.49 -4.21
N THR N 2 10.36 11.87 -3.46
CA THR N 2 10.71 10.99 -2.35
C THR N 2 9.94 9.68 -2.49
N LEU N 3 10.18 8.76 -1.55
CA LEU N 3 9.51 7.47 -1.59
C LEU N 3 8.12 7.53 -0.96
N ILE N 4 7.89 8.48 -0.04
CA ILE N 4 6.59 8.57 0.61
C ILE N 4 5.50 8.88 -0.41
N GLU N 5 5.72 9.90 -1.24
CA GLU N 5 4.72 10.28 -2.22
C GLU N 5 4.47 9.16 -3.22
N LEU N 6 5.54 8.52 -3.70
CA LEU N 6 5.39 7.44 -4.67
C LEU N 6 4.63 6.27 -4.08
N MET N 7 4.94 5.90 -2.83
CA MET N 7 4.24 4.79 -2.20
C MET N 7 2.78 5.13 -1.95
N ILE N 8 2.49 6.37 -1.55
CA ILE N 8 1.10 6.77 -1.34
C ILE N 8 0.34 6.73 -2.66
N VAL N 9 0.98 7.16 -3.75
CA VAL N 9 0.32 7.12 -5.06
C VAL N 9 0.06 5.69 -5.47
N VAL N 10 1.03 4.80 -5.25
CA VAL N 10 0.86 3.39 -5.61
C VAL N 10 -0.28 2.78 -4.79
N ALA N 11 -0.37 3.13 -3.51
CA ALA N 11 -1.44 2.60 -2.67
C ALA N 11 -2.80 3.11 -3.10
N ILE N 12 -2.89 4.41 -3.43
CA ILE N 12 -4.16 4.97 -3.87
C ILE N 12 -4.58 4.37 -5.21
N ILE N 13 -3.61 4.04 -6.07
CA ILE N 13 -3.94 3.40 -7.34
C ILE N 13 -4.59 2.06 -7.10
N GLY N 14 -3.98 1.25 -6.22
CA GLY N 14 -4.56 -0.05 -5.90
C GLY N 14 -5.92 0.08 -5.22
N ILE N 15 -6.08 1.11 -4.38
CA ILE N 15 -7.37 1.33 -3.73
C ILE N 15 -8.44 1.62 -4.78
N LEU N 16 -8.15 2.55 -5.69
CA LEU N 16 -9.12 2.87 -6.74
C LEU N 16 -9.38 1.67 -7.65
N ALA N 17 -8.38 0.81 -7.84
CA ALA N 17 -8.55 -0.39 -8.65
C ALA N 17 -9.28 -1.47 -7.87
N ALA N 18 -10.45 -1.16 -7.35
CA ALA N 18 -11.24 -2.12 -6.57
C ALA N 18 -12.73 -1.88 -6.70
N ILE N 19 -13.18 -0.98 -7.58
CA ILE N 19 -14.59 -0.70 -7.73
C ILE N 19 -15.28 -1.89 -8.39
N ALA N 20 -16.38 -2.35 -7.79
CA ALA N 20 -17.12 -3.47 -8.33
C ALA N 20 -17.95 -3.04 -9.53
N ILE N 21 -18.37 -4.03 -10.33
CA ILE N 21 -19.17 -3.80 -11.52
C ILE N 21 -20.31 -4.82 -11.52
N PRO N 22 -21.57 -4.40 -11.47
CA PRO N 22 -22.68 -5.36 -11.47
C PRO N 22 -23.01 -5.80 -12.90
N GLN N 23 -24.04 -6.64 -13.00
CA GLN N 23 -24.46 -7.16 -14.30
C GLN N 23 -25.15 -6.06 -15.11
N TYR N 24 -25.09 -6.22 -16.44
CA TYR N 24 -25.70 -5.25 -17.34
C TYR N 24 -26.19 -5.88 -18.64
N GLN N 25 -26.50 -7.18 -18.60
CA GLN N 25 -27.01 -7.89 -19.77
C GLN N 25 -28.52 -7.99 -19.80
N ASN N 26 -29.15 -8.24 -18.65
CA ASN N 26 -30.61 -8.32 -18.59
C ASN N 26 -31.26 -7.03 -19.07
N TYR N 27 -30.62 -5.89 -18.80
CA TYR N 27 -31.18 -4.61 -19.25
C TYR N 27 -31.36 -4.59 -20.76
N VAL N 28 -30.30 -4.92 -21.51
CA VAL N 28 -30.40 -4.91 -22.97
C VAL N 28 -31.30 -6.04 -23.44
N ALA N 29 -31.24 -7.20 -22.79
CA ALA N 29 -32.09 -8.31 -23.19
C ALA N 29 -33.57 -7.96 -23.07
N ARG N 30 -33.93 -7.15 -22.07
CA ARG N 30 -35.32 -6.73 -21.91
C ARG N 30 -35.66 -5.55 -22.82
N SER N 31 -34.70 -4.64 -23.06
CA SER N 31 -34.96 -3.52 -23.95
C SER N 31 -35.21 -3.99 -25.37
N GLU N 32 -34.50 -5.03 -25.81
CA GLU N 32 -34.71 -5.56 -27.15
C GLU N 32 -36.13 -6.09 -27.31
N GLY N 33 -36.62 -6.84 -26.32
CA GLY N 33 -37.97 -7.35 -26.40
C GLY N 33 -39.02 -6.26 -26.27
N ALA N 34 -38.73 -5.24 -25.46
CA ALA N 34 -39.67 -4.14 -25.31
C ALA N 34 -39.82 -3.35 -26.60
N SER N 35 -38.80 -3.38 -27.46
CA SER N 35 -38.85 -2.69 -28.75
C SER N 35 -39.43 -3.59 -29.84
N ALA N 36 -39.13 -4.88 -29.81
CA ALA N 36 -39.64 -5.79 -30.84
C ALA N 36 -41.16 -5.77 -30.88
N LEU N 37 -41.80 -5.96 -29.73
CA LEU N 37 -43.27 -5.96 -29.67
C LEU N 37 -43.82 -4.59 -30.03
N ALA N 38 -43.22 -3.53 -29.49
CA ALA N 38 -43.69 -2.19 -29.80
C ALA N 38 -43.62 -1.90 -31.29
N THR N 39 -42.69 -2.53 -32.01
CA THR N 39 -42.56 -2.31 -33.45
C THR N 39 -43.51 -3.20 -34.25
N ILE N 40 -43.74 -4.44 -33.80
CA ILE N 40 -44.50 -5.40 -34.59
C ILE N 40 -45.93 -5.56 -34.11
N ASN N 41 -46.40 -4.74 -33.17
CA ASN N 41 -47.79 -4.80 -32.73
C ASN N 41 -48.73 -4.05 -33.65
N PRO N 42 -48.38 -2.83 -34.09
CA PRO N 42 -49.35 -2.02 -34.85
C PRO N 42 -49.85 -2.67 -36.13
N LEU N 43 -49.17 -3.71 -36.62
CA LEU N 43 -49.63 -4.35 -37.86
C LEU N 43 -51.00 -4.99 -37.71
N LYS N 44 -51.42 -5.28 -36.48
CA LYS N 44 -52.75 -5.87 -36.27
C LYS N 44 -53.84 -4.94 -36.75
N THR N 45 -53.66 -3.62 -36.61
CA THR N 45 -54.65 -2.67 -37.09
C THR N 45 -54.85 -2.81 -38.60
N THR N 46 -53.75 -2.80 -39.36
CA THR N 46 -53.86 -2.94 -40.80
C THR N 46 -54.43 -4.30 -41.19
N VAL N 47 -54.05 -5.35 -40.45
CA VAL N 47 -54.56 -6.69 -40.75
C VAL N 47 -56.09 -6.70 -40.58
N GLU N 48 -56.57 -6.18 -39.46
CA GLU N 48 -58.00 -6.16 -39.21
C GLU N 48 -58.73 -5.30 -40.23
N GLU N 49 -58.15 -4.15 -40.60
CA GLU N 49 -58.78 -3.29 -41.60
C GLU N 49 -58.89 -4.01 -42.93
N SER N 50 -57.83 -4.68 -43.36
CA SER N 50 -57.85 -5.39 -44.64
C SER N 50 -58.82 -6.57 -44.61
N LEU N 51 -58.95 -7.23 -43.45
CA LEU N 51 -59.83 -8.38 -43.37
C LEU N 51 -61.29 -7.97 -43.24
N SER N 52 -61.57 -6.78 -42.71
CA SER N 52 -62.95 -6.33 -42.54
C SER N 52 -63.46 -5.49 -43.72
N ARG N 53 -62.56 -4.89 -44.49
CA ARG N 53 -62.99 -4.07 -45.62
C ARG N 53 -63.69 -4.91 -46.68
N GLY N 54 -62.97 -5.86 -47.26
CA GLY N 54 -63.53 -6.72 -48.27
C GLY N 54 -62.51 -7.62 -48.93
N ILE N 55 -61.28 -7.13 -49.10
CA ILE N 55 -60.24 -7.93 -49.73
C ILE N 55 -59.92 -9.14 -48.86
N ALA N 56 -59.57 -10.24 -49.51
CA ALA N 56 -59.24 -11.48 -48.81
C ALA N 56 -57.78 -11.45 -48.34
N GLY N 57 -57.36 -12.50 -47.65
CA GLY N 57 -56.01 -12.60 -47.16
C GLY N 57 -55.01 -12.92 -48.26
N SER N 58 -53.84 -13.44 -47.87
CA SER N 58 -52.80 -13.81 -48.83
C SER N 58 -52.19 -12.56 -49.48
N LYS N 59 -53.01 -11.76 -50.16
CA LYS N 59 -52.50 -10.57 -50.82
C LYS N 59 -51.87 -9.59 -49.85
N ILE N 60 -52.20 -9.68 -48.56
CA ILE N 60 -51.59 -8.78 -47.56
C ILE N 60 -50.13 -9.13 -47.43
N LYS N 61 -49.26 -8.18 -47.78
CA LYS N 61 -47.82 -8.39 -47.72
C LYS N 61 -47.14 -7.22 -47.02
N ILE N 62 -45.80 -7.20 -47.06
CA ILE N 62 -45.00 -6.15 -46.44
C ILE N 62 -44.08 -5.55 -47.50
N GLY N 63 -43.49 -4.41 -47.15
CA GLY N 63 -42.58 -3.70 -48.03
C GLY N 63 -43.05 -2.28 -48.29
N THR N 64 -42.66 -1.75 -49.45
CA THR N 64 -43.03 -0.39 -49.86
C THR N 64 -43.22 -0.41 -51.38
N THR N 65 -44.37 -0.93 -51.82
CA THR N 65 -44.72 -1.03 -53.22
C THR N 65 -46.07 -0.37 -53.49
N ALA N 66 -46.31 0.77 -52.85
CA ALA N 66 -47.56 1.50 -53.02
C ALA N 66 -48.76 0.63 -52.65
N SER N 67 -49.96 1.08 -52.99
CA SER N 67 -51.18 0.35 -52.68
C SER N 67 -52.20 0.59 -53.79
N THR N 68 -53.26 -0.21 -53.77
CA THR N 68 -54.33 -0.09 -54.76
C THR N 68 -55.63 -0.56 -54.11
N ALA N 69 -56.66 -0.75 -54.93
CA ALA N 69 -57.97 -1.17 -54.47
C ALA N 69 -58.14 -2.68 -54.50
N THR N 70 -57.08 -3.43 -54.20
CA THR N 70 -57.15 -4.89 -54.20
C THR N 70 -56.13 -5.49 -53.23
N GLU N 71 -54.90 -4.99 -53.29
CA GLU N 71 -53.81 -5.47 -52.46
C GLU N 71 -53.42 -4.41 -51.44
N THR N 72 -52.93 -4.86 -50.29
CA THR N 72 -52.50 -3.98 -49.21
C THR N 72 -51.03 -4.21 -48.92
N TYR N 73 -50.29 -3.12 -48.71
CA TYR N 73 -48.86 -3.17 -48.43
C TYR N 73 -48.56 -2.19 -47.30
N VAL N 74 -48.41 -2.71 -46.08
CA VAL N 74 -48.08 -1.86 -44.94
C VAL N 74 -46.71 -1.23 -45.17
N GLY N 75 -46.60 0.05 -44.83
CA GLY N 75 -45.39 0.80 -45.11
C GLY N 75 -44.23 0.51 -44.18
N VAL N 76 -43.74 -0.72 -44.21
CA VAL N 76 -42.55 -1.11 -43.44
C VAL N 76 -41.83 -2.22 -44.18
N GLU N 77 -40.51 -2.12 -44.27
CA GLU N 77 -39.73 -3.13 -44.95
C GLU N 77 -39.60 -4.38 -44.08
N PRO N 78 -39.35 -5.53 -44.70
CA PRO N 78 -39.19 -6.77 -43.89
C PRO N 78 -38.00 -6.74 -42.97
N ASP N 79 -37.05 -5.82 -43.17
CA ASP N 79 -35.87 -5.68 -42.32
C ASP N 79 -35.71 -4.23 -41.88
N ALA N 80 -36.83 -3.54 -41.66
CA ALA N 80 -36.77 -2.16 -41.20
C ALA N 80 -36.00 -2.05 -39.88
N ASN N 81 -36.37 -2.87 -38.90
CA ASN N 81 -35.66 -2.90 -37.63
C ASN N 81 -34.45 -3.83 -37.76
N LYS N 82 -33.27 -3.27 -37.52
CA LYS N 82 -32.03 -4.04 -37.67
C LYS N 82 -31.88 -5.13 -36.61
N LEU N 83 -32.78 -5.20 -35.62
CA LEU N 83 -32.67 -6.22 -34.59
C LEU N 83 -33.15 -7.58 -35.08
N GLY N 84 -34.08 -7.61 -36.02
CA GLY N 84 -34.59 -8.86 -36.53
C GLY N 84 -35.32 -8.69 -37.83
N VAL N 85 -36.10 -9.72 -38.19
CA VAL N 85 -36.85 -9.75 -39.43
C VAL N 85 -38.32 -10.01 -39.11
N ILE N 86 -39.21 -9.42 -39.90
CA ILE N 86 -40.65 -9.56 -39.73
C ILE N 86 -41.18 -10.42 -40.87
N ALA N 87 -42.23 -11.19 -40.57
CA ALA N 87 -42.84 -12.05 -41.58
C ALA N 87 -44.33 -12.16 -41.31
N VAL N 88 -45.13 -11.91 -42.35
CA VAL N 88 -46.59 -11.99 -42.27
C VAL N 88 -47.08 -12.95 -43.36
N ALA N 89 -48.14 -13.70 -43.06
CA ALA N 89 -48.70 -14.64 -44.03
C ALA N 89 -50.13 -14.96 -43.57
N ILE N 90 -51.07 -14.14 -44.02
CA ILE N 90 -52.48 -14.33 -43.68
C ILE N 90 -53.09 -15.30 -44.68
N GLU N 91 -53.74 -16.35 -44.17
CA GLU N 91 -54.36 -17.35 -45.01
C GLU N 91 -55.66 -16.81 -45.62
N ASP N 92 -56.18 -17.53 -46.61
CA ASP N 92 -57.42 -17.12 -47.25
C ASP N 92 -58.60 -17.17 -46.29
N SER N 93 -58.54 -18.03 -45.28
CA SER N 93 -59.62 -18.15 -44.30
C SER N 93 -59.53 -17.14 -43.17
N GLY N 94 -58.69 -16.12 -43.31
CA GLY N 94 -58.53 -15.09 -42.31
C GLY N 94 -57.49 -15.41 -41.25
N ALA N 95 -57.34 -16.68 -40.89
CA ALA N 95 -56.37 -17.06 -39.87
C ALA N 95 -54.95 -16.81 -40.37
N GLY N 96 -54.09 -16.32 -39.48
CA GLY N 96 -52.73 -16.04 -39.86
C GLY N 96 -51.87 -15.79 -38.64
N ASP N 97 -50.61 -15.43 -38.90
CA ASP N 97 -49.66 -15.19 -37.83
C ASP N 97 -48.59 -14.21 -38.33
N ILE N 98 -48.33 -13.18 -37.52
CA ILE N 98 -47.26 -12.22 -37.77
C ILE N 98 -46.14 -12.53 -36.79
N THR N 99 -44.95 -12.83 -37.32
CA THR N 99 -43.83 -13.28 -36.50
C THR N 99 -42.64 -12.36 -36.68
N PHE N 100 -41.83 -12.27 -35.61
CA PHE N 100 -40.60 -11.51 -35.59
C PHE N 100 -39.49 -12.43 -35.13
N THR N 101 -38.50 -12.65 -35.98
CA THR N 101 -37.39 -13.55 -35.71
C THR N 101 -36.12 -12.71 -35.49
N PHE N 102 -35.50 -12.88 -34.32
CA PHE N 102 -34.30 -12.13 -34.01
C PHE N 102 -33.12 -12.66 -34.83
N GLN N 103 -32.30 -11.74 -35.32
CA GLN N 103 -31.12 -12.09 -36.10
C GLN N 103 -29.92 -12.28 -35.19
N THR N 104 -28.99 -13.12 -35.64
CA THR N 104 -27.79 -13.40 -34.86
C THR N 104 -26.71 -12.35 -35.05
N GLY N 105 -26.72 -11.63 -36.17
CA GLY N 105 -25.72 -10.64 -36.46
C GLY N 105 -26.04 -9.25 -35.96
N THR N 106 -27.07 -9.10 -35.12
CA THR N 106 -27.44 -7.79 -34.59
C THR N 106 -27.97 -7.90 -33.18
N SER N 107 -28.89 -8.85 -32.94
CA SER N 107 -29.47 -9.01 -31.62
C SER N 107 -28.43 -9.50 -30.62
N SER N 108 -28.81 -9.51 -29.36
CA SER N 108 -27.93 -9.93 -28.29
C SER N 108 -27.79 -11.45 -28.27
N PRO N 109 -26.77 -11.98 -27.59
CA PRO N 109 -26.61 -13.45 -27.55
C PRO N 109 -27.80 -14.16 -26.95
N LYS N 110 -28.37 -13.63 -25.86
CA LYS N 110 -29.50 -14.29 -25.22
C LYS N 110 -30.72 -14.29 -26.13
N ASN N 111 -31.02 -13.14 -26.74
CA ASN N 111 -32.16 -13.02 -27.65
C ASN N 111 -31.81 -13.39 -29.09
N ALA N 112 -30.90 -14.34 -29.28
CA ALA N 112 -30.49 -14.75 -30.61
C ALA N 112 -31.31 -15.97 -31.05
N THR N 113 -31.78 -15.94 -32.29
CA THR N 113 -32.56 -17.01 -32.89
C THR N 113 -33.90 -17.21 -32.19
N LYS N 114 -34.34 -16.24 -31.39
CA LYS N 114 -35.63 -16.30 -30.74
C LYS N 114 -36.70 -15.71 -31.65
N VAL N 115 -37.95 -16.15 -31.44
CA VAL N 115 -39.06 -15.80 -32.31
C VAL N 115 -40.25 -15.41 -31.44
N ILE N 116 -40.85 -14.26 -31.74
CA ILE N 116 -42.12 -13.84 -31.15
C ILE N 116 -43.18 -13.97 -32.24
N THR N 117 -44.42 -14.21 -31.84
CA THR N 117 -45.49 -14.41 -32.81
C THR N 117 -46.81 -13.91 -32.25
N LEU N 118 -47.64 -13.36 -33.14
CA LEU N 118 -49.01 -12.98 -32.84
C LEU N 118 -49.91 -13.69 -33.84
N ASN N 119 -50.78 -14.56 -33.32
CA ASN N 119 -51.64 -15.39 -34.14
C ASN N 119 -53.09 -14.91 -34.05
N ARG N 120 -53.83 -15.13 -35.13
CA ARG N 120 -55.23 -14.77 -35.24
C ARG N 120 -56.04 -16.02 -35.52
N THR N 121 -56.92 -16.39 -34.58
CA THR N 121 -57.73 -17.58 -34.75
C THR N 121 -58.70 -17.41 -35.91
N ALA N 122 -59.36 -18.50 -36.28
CA ALA N 122 -60.31 -18.46 -37.37
C ALA N 122 -61.54 -17.64 -37.01
N ASP N 123 -62.05 -17.80 -35.79
CA ASP N 123 -63.23 -17.04 -35.37
C ASP N 123 -62.92 -15.55 -35.28
N GLY N 124 -61.72 -15.19 -34.84
CA GLY N 124 -61.33 -13.80 -34.74
C GLY N 124 -60.83 -13.41 -33.37
N VAL N 125 -59.85 -14.15 -32.85
CA VAL N 125 -59.26 -13.89 -31.55
C VAL N 125 -57.75 -13.77 -31.72
N TRP N 126 -57.17 -12.75 -31.11
CA TRP N 126 -55.74 -12.47 -31.22
C TRP N 126 -55.03 -13.00 -29.99
N ALA N 127 -54.04 -13.87 -30.21
CA ALA N 127 -53.18 -14.38 -29.15
C ALA N 127 -51.73 -14.08 -29.51
N CYS N 128 -50.84 -14.23 -28.53
CA CYS N 128 -49.43 -13.96 -28.75
C CYS N 128 -48.60 -14.93 -27.93
N LYS N 129 -47.42 -15.25 -28.46
CA LYS N 129 -46.50 -16.17 -27.80
C LYS N 129 -45.08 -15.79 -28.16
N SER N 130 -44.12 -16.37 -27.42
CA SER N 130 -42.71 -16.11 -27.64
C SER N 130 -41.92 -17.31 -27.16
N THR N 131 -40.62 -17.31 -27.49
CA THR N 131 -39.71 -18.39 -27.12
C THR N 131 -38.57 -17.91 -26.24
N GLN N 132 -38.60 -16.65 -25.79
CA GLN N 132 -37.54 -16.13 -24.94
C GLN N 132 -37.73 -16.61 -23.51
N ASP N 133 -36.75 -16.28 -22.67
CA ASP N 133 -36.79 -16.69 -21.27
C ASP N 133 -37.97 -16.01 -20.57
N PRO N 134 -38.39 -16.55 -19.42
CA PRO N 134 -39.52 -15.94 -18.71
C PRO N 134 -39.26 -14.52 -18.26
N MET N 135 -38.05 -14.24 -17.76
CA MET N 135 -37.75 -12.90 -17.25
C MET N 135 -37.58 -11.88 -18.38
N PHE N 136 -37.31 -12.33 -19.60
CA PHE N 136 -37.13 -11.43 -20.73
C PHE N 136 -38.41 -11.26 -21.56
N THR N 137 -39.41 -12.10 -21.36
CA THR N 137 -40.65 -11.97 -22.11
C THR N 137 -41.42 -10.75 -21.64
N PRO N 138 -41.97 -9.94 -22.54
CA PRO N 138 -42.72 -8.75 -22.11
C PRO N 138 -43.93 -9.13 -21.27
N LYS N 139 -44.53 -8.11 -20.67
CA LYS N 139 -45.69 -8.29 -19.79
C LYS N 139 -46.99 -8.27 -20.58
N GLY N 140 -47.05 -9.03 -21.66
CA GLY N 140 -48.24 -9.11 -22.48
C GLY N 140 -48.38 -10.41 -23.24
N CYS N 141 -47.50 -11.37 -22.97
CA CYS N 141 -47.53 -12.65 -23.66
C CYS N 141 -47.03 -13.74 -22.71
N ASP N 142 -47.14 -14.98 -23.15
CA ASP N 142 -46.73 -16.14 -22.39
C ASP N 142 -45.40 -16.66 -22.96
N ASN N 143 -45.09 -17.93 -22.69
CA ASN N 143 -43.87 -18.54 -23.18
C ASN N 143 -44.08 -20.03 -23.45
N PHE O 1 3.51 8.94 -13.51
CA PHE O 1 2.32 9.39 -12.72
C PHE O 1 2.76 10.24 -11.54
N THR O 2 1.92 11.21 -11.17
CA THR O 2 2.18 12.12 -10.06
C THR O 2 0.96 12.15 -9.15
N LEU O 3 1.06 12.93 -8.07
CA LEU O 3 -0.04 13.03 -7.12
C LEU O 3 -1.09 14.04 -7.57
N ILE O 4 -0.70 15.02 -8.37
CA ILE O 4 -1.66 16.04 -8.83
C ILE O 4 -2.77 15.40 -9.64
N GLU O 5 -2.40 14.59 -10.63
CA GLU O 5 -3.39 13.95 -11.49
C GLU O 5 -4.30 13.02 -10.69
N LEU O 6 -3.70 12.22 -9.80
CA LEU O 6 -4.50 11.28 -9.01
C LEU O 6 -5.47 12.02 -8.09
N MET O 7 -5.02 13.10 -7.46
CA MET O 7 -5.90 13.87 -6.58
C MET O 7 -7.01 14.54 -7.37
N ILE O 8 -6.69 15.06 -8.55
CA ILE O 8 -7.72 15.69 -9.38
C ILE O 8 -8.75 14.66 -9.81
N VAL O 9 -8.29 13.46 -10.16
CA VAL O 9 -9.22 12.40 -10.54
C VAL O 9 -10.11 12.01 -9.38
N VAL O 10 -9.52 11.89 -8.18
CA VAL O 10 -10.30 11.54 -7.00
C VAL O 10 -11.34 12.62 -6.71
N ALA O 11 -10.96 13.88 -6.87
CA ALA O 11 -11.90 14.97 -6.61
C ALA O 11 -13.02 14.99 -7.65
N ILE O 12 -12.69 14.76 -8.92
CA ILE O 12 -13.73 14.74 -9.95
C ILE O 12 -14.67 13.55 -9.75
N ILE O 13 -14.15 12.44 -9.24
CA ILE O 13 -15.01 11.29 -8.95
C ILE O 13 -16.04 11.65 -7.90
N GLY O 14 -15.58 12.27 -6.80
CA GLY O 14 -16.51 12.69 -5.77
C GLY O 14 -17.50 13.73 -6.25
N ILE O 15 -17.03 14.63 -7.13
CA ILE O 15 -17.93 15.64 -7.69
C ILE O 15 -19.04 14.97 -8.50
N LEU O 16 -18.66 14.06 -9.40
CA LEU O 16 -19.66 13.35 -10.19
C LEU O 16 -20.58 12.52 -9.31
N ALA O 17 -20.07 11.99 -8.19
CA ALA O 17 -20.88 11.21 -7.28
C ALA O 17 -21.74 12.12 -6.40
N ALA O 18 -22.54 12.98 -7.04
CA ALA O 18 -23.40 13.90 -6.31
C ALA O 18 -24.67 14.24 -7.06
N ILE O 19 -24.94 13.57 -8.19
CA ILE O 19 -26.14 13.85 -8.96
C ILE O 19 -27.37 13.37 -8.20
N ALA O 20 -28.37 14.23 -8.07
CA ALA O 20 -29.59 13.88 -7.38
C ALA O 20 -30.47 12.99 -8.25
N ILE O 21 -31.42 12.32 -7.61
CA ILE O 21 -32.36 11.43 -8.29
C ILE O 21 -33.76 11.71 -7.74
N PRO O 22 -34.71 12.14 -8.56
CA PRO O 22 -36.05 12.41 -8.07
C PRO O 22 -36.88 11.14 -7.99
N GLN O 23 -38.13 11.30 -7.59
CA GLN O 23 -39.03 10.17 -7.46
C GLN O 23 -39.44 9.63 -8.83
N TYR O 24 -39.79 8.35 -8.88
CA TYR O 24 -40.18 7.71 -10.13
C TYR O 24 -41.20 6.59 -9.91
N GLN O 25 -41.96 6.66 -8.82
CA GLN O 25 -42.98 5.65 -8.50
C GLN O 25 -44.37 6.07 -8.96
N ASN O 26 -44.72 7.34 -8.77
CA ASN O 26 -46.04 7.81 -9.20
C ASN O 26 -46.25 7.61 -10.70
N TYR O 27 -45.18 7.72 -11.49
CA TYR O 27 -45.31 7.53 -12.93
C TYR O 27 -45.84 6.13 -13.24
N VAL O 28 -45.22 5.09 -12.68
CA VAL O 28 -45.66 3.73 -12.94
C VAL O 28 -47.03 3.48 -12.30
N ALA O 29 -47.24 4.03 -11.10
CA ALA O 29 -48.53 3.86 -10.43
C ALA O 29 -49.67 4.42 -11.27
N ARG O 30 -49.44 5.52 -11.98
CA ARG O 30 -50.46 6.10 -12.84
C ARG O 30 -50.55 5.37 -14.17
N SER O 31 -49.42 4.92 -14.72
CA SER O 31 -49.45 4.19 -15.99
C SER O 31 -50.21 2.89 -15.85
N GLU O 32 -50.09 2.22 -14.70
CA GLU O 32 -50.82 0.97 -14.49
C GLU O 32 -52.32 1.21 -14.53
N GLY O 33 -52.79 2.26 -13.86
CA GLY O 33 -54.21 2.57 -13.87
C GLY O 33 -54.69 3.05 -15.23
N ALA O 34 -53.84 3.78 -15.95
CA ALA O 34 -54.22 4.25 -17.27
C ALA O 34 -54.39 3.09 -18.24
N SER O 35 -53.70 1.97 -18.00
CA SER O 35 -53.82 0.80 -18.84
C SER O 35 -54.95 -0.13 -18.40
N ALA O 36 -55.17 -0.24 -17.08
CA ALA O 36 -56.22 -1.12 -16.58
C ALA O 36 -57.58 -0.71 -17.14
N LEU O 37 -57.93 0.57 -17.01
CA LEU O 37 -59.22 1.05 -17.51
C LEU O 37 -59.29 0.94 -19.03
N ALA O 38 -58.21 1.32 -19.72
CA ALA O 38 -58.19 1.23 -21.17
C ALA O 38 -58.41 -0.20 -21.65
N THR O 39 -58.00 -1.18 -20.84
CA THR O 39 -58.17 -2.59 -21.21
C THR O 39 -59.55 -3.12 -20.85
N ILE O 40 -60.11 -2.68 -19.71
CA ILE O 40 -61.36 -3.26 -19.22
C ILE O 40 -62.58 -2.39 -19.50
N ASN O 41 -62.43 -1.32 -20.28
CA ASN O 41 -63.58 -0.48 -20.63
C ASN O 41 -64.36 -1.06 -21.80
N PRO O 42 -63.70 -1.52 -22.88
CA PRO O 42 -64.46 -1.92 -24.08
C PRO O 42 -65.47 -3.03 -23.85
N LEU O 43 -65.40 -3.76 -22.73
CA LEU O 43 -66.35 -4.83 -22.49
C LEU O 43 -67.78 -4.32 -22.35
N LYS O 44 -67.96 -3.03 -22.04
CA LYS O 44 -69.30 -2.47 -21.94
C LYS O 44 -70.05 -2.56 -23.26
N THR O 45 -69.34 -2.43 -24.38
CA THR O 45 -69.99 -2.55 -25.69
C THR O 45 -70.60 -3.93 -25.86
N THR O 46 -69.82 -4.98 -25.60
CA THR O 46 -70.33 -6.34 -25.72
C THR O 46 -71.45 -6.59 -24.72
N VAL O 47 -71.32 -6.06 -23.51
CA VAL O 47 -72.37 -6.26 -22.50
C VAL O 47 -73.68 -5.65 -22.99
N GLU O 48 -73.63 -4.41 -23.48
CA GLU O 48 -74.84 -3.75 -23.96
C GLU O 48 -75.41 -4.48 -25.17
N GLU O 49 -74.55 -4.94 -26.08
CA GLU O 49 -75.04 -5.66 -27.25
C GLU O 49 -75.76 -6.94 -26.83
N SER O 50 -75.17 -7.70 -25.89
CA SER O 50 -75.79 -8.94 -25.45
C SER O 50 -77.09 -8.68 -24.70
N LEU O 51 -77.15 -7.58 -23.95
CA LEU O 51 -78.35 -7.29 -23.19
C LEU O 51 -79.47 -6.72 -24.06
N SER O 52 -79.14 -6.07 -25.17
CA SER O 52 -80.14 -5.49 -26.05
C SER O 52 -80.57 -6.42 -27.17
N ARG O 53 -79.74 -7.41 -27.54
CA ARG O 53 -80.10 -8.30 -28.63
C ARG O 53 -81.31 -9.16 -28.25
N GLY O 54 -81.17 -9.96 -27.20
CA GLY O 54 -82.27 -10.81 -26.77
C GLY O 54 -81.86 -11.78 -25.67
N ILE O 55 -80.63 -12.28 -25.72
CA ILE O 55 -80.17 -13.22 -24.71
C ILE O 55 -80.12 -12.54 -23.35
N ALA O 56 -80.39 -13.32 -22.31
CA ALA O 56 -80.39 -12.80 -20.95
C ALA O 56 -78.96 -12.77 -20.40
N GLY O 57 -78.83 -12.30 -19.17
CA GLY O 57 -77.53 -12.23 -18.52
C GLY O 57 -77.04 -13.58 -18.05
N SER O 58 -76.09 -13.58 -17.10
CA SER O 58 -75.55 -14.81 -16.54
C SER O 58 -74.70 -15.55 -17.57
N LYS O 59 -75.30 -15.92 -18.70
CA LYS O 59 -74.57 -16.66 -19.73
C LYS O 59 -73.38 -15.87 -20.27
N ILE O 60 -73.38 -14.54 -20.09
CA ILE O 60 -72.26 -13.73 -20.56
C ILE O 60 -71.04 -14.05 -19.70
N LYS O 61 -69.99 -14.60 -20.33
CA LYS O 61 -68.78 -14.97 -19.62
C LYS O 61 -67.55 -14.45 -20.36
N ILE O 62 -66.37 -14.87 -19.92
CA ILE O 62 -65.11 -14.46 -20.52
C ILE O 62 -64.32 -15.71 -20.91
N GLY O 63 -63.27 -15.50 -21.70
CA GLY O 63 -62.43 -16.58 -22.17
C GLY O 63 -62.37 -16.62 -23.68
N THR O 64 -62.12 -17.82 -24.21
CA THR O 64 -62.03 -18.03 -25.67
C THR O 64 -62.60 -19.44 -25.94
N THR O 65 -63.92 -19.53 -25.94
CA THR O 65 -64.64 -20.78 -26.18
C THR O 65 -65.65 -20.61 -27.31
N ALA O 66 -65.27 -19.87 -28.35
CA ALA O 66 -66.15 -19.64 -29.48
C ALA O 66 -67.45 -18.97 -29.04
N SER O 67 -68.43 -18.92 -29.93
CA SER O 67 -69.72 -18.30 -29.63
C SER O 67 -70.81 -19.05 -30.38
N THR O 68 -72.06 -18.76 -30.02
CA THR O 68 -73.21 -19.39 -30.65
C THR O 68 -74.38 -18.41 -30.58
N ALA O 69 -75.57 -18.91 -30.89
CA ALA O 69 -76.79 -18.09 -30.90
C ALA O 69 -77.52 -18.15 -29.56
N THR O 70 -76.79 -18.21 -28.44
CA THR O 70 -77.40 -18.25 -27.12
C THR O 70 -76.47 -17.66 -26.07
N GLU O 71 -75.21 -18.06 -26.10
CA GLU O 71 -74.21 -17.60 -25.15
C GLU O 71 -73.20 -16.70 -25.84
N THR O 72 -72.65 -15.76 -25.08
CA THR O 72 -71.65 -14.80 -25.57
C THR O 72 -70.36 -14.98 -24.81
N TYR O 73 -69.24 -14.94 -25.52
CA TYR O 73 -67.91 -15.09 -24.92
C TYR O 73 -66.99 -14.06 -25.55
N VAL O 74 -66.73 -12.96 -24.83
CA VAL O 74 -65.83 -11.93 -25.33
C VAL O 74 -64.43 -12.52 -25.46
N GLY O 75 -63.75 -12.16 -26.55
CA GLY O 75 -62.46 -12.75 -26.87
C GLY O 75 -61.31 -12.21 -26.05
N VAL O 76 -61.34 -12.45 -24.74
CA VAL O 76 -60.25 -12.08 -23.85
C VAL O 76 -60.22 -13.06 -22.68
N GLU O 77 -59.03 -13.52 -22.33
CA GLU O 77 -58.88 -14.44 -21.22
C GLU O 77 -59.03 -13.71 -19.89
N PRO O 78 -59.40 -14.42 -18.83
CA PRO O 78 -59.53 -13.76 -17.52
C PRO O 78 -58.21 -13.23 -16.99
N ASP O 79 -57.08 -13.66 -17.54
CA ASP O 79 -55.76 -13.19 -17.12
C ASP O 79 -54.95 -12.75 -18.33
N ALA O 80 -55.63 -12.16 -19.32
CA ALA O 80 -54.93 -11.69 -20.51
C ALA O 80 -53.88 -10.65 -20.14
N ASN O 81 -54.26 -9.64 -19.36
CA ASN O 81 -53.33 -8.63 -18.89
C ASN O 81 -52.63 -9.16 -17.64
N LYS O 82 -51.30 -9.25 -17.69
CA LYS O 82 -50.53 -9.78 -16.57
C LYS O 82 -50.54 -8.87 -15.35
N LEU O 83 -51.12 -7.68 -15.45
CA LEU O 83 -51.15 -6.77 -14.31
C LEU O 83 -52.22 -7.16 -13.30
N GLY O 84 -53.30 -7.78 -13.73
CA GLY O 84 -54.36 -8.17 -12.84
C GLY O 84 -55.28 -9.20 -13.45
N VAL O 85 -56.44 -9.36 -12.84
CA VAL O 85 -57.44 -10.33 -13.25
C VAL O 85 -58.76 -9.61 -13.48
N ILE O 86 -59.52 -10.07 -14.47
CA ILE O 86 -60.82 -9.49 -14.81
C ILE O 86 -61.90 -10.46 -14.37
N ALA O 87 -63.06 -9.91 -13.99
CA ALA O 87 -64.18 -10.73 -13.56
C ALA O 87 -65.49 -10.04 -13.94
N VAL O 88 -66.37 -10.79 -14.61
CA VAL O 88 -67.68 -10.30 -15.03
C VAL O 88 -68.74 -11.23 -14.48
N ALA O 89 -69.89 -10.67 -14.12
CA ALA O 89 -71.00 -11.47 -13.59
C ALA O 89 -72.28 -10.64 -13.73
N ILE O 90 -72.93 -10.74 -14.88
CA ILE O 90 -74.16 -10.02 -15.16
C ILE O 90 -75.33 -10.84 -14.63
N GLU O 91 -76.16 -10.21 -13.81
CA GLU O 91 -77.32 -10.89 -13.23
C GLU O 91 -78.42 -11.05 -14.28
N ASP O 92 -79.41 -11.87 -13.93
CA ASP O 92 -80.52 -12.11 -14.86
C ASP O 92 -81.35 -10.85 -15.08
N SER O 93 -81.36 -9.94 -14.11
CA SER O 93 -82.12 -8.70 -14.22
C SER O 93 -81.36 -7.60 -14.95
N GLY O 94 -80.26 -7.93 -15.63
CA GLY O 94 -79.48 -6.97 -16.36
C GLY O 94 -78.41 -6.27 -15.55
N ALA O 95 -78.66 -6.04 -14.27
CA ALA O 95 -77.69 -5.37 -13.42
C ALA O 95 -76.46 -6.26 -13.22
N GLY O 96 -75.28 -5.63 -13.24
CA GLY O 96 -74.06 -6.37 -13.07
C GLY O 96 -72.89 -5.46 -12.82
N ASP O 97 -71.70 -6.05 -12.75
CA ASP O 97 -70.49 -5.30 -12.49
C ASP O 97 -69.29 -6.04 -13.08
N ILE O 98 -68.47 -5.30 -13.82
CA ILE O 98 -67.22 -5.81 -14.36
C ILE O 98 -66.08 -5.21 -13.54
N THR O 99 -65.27 -6.08 -12.93
CA THR O 99 -64.24 -5.65 -11.99
C THR O 99 -62.87 -6.12 -12.46
N PHE O 100 -61.86 -5.33 -12.09
CA PHE O 100 -60.46 -5.65 -12.36
C PHE O 100 -59.71 -5.57 -11.05
N THR O 101 -59.13 -6.69 -10.62
CA THR O 101 -58.40 -6.79 -9.36
C THR O 101 -56.92 -6.92 -9.66
N PHE O 102 -56.13 -5.99 -9.11
CA PHE O 102 -54.69 -6.02 -9.33
C PHE O 102 -54.05 -7.15 -8.56
N GLN O 103 -53.09 -7.83 -9.19
CA GLN O 103 -52.38 -8.94 -8.57
C GLN O 103 -51.15 -8.42 -7.84
N THR O 104 -50.76 -9.17 -6.80
CA THR O 104 -49.60 -8.79 -6.00
C THR O 104 -48.29 -9.24 -6.62
N GLY O 105 -48.31 -10.27 -7.45
CA GLY O 105 -47.11 -10.79 -8.08
C GLY O 105 -46.75 -10.15 -9.40
N THR O 106 -47.40 -9.04 -9.78
CA THR O 106 -47.09 -8.37 -11.03
C THR O 106 -47.25 -6.86 -10.89
N SER O 107 -48.36 -6.42 -10.30
CA SER O 107 -48.61 -5.00 -10.15
C SER O 107 -47.60 -4.38 -9.18
N SER O 108 -47.63 -3.05 -9.12
CA SER O 108 -46.73 -2.31 -8.26
C SER O 108 -47.19 -2.41 -6.80
N PRO O 109 -46.30 -2.08 -5.85
CA PRO O 109 -46.72 -2.16 -4.43
C PRO O 109 -47.89 -1.26 -4.10
N LYS O 110 -47.92 -0.04 -4.62
CA LYS O 110 -49.00 0.88 -4.31
C LYS O 110 -50.32 0.36 -4.88
N ASN O 111 -50.32 -0.08 -6.13
CA ASN O 111 -51.51 -0.60 -6.79
C ASN O 111 -51.71 -2.10 -6.55
N ALA O 112 -51.30 -2.59 -5.38
CA ALA O 112 -51.44 -4.00 -5.06
C ALA O 112 -52.74 -4.24 -4.29
N THR O 113 -53.46 -5.29 -4.67
CA THR O 113 -54.71 -5.68 -4.04
C THR O 113 -55.81 -4.63 -4.23
N LYS O 114 -55.62 -3.70 -5.14
CA LYS O 114 -56.63 -2.70 -5.44
C LYS O 114 -57.59 -3.22 -6.50
N VAL O 115 -58.81 -2.68 -6.51
CA VAL O 115 -59.88 -3.16 -7.36
C VAL O 115 -60.58 -1.97 -8.00
N ILE O 116 -60.75 -2.03 -9.32
CA ILE O 116 -61.57 -1.07 -10.05
C ILE O 116 -62.83 -1.80 -10.48
N THR O 117 -63.92 -1.06 -10.63
CA THR O 117 -65.21 -1.69 -10.97
C THR O 117 -66.04 -0.74 -11.81
N LEU O 118 -66.80 -1.33 -12.74
CA LEU O 118 -67.80 -0.62 -13.53
C LEU O 118 -69.13 -1.34 -13.34
N ASN O 119 -70.09 -0.64 -12.77
CA ASN O 119 -71.39 -1.20 -12.42
C ASN O 119 -72.47 -0.67 -13.36
N ARG O 120 -73.49 -1.50 -13.58
CA ARG O 120 -74.63 -1.17 -14.43
C ARG O 120 -75.89 -1.26 -13.59
N THR O 121 -76.57 -0.13 -13.41
CA THR O 121 -77.79 -0.11 -12.62
C THR O 121 -78.88 -0.92 -13.30
N ALA O 122 -79.98 -1.12 -12.58
CA ALA O 122 -81.09 -1.89 -13.12
C ALA O 122 -81.78 -1.15 -14.26
N ASP O 123 -81.99 0.16 -14.10
CA ASP O 123 -82.63 0.94 -15.15
C ASP O 123 -81.78 1.00 -16.41
N GLY O 124 -80.45 1.09 -16.25
CA GLY O 124 -79.55 1.14 -17.39
C GLY O 124 -78.62 2.33 -17.36
N VAL O 125 -77.90 2.49 -16.25
CA VAL O 125 -76.94 3.58 -16.09
C VAL O 125 -75.60 2.97 -15.70
N TRP O 126 -74.53 3.44 -16.34
CA TRP O 126 -73.19 2.92 -16.11
C TRP O 126 -72.43 3.86 -15.19
N ALA O 127 -71.95 3.33 -14.07
CA ALA O 127 -71.11 4.07 -13.13
C ALA O 127 -69.79 3.31 -12.95
N CYS O 128 -68.81 3.98 -12.36
CA CYS O 128 -67.51 3.37 -12.15
C CYS O 128 -66.92 3.86 -10.83
N LYS O 129 -66.13 2.99 -10.20
CA LYS O 129 -65.50 3.31 -8.93
C LYS O 129 -64.18 2.57 -8.84
N SER O 130 -63.37 2.96 -7.86
CA SER O 130 -62.07 2.36 -7.64
C SER O 130 -61.69 2.52 -6.16
N THR O 131 -60.63 1.82 -5.77
CA THR O 131 -60.14 1.86 -4.39
C THR O 131 -58.71 2.40 -4.31
N GLN O 132 -58.14 2.88 -5.41
CA GLN O 132 -56.80 3.41 -5.39
C GLN O 132 -56.77 4.80 -4.78
N ASP O 133 -55.56 5.35 -4.62
CA ASP O 133 -55.40 6.67 -4.06
C ASP O 133 -56.01 7.73 -4.98
N PRO O 134 -56.29 8.92 -4.45
CA PRO O 134 -56.90 9.95 -5.31
C PRO O 134 -56.00 10.37 -6.46
N MET O 135 -54.69 10.52 -6.22
CA MET O 135 -53.79 10.97 -7.27
C MET O 135 -53.54 9.90 -8.33
N PHE O 136 -53.78 8.62 -8.01
CA PHE O 136 -53.57 7.54 -8.95
C PHE O 136 -54.85 7.12 -9.68
N THR O 137 -56.02 7.57 -9.21
CA THR O 137 -57.26 7.22 -9.89
C THR O 137 -57.35 7.96 -11.22
N PRO O 138 -57.76 7.29 -12.29
CA PRO O 138 -57.87 7.98 -13.59
C PRO O 138 -58.88 9.12 -13.54
N LYS O 139 -58.87 9.92 -14.60
CA LYS O 139 -59.76 11.08 -14.70
C LYS O 139 -61.10 10.72 -15.30
N GLY O 140 -61.72 9.66 -14.78
CA GLY O 140 -63.01 9.23 -15.26
C GLY O 140 -63.83 8.48 -14.22
N CYS O 141 -63.34 8.45 -12.98
CA CYS O 141 -64.01 7.73 -11.91
C CYS O 141 -63.75 8.44 -10.60
N ASP O 142 -64.44 7.99 -9.55
CA ASP O 142 -64.30 8.54 -8.21
C ASP O 142 -63.47 7.58 -7.34
N ASN O 143 -63.62 7.69 -6.03
CA ASN O 143 -62.89 6.83 -5.10
C ASN O 143 -63.71 6.57 -3.85
N PHE P 1 -7.85 3.44 -12.44
CA PHE P 1 -8.53 4.57 -13.14
C PHE P 1 -7.52 5.61 -13.60
N THR P 2 -7.80 6.25 -14.72
CA THR P 2 -6.95 7.27 -15.30
C THR P 2 -7.79 8.51 -15.61
N LEU P 3 -7.13 9.55 -16.14
CA LEU P 3 -7.82 10.78 -16.48
C LEU P 3 -8.48 10.71 -17.84
N ILE P 4 -7.98 9.87 -18.75
CA ILE P 4 -8.55 9.77 -20.08
C ILE P 4 -9.99 9.28 -20.00
N GLU P 5 -10.22 8.18 -19.28
CA GLU P 5 -11.56 7.63 -19.17
C GLU P 5 -12.51 8.62 -18.51
N LEU P 6 -12.06 9.26 -17.43
CA LEU P 6 -12.93 10.20 -16.72
C LEU P 6 -13.29 11.39 -17.60
N MET P 7 -12.30 11.93 -18.34
CA MET P 7 -12.58 13.05 -19.22
C MET P 7 -13.50 12.66 -20.36
N ILE P 8 -13.33 11.45 -20.91
CA ILE P 8 -14.21 11.00 -21.97
C ILE P 8 -15.63 10.84 -21.45
N VAL P 9 -15.78 10.33 -20.22
CA VAL P 9 -17.10 10.17 -19.64
C VAL P 9 -17.74 11.54 -19.41
N VAL P 10 -16.96 12.50 -18.91
CA VAL P 10 -17.49 13.84 -18.68
C VAL P 10 -17.93 14.47 -19.99
N ALA P 11 -17.14 14.27 -21.06
CA ALA P 11 -17.50 14.83 -22.35
C ALA P 11 -18.76 14.18 -22.91
N ILE P 12 -18.88 12.86 -22.78
CA ILE P 12 -20.07 12.18 -23.28
C ILE P 12 -21.30 12.60 -22.49
N ILE P 13 -21.13 12.87 -21.19
CA ILE P 13 -22.26 13.34 -20.39
C ILE P 13 -22.77 14.67 -20.92
N GLY P 14 -21.85 15.62 -21.17
CA GLY P 14 -22.25 16.89 -21.72
C GLY P 14 -22.86 16.76 -23.11
N ILE P 15 -22.33 15.83 -23.91
CA ILE P 15 -22.89 15.61 -25.25
C ILE P 15 -24.33 15.14 -25.14
N LEU P 16 -24.57 14.13 -24.30
CA LEU P 16 -25.93 13.63 -24.13
C LEU P 16 -26.84 14.70 -23.53
N ALA P 17 -26.29 15.59 -22.70
CA ALA P 17 -27.08 16.67 -22.12
C ALA P 17 -27.28 17.80 -23.13
N ALA P 18 -27.83 17.46 -24.30
CA ALA P 18 -28.05 18.46 -25.34
C ALA P 18 -29.25 18.12 -26.21
N ILE P 19 -30.03 17.10 -25.86
CA ILE P 19 -31.19 16.72 -26.67
C ILE P 19 -32.27 17.80 -26.53
N ALA P 20 -32.80 18.24 -27.66
CA ALA P 20 -33.84 19.25 -27.66
C ALA P 20 -35.19 18.63 -27.29
N ILE P 21 -36.12 19.50 -26.90
CA ILE P 21 -37.46 19.08 -26.50
C ILE P 21 -38.46 20.03 -27.17
N PRO P 22 -39.35 19.54 -28.03
CA PRO P 22 -40.32 20.42 -28.68
C PRO P 22 -41.52 20.68 -27.78
N GLN P 23 -42.48 21.44 -28.31
CA GLN P 23 -43.67 21.77 -27.56
C GLN P 23 -44.59 20.55 -27.42
N TYR P 24 -45.40 20.56 -26.36
CA TYR P 24 -46.31 19.45 -26.10
C TYR P 24 -47.58 19.91 -25.38
N GLN P 25 -47.96 21.17 -25.54
CA GLN P 25 -49.16 21.72 -24.92
C GLN P 25 -50.36 21.72 -25.87
N ASN P 26 -50.14 22.06 -27.14
CA ASN P 26 -51.24 22.07 -28.10
C ASN P 26 -51.89 20.69 -28.22
N TYR P 27 -51.09 19.62 -28.07
CA TYR P 27 -51.65 18.28 -28.15
C TYR P 27 -52.73 18.06 -27.10
N VAL P 28 -52.43 18.36 -25.84
CA VAL P 28 -53.41 18.18 -24.77
C VAL P 28 -54.55 19.19 -24.93
N ALA P 29 -54.23 20.42 -25.33
CA ALA P 29 -55.27 21.43 -25.51
C ALA P 29 -56.28 21.00 -26.55
N ARG P 30 -55.84 20.30 -27.60
CA ARG P 30 -56.76 19.81 -28.62
C ARG P 30 -57.45 18.52 -28.19
N SER P 31 -56.75 17.65 -27.46
CA SER P 31 -57.38 16.42 -27.00
C SER P 31 -58.52 16.70 -26.03
N GLU P 32 -58.37 17.74 -25.20
CA GLU P 32 -59.44 18.09 -24.26
C GLU P 32 -60.69 18.51 -25.02
N GLY P 33 -60.54 19.33 -26.05
CA GLY P 33 -61.69 19.75 -26.83
C GLY P 33 -62.27 18.62 -27.65
N ALA P 34 -61.43 17.72 -28.15
CA ALA P 34 -61.93 16.59 -28.91
C ALA P 34 -62.76 15.65 -28.05
N SER P 35 -62.52 15.64 -26.74
CA SER P 35 -63.28 14.81 -25.82
C SER P 35 -64.53 15.53 -25.30
N ALA P 36 -64.42 16.84 -25.07
CA ALA P 36 -65.57 17.59 -24.55
C ALA P 36 -66.77 17.47 -25.49
N LEU P 37 -66.56 17.75 -26.77
CA LEU P 37 -67.65 17.68 -27.75
C LEU P 37 -68.13 16.24 -27.90
N ALA P 38 -67.20 15.29 -27.99
CA ALA P 38 -67.60 13.90 -28.12
C ALA P 38 -68.45 13.43 -26.94
N THR P 39 -68.26 14.03 -25.76
CA THR P 39 -69.03 13.66 -24.59
C THR P 39 -70.37 14.39 -24.52
N ILE P 40 -70.41 15.66 -24.95
CA ILE P 40 -71.62 16.47 -24.77
C ILE P 40 -72.44 16.60 -26.05
N ASN P 41 -72.11 15.88 -27.11
CA ASN P 41 -72.90 15.90 -28.33
C ASN P 41 -74.12 14.99 -28.25
N PRO P 42 -73.98 13.75 -27.76
CA PRO P 42 -75.11 12.80 -27.84
C PRO P 42 -76.37 13.27 -27.14
N LEU P 43 -76.29 14.29 -26.28
CA LEU P 43 -77.49 14.75 -25.58
C LEU P 43 -78.53 15.32 -26.53
N LYS P 44 -78.12 15.72 -27.74
CA LYS P 44 -79.08 16.25 -28.71
C LYS P 44 -80.11 15.20 -29.09
N THR P 45 -79.72 13.93 -29.14
CA THR P 45 -80.67 12.87 -29.46
C THR P 45 -81.79 12.82 -28.41
N THR P 46 -81.42 12.79 -27.14
CA THR P 46 -82.42 12.76 -26.08
C THR P 46 -83.26 14.02 -26.08
N VAL P 47 -82.64 15.18 -26.34
CA VAL P 47 -83.38 16.43 -26.37
C VAL P 47 -84.44 16.38 -27.46
N GLU P 48 -84.05 15.96 -28.67
CA GLU P 48 -85.00 15.88 -29.78
C GLU P 48 -86.10 14.86 -29.49
N GLU P 49 -85.73 13.72 -28.90
CA GLU P 49 -86.75 12.72 -28.58
C GLU P 49 -87.77 13.27 -27.59
N SER P 50 -87.29 13.95 -26.55
CA SER P 50 -88.20 14.49 -25.54
C SER P 50 -89.06 15.61 -26.12
N LEU P 51 -88.52 16.39 -27.06
CA LEU P 51 -89.28 17.49 -27.63
C LEU P 51 -90.28 17.02 -28.68
N SER P 52 -90.01 15.87 -29.32
CA SER P 52 -90.91 15.36 -30.35
C SER P 52 -91.93 14.37 -29.81
N ARG P 53 -91.66 13.73 -28.68
CA ARG P 53 -92.60 12.77 -28.13
C ARG P 53 -93.90 13.43 -27.71
N GLY P 54 -93.82 14.36 -26.75
CA GLY P 54 -95.01 15.05 -26.28
C GLY P 54 -94.74 15.94 -25.09
N ILE P 55 -93.84 15.50 -24.20
CA ILE P 55 -93.52 16.29 -23.02
C ILE P 55 -92.88 17.61 -23.42
N ALA P 56 -93.15 18.64 -22.63
CA ALA P 56 -92.61 19.96 -22.89
C ALA P 56 -91.19 20.08 -22.33
N GLY P 57 -90.57 21.23 -22.55
CA GLY P 57 -89.23 21.46 -22.05
C GLY P 57 -89.18 21.71 -20.56
N SER P 58 -88.11 22.34 -20.09
CA SER P 58 -87.96 22.66 -18.67
C SER P 58 -87.74 21.38 -17.84
N LYS P 59 -88.70 20.47 -17.88
CA LYS P 59 -88.59 19.23 -17.11
C LYS P 59 -87.37 18.41 -17.50
N ILE P 60 -86.82 18.63 -18.70
CA ILE P 60 -85.63 17.90 -19.13
C ILE P 60 -84.45 18.35 -18.28
N LYS P 61 -83.90 17.42 -17.51
CA LYS P 61 -82.77 17.72 -16.63
C LYS P 61 -81.66 16.68 -16.79
N ILE P 62 -80.66 16.73 -15.91
CA ILE P 62 -79.54 15.81 -15.94
C ILE P 62 -79.42 15.15 -14.57
N GLY P 63 -78.61 14.10 -14.52
CA GLY P 63 -78.38 13.35 -13.30
C GLY P 63 -78.73 11.87 -13.47
N THR P 64 -79.10 11.24 -12.36
CA THR P 64 -79.47 9.83 -12.35
C THR P 64 -80.58 9.65 -11.30
N THR P 65 -81.80 10.05 -11.67
CA THR P 65 -82.97 9.97 -10.81
C THR P 65 -84.09 9.20 -11.49
N ALA P 66 -83.74 8.13 -12.20
CA ALA P 66 -84.72 7.31 -12.90
C ALA P 66 -85.50 8.14 -13.90
N SER P 67 -86.59 7.58 -14.43
CA SER P 67 -87.42 8.28 -15.41
C SER P 67 -88.87 7.85 -15.21
N THR P 68 -89.77 8.57 -15.86
CA THR P 68 -91.20 8.29 -15.78
C THR P 68 -91.85 8.74 -17.09
N ALA P 69 -93.18 8.78 -17.10
CA ALA P 69 -93.95 9.16 -18.27
C ALA P 69 -94.28 10.65 -18.28
N THR P 70 -93.37 11.50 -17.79
CA THR P 70 -93.61 12.94 -17.76
C THR P 70 -92.28 13.69 -17.82
N GLU P 71 -91.31 13.28 -17.02
CA GLU P 71 -90.01 13.91 -16.95
C GLU P 71 -88.94 13.00 -17.53
N THR P 72 -87.89 13.61 -18.09
CA THR P 72 -86.79 12.89 -18.69
C THR P 72 -85.49 13.24 -17.97
N TYR P 73 -84.66 12.22 -17.71
CA TYR P 73 -83.39 12.40 -17.01
C TYR P 73 -82.34 11.57 -17.75
N VAL P 74 -81.52 12.25 -18.56
CA VAL P 74 -80.45 11.55 -19.27
C VAL P 74 -79.46 10.98 -18.27
N GLY P 75 -79.01 9.76 -18.52
CA GLY P 75 -78.16 9.05 -17.57
C GLY P 75 -76.73 9.51 -17.54
N VAL P 76 -76.50 10.77 -17.12
CA VAL P 76 -75.16 11.31 -16.94
C VAL P 76 -75.21 12.37 -15.86
N GLU P 77 -74.23 12.34 -14.96
CA GLU P 77 -74.17 13.31 -13.88
C GLU P 77 -73.68 14.65 -14.40
N PRO P 78 -74.02 15.75 -13.72
CA PRO P 78 -73.55 17.06 -14.17
C PRO P 78 -72.04 17.21 -14.12
N ASP P 79 -71.34 16.35 -13.41
CA ASP P 79 -69.87 16.37 -13.32
C ASP P 79 -69.30 15.00 -13.63
N ALA P 80 -69.93 14.27 -14.56
CA ALA P 80 -69.44 12.95 -14.94
C ALA P 80 -68.01 13.05 -15.46
N ASN P 81 -67.77 13.96 -16.41
CA ASN P 81 -66.44 14.18 -16.94
C ASN P 81 -65.70 15.14 -16.03
N LYS P 82 -64.56 14.70 -15.48
CA LYS P 82 -63.79 15.51 -14.56
C LYS P 82 -63.15 16.72 -15.21
N LEU P 83 -63.23 16.85 -16.54
CA LEU P 83 -62.63 18.00 -17.21
C LEU P 83 -63.46 19.26 -17.06
N GLY P 84 -64.77 19.13 -16.93
CA GLY P 84 -65.63 20.28 -16.80
C GLY P 84 -67.00 19.91 -16.28
N VAL P 85 -67.93 20.84 -16.44
CA VAL P 85 -69.30 20.69 -15.96
C VAL P 85 -70.25 20.90 -17.13
N ILE P 86 -71.36 20.15 -17.12
CA ILE P 86 -72.38 20.23 -18.15
C ILE P 86 -73.61 20.92 -17.58
N ALA P 87 -74.33 21.65 -18.43
CA ALA P 87 -75.53 22.36 -18.00
C ALA P 87 -76.52 22.40 -19.16
N VAL P 88 -77.76 22.00 -18.87
CA VAL P 88 -78.84 21.99 -19.85
C VAL P 88 -80.01 22.79 -19.27
N ALA P 89 -80.73 23.50 -20.14
CA ALA P 89 -81.89 24.29 -19.71
C ALA P 89 -82.73 24.57 -20.95
N ILE P 90 -83.64 23.66 -21.25
CA ILE P 90 -84.54 23.80 -22.40
C ILE P 90 -85.75 24.61 -21.97
N GLU P 91 -86.05 25.67 -22.72
CA GLU P 91 -87.18 26.52 -22.41
C GLU P 91 -88.49 25.83 -22.81
N ASP P 92 -89.60 26.41 -22.34
CA ASP P 92 -90.92 25.85 -22.65
C ASP P 92 -91.23 25.94 -24.14
N SER P 93 -90.65 26.91 -24.84
CA SER P 93 -90.87 27.09 -26.27
C SER P 93 -89.97 26.21 -27.13
N GLY P 94 -89.29 25.24 -26.54
CA GLY P 94 -88.42 24.35 -27.26
C GLY P 94 -86.99 24.85 -27.41
N ALA P 95 -86.80 26.16 -27.52
CA ALA P 95 -85.46 26.71 -27.66
C ALA P 95 -84.66 26.49 -26.39
N GLY P 96 -83.39 26.15 -26.56
CA GLY P 96 -82.53 25.92 -25.42
C GLY P 96 -81.07 25.86 -25.82
N ASP P 97 -80.23 25.55 -24.83
CA ASP P 97 -78.80 25.49 -25.06
C ASP P 97 -78.17 24.53 -24.06
N ILE P 98 -77.34 23.62 -24.56
CA ILE P 98 -76.56 22.71 -23.74
C ILE P 98 -75.11 23.19 -23.76
N THR P 99 -74.57 23.50 -22.58
CA THR P 99 -73.26 24.11 -22.48
C THR P 99 -72.33 23.24 -21.63
N PHE P 100 -71.03 23.33 -21.94
CA PHE P 100 -69.98 22.64 -21.20
C PHE P 100 -68.95 23.69 -20.81
N THR P 101 -68.76 23.86 -19.51
CA THR P 101 -67.82 24.85 -18.96
C THR P 101 -66.62 24.13 -18.38
N PHE P 102 -65.43 24.46 -18.87
CA PHE P 102 -64.22 23.82 -18.38
C PHE P 102 -63.88 24.32 -16.98
N GLN P 103 -63.45 23.40 -16.12
CA GLN P 103 -63.08 23.73 -14.75
C GLN P 103 -61.60 24.10 -14.68
N THR P 104 -61.27 24.94 -13.70
CA THR P 104 -59.89 25.38 -13.52
C THR P 104 -59.05 24.39 -12.74
N GLY P 105 -59.68 23.54 -11.93
CA GLY P 105 -58.98 22.57 -11.12
C GLY P 105 -58.75 21.23 -11.79
N THR P 106 -58.99 21.12 -13.09
CA THR P 106 -58.79 19.86 -13.80
C THR P 106 -58.33 20.11 -15.22
N SER P 107 -58.98 21.02 -15.93
CA SER P 107 -58.64 21.30 -17.30
C SER P 107 -57.26 21.96 -17.39
N SER P 108 -56.76 22.09 -18.61
CA SER P 108 -55.46 22.70 -18.85
C SER P 108 -55.53 24.21 -18.69
N PRO P 109 -54.38 24.88 -18.54
CA PRO P 109 -54.41 26.34 -18.39
C PRO P 109 -55.03 27.04 -19.58
N LYS P 110 -54.72 26.61 -20.81
CA LYS P 110 -55.26 27.27 -21.98
C LYS P 110 -56.78 27.10 -22.06
N ASN P 111 -57.26 25.87 -21.84
CA ASN P 111 -58.69 25.57 -21.88
C ASN P 111 -59.37 25.79 -20.53
N ALA P 112 -58.89 26.76 -19.75
CA ALA P 112 -59.47 27.04 -18.44
C ALA P 112 -60.52 28.16 -18.56
N THR P 113 -61.65 27.94 -17.90
CA THR P 113 -62.76 28.90 -17.89
C THR P 113 -63.38 29.10 -19.26
N LYS P 114 -63.09 28.21 -20.21
CA LYS P 114 -63.68 28.26 -21.53
C LYS P 114 -65.02 27.50 -21.55
N VAL P 115 -65.89 27.89 -22.47
CA VAL P 115 -67.25 27.37 -22.54
C VAL P 115 -67.57 27.02 -23.98
N ILE P 116 -68.09 25.80 -24.19
CA ILE P 116 -68.64 25.39 -25.47
C ILE P 116 -70.16 25.31 -25.30
N THR P 117 -70.89 25.53 -26.39
CA THR P 117 -72.34 25.56 -26.32
C THR P 117 -72.94 25.05 -27.60
N LEU P 118 -74.07 24.34 -27.48
CA LEU P 118 -74.90 23.92 -28.61
C LEU P 118 -76.30 24.45 -28.37
N ASN P 119 -76.75 25.33 -29.27
CA ASN P 119 -78.03 26.01 -29.16
C ASN P 119 -79.02 25.46 -30.16
N ARG P 120 -80.30 25.50 -29.79
CA ARG P 120 -81.41 25.04 -30.63
C ARG P 120 -82.35 26.21 -30.86
N THR P 121 -82.48 26.63 -32.12
CA THR P 121 -83.35 27.75 -32.45
C THR P 121 -84.81 27.37 -32.18
N ALA P 122 -85.68 28.39 -32.26
CA ALA P 122 -87.10 28.15 -32.03
C ALA P 122 -87.71 27.30 -33.13
N ASP P 123 -87.36 27.58 -34.39
CA ASP P 123 -87.91 26.80 -35.50
C ASP P 123 -87.44 25.35 -35.45
N GLY P 124 -86.19 25.12 -35.04
CA GLY P 124 -85.66 23.77 -34.94
C GLY P 124 -84.37 23.58 -35.70
N VAL P 125 -83.39 24.43 -35.44
CA VAL P 125 -82.08 24.36 -36.08
C VAL P 125 -81.02 24.31 -34.99
N TRP P 126 -80.05 23.40 -35.14
CA TRP P 126 -79.00 23.20 -34.16
C TRP P 126 -77.74 23.92 -34.62
N ALA P 127 -77.22 24.80 -33.78
CA ALA P 127 -75.96 25.49 -34.03
C ALA P 127 -75.03 25.24 -32.85
N CYS P 128 -73.76 25.56 -33.03
CA CYS P 128 -72.77 25.34 -31.98
C CYS P 128 -71.73 26.44 -32.02
N LYS P 129 -71.19 26.78 -30.85
CA LYS P 129 -70.19 27.82 -30.73
C LYS P 129 -69.26 27.48 -29.57
N SER P 130 -68.15 28.21 -29.49
CA SER P 130 -67.17 28.00 -28.44
C SER P 130 -66.40 29.30 -28.24
N THR P 131 -65.62 29.34 -27.15
CA THR P 131 -64.81 30.50 -26.82
C THR P 131 -63.32 30.19 -26.79
N GLN P 132 -62.91 29.01 -27.21
CA GLN P 132 -61.50 28.64 -27.22
C GLN P 132 -60.80 29.29 -28.41
N ASP P 133 -59.48 29.11 -28.46
CA ASP P 133 -58.69 29.67 -29.54
C ASP P 133 -59.07 29.01 -30.87
N PRO P 134 -58.72 29.66 -31.99
CA PRO P 134 -59.09 29.07 -33.29
C PRO P 134 -58.43 27.72 -33.54
N MET P 135 -57.15 27.57 -33.18
CA MET P 135 -56.44 26.32 -33.44
C MET P 135 -56.89 25.20 -32.53
N PHE P 136 -57.51 25.51 -31.38
CA PHE P 136 -57.98 24.49 -30.46
C PHE P 136 -59.46 24.16 -30.63
N THR P 137 -60.21 24.96 -31.37
CA THR P 137 -61.61 24.67 -31.59
C THR P 137 -61.76 23.46 -32.52
N PRO P 138 -62.66 22.52 -32.21
CA PRO P 138 -62.82 21.36 -33.08
C PRO P 138 -63.27 21.75 -34.48
N LYS P 139 -63.23 20.77 -35.37
CA LYS P 139 -63.59 20.99 -36.78
C LYS P 139 -65.09 20.79 -37.00
N GLY P 140 -65.90 21.42 -36.16
CA GLY P 140 -67.35 21.33 -36.29
C GLY P 140 -68.08 22.52 -35.72
N CYS P 141 -67.34 23.56 -35.33
CA CYS P 141 -67.94 24.75 -34.74
C CYS P 141 -67.10 25.97 -35.11
N ASP P 142 -67.63 27.14 -34.77
CA ASP P 142 -66.95 28.40 -35.02
C ASP P 142 -66.36 28.94 -33.72
N ASN P 143 -66.11 30.24 -33.67
CA ASN P 143 -65.55 30.87 -32.47
C ASN P 143 -66.06 32.30 -32.33
N PHE Q 1 -19.77 7.54 -11.15
CA PHE Q 1 -20.12 7.12 -12.53
C PHE Q 1 -18.93 6.44 -13.20
N THR Q 2 -19.25 5.49 -14.08
CA THR Q 2 -18.23 4.73 -14.82
C THR Q 2 -18.59 4.74 -16.31
N LEU Q 3 -17.74 4.10 -17.10
CA LEU Q 3 -17.98 4.04 -18.54
C LEU Q 3 -18.95 2.92 -18.92
N ILE Q 4 -19.04 1.88 -18.10
CA ILE Q 4 -19.93 0.76 -18.42
C ILE Q 4 -21.38 1.23 -18.47
N GLU Q 5 -21.81 1.95 -17.42
CA GLU Q 5 -23.19 2.41 -17.36
C GLU Q 5 -23.49 3.37 -18.50
N LEU Q 6 -22.57 4.30 -18.77
CA LEU Q 6 -22.80 5.28 -19.83
C LEU Q 6 -22.89 4.59 -21.19
N MET Q 7 -22.00 3.63 -21.46
CA MET Q 7 -22.05 2.93 -22.73
C MET Q 7 -23.31 2.09 -22.87
N ILE Q 8 -23.75 1.46 -21.78
CA ILE Q 8 -24.98 0.68 -21.83
C ILE Q 8 -26.17 1.59 -22.10
N VAL Q 9 -26.18 2.77 -21.48
CA VAL Q 9 -27.27 3.72 -21.72
C VAL Q 9 -27.26 4.18 -23.17
N VAL Q 10 -26.08 4.48 -23.70
CA VAL Q 10 -25.97 4.92 -25.09
C VAL Q 10 -26.46 3.83 -26.03
N ALA Q 11 -26.12 2.57 -25.74
CA ALA Q 11 -26.55 1.47 -26.59
C ALA Q 11 -28.05 1.26 -26.51
N ILE Q 12 -28.62 1.36 -25.32
CA ILE Q 12 -30.07 1.20 -25.18
C ILE Q 12 -30.81 2.33 -25.86
N ILE Q 13 -30.23 3.54 -25.86
CA ILE Q 13 -30.85 4.66 -26.56
C ILE Q 13 -30.93 4.36 -28.05
N GLY Q 14 -29.82 3.91 -28.64
CA GLY Q 14 -29.83 3.56 -30.05
C GLY Q 14 -30.77 2.41 -30.36
N ILE Q 15 -30.85 1.44 -29.44
CA ILE Q 15 -31.77 0.32 -29.63
C ILE Q 15 -33.21 0.82 -29.69
N LEU Q 16 -33.60 1.64 -28.70
CA LEU Q 16 -34.96 2.19 -28.69
C LEU Q 16 -35.20 3.07 -29.91
N ALA Q 17 -34.16 3.75 -30.41
CA ALA Q 17 -34.32 4.58 -31.60
C ALA Q 17 -34.32 3.74 -32.86
N ALA Q 18 -35.22 2.76 -32.93
CA ALA Q 18 -35.31 1.88 -34.09
C ALA Q 18 -36.74 1.39 -34.34
N ILE Q 19 -37.73 1.90 -33.61
CA ILE Q 19 -39.10 1.45 -33.79
C ILE Q 19 -39.63 1.95 -35.13
N ALA Q 20 -40.21 1.04 -35.91
CA ALA Q 20 -40.76 1.40 -37.20
C ALA Q 20 -42.09 2.13 -37.04
N ILE Q 21 -42.50 2.82 -38.11
CA ILE Q 21 -43.74 3.57 -38.14
C ILE Q 21 -44.44 3.27 -39.47
N PRO Q 22 -45.64 2.69 -39.46
CA PRO Q 22 -46.33 2.39 -40.71
C PRO Q 22 -47.08 3.62 -41.23
N GLN Q 23 -47.77 3.44 -42.35
CA GLN Q 23 -48.51 4.52 -42.96
C GLN Q 23 -49.76 4.85 -42.14
N TYR Q 24 -50.20 6.11 -42.25
CA TYR Q 24 -51.37 6.57 -41.51
C TYR Q 24 -52.14 7.64 -42.27
N GLN Q 25 -52.04 7.67 -43.60
CA GLN Q 25 -52.74 8.64 -44.42
C GLN Q 25 -54.05 8.09 -44.99
N ASN Q 26 -54.06 6.83 -45.43
CA ASN Q 26 -55.28 6.24 -45.96
C ASN Q 26 -56.40 6.24 -44.94
N TYR Q 27 -56.06 6.09 -43.65
CA TYR Q 27 -57.08 6.12 -42.61
C TYR Q 27 -57.87 7.43 -42.64
N VAL Q 28 -57.17 8.56 -42.61
CA VAL Q 28 -57.83 9.85 -42.63
C VAL Q 28 -58.50 10.09 -43.97
N ALA Q 29 -57.85 9.67 -45.06
CA ALA Q 29 -58.44 9.86 -46.38
C ALA Q 29 -59.78 9.13 -46.50
N ARG Q 30 -59.91 7.97 -45.86
CA ARG Q 30 -61.16 7.24 -45.89
C ARG Q 30 -62.17 7.79 -44.88
N SER Q 31 -61.69 8.25 -43.71
CA SER Q 31 -62.59 8.81 -42.72
C SER Q 31 -63.25 10.08 -43.24
N GLU Q 32 -62.52 10.88 -44.01
CA GLU Q 32 -63.10 12.10 -44.56
C GLU Q 32 -64.26 11.77 -45.50
N GLY Q 33 -64.06 10.78 -46.37
CA GLY Q 33 -65.12 10.39 -47.29
C GLY Q 33 -66.29 9.72 -46.58
N ALA Q 34 -66.00 8.96 -45.52
CA ALA Q 34 -67.07 8.32 -44.77
C ALA Q 34 -67.95 9.35 -44.06
N SER Q 35 -67.39 10.52 -43.76
CA SER Q 35 -68.17 11.59 -43.12
C SER Q 35 -68.86 12.49 -44.13
N ALA Q 36 -68.22 12.73 -45.28
CA ALA Q 36 -68.82 13.59 -46.29
C ALA Q 36 -70.18 13.05 -46.75
N LEU Q 37 -70.20 11.77 -47.14
CA LEU Q 37 -71.44 11.17 -47.60
C LEU Q 37 -72.47 11.09 -46.47
N ALA Q 38 -72.02 10.70 -45.28
CA ALA Q 38 -72.93 10.61 -44.14
C ALA Q 38 -73.57 11.96 -43.83
N THR Q 39 -72.88 13.06 -44.14
CA THR Q 39 -73.40 14.39 -43.88
C THR Q 39 -74.30 14.89 -45.02
N ILE Q 40 -73.97 14.55 -46.27
CA ILE Q 40 -74.69 15.11 -47.41
C ILE Q 40 -75.69 14.14 -48.02
N ASN Q 41 -75.94 12.99 -47.39
CA ASN Q 41 -76.94 12.06 -47.88
C ASN Q 41 -78.35 12.45 -47.45
N PRO Q 42 -78.57 12.81 -46.19
CA PRO Q 42 -79.96 13.02 -45.72
C PRO Q 42 -80.72 14.09 -46.49
N LEU Q 43 -80.05 14.94 -47.26
CA LEU Q 43 -80.76 15.98 -47.99
C LEU Q 43 -81.71 15.40 -49.04
N LYS Q 44 -81.50 14.15 -49.45
CA LYS Q 44 -82.40 13.54 -50.43
C LYS Q 44 -83.82 13.42 -49.88
N THR Q 45 -83.97 13.19 -48.58
CA THR Q 45 -85.30 13.12 -47.98
C THR Q 45 -86.04 14.44 -48.16
N THR Q 46 -85.40 15.55 -47.81
CA THR Q 46 -86.03 16.85 -47.96
C THR Q 46 -86.30 17.16 -49.43
N VAL Q 47 -85.37 16.78 -50.31
CA VAL Q 47 -85.57 17.03 -51.75
C VAL Q 47 -86.81 16.30 -52.23
N GLU Q 48 -86.93 15.02 -51.89
CA GLU Q 48 -88.08 14.23 -52.32
C GLU Q 48 -89.36 14.77 -51.72
N GLU Q 49 -89.33 15.18 -50.45
CA GLU Q 49 -90.53 15.73 -49.83
C GLU Q 49 -90.98 17.01 -50.54
N SER Q 50 -90.03 17.89 -50.85
CA SER Q 50 -90.38 19.14 -51.50
C SER Q 50 -90.87 18.90 -52.92
N LEU Q 51 -90.32 17.88 -53.61
CA LEU Q 51 -90.73 17.62 -54.98
C LEU Q 51 -92.07 16.89 -55.05
N SER Q 52 -92.42 16.14 -54.01
CA SER Q 52 -93.68 15.39 -54.00
C SER Q 52 -94.83 16.16 -53.36
N ARG Q 53 -94.54 17.13 -52.50
CA ARG Q 53 -95.61 17.88 -51.84
C ARG Q 53 -96.40 18.70 -52.86
N GLY Q 54 -95.75 19.63 -53.54
CA GLY Q 54 -96.41 20.46 -54.52
C GLY Q 54 -95.53 21.57 -55.07
N ILE Q 55 -94.67 22.13 -54.21
CA ILE Q 55 -93.80 23.21 -54.63
C ILE Q 55 -92.82 22.70 -55.70
N ALA Q 56 -92.47 23.58 -56.63
CA ALA Q 56 -91.55 23.23 -57.69
C ALA Q 56 -90.10 23.35 -57.21
N GLY Q 57 -89.17 23.03 -58.10
CA GLY Q 57 -87.76 23.12 -57.77
C GLY Q 57 -87.25 24.54 -57.75
N SER Q 58 -85.93 24.72 -57.88
CA SER Q 58 -85.31 26.04 -57.90
C SER Q 58 -85.39 26.69 -56.52
N LYS Q 59 -86.61 26.90 -56.02
CA LYS Q 59 -86.78 27.53 -54.72
C LYS Q 59 -86.11 26.76 -53.59
N ILE Q 60 -85.84 25.47 -53.79
CA ILE Q 60 -85.17 24.68 -52.76
C ILE Q 60 -83.74 25.16 -52.63
N LYS Q 61 -83.39 25.69 -51.46
CA LYS Q 61 -82.06 26.22 -51.21
C LYS Q 61 -81.51 25.69 -49.89
N ILE Q 62 -80.39 26.24 -49.45
CA ILE Q 62 -79.74 25.84 -48.20
C ILE Q 62 -79.54 27.07 -47.34
N GLY Q 63 -79.19 26.84 -46.08
CA GLY Q 63 -78.97 27.89 -45.11
C GLY Q 63 -79.88 27.76 -43.91
N THR Q 64 -80.17 28.90 -43.28
CA THR Q 64 -81.05 28.95 -42.10
C THR Q 64 -81.82 30.27 -42.17
N THR Q 65 -82.84 30.29 -43.01
CA THR Q 65 -83.70 31.45 -43.21
C THR Q 65 -85.16 31.10 -43.00
N ALA Q 66 -85.44 30.26 -42.00
CA ALA Q 66 -86.80 29.85 -41.69
C ALA Q 66 -87.44 29.16 -42.89
N SER Q 67 -88.75 28.93 -42.84
CA SER Q 67 -89.47 28.29 -43.92
C SER Q 67 -90.87 28.88 -44.00
N THR Q 68 -91.56 28.56 -45.09
CA THR Q 68 -92.93 29.04 -45.31
C THR Q 68 -93.66 28.01 -46.16
N ALA Q 69 -94.83 28.39 -46.65
CA ALA Q 69 -95.67 27.51 -47.47
C ALA Q 69 -95.40 27.68 -48.97
N THR Q 70 -94.15 27.91 -49.34
CA THR Q 70 -93.80 28.08 -50.75
C THR Q 70 -92.35 27.67 -51.00
N GLU Q 71 -91.44 28.14 -50.15
CA GLU Q 71 -90.02 27.85 -50.28
C GLU Q 71 -89.57 26.93 -49.14
N THR Q 72 -88.55 26.13 -49.42
CA THR Q 72 -87.99 25.19 -48.47
C THR Q 72 -86.52 25.52 -48.23
N TYR Q 73 -86.11 25.47 -46.96
CA TYR Q 73 -84.73 25.77 -46.58
C TYR Q 73 -84.29 24.72 -45.55
N VAL Q 74 -83.52 23.74 -46.01
CA VAL Q 74 -83.01 22.71 -45.10
C VAL Q 74 -82.09 23.36 -44.08
N GLY Q 75 -82.22 22.93 -42.82
CA GLY Q 75 -81.49 23.54 -41.73
C GLY Q 75 -80.02 23.18 -41.66
N VAL Q 76 -79.25 23.57 -42.67
CA VAL Q 76 -77.80 23.37 -42.67
C VAL Q 76 -77.17 24.47 -43.50
N GLU Q 77 -76.09 25.05 -42.99
CA GLU Q 77 -75.39 26.10 -43.70
C GLU Q 77 -74.58 25.53 -44.85
N PRO Q 78 -74.28 26.33 -45.87
CA PRO Q 78 -73.47 25.83 -47.00
C PRO Q 78 -72.07 25.43 -46.60
N ASP Q 79 -71.59 25.87 -45.43
CA ASP Q 79 -70.27 25.53 -44.93
C ASP Q 79 -70.35 25.00 -43.51
N ALA Q 80 -71.42 24.27 -43.21
CA ALA Q 80 -71.58 23.69 -41.88
C ALA Q 80 -70.41 22.76 -41.55
N ASN Q 81 -70.10 21.84 -42.44
CA ASN Q 81 -68.96 20.95 -42.27
C ASN Q 81 -67.69 21.65 -42.76
N LYS Q 82 -66.72 21.82 -41.87
CA LYS Q 82 -65.49 22.53 -42.20
C LYS Q 82 -64.62 21.77 -43.20
N LEU Q 83 -64.98 20.54 -43.56
CA LEU Q 83 -64.18 19.77 -44.51
C LEU Q 83 -64.41 20.22 -45.95
N GLY Q 84 -65.59 20.72 -46.25
CA GLY Q 84 -65.88 21.15 -47.60
C GLY Q 84 -67.10 22.04 -47.65
N VAL Q 85 -67.63 22.20 -48.86
CA VAL Q 85 -68.78 23.06 -49.13
C VAL Q 85 -69.85 22.23 -49.84
N ILE Q 86 -71.11 22.53 -49.54
CA ILE Q 86 -72.25 21.84 -50.13
C ILE Q 86 -72.94 22.78 -51.10
N ALA Q 87 -73.51 22.22 -52.16
CA ALA Q 87 -74.21 23.01 -53.17
C ALA Q 87 -75.37 22.20 -53.74
N VAL Q 88 -76.55 22.81 -53.76
CA VAL Q 88 -77.76 22.20 -54.29
C VAL Q 88 -78.35 23.13 -55.33
N ALA Q 89 -78.95 22.54 -56.38
CA ALA Q 89 -79.57 23.33 -57.44
C ALA Q 89 -80.53 22.41 -58.20
N ILE Q 90 -81.76 22.35 -57.71
CA ILE Q 90 -82.80 21.52 -58.33
C ILE Q 90 -83.46 22.33 -59.44
N GLU Q 91 -83.51 21.75 -60.64
CA GLU Q 91 -84.12 22.42 -61.78
C GLU Q 91 -85.64 22.39 -61.66
N ASP Q 92 -86.29 23.19 -62.52
CA ASP Q 92 -87.75 23.26 -62.50
C ASP Q 92 -88.37 21.93 -62.93
N SER Q 93 -87.66 21.15 -63.73
CA SER Q 93 -88.17 19.85 -64.20
C SER Q 93 -87.91 18.72 -63.21
N GLY Q 94 -87.53 19.03 -61.97
CA GLY Q 94 -87.27 18.04 -60.95
C GLY Q 94 -85.85 17.51 -60.94
N ALA Q 95 -85.21 17.41 -62.10
CA ALA Q 95 -83.85 16.91 -62.16
C ALA Q 95 -82.89 17.88 -61.48
N GLY Q 96 -81.93 17.33 -60.75
CA GLY Q 96 -80.97 18.17 -60.05
C GLY Q 96 -79.80 17.35 -59.56
N ASP Q 97 -78.91 18.02 -58.82
CA ASP Q 97 -77.72 17.39 -58.30
C ASP Q 97 -77.26 18.11 -57.04
N ILE Q 98 -77.01 17.34 -55.99
CA ILE Q 98 -76.45 17.85 -54.74
C ILE Q 98 -74.98 17.44 -54.69
N THR Q 99 -74.08 18.41 -54.60
CA THR Q 99 -72.66 18.15 -54.68
C THR Q 99 -71.94 18.65 -53.43
N PHE Q 100 -70.85 17.98 -53.11
CA PHE Q 100 -69.98 18.34 -51.99
C PHE Q 100 -68.56 18.46 -52.53
N THR Q 101 -67.98 19.66 -52.42
CA THR Q 101 -66.65 19.95 -52.93
C THR Q 101 -65.71 20.13 -51.75
N PHE Q 102 -64.65 19.33 -51.71
CA PHE Q 102 -63.68 19.40 -50.62
C PHE Q 102 -62.84 20.67 -50.75
N GLN Q 103 -62.59 21.31 -49.62
CA GLN Q 103 -61.78 22.53 -49.58
C GLN Q 103 -60.31 22.18 -49.39
N THR Q 104 -59.45 23.06 -49.90
CA THR Q 104 -58.01 22.84 -49.80
C THR Q 104 -57.44 23.30 -48.46
N GLY Q 105 -58.12 24.22 -47.77
CA GLY Q 105 -57.65 24.74 -46.51
C GLY Q 105 -58.12 23.97 -45.29
N THR Q 106 -58.72 22.80 -45.48
CA THR Q 106 -59.20 22.00 -44.36
C THR Q 106 -59.05 20.50 -44.64
N SER Q 107 -59.47 20.08 -45.82
CA SER Q 107 -59.40 18.66 -46.18
C SER Q 107 -57.94 18.22 -46.32
N SER Q 108 -57.77 16.91 -46.45
CA SER Q 108 -56.44 16.33 -46.58
C SER Q 108 -55.89 16.57 -47.99
N PRO Q 109 -54.57 16.41 -48.18
CA PRO Q 109 -54.01 16.64 -49.51
C PRO Q 109 -54.60 15.72 -50.57
N LYS Q 110 -54.79 14.44 -50.26
CA LYS Q 110 -55.33 13.51 -51.24
C LYS Q 110 -56.76 13.86 -51.61
N ASN Q 111 -57.59 14.16 -50.62
CA ASN Q 111 -58.99 14.53 -50.84
C ASN Q 111 -59.17 16.02 -51.08
N ALA Q 112 -58.18 16.68 -51.69
CA ALA Q 112 -58.26 18.11 -51.95
C ALA Q 112 -58.80 18.35 -53.36
N THR Q 113 -59.71 19.31 -53.46
CA THR Q 113 -60.34 19.69 -54.73
C THR Q 113 -61.17 18.57 -55.34
N LYS Q 114 -61.49 17.54 -54.56
CA LYS Q 114 -62.33 16.45 -55.02
C LYS Q 114 -63.80 16.80 -54.79
N VAL Q 115 -64.67 16.18 -55.59
CA VAL Q 115 -66.09 16.49 -55.61
C VAL Q 115 -66.88 15.20 -55.62
N ILE Q 116 -67.84 15.09 -54.70
CA ILE Q 116 -68.82 14.01 -54.71
C ILE Q 116 -70.15 14.61 -55.15
N THR Q 117 -71.00 13.79 -55.78
CA THR Q 117 -72.27 14.29 -56.30
C THR Q 117 -73.33 13.21 -56.23
N LEU Q 118 -74.56 13.63 -55.97
CA LEU Q 118 -75.74 12.78 -56.03
C LEU Q 118 -76.73 13.43 -56.99
N ASN Q 119 -77.03 12.75 -58.08
CA ASN Q 119 -77.87 13.27 -59.14
C ASN Q 119 -79.23 12.57 -59.14
N ARG Q 120 -80.25 13.31 -59.57
CA ARG Q 120 -81.61 12.80 -59.66
C ARG Q 120 -82.07 12.92 -61.11
N THR Q 121 -82.35 11.79 -61.74
CA THR Q 121 -82.78 11.78 -63.12
C THR Q 121 -84.16 12.45 -63.25
N ALA Q 122 -84.57 12.66 -64.50
CA ALA Q 122 -85.85 13.30 -64.75
C ALA Q 122 -87.01 12.38 -64.34
N ASP Q 123 -86.92 11.09 -64.68
CA ASP Q 123 -87.97 10.16 -64.32
C ASP Q 123 -88.10 9.99 -62.81
N GLY Q 124 -86.97 10.01 -62.10
CA GLY Q 124 -86.99 9.89 -60.64
C GLY Q 124 -86.11 8.77 -60.14
N VAL Q 125 -84.83 8.77 -60.54
CA VAL Q 125 -83.86 7.77 -60.12
C VAL Q 125 -82.66 8.50 -59.53
N TRP Q 126 -82.19 8.03 -58.37
CA TRP Q 126 -81.08 8.64 -57.67
C TRP Q 126 -79.80 7.86 -57.96
N ALA Q 127 -78.79 8.56 -58.47
CA ALA Q 127 -77.47 7.99 -58.70
C ALA Q 127 -76.43 8.83 -57.97
N CYS Q 128 -75.23 8.30 -57.83
CA CYS Q 128 -74.17 9.01 -57.12
C CYS Q 128 -72.83 8.71 -57.78
N LYS Q 129 -71.93 9.69 -57.73
CA LYS Q 129 -70.61 9.57 -58.32
C LYS Q 129 -69.62 10.38 -57.50
N SER Q 130 -68.34 10.16 -57.77
CA SER Q 130 -67.27 10.87 -57.07
C SER Q 130 -66.04 10.90 -57.98
N THR Q 131 -65.06 11.71 -57.57
CA THR Q 131 -63.81 11.86 -58.31
C THR Q 131 -62.60 11.42 -57.50
N GLN Q 132 -62.79 10.85 -56.32
CA GLN Q 132 -61.68 10.40 -55.50
C GLN Q 132 -61.11 9.09 -56.03
N ASP Q 133 -60.03 8.65 -55.41
CA ASP Q 133 -59.38 7.41 -55.81
C ASP Q 133 -60.29 6.23 -55.55
N PRO Q 134 -60.04 5.08 -56.21
CA PRO Q 134 -60.91 3.92 -55.98
C PRO Q 134 -60.91 3.42 -54.54
N MET Q 135 -59.73 3.38 -53.90
CA MET Q 135 -59.64 2.87 -52.54
C MET Q 135 -60.24 3.82 -51.52
N PHE Q 136 -60.37 5.11 -51.85
CA PHE Q 136 -60.95 6.09 -50.93
C PHE Q 136 -62.43 6.33 -51.17
N THR Q 137 -62.98 5.87 -52.28
CA THR Q 137 -64.40 6.07 -52.54
C THR Q 137 -65.22 5.17 -51.61
N PRO Q 138 -66.30 5.68 -51.02
CA PRO Q 138 -67.10 4.84 -50.12
C PRO Q 138 -67.71 3.65 -50.87
N LYS Q 139 -68.28 2.74 -50.09
CA LYS Q 139 -68.88 1.52 -50.63
C LYS Q 139 -70.34 1.73 -51.01
N GLY Q 140 -70.61 2.81 -51.75
CA GLY Q 140 -71.96 3.10 -52.19
C GLY Q 140 -72.02 3.92 -53.46
N CYS Q 141 -70.87 4.12 -54.10
CA CYS Q 141 -70.81 4.92 -55.32
C CYS Q 141 -69.68 4.38 -56.20
N ASP Q 142 -69.61 4.92 -57.42
CA ASP Q 142 -68.60 4.54 -58.38
C ASP Q 142 -67.54 5.63 -58.47
N ASN Q 143 -66.81 5.68 -59.58
CA ASN Q 143 -65.77 6.67 -59.78
C ASN Q 143 -65.65 7.04 -61.26
#